data_5JS8
#
_entry.id   5JS8
#
_entity_poly.entity_id   1
_entity_poly.type   'polypeptide(L)'
_entity_poly.pdbx_seq_one_letter_code
;GASREVKLLLLGAGESGKSTIVKQMKIIHEAGYSEEECKQYKAVVYSNTIQSIIAIIRAMGRLKIDFGDSARADDARQLF
VLAGAAEEGFMTAELAGVIKRLWKDSGVQACFNRSREYQLNDSAAYYLNDLDRIAQPNYIPTQQDVLRTRVKTTGIVETH
FTFKDLHFKMFDVGGQRSERKKWIHCFEGVAAIIFCVALSDYDLVLAEDEEMNRMHESMKLFDSICNNKWFTDTSIILFL
NKKDLFEEKIKKSPLTICYQEYAGSNTYEEAAAYIQCQFEDLNKRKDTKEIYTHFTCATDTKNVQFVFDAVTDVIIKNNL
KDCGLF
;
_entity_poly.pdbx_strand_id   A
#
# COMPACT_ATOMS: atom_id res chain seq x y z
N ARG A 4 -13.70 -15.21 -10.45
CA ARG A 4 -13.36 -13.80 -10.42
C ARG A 4 -12.32 -13.48 -9.36
N GLU A 5 -12.36 -14.21 -8.24
CA GLU A 5 -11.46 -13.91 -7.13
C GLU A 5 -10.00 -14.12 -7.52
N VAL A 6 -9.24 -13.03 -7.60
CA VAL A 6 -7.79 -13.13 -7.75
C VAL A 6 -7.07 -13.19 -6.40
N LYS A 7 -7.18 -12.11 -5.61
CA LYS A 7 -6.54 -12.04 -4.29
C LYS A 7 -5.01 -12.00 -4.39
N LEU A 8 -4.49 -10.92 -4.99
CA LEU A 8 -3.04 -10.69 -5.03
C LEU A 8 -2.47 -10.53 -3.62
N LEU A 9 -1.28 -11.08 -3.36
CA LEU A 9 -0.55 -10.76 -2.12
C LEU A 9 0.54 -9.71 -2.38
N LEU A 10 0.80 -8.80 -1.42
CA LEU A 10 1.92 -7.87 -1.57
C LEU A 10 3.11 -8.24 -0.67
N LEU A 11 4.07 -8.97 -1.22
CA LEU A 11 5.30 -9.29 -0.49
C LEU A 11 6.41 -8.30 -0.84
N GLY A 12 7.37 -8.09 0.06
CA GLY A 12 8.55 -7.31 -0.29
C GLY A 12 9.34 -6.80 0.92
N ALA A 13 10.62 -6.54 0.68
CA ALA A 13 11.50 -5.92 1.67
C ALA A 13 10.98 -4.55 2.11
N GLY A 14 11.35 -4.15 3.33
CA GLY A 14 10.88 -2.89 3.89
C GLY A 14 11.17 -1.72 2.95
N GLU A 15 10.30 -0.71 3.00
CA GLU A 15 10.40 0.46 2.12
C GLU A 15 10.30 0.11 0.63
N SER A 16 9.91 -1.12 0.31
CA SER A 16 9.65 -1.51 -1.08
C SER A 16 8.55 -0.67 -1.74
N GLY A 17 7.76 0.07 -0.95
CA GLY A 17 6.68 0.87 -1.52
C GLY A 17 5.36 0.11 -1.70
N LYS A 18 5.23 -1.07 -1.09
CA LYS A 18 3.99 -1.84 -1.25
C LYS A 18 2.77 -1.04 -0.81
N SER A 19 2.93 -0.15 0.17
CA SER A 19 1.81 0.65 0.63
C SER A 19 1.30 1.57 -0.47
N THR A 20 2.22 2.14 -1.23
CA THR A 20 1.83 3.04 -2.31
C THR A 20 0.98 2.33 -3.35
N ILE A 21 1.34 1.07 -3.64
CA ILE A 21 0.57 0.29 -4.61
C ILE A 21 -0.89 0.13 -4.16
N VAL A 22 -1.12 0.09 -2.86
CA VAL A 22 -2.48 -0.12 -2.36
C VAL A 22 -3.39 1.04 -2.73
N LYS A 23 -2.93 2.25 -2.43
CA LYS A 23 -3.73 3.45 -2.74
C LYS A 23 -4.01 3.58 -4.23
N GLN A 24 -3.09 3.12 -5.07
CA GLN A 24 -3.26 3.27 -6.51
C GLN A 24 -4.54 2.58 -6.99
N MET A 25 -4.87 1.43 -6.40
CA MET A 25 -6.06 0.71 -6.81
C MET A 25 -7.34 1.51 -6.56
N LYS A 26 -7.36 2.32 -5.49
CA LYS A 26 -8.53 3.17 -5.24
C LYS A 26 -8.79 4.14 -6.39
N ILE A 27 -7.73 4.55 -7.07
CA ILE A 27 -7.85 5.55 -8.12
C ILE A 27 -8.25 4.90 -9.45
N ILE A 28 -7.37 4.04 -9.94
CA ILE A 28 -7.59 3.41 -11.24
C ILE A 28 -8.87 2.58 -11.24
N HIS A 29 -9.20 1.95 -10.11
CA HIS A 29 -10.38 1.09 -10.01
C HIS A 29 -11.39 1.63 -9.00
N GLU A 30 -12.67 1.34 -9.22
CA GLU A 30 -13.69 1.69 -8.24
C GLU A 30 -14.85 0.68 -8.32
N ALA A 31 -15.08 -0.04 -7.21
CA ALA A 31 -16.12 -1.05 -7.20
C ALA A 31 -16.71 -1.24 -5.80
N GLY A 32 -17.92 -1.81 -5.78
CA GLY A 32 -18.61 -2.11 -4.53
C GLY A 32 -19.98 -2.71 -4.84
N TYR A 33 -20.30 -3.86 -4.24
CA TYR A 33 -21.57 -4.52 -4.53
C TYR A 33 -22.08 -5.29 -3.31
N SER A 34 -22.68 -4.58 -2.38
CA SER A 34 -23.29 -5.19 -1.20
C SER A 34 -24.02 -4.11 -0.40
N GLU A 35 -24.86 -3.35 -1.10
CA GLU A 35 -25.38 -2.11 -0.55
C GLU A 35 -26.09 -2.28 0.80
N GLU A 36 -26.85 -3.35 0.97
CA GLU A 36 -27.54 -3.55 2.24
C GLU A 36 -26.57 -3.79 3.39
N GLU A 37 -25.53 -4.57 3.12
CA GLU A 37 -24.51 -4.83 4.14
C GLU A 37 -23.75 -3.57 4.52
N CYS A 38 -23.50 -2.70 3.54
CA CYS A 38 -22.70 -1.52 3.78
C CYS A 38 -23.36 -0.57 4.75
N LYS A 39 -24.69 -0.45 4.66
CA LYS A 39 -25.40 0.48 5.53
C LYS A 39 -25.19 0.17 7.00
N GLN A 40 -25.01 -1.11 7.32
CA GLN A 40 -24.82 -1.50 8.72
C GLN A 40 -23.51 -0.91 9.26
N TYR A 41 -22.49 -0.94 8.41
CA TYR A 41 -21.17 -0.38 8.73
C TYR A 41 -21.16 1.14 8.87
N LYS A 42 -22.17 1.81 8.35
CA LYS A 42 -22.08 3.26 8.15
C LYS A 42 -21.73 3.99 9.45
N ALA A 43 -22.17 3.45 10.59
CA ALA A 43 -21.78 4.06 11.86
C ALA A 43 -20.27 3.96 12.06
N VAL A 44 -19.73 2.79 11.76
CA VAL A 44 -18.30 2.53 11.95
C VAL A 44 -17.42 3.43 11.10
N VAL A 45 -17.86 3.78 9.89
CA VAL A 45 -17.03 4.60 9.02
C VAL A 45 -16.92 6.01 9.59
N TYR A 46 -18.06 6.62 9.89
CA TYR A 46 -18.06 7.95 10.48
C TYR A 46 -17.33 7.98 11.84
N SER A 47 -17.35 6.86 12.54
CA SER A 47 -16.74 6.79 13.85
C SER A 47 -15.23 6.89 13.75
N ASN A 48 -14.63 5.94 13.04
CA ASN A 48 -13.18 5.89 12.94
C ASN A 48 -12.61 7.17 12.35
N THR A 49 -13.34 7.81 11.43
CA THR A 49 -12.84 9.01 10.80
C THR A 49 -12.63 10.13 11.82
N ILE A 50 -13.60 10.35 12.70
CA ILE A 50 -13.43 11.33 13.77
C ILE A 50 -12.26 10.92 14.67
N GLN A 51 -12.13 9.62 14.94
CA GLN A 51 -11.01 9.16 15.75
C GLN A 51 -9.66 9.44 15.09
N SER A 52 -9.64 9.53 13.77
CA SER A 52 -8.40 9.74 13.03
C SER A 52 -7.92 11.18 13.17
N ILE A 53 -8.74 12.13 12.71
CA ILE A 53 -8.35 13.53 12.76
C ILE A 53 -8.07 13.97 14.21
N ILE A 54 -8.79 13.41 15.18
CA ILE A 54 -8.50 13.72 16.59
C ILE A 54 -7.09 13.28 16.98
N ALA A 55 -6.59 12.20 16.35
CA ALA A 55 -5.22 11.78 16.60
C ALA A 55 -4.22 12.79 16.02
N ILE A 56 -4.47 13.15 14.77
CA ILE A 56 -3.66 14.15 14.08
C ILE A 56 -3.68 15.52 14.80
N ILE A 57 -4.71 15.75 15.63
CA ILE A 57 -4.86 17.04 16.29
C ILE A 57 -4.04 17.02 17.59
N ARG A 58 -4.36 16.08 18.46
CA ARG A 58 -3.67 15.97 19.75
C ARG A 58 -2.16 15.80 19.58
N ALA A 59 -1.72 15.21 18.47
CA ALA A 59 -0.29 15.09 18.20
C ALA A 59 0.37 16.46 18.00
N MET A 60 -0.40 17.44 17.50
CA MET A 60 0.07 18.81 17.39
C MET A 60 0.53 19.38 18.73
N GLY A 61 0.01 18.83 19.84
CA GLY A 61 0.42 19.30 21.16
C GLY A 61 1.73 18.64 21.59
N ARG A 62 1.71 17.33 21.82
CA ARG A 62 2.89 16.62 22.31
C ARG A 62 4.11 16.83 21.43
N LEU A 63 3.92 16.96 20.13
CA LEU A 63 4.96 17.49 19.27
C LEU A 63 4.60 18.94 19.01
N LYS A 64 5.51 19.89 19.23
CA LYS A 64 5.15 21.29 18.96
C LYS A 64 4.77 21.42 17.48
N ILE A 65 3.53 21.85 17.25
CA ILE A 65 3.04 22.11 15.89
C ILE A 65 1.85 23.06 15.95
N ASP A 66 2.02 24.27 15.41
CA ASP A 66 0.93 25.22 15.33
C ASP A 66 0.06 24.95 14.10
N PHE A 67 -1.23 25.27 14.18
CA PHE A 67 -2.07 25.29 12.99
C PHE A 67 -1.50 26.26 11.97
N GLY A 68 -1.67 25.98 10.68
CA GLY A 68 -1.08 26.82 9.65
C GLY A 68 -1.81 28.17 9.61
N ASP A 69 -3.12 28.11 9.46
CA ASP A 69 -3.95 29.31 9.46
C ASP A 69 -4.49 29.56 10.86
N SER A 70 -4.56 30.83 11.27
CA SER A 70 -5.21 31.17 12.53
C SER A 70 -6.68 30.72 12.55
N ALA A 71 -7.32 30.71 11.37
CA ALA A 71 -8.73 30.36 11.27
C ALA A 71 -9.02 28.95 11.79
N ARG A 72 -8.05 28.05 11.70
CA ARG A 72 -8.26 26.67 12.11
C ARG A 72 -8.72 26.56 13.56
N ALA A 73 -8.38 27.55 14.39
CA ALA A 73 -8.96 27.65 15.72
C ALA A 73 -10.48 27.77 15.60
N ASP A 74 -11.19 27.23 16.60
CA ASP A 74 -12.66 27.23 16.62
C ASP A 74 -13.24 26.11 15.78
N ASP A 75 -12.77 25.91 14.54
CA ASP A 75 -13.20 24.75 13.77
C ASP A 75 -12.84 23.46 14.51
N ALA A 76 -11.63 23.45 15.06
CA ALA A 76 -11.17 22.30 15.83
C ALA A 76 -12.04 22.07 17.07
N ARG A 77 -12.30 23.13 17.83
CA ARG A 77 -13.13 22.99 19.02
C ARG A 77 -14.54 22.49 18.68
N GLN A 78 -15.05 22.90 17.52
CA GLN A 78 -16.35 22.44 17.03
C GLN A 78 -16.37 20.95 16.75
N LEU A 79 -15.23 20.41 16.34
CA LEU A 79 -15.19 19.02 15.91
C LEU A 79 -15.64 18.08 17.02
N PHE A 80 -15.26 18.40 18.25
CA PHE A 80 -15.70 17.61 19.41
C PHE A 80 -17.22 17.62 19.60
N VAL A 81 -17.86 18.70 19.18
CA VAL A 81 -19.30 18.84 19.37
C VAL A 81 -20.07 18.04 18.32
N LEU A 82 -19.92 18.42 17.05
CA LEU A 82 -20.59 17.73 15.96
C LEU A 82 -20.21 16.26 15.90
N ALA A 83 -19.01 15.90 16.38
CA ALA A 83 -18.54 14.52 16.28
C ALA A 83 -19.49 13.53 16.93
N GLY A 84 -20.24 13.98 17.94
CA GLY A 84 -21.16 13.09 18.64
C GLY A 84 -22.17 12.47 17.68
N ALA A 85 -22.67 13.26 16.73
CA ALA A 85 -23.61 12.73 15.74
C ALA A 85 -22.96 11.65 14.88
N ALA A 86 -21.67 11.84 14.57
CA ALA A 86 -20.95 10.86 13.78
C ALA A 86 -20.96 9.48 14.43
N GLU A 87 -21.00 9.43 15.76
CA GLU A 87 -21.11 8.14 16.45
C GLU A 87 -22.42 7.43 16.08
N GLU A 88 -23.48 8.21 15.89
CA GLU A 88 -24.78 7.75 15.37
C GLU A 88 -24.74 7.28 13.91
N GLY A 89 -23.61 7.51 13.24
CA GLY A 89 -23.50 7.29 11.79
C GLY A 89 -24.11 8.40 10.94
N PHE A 90 -24.49 9.52 11.56
CA PHE A 90 -24.99 10.66 10.80
C PHE A 90 -23.87 11.68 10.56
N MET A 91 -23.94 12.42 9.46
CA MET A 91 -22.94 13.44 9.17
C MET A 91 -23.60 14.70 8.61
N THR A 92 -23.98 15.62 9.49
CA THR A 92 -24.46 16.94 9.07
C THR A 92 -23.36 17.61 8.27
N ALA A 93 -23.71 18.42 7.25
CA ALA A 93 -22.67 19.03 6.44
C ALA A 93 -21.72 19.88 7.28
N GLU A 94 -22.22 20.48 8.37
CA GLU A 94 -21.36 21.28 9.22
C GLU A 94 -20.20 20.46 9.78
N LEU A 95 -20.49 19.22 10.21
CA LEU A 95 -19.41 18.30 10.57
C LEU A 95 -18.47 18.03 9.41
N ALA A 96 -19.01 18.07 8.18
CA ALA A 96 -18.21 17.71 7.03
C ALA A 96 -17.14 18.75 6.76
N GLY A 97 -17.55 19.98 6.43
CA GLY A 97 -16.58 21.02 6.11
C GLY A 97 -15.61 21.30 7.24
N VAL A 98 -16.05 21.20 8.49
CA VAL A 98 -15.15 21.48 9.60
C VAL A 98 -13.92 20.56 9.56
N ILE A 99 -14.15 19.29 9.27
CA ILE A 99 -13.03 18.36 9.10
C ILE A 99 -12.17 18.74 7.88
N LYS A 100 -12.82 19.22 6.82
CA LYS A 100 -12.08 19.51 5.58
C LYS A 100 -11.03 20.59 5.79
N ARG A 101 -11.40 21.63 6.54
CA ARG A 101 -10.51 22.74 6.88
C ARG A 101 -9.28 22.31 7.68
N LEU A 102 -9.45 21.26 8.46
CA LEU A 102 -8.37 20.78 9.31
C LEU A 102 -7.35 20.00 8.50
N TRP A 103 -7.81 18.94 7.83
CA TRP A 103 -6.90 18.12 7.03
C TRP A 103 -6.19 18.91 5.93
N LYS A 104 -6.87 19.86 5.30
CA LYS A 104 -6.22 20.75 4.33
C LYS A 104 -5.13 21.64 4.93
N ASP A 105 -5.19 21.88 6.24
CA ASP A 105 -4.32 22.85 6.88
C ASP A 105 -2.85 22.55 6.61
N SER A 106 -2.08 23.61 6.38
CA SER A 106 -0.64 23.49 6.20
C SER A 106 0.06 22.89 7.43
N GLY A 107 -0.56 23.01 8.60
CA GLY A 107 0.09 22.64 9.84
C GLY A 107 -0.34 21.24 10.29
N VAL A 108 -1.62 20.91 10.11
CA VAL A 108 -2.07 19.56 10.36
C VAL A 108 -1.35 18.56 9.45
N GLN A 109 -1.08 18.98 8.21
CA GLN A 109 -0.21 18.20 7.32
C GLN A 109 1.20 18.06 7.88
N ALA A 110 1.63 19.04 8.66
CA ALA A 110 2.93 18.95 9.32
C ALA A 110 2.97 17.77 10.30
N CYS A 111 1.80 17.44 10.88
CA CYS A 111 1.68 16.32 11.81
C CYS A 111 1.65 14.99 11.07
N PHE A 112 0.65 14.83 10.20
CA PHE A 112 0.53 13.57 9.46
C PHE A 112 1.81 13.13 8.73
N ASN A 113 2.67 14.05 8.27
CA ASN A 113 3.98 13.61 7.77
C ASN A 113 4.80 12.96 8.89
N ARG A 114 4.73 13.59 10.06
CA ARG A 114 5.28 13.08 11.31
C ARG A 114 4.64 11.78 11.80
N SER A 115 3.54 11.35 11.20
CA SER A 115 2.66 10.35 11.81
C SER A 115 3.39 9.10 12.30
N ARG A 116 4.59 8.85 11.81
CA ARG A 116 5.33 7.65 12.21
C ARG A 116 5.50 7.56 13.73
N GLU A 117 5.47 8.70 14.42
CA GLU A 117 5.72 8.72 15.86
C GLU A 117 4.43 8.42 16.66
N TYR A 118 3.48 9.36 16.67
CA TYR A 118 2.17 9.12 17.24
C TYR A 118 1.41 8.03 16.50
N GLN A 119 0.57 7.29 17.23
CA GLN A 119 -0.25 6.27 16.58
C GLN A 119 -1.30 6.96 15.70
N LEU A 120 -1.40 6.56 14.43
CA LEU A 120 -2.51 7.01 13.59
C LEU A 120 -3.51 5.88 13.34
N ASN A 121 -4.78 6.20 13.14
CA ASN A 121 -5.76 5.19 12.72
C ASN A 121 -5.31 4.54 11.41
N ASP A 122 -5.56 3.23 11.26
CA ASP A 122 -5.04 2.51 10.09
C ASP A 122 -5.52 3.13 8.78
N SER A 123 -6.76 3.63 8.77
CA SER A 123 -7.34 4.18 7.55
C SER A 123 -7.28 5.70 7.48
N ALA A 124 -6.70 6.35 8.48
CA ALA A 124 -6.90 7.79 8.68
C ALA A 124 -6.65 8.59 7.40
N ALA A 125 -5.76 8.10 6.54
CA ALA A 125 -5.54 8.76 5.26
C ALA A 125 -6.70 8.47 4.31
N TYR A 126 -6.94 7.20 4.02
CA TYR A 126 -7.97 6.84 3.03
C TYR A 126 -9.33 7.49 3.32
N TYR A 127 -9.68 7.73 4.57
CA TYR A 127 -10.98 8.34 4.89
C TYR A 127 -10.97 9.83 4.59
N LEU A 128 -10.07 10.57 5.25
CA LEU A 128 -10.04 12.03 5.10
C LEU A 128 -9.86 12.47 3.65
N ASN A 129 -9.09 11.68 2.90
CA ASN A 129 -8.83 11.96 1.48
C ASN A 129 -10.11 11.91 0.65
N ASP A 130 -11.05 11.07 1.05
CA ASP A 130 -12.33 10.94 0.36
C ASP A 130 -13.49 11.47 1.22
N LEU A 131 -13.19 12.38 2.13
CA LEU A 131 -14.18 12.80 3.13
C LEU A 131 -15.45 13.33 2.47
N ASP A 132 -15.35 13.91 1.28
CA ASP A 132 -16.54 14.44 0.62
C ASP A 132 -17.53 13.33 0.29
N ARG A 133 -17.06 12.27 -0.34
CA ARG A 133 -17.96 11.20 -0.78
C ARG A 133 -18.71 10.55 0.39
N ILE A 134 -18.04 10.37 1.52
CA ILE A 134 -18.72 9.88 2.72
C ILE A 134 -19.75 10.87 3.26
N ALA A 135 -19.50 12.16 3.04
CA ALA A 135 -20.39 13.21 3.54
C ALA A 135 -21.77 13.20 2.87
N GLN A 136 -21.85 12.66 1.65
CA GLN A 136 -23.05 12.80 0.84
C GLN A 136 -24.29 12.29 1.58
N PRO A 137 -25.45 12.89 1.36
CA PRO A 137 -26.68 12.47 2.10
C PRO A 137 -26.98 10.99 1.89
N ASN A 138 -27.46 10.33 2.94
CA ASN A 138 -27.76 8.89 2.92
C ASN A 138 -26.65 8.09 2.22
N TYR A 139 -25.41 8.49 2.47
CA TYR A 139 -24.26 7.83 1.83
C TYR A 139 -24.28 6.33 2.17
N ILE A 140 -23.94 5.51 1.18
CA ILE A 140 -23.67 4.10 1.44
C ILE A 140 -22.15 3.88 1.43
N PRO A 141 -21.56 3.21 2.41
CA PRO A 141 -20.10 2.86 2.31
C PRO A 141 -19.80 1.99 1.09
N THR A 142 -18.72 2.31 0.39
CA THR A 142 -18.18 1.43 -0.63
C THR A 142 -17.76 0.12 0.03
N GLN A 143 -17.74 -0.98 -0.74
CA GLN A 143 -17.30 -2.25 -0.16
C GLN A 143 -15.89 -2.13 0.43
N GLN A 144 -15.05 -1.27 -0.17
CA GLN A 144 -13.76 -0.96 0.44
C GLN A 144 -13.94 -0.29 1.80
N ASP A 145 -14.93 0.60 1.93
CA ASP A 145 -15.09 1.33 3.18
C ASP A 145 -15.30 0.40 4.35
N VAL A 146 -16.03 -0.70 4.12
CA VAL A 146 -16.28 -1.65 5.20
C VAL A 146 -14.96 -2.28 5.69
N LEU A 147 -14.12 -2.68 4.75
CA LEU A 147 -12.85 -3.32 5.10
C LEU A 147 -11.92 -2.40 5.88
N ARG A 148 -11.97 -1.11 5.54
CA ARG A 148 -11.19 -0.08 6.23
C ARG A 148 -11.52 0.06 7.71
N THR A 149 -12.70 -0.40 8.12
CA THR A 149 -13.15 -0.37 9.51
C THR A 149 -12.23 -1.13 10.46
N ARG A 150 -12.23 -0.70 11.73
CA ARG A 150 -11.68 -1.42 12.89
C ARG A 150 -10.42 -0.76 13.43
N VAL A 151 -10.23 -0.93 14.74
CA VAL A 151 -8.99 -0.62 15.45
C VAL A 151 -7.86 -1.52 15.02
N LYS A 152 -6.61 -1.07 15.18
CA LYS A 152 -5.45 -1.89 14.81
C LYS A 152 -5.53 -3.23 15.54
N THR A 153 -5.15 -4.31 14.85
CA THR A 153 -5.13 -5.64 15.46
C THR A 153 -4.77 -6.71 14.42
N THR A 154 -5.53 -6.74 13.33
CA THR A 154 -5.28 -7.70 12.26
C THR A 154 -3.88 -7.57 11.66
N GLY A 155 -3.34 -6.35 11.67
CA GLY A 155 -2.01 -6.10 11.11
C GLY A 155 -1.93 -6.31 9.58
N ILE A 156 -3.04 -6.66 8.94
CA ILE A 156 -3.04 -6.89 7.49
C ILE A 156 -4.07 -5.99 6.82
N VAL A 157 -3.62 -4.96 6.11
CA VAL A 157 -4.55 -4.07 5.41
C VAL A 157 -5.27 -4.81 4.29
N GLU A 158 -6.58 -4.58 4.16
CA GLU A 158 -7.34 -5.11 3.03
C GLU A 158 -7.60 -4.04 1.97
N THR A 159 -7.67 -4.45 0.70
CA THR A 159 -7.98 -3.53 -0.38
C THR A 159 -8.71 -4.24 -1.51
N HIS A 160 -10.01 -3.98 -1.65
CA HIS A 160 -10.79 -4.56 -2.76
C HIS A 160 -10.89 -3.61 -3.96
N PHE A 161 -10.97 -4.20 -5.15
CA PHE A 161 -11.21 -3.42 -6.38
C PHE A 161 -11.47 -4.38 -7.53
N THR A 162 -12.39 -4.06 -8.44
CA THR A 162 -12.70 -4.97 -9.55
C THR A 162 -12.07 -4.48 -10.85
N PHE A 163 -11.02 -5.16 -11.31
CA PHE A 163 -10.45 -4.87 -12.63
C PHE A 163 -10.91 -5.92 -13.63
N LYS A 164 -11.04 -5.56 -14.91
CA LYS A 164 -11.49 -6.48 -15.97
C LYS A 164 -12.58 -7.45 -15.50
N ASP A 165 -13.55 -6.90 -14.78
CA ASP A 165 -14.67 -7.69 -14.26
C ASP A 165 -14.19 -8.96 -13.54
N LEU A 166 -13.24 -8.82 -12.61
CA LEU A 166 -12.82 -9.93 -11.75
C LEU A 166 -12.54 -9.27 -10.40
N HIS A 167 -13.02 -9.81 -9.27
CA HIS A 167 -12.80 -9.13 -8.00
C HIS A 167 -11.39 -9.44 -7.51
N PHE A 168 -10.60 -8.41 -7.27
CA PHE A 168 -9.30 -8.56 -6.64
C PHE A 168 -9.38 -8.32 -5.15
N LYS A 169 -8.52 -8.97 -4.38
CA LYS A 169 -8.38 -8.66 -2.96
C LYS A 169 -6.91 -8.58 -2.62
N MET A 170 -6.30 -7.44 -2.92
CA MET A 170 -4.93 -7.19 -2.51
C MET A 170 -4.80 -7.19 -0.98
N PHE A 171 -3.70 -7.77 -0.47
CA PHE A 171 -3.44 -7.80 0.97
C PHE A 171 -2.06 -7.21 1.28
N ASP A 172 -2.01 -5.94 1.68
CA ASP A 172 -0.75 -5.34 2.09
C ASP A 172 -0.20 -5.95 3.38
N VAL A 173 1.12 -6.14 3.44
CA VAL A 173 1.79 -6.53 4.67
C VAL A 173 3.12 -5.81 4.79
N GLY A 174 3.46 -5.34 5.99
CA GLY A 174 4.66 -4.53 6.17
C GLY A 174 5.92 -5.28 5.75
N GLY A 175 6.77 -4.62 4.99
CA GLY A 175 8.03 -5.21 4.54
C GLY A 175 9.00 -5.49 5.69
N GLN A 176 8.95 -4.67 6.74
CA GLN A 176 9.92 -4.80 7.83
C GLN A 176 9.91 -6.20 8.41
N ARG A 177 11.08 -6.69 8.82
CA ARG A 177 11.20 -8.10 9.21
C ARG A 177 10.22 -8.47 10.33
N SER A 178 9.88 -7.51 11.18
CA SER A 178 8.94 -7.81 12.26
C SER A 178 7.58 -8.21 11.70
N GLU A 179 7.13 -7.48 10.69
CA GLU A 179 5.90 -7.81 10.00
C GLU A 179 5.94 -9.13 9.21
N ARG A 180 7.12 -9.53 8.74
CA ARG A 180 7.19 -10.65 7.80
C ARG A 180 6.60 -11.95 8.35
N LYS A 181 6.71 -12.18 9.65
CA LYS A 181 6.14 -13.38 10.26
C LYS A 181 4.62 -13.46 10.09
N LYS A 182 3.97 -12.31 10.03
CA LYS A 182 2.52 -12.24 9.78
C LYS A 182 2.10 -12.83 8.44
N TRP A 183 3.02 -12.87 7.48
CA TRP A 183 2.65 -13.08 6.09
C TRP A 183 1.87 -14.37 5.84
N ILE A 184 2.06 -15.41 6.64
CA ILE A 184 1.38 -16.68 6.38
C ILE A 184 -0.14 -16.55 6.36
N HIS A 185 -0.67 -15.58 7.10
CA HIS A 185 -2.13 -15.41 7.16
C HIS A 185 -2.73 -15.14 5.77
N CYS A 186 -1.96 -14.47 4.92
CA CYS A 186 -2.42 -14.14 3.57
C CYS A 186 -2.16 -15.24 2.54
N PHE A 187 -1.34 -16.24 2.88
CA PHE A 187 -0.95 -17.25 1.90
C PHE A 187 -2.13 -18.01 1.30
N GLU A 188 -3.22 -18.16 2.06
CA GLU A 188 -4.37 -18.92 1.56
C GLU A 188 -5.05 -18.22 0.37
N GLY A 189 -5.39 -18.99 -0.67
CA GLY A 189 -6.32 -18.49 -1.69
C GLY A 189 -5.67 -17.48 -2.65
N VAL A 190 -4.38 -17.18 -2.48
CA VAL A 190 -3.71 -16.22 -3.35
C VAL A 190 -3.73 -16.71 -4.81
N ALA A 191 -3.97 -15.79 -5.73
CA ALA A 191 -3.82 -16.09 -7.15
C ALA A 191 -2.37 -15.90 -7.57
N ALA A 192 -1.91 -14.66 -7.43
CA ALA A 192 -0.55 -14.32 -7.86
C ALA A 192 0.08 -13.34 -6.88
N ILE A 193 1.36 -13.53 -6.61
CA ILE A 193 2.09 -12.60 -5.76
C ILE A 193 2.68 -11.47 -6.58
N ILE A 194 2.62 -10.26 -6.04
CA ILE A 194 3.47 -9.17 -6.49
C ILE A 194 4.54 -8.92 -5.43
N PHE A 195 5.80 -9.04 -5.80
CA PHE A 195 6.90 -8.88 -4.84
C PHE A 195 7.65 -7.57 -5.06
N CYS A 196 7.10 -6.48 -4.53
CA CYS A 196 7.73 -5.17 -4.67
C CYS A 196 9.18 -5.16 -4.16
N VAL A 197 10.03 -4.41 -4.87
CA VAL A 197 11.42 -4.22 -4.47
C VAL A 197 11.93 -2.86 -4.96
N ALA A 198 12.45 -2.03 -4.07
CA ALA A 198 12.93 -0.70 -4.46
C ALA A 198 14.32 -0.80 -5.11
N LEU A 199 14.43 -0.46 -6.39
CA LEU A 199 15.72 -0.45 -7.07
C LEU A 199 16.72 0.53 -6.44
N SER A 200 16.22 1.66 -5.94
CA SER A 200 17.08 2.66 -5.30
C SER A 200 17.78 2.16 -4.03
N ASP A 201 17.23 1.12 -3.42
CA ASP A 201 17.76 0.56 -2.18
C ASP A 201 19.23 0.14 -2.29
N TYR A 202 19.77 0.05 -3.50
CA TYR A 202 21.07 -0.56 -3.71
C TYR A 202 22.16 0.04 -2.83
N ASP A 203 22.02 1.29 -2.39
CA ASP A 203 22.95 1.87 -1.41
C ASP A 203 22.37 1.94 0.01
N LEU A 204 21.06 2.17 0.12
CA LEU A 204 20.43 2.35 1.43
C LEU A 204 20.63 1.13 2.33
N VAL A 205 20.82 1.37 3.63
CA VAL A 205 20.87 0.30 4.63
C VAL A 205 19.51 0.11 5.32
N LEU A 206 19.20 -1.13 5.71
CA LEU A 206 17.98 -1.41 6.48
C LEU A 206 17.96 -0.64 7.80
N ALA A 207 16.78 -0.21 8.23
CA ALA A 207 16.58 0.20 9.61
C ALA A 207 16.81 -0.98 10.58
N GLU A 208 16.49 -2.19 10.12
CA GLU A 208 16.70 -3.40 10.93
C GLU A 208 18.17 -3.59 11.31
N ASP A 209 19.06 -3.10 10.46
CA ASP A 209 20.50 -3.24 10.68
C ASP A 209 21.23 -2.32 9.72
N GLU A 210 21.81 -1.23 10.24
CA GLU A 210 22.49 -0.27 9.38
C GLU A 210 23.64 -0.92 8.59
N GLU A 211 24.27 -1.94 9.14
CA GLU A 211 25.33 -2.64 8.41
C GLU A 211 24.82 -3.31 7.14
N MET A 212 23.58 -3.78 7.18
CA MET A 212 23.01 -4.54 6.08
C MET A 212 22.78 -3.72 4.82
N ASN A 213 22.98 -4.35 3.67
CA ASN A 213 22.52 -3.76 2.41
C ASN A 213 21.04 -4.07 2.24
N ARG A 214 20.18 -3.06 1.99
CA ARG A 214 18.76 -3.35 1.82
C ARG A 214 18.49 -4.28 0.64
N MET A 215 19.22 -4.12 -0.46
CA MET A 215 18.95 -4.94 -1.64
C MET A 215 19.31 -6.40 -1.43
N HIS A 216 20.44 -6.65 -0.78
CA HIS A 216 20.83 -8.03 -0.49
C HIS A 216 19.78 -8.73 0.37
N GLU A 217 19.17 -7.97 1.28
CA GLU A 217 18.09 -8.51 2.10
C GLU A 217 16.91 -8.95 1.25
N SER A 218 16.62 -8.17 0.20
CA SER A 218 15.51 -8.51 -0.69
C SER A 218 15.77 -9.83 -1.41
N MET A 219 17.01 -10.04 -1.82
CA MET A 219 17.40 -11.27 -2.49
C MET A 219 17.17 -12.51 -1.64
N LYS A 220 17.24 -12.36 -0.32
CA LYS A 220 17.19 -13.52 0.56
C LYS A 220 15.76 -14.00 0.76
N LEU A 221 14.92 -13.18 1.38
CA LEU A 221 13.53 -13.59 1.58
C LEU A 221 12.81 -13.87 0.26
N PHE A 222 13.20 -13.20 -0.83
CA PHE A 222 12.58 -13.48 -2.13
C PHE A 222 12.80 -14.93 -2.54
N ASP A 223 13.98 -15.46 -2.23
CA ASP A 223 14.28 -16.87 -2.52
C ASP A 223 13.36 -17.79 -1.73
N SER A 224 13.09 -17.41 -0.48
CA SER A 224 12.23 -18.23 0.38
C SER A 224 10.81 -18.35 -0.17
N ILE A 225 10.35 -17.32 -0.87
CA ILE A 225 8.99 -17.29 -1.40
C ILE A 225 8.88 -18.06 -2.71
N CYS A 226 9.67 -17.64 -3.69
CA CYS A 226 9.59 -18.23 -5.03
C CYS A 226 9.80 -19.74 -5.00
N ASN A 227 10.85 -20.17 -4.30
CA ASN A 227 11.15 -21.59 -4.11
C ASN A 227 10.09 -22.34 -3.29
N ASN A 228 9.29 -21.61 -2.52
CA ASN A 228 8.41 -22.26 -1.53
C ASN A 228 7.50 -23.25 -2.24
N LYS A 229 7.40 -24.48 -1.71
CA LYS A 229 6.54 -25.48 -2.35
C LYS A 229 5.08 -25.03 -2.40
N TRP A 230 4.64 -24.31 -1.38
CA TRP A 230 3.26 -23.84 -1.35
C TRP A 230 2.93 -22.94 -2.56
N PHE A 231 3.92 -22.16 -2.98
CA PHE A 231 3.73 -21.19 -4.05
C PHE A 231 3.87 -21.76 -5.46
N THR A 232 4.25 -23.03 -5.59
CA THR A 232 4.44 -23.60 -6.92
C THR A 232 3.16 -23.48 -7.75
N ASP A 233 2.02 -23.66 -7.12
CA ASP A 233 0.73 -23.44 -7.78
C ASP A 233 0.45 -21.98 -8.11
N THR A 234 0.99 -21.07 -7.31
CA THR A 234 0.73 -19.65 -7.46
C THR A 234 1.75 -19.02 -8.42
N SER A 235 1.30 -18.11 -9.28
CA SER A 235 2.21 -17.32 -10.10
C SER A 235 3.11 -16.46 -9.21
N ILE A 236 4.39 -16.32 -9.57
CA ILE A 236 5.25 -15.33 -8.92
C ILE A 236 5.46 -14.16 -9.87
N ILE A 237 5.34 -12.91 -9.41
CA ILE A 237 5.52 -11.76 -10.30
C ILE A 237 6.39 -10.70 -9.61
N LEU A 238 7.66 -10.58 -10.00
CA LEU A 238 8.53 -9.56 -9.42
C LEU A 238 8.01 -8.16 -9.78
N PHE A 239 8.15 -7.19 -8.88
CA PHE A 239 7.76 -5.82 -9.17
C PHE A 239 8.87 -4.85 -8.75
N LEU A 240 9.84 -4.62 -9.63
CA LEU A 240 10.91 -3.67 -9.32
C LEU A 240 10.37 -2.25 -9.16
N ASN A 241 9.89 -1.95 -7.96
CA ASN A 241 9.32 -0.66 -7.62
C ASN A 241 10.33 0.48 -7.67
N LYS A 242 9.84 1.69 -7.87
CA LYS A 242 10.65 2.90 -7.81
C LYS A 242 11.71 2.93 -8.91
N LYS A 243 11.35 2.40 -10.08
CA LYS A 243 12.18 2.59 -11.26
C LYS A 243 12.39 4.07 -11.58
N ASP A 244 11.46 4.93 -11.15
CA ASP A 244 11.52 6.34 -11.50
C ASP A 244 12.64 7.08 -10.78
N LEU A 245 12.64 7.10 -9.43
CA LEU A 245 13.73 7.75 -8.71
C LEU A 245 15.09 7.06 -8.96
N PHE A 246 15.07 5.76 -9.25
CA PHE A 246 16.31 5.03 -9.50
C PHE A 246 17.11 5.56 -10.69
N GLU A 247 16.43 5.98 -11.75
CA GLU A 247 17.14 6.53 -12.92
C GLU A 247 17.89 7.82 -12.57
N GLU A 248 17.45 8.53 -11.53
CA GLU A 248 18.12 9.75 -11.10
C GLU A 248 19.34 9.41 -10.26
N LYS A 249 19.11 8.71 -9.15
CA LYS A 249 20.18 8.43 -8.21
C LYS A 249 21.35 7.67 -8.84
N ILE A 250 21.08 6.83 -9.82
CA ILE A 250 22.17 6.11 -10.50
C ILE A 250 23.17 7.06 -11.16
N LYS A 251 22.67 8.22 -11.62
CA LYS A 251 23.53 9.18 -12.30
C LYS A 251 24.71 9.62 -11.44
N LYS A 252 24.53 9.68 -10.12
CA LYS A 252 25.63 10.03 -9.22
C LYS A 252 26.28 8.77 -8.64
N SER A 253 25.49 8.06 -7.82
CA SER A 253 25.98 6.89 -7.09
C SER A 253 26.28 5.73 -8.06
N PRO A 254 27.43 5.08 -8.00
CA PRO A 254 27.66 3.80 -8.74
C PRO A 254 26.79 2.65 -8.24
N LEU A 255 26.35 1.79 -9.15
CA LEU A 255 25.72 0.53 -8.75
C LEU A 255 26.66 -0.34 -7.89
N THR A 256 27.98 -0.14 -8.03
CA THR A 256 28.97 -0.94 -7.30
C THR A 256 28.74 -0.93 -5.78
N ILE A 257 27.96 0.04 -5.29
CA ILE A 257 27.52 0.13 -3.90
C ILE A 257 26.68 -1.09 -3.45
N CYS A 258 26.31 -2.00 -4.38
CA CYS A 258 25.43 -3.12 -4.03
C CYS A 258 26.08 -4.39 -4.56
N TYR A 259 26.39 -4.36 -5.86
CA TYR A 259 27.14 -5.43 -6.51
C TYR A 259 28.48 -4.88 -7.00
N GLN A 260 29.52 -5.04 -6.19
CA GLN A 260 30.83 -4.51 -6.55
C GLN A 260 31.34 -5.05 -7.89
N GLU A 261 30.95 -6.28 -8.23
CA GLU A 261 31.40 -6.91 -9.47
C GLU A 261 30.99 -6.13 -10.72
N TYR A 262 29.93 -5.32 -10.61
CA TYR A 262 29.33 -4.69 -11.77
C TYR A 262 30.32 -3.84 -12.56
N ALA A 263 30.25 -3.95 -13.88
CA ALA A 263 31.03 -3.11 -14.80
C ALA A 263 30.17 -2.05 -15.50
N GLY A 264 28.88 -2.36 -15.66
CA GLY A 264 27.99 -1.63 -16.56
C GLY A 264 27.93 -0.12 -16.31
N SER A 265 27.55 0.56 -17.38
CA SER A 265 27.36 2.01 -17.40
C SER A 265 26.34 2.46 -16.36
N ASN A 266 26.43 3.74 -16.00
CA ASN A 266 25.50 4.37 -15.05
C ASN A 266 24.13 4.68 -15.67
N THR A 267 23.68 3.85 -16.62
CA THR A 267 22.45 4.11 -17.34
C THR A 267 21.28 3.42 -16.63
N TYR A 268 20.08 3.97 -16.72
CA TYR A 268 18.92 3.31 -16.13
C TYR A 268 18.75 1.88 -16.68
N GLU A 269 19.16 1.64 -17.92
CA GLU A 269 18.96 0.32 -18.51
C GLU A 269 19.92 -0.71 -17.94
N GLU A 270 21.23 -0.51 -18.15
CA GLU A 270 22.21 -1.47 -17.66
C GLU A 270 22.15 -1.63 -16.14
N ALA A 271 21.75 -0.56 -15.43
CA ALA A 271 21.79 -0.56 -13.98
C ALA A 271 20.59 -1.30 -13.40
N ALA A 272 19.39 -0.77 -13.66
CA ALA A 272 18.19 -1.39 -13.11
C ALA A 272 18.03 -2.82 -13.62
N ALA A 273 18.34 -3.03 -14.89
CA ALA A 273 18.26 -4.35 -15.48
C ALA A 273 19.21 -5.35 -14.84
N TYR A 274 20.35 -4.88 -14.33
CA TYR A 274 21.33 -5.81 -13.75
C TYR A 274 20.75 -6.54 -12.54
N ILE A 275 19.89 -5.85 -11.79
CA ILE A 275 19.27 -6.43 -10.61
C ILE A 275 18.31 -7.55 -11.03
N GLN A 276 17.37 -7.18 -11.90
CA GLN A 276 16.49 -8.18 -12.52
C GLN A 276 17.24 -9.42 -13.03
N CYS A 277 18.55 -9.32 -13.27
CA CYS A 277 19.32 -10.52 -13.56
C CYS A 277 19.57 -11.33 -12.28
N GLN A 278 20.17 -10.68 -11.29
CA GLN A 278 20.53 -11.35 -10.04
C GLN A 278 19.33 -11.97 -9.32
N PHE A 279 18.15 -11.39 -9.52
CA PHE A 279 16.96 -11.82 -8.81
C PHE A 279 16.43 -13.12 -9.41
N GLU A 280 16.17 -13.08 -10.71
CA GLU A 280 15.66 -14.26 -11.41
C GLU A 280 16.62 -15.46 -11.26
N ASP A 281 17.91 -15.18 -11.11
CA ASP A 281 18.91 -16.25 -10.94
C ASP A 281 18.64 -17.09 -9.69
N LEU A 282 18.02 -16.50 -8.68
CA LEU A 282 17.70 -17.22 -7.45
C LEU A 282 16.83 -18.45 -7.69
N ASN A 283 16.05 -18.45 -8.77
CA ASN A 283 15.05 -19.49 -8.98
C ASN A 283 15.71 -20.87 -9.03
N LYS A 284 15.29 -21.76 -8.14
CA LYS A 284 15.63 -23.17 -8.22
C LYS A 284 15.07 -23.85 -9.47
N ARG A 285 13.99 -23.31 -10.04
CA ARG A 285 13.26 -24.01 -11.10
C ARG A 285 13.07 -23.10 -12.33
N LYS A 286 14.19 -22.64 -12.86
CA LYS A 286 14.14 -21.88 -14.12
C LYS A 286 13.48 -22.70 -15.23
N ASP A 287 13.64 -24.02 -15.17
CA ASP A 287 13.08 -24.92 -16.17
C ASP A 287 11.55 -24.86 -16.24
N THR A 288 10.91 -24.56 -15.11
CA THR A 288 9.47 -24.73 -15.00
C THR A 288 8.76 -23.61 -14.23
N LYS A 289 9.43 -22.48 -14.02
CA LYS A 289 8.82 -21.38 -13.27
C LYS A 289 9.21 -20.03 -13.86
N GLU A 290 8.22 -19.20 -14.17
CA GLU A 290 8.48 -17.90 -14.78
C GLU A 290 8.38 -16.79 -13.74
N ILE A 291 9.45 -15.99 -13.63
CA ILE A 291 9.46 -14.89 -12.67
C ILE A 291 8.41 -13.80 -12.94
N TYR A 292 7.99 -13.56 -14.19
CA TYR A 292 7.01 -12.51 -14.49
C TYR A 292 7.40 -11.17 -13.86
N THR A 293 8.65 -10.76 -14.09
CA THR A 293 9.14 -9.44 -13.66
C THR A 293 8.43 -8.29 -14.37
N HIS A 294 8.25 -7.18 -13.64
CA HIS A 294 7.77 -5.93 -14.25
C HIS A 294 8.29 -4.71 -13.47
N PHE A 295 9.07 -3.86 -14.13
CA PHE A 295 9.43 -2.56 -13.56
C PHE A 295 8.17 -1.73 -13.29
N THR A 296 8.15 -1.00 -12.18
CA THR A 296 6.97 -0.18 -11.84
C THR A 296 7.34 1.07 -11.06
N CYS A 297 6.39 1.99 -11.00
CA CYS A 297 6.54 3.23 -10.22
C CYS A 297 5.25 3.50 -9.46
N ALA A 298 5.21 3.08 -8.19
CA ALA A 298 3.99 3.21 -7.41
C ALA A 298 3.53 4.67 -7.29
N THR A 299 4.48 5.58 -7.18
CA THR A 299 4.16 7.01 -7.09
C THR A 299 3.40 7.50 -8.32
N ASP A 300 3.65 6.88 -9.47
CA ASP A 300 3.01 7.31 -10.73
C ASP A 300 1.79 6.44 -11.01
N THR A 301 0.60 7.01 -10.87
CA THR A 301 -0.62 6.26 -11.16
C THR A 301 -0.66 5.81 -12.62
N LYS A 302 -0.19 6.66 -13.53
CA LYS A 302 -0.14 6.31 -14.95
C LYS A 302 0.67 5.06 -15.25
N ASN A 303 1.62 4.70 -14.37
CA ASN A 303 2.56 3.64 -14.71
C ASN A 303 2.12 2.32 -14.07
N VAL A 304 1.63 2.39 -12.84
CA VAL A 304 1.02 1.23 -12.20
C VAL A 304 -0.18 0.72 -13.02
N GLN A 305 -0.82 1.59 -13.79
CA GLN A 305 -2.06 1.24 -14.46
C GLN A 305 -1.79 0.37 -15.69
N PHE A 306 -1.08 0.91 -16.69
CA PHE A 306 -0.85 0.14 -17.91
C PHE A 306 -0.12 -1.16 -17.60
N VAL A 307 0.79 -1.15 -16.62
CA VAL A 307 1.49 -2.37 -16.24
C VAL A 307 0.52 -3.40 -15.66
N PHE A 308 -0.42 -2.93 -14.83
CA PHE A 308 -1.38 -3.84 -14.22
C PHE A 308 -2.23 -4.55 -15.28
N ASP A 309 -2.48 -3.89 -16.41
CA ASP A 309 -3.26 -4.50 -17.47
C ASP A 309 -2.58 -5.74 -18.02
N ALA A 310 -1.25 -5.69 -18.12
CA ALA A 310 -0.49 -6.83 -18.61
C ALA A 310 -0.50 -7.98 -17.61
N VAL A 311 -0.16 -7.67 -16.37
CA VAL A 311 -0.05 -8.70 -15.34
C VAL A 311 -1.37 -9.44 -15.16
N THR A 312 -2.49 -8.73 -15.31
CA THR A 312 -3.79 -9.37 -15.15
C THR A 312 -4.01 -10.49 -16.17
N ASP A 313 -3.52 -10.27 -17.39
CA ASP A 313 -3.73 -11.26 -18.45
C ASP A 313 -3.08 -12.59 -18.09
N VAL A 314 -1.87 -12.52 -17.52
CA VAL A 314 -1.17 -13.74 -17.11
C VAL A 314 -1.96 -14.50 -16.06
N ILE A 315 -2.59 -13.77 -15.14
CA ILE A 315 -3.42 -14.39 -14.11
C ILE A 315 -4.59 -15.18 -14.70
N ILE A 316 -5.09 -14.71 -15.84
CA ILE A 316 -6.25 -15.35 -16.47
C ILE A 316 -5.82 -16.64 -17.16
N LYS A 317 -4.93 -16.52 -18.14
CA LYS A 317 -4.50 -17.69 -18.89
C LYS A 317 -3.88 -18.75 -17.98
N ASN A 318 -3.26 -18.34 -16.87
CA ASN A 318 -2.59 -19.30 -15.99
C ASN A 318 -3.48 -19.76 -14.84
N ASN A 319 -3.73 -18.86 -13.88
CA ASN A 319 -4.61 -19.17 -12.76
C ASN A 319 -6.07 -19.28 -13.18
N LEU A 320 -6.77 -20.29 -12.65
CA LEU A 320 -8.23 -20.32 -12.67
C LEU A 320 -8.77 -21.52 -11.92
N LYS A 321 -9.95 -21.35 -11.33
CA LYS A 321 -10.69 -22.42 -10.69
C LYS A 321 -9.96 -22.98 -9.47
N ASP A 322 -10.50 -22.62 -8.29
CA ASP A 322 -10.07 -23.17 -7.00
C ASP A 322 -8.55 -23.36 -6.90
N CYS A 323 -7.82 -22.25 -7.03
CA CYS A 323 -6.36 -22.28 -6.95
C CYS A 323 -5.78 -23.31 -7.93
N GLY A 324 -6.17 -23.17 -9.19
CA GLY A 324 -5.62 -24.02 -10.24
C GLY A 324 -6.45 -25.27 -10.45
N LEU A 325 -6.12 -26.36 -9.73
CA LEU A 325 -6.80 -27.62 -9.99
C LEU A 325 -8.30 -27.44 -9.74
N PHE A 326 -9.09 -27.82 -10.75
CA PHE A 326 -10.56 -27.84 -10.68
C PHE A 326 -11.14 -26.71 -9.83
N ARG A 4 -13.46 -15.58 -10.54
CA ARG A 4 -13.20 -14.14 -10.41
C ARG A 4 -12.19 -13.81 -9.30
N GLU A 5 -12.20 -14.58 -8.23
CA GLU A 5 -11.33 -14.26 -7.08
C GLU A 5 -9.87 -14.40 -7.46
N VAL A 6 -9.15 -13.28 -7.62
CA VAL A 6 -7.70 -13.33 -7.77
C VAL A 6 -7.00 -13.33 -6.41
N LYS A 7 -7.16 -12.25 -5.66
CA LYS A 7 -6.54 -12.12 -4.33
C LYS A 7 -5.01 -12.06 -4.40
N LEU A 8 -4.50 -11.00 -5.01
CA LEU A 8 -3.06 -10.74 -5.05
C LEU A 8 -2.49 -10.55 -3.63
N LEU A 9 -1.30 -11.07 -3.36
CA LEU A 9 -0.57 -10.73 -2.12
C LEU A 9 0.50 -9.67 -2.39
N LEU A 10 0.73 -8.75 -1.45
CA LEU A 10 1.86 -7.81 -1.58
C LEU A 10 3.04 -8.15 -0.67
N LEU A 11 4.01 -8.90 -1.18
CA LEU A 11 5.23 -9.17 -0.43
C LEU A 11 6.33 -8.17 -0.80
N GLY A 12 7.28 -7.92 0.11
CA GLY A 12 8.46 -7.14 -0.25
C GLY A 12 9.23 -6.61 0.94
N ALA A 13 10.51 -6.34 0.70
CA ALA A 13 11.39 -5.69 1.68
C ALA A 13 10.85 -4.32 2.10
N GLY A 14 11.20 -3.89 3.30
CA GLY A 14 10.73 -2.62 3.83
C GLY A 14 11.01 -1.47 2.87
N GLU A 15 10.16 -0.45 2.90
CA GLU A 15 10.26 0.69 2.00
C GLU A 15 10.15 0.32 0.51
N SER A 16 9.75 -0.92 0.22
CA SER A 16 9.46 -1.34 -1.15
C SER A 16 8.35 -0.51 -1.81
N GLY A 17 7.58 0.24 -1.02
CA GLY A 17 6.47 1.02 -1.56
C GLY A 17 5.20 0.22 -1.81
N LYS A 18 5.07 -0.95 -1.20
CA LYS A 18 3.84 -1.74 -1.36
C LYS A 18 2.61 -0.93 -0.94
N SER A 19 2.77 -0.05 0.04
CA SER A 19 1.65 0.75 0.52
C SER A 19 1.12 1.66 -0.58
N THR A 20 2.04 2.28 -1.32
CA THR A 20 1.64 3.21 -2.36
C THR A 20 0.81 2.52 -3.44
N ILE A 21 1.20 1.28 -3.78
CA ILE A 21 0.45 0.51 -4.76
C ILE A 21 -1.00 0.29 -4.32
N VAL A 22 -1.21 0.18 -3.00
CA VAL A 22 -2.56 -0.04 -2.49
C VAL A 22 -3.46 1.15 -2.86
N LYS A 23 -2.91 2.36 -2.75
CA LYS A 23 -3.67 3.56 -3.14
C LYS A 23 -4.06 3.52 -4.62
N GLN A 24 -3.18 2.95 -5.44
CA GLN A 24 -3.38 3.02 -6.88
C GLN A 24 -4.69 2.36 -7.30
N MET A 25 -5.03 1.25 -6.64
CA MET A 25 -6.25 0.52 -7.00
C MET A 25 -7.51 1.35 -6.77
N LYS A 26 -7.51 2.18 -5.73
CA LYS A 26 -8.66 3.05 -5.47
C LYS A 26 -8.93 4.00 -6.65
N ILE A 27 -7.88 4.39 -7.35
CA ILE A 27 -8.01 5.37 -8.42
C ILE A 27 -8.41 4.68 -9.72
N ILE A 28 -7.54 3.81 -10.20
CA ILE A 28 -7.76 3.16 -11.49
C ILE A 28 -9.04 2.32 -11.46
N HIS A 29 -9.36 1.73 -10.31
CA HIS A 29 -10.51 0.83 -10.18
C HIS A 29 -11.52 1.36 -9.18
N GLU A 30 -12.80 1.05 -9.39
CA GLU A 30 -13.82 1.40 -8.40
C GLU A 30 -14.94 0.38 -8.44
N ALA A 31 -15.20 -0.27 -7.30
CA ALA A 31 -16.23 -1.29 -7.23
C ALA A 31 -16.86 -1.36 -5.84
N GLY A 32 -18.10 -1.86 -5.82
CA GLY A 32 -18.84 -2.07 -4.59
C GLY A 32 -20.21 -2.67 -4.92
N TYR A 33 -20.53 -3.82 -4.33
CA TYR A 33 -21.78 -4.49 -4.64
C TYR A 33 -22.32 -5.25 -3.42
N SER A 34 -22.85 -4.51 -2.46
CA SER A 34 -23.48 -5.09 -1.29
C SER A 34 -24.20 -3.99 -0.53
N GLU A 35 -25.01 -3.22 -1.26
CA GLU A 35 -25.50 -1.95 -0.75
C GLU A 35 -26.23 -2.06 0.58
N GLU A 36 -27.04 -3.11 0.76
CA GLU A 36 -27.77 -3.26 2.02
C GLU A 36 -26.82 -3.50 3.20
N GLU A 37 -25.79 -4.32 2.97
CA GLU A 37 -24.81 -4.59 4.01
C GLU A 37 -24.02 -3.33 4.39
N CYS A 38 -23.72 -2.51 3.39
CA CYS A 38 -22.89 -1.35 3.61
C CYS A 38 -23.54 -0.35 4.56
N LYS A 39 -24.86 -0.19 4.43
CA LYS A 39 -25.57 0.77 5.27
C LYS A 39 -25.39 0.48 6.75
N GLN A 40 -25.26 -0.80 7.10
CA GLN A 40 -25.10 -1.17 8.51
C GLN A 40 -23.78 -0.62 9.05
N TYR A 41 -22.74 -0.70 8.23
CA TYR A 41 -21.41 -0.19 8.54
C TYR A 41 -21.35 1.33 8.68
N LYS A 42 -22.34 2.05 8.14
CA LYS A 42 -22.19 3.48 7.94
C LYS A 42 -21.84 4.19 9.26
N ALA A 43 -22.32 3.67 10.39
CA ALA A 43 -21.95 4.28 11.66
C ALA A 43 -20.45 4.13 11.89
N VAL A 44 -19.93 2.94 11.61
CA VAL A 44 -18.51 2.65 11.83
C VAL A 44 -17.59 3.53 11.01
N VAL A 45 -17.98 3.85 9.77
CA VAL A 45 -17.10 4.66 8.93
C VAL A 45 -16.97 6.07 9.50
N TYR A 46 -18.10 6.69 9.81
CA TYR A 46 -18.07 8.02 10.41
C TYR A 46 -17.35 8.03 11.76
N SER A 47 -17.41 6.91 12.48
CA SER A 47 -16.80 6.84 13.79
C SER A 47 -15.28 6.89 13.70
N ASN A 48 -14.71 5.93 12.99
CA ASN A 48 -13.26 5.83 12.91
C ASN A 48 -12.63 7.11 12.36
N THR A 49 -13.33 7.78 11.44
CA THR A 49 -12.77 8.99 10.85
C THR A 49 -12.55 10.08 11.90
N ILE A 50 -13.55 10.31 12.76
CA ILE A 50 -13.38 11.27 13.84
C ILE A 50 -12.26 10.80 14.78
N GLN A 51 -12.18 9.50 15.02
CA GLN A 51 -11.09 8.97 15.86
C GLN A 51 -9.71 9.23 15.26
N SER A 52 -9.65 9.35 13.93
CA SER A 52 -8.38 9.52 13.25
C SER A 52 -7.85 10.94 13.42
N ILE A 53 -8.62 11.92 12.93
CA ILE A 53 -8.17 13.30 13.00
C ILE A 53 -7.91 13.74 14.45
N ILE A 54 -8.67 13.21 15.40
CA ILE A 54 -8.41 13.52 16.81
C ILE A 54 -7.01 13.07 17.23
N ALA A 55 -6.51 11.98 16.65
CA ALA A 55 -5.13 11.56 16.89
C ALA A 55 -4.15 12.56 16.30
N ILE A 56 -4.40 12.90 15.04
CA ILE A 56 -3.59 13.89 14.32
C ILE A 56 -3.59 15.25 15.01
N ILE A 57 -4.60 15.53 15.83
CA ILE A 57 -4.74 16.83 16.47
C ILE A 57 -3.94 16.84 17.77
N ARG A 58 -4.30 15.93 18.67
CA ARG A 58 -3.61 15.82 19.95
C ARG A 58 -2.11 15.59 19.79
N ALA A 59 -1.70 14.94 18.69
CA ALA A 59 -0.28 14.76 18.42
C ALA A 59 0.44 16.10 18.21
N MET A 60 -0.29 17.09 17.72
CA MET A 60 0.26 18.44 17.54
C MET A 60 0.80 19.00 18.88
N GLY A 61 0.28 18.51 20.00
CA GLY A 61 0.75 18.96 21.30
C GLY A 61 2.02 18.23 21.71
N ARG A 62 1.92 16.92 21.97
CA ARG A 62 3.07 16.15 22.44
C ARG A 62 4.30 16.28 21.56
N LEU A 63 4.10 16.39 20.25
CA LEU A 63 5.17 16.86 19.38
C LEU A 63 4.89 18.33 19.12
N LYS A 64 5.88 19.21 19.31
CA LYS A 64 5.60 20.63 19.02
C LYS A 64 5.20 20.77 17.55
N ILE A 65 3.99 21.27 17.34
CA ILE A 65 3.46 21.53 15.99
C ILE A 65 2.35 22.56 16.06
N ASP A 66 2.55 23.73 15.47
CA ASP A 66 1.50 24.74 15.41
C ASP A 66 0.62 24.54 14.18
N PHE A 67 -0.64 24.93 14.28
CA PHE A 67 -1.52 25.00 13.11
C PHE A 67 -0.91 25.93 12.07
N GLY A 68 -1.15 25.66 10.79
CA GLY A 68 -0.54 26.46 9.73
C GLY A 68 -1.29 27.78 9.59
N ASP A 69 -2.57 27.66 9.26
CA ASP A 69 -3.44 28.83 9.17
C ASP A 69 -3.93 29.22 10.56
N SER A 70 -3.99 30.51 10.86
CA SER A 70 -4.58 30.96 12.12
C SER A 70 -6.04 30.53 12.26
N ALA A 71 -6.74 30.44 11.12
CA ALA A 71 -8.17 30.10 11.14
C ALA A 71 -8.45 28.74 11.77
N ARG A 72 -7.50 27.83 11.70
CA ARG A 72 -7.73 26.46 12.15
C ARG A 72 -8.19 26.39 13.61
N ALA A 73 -7.82 27.40 14.41
CA ALA A 73 -8.40 27.55 15.74
C ALA A 73 -9.92 27.66 15.63
N ASP A 74 -10.63 27.14 16.63
CA ASP A 74 -12.10 27.16 16.67
C ASP A 74 -12.71 26.05 15.83
N ASP A 75 -12.23 25.83 14.59
CA ASP A 75 -12.70 24.67 13.83
C ASP A 75 -12.36 23.37 14.57
N ALA A 76 -11.16 23.33 15.12
CA ALA A 76 -10.72 22.18 15.89
C ALA A 76 -11.61 21.98 17.12
N ARG A 77 -11.84 23.05 17.87
CA ARG A 77 -12.69 22.94 19.06
C ARG A 77 -14.10 22.47 18.70
N GLN A 78 -14.59 22.89 17.55
CA GLN A 78 -15.90 22.48 17.05
C GLN A 78 -15.99 20.98 16.78
N LEU A 79 -14.86 20.39 16.38
CA LEU A 79 -14.86 19.00 15.95
C LEU A 79 -15.36 18.08 17.07
N PHE A 80 -15.00 18.38 18.30
CA PHE A 80 -15.47 17.62 19.45
C PHE A 80 -16.99 17.68 19.63
N VAL A 81 -17.60 18.78 19.19
CA VAL A 81 -19.03 18.97 19.37
C VAL A 81 -19.82 18.21 18.32
N LEU A 82 -19.66 18.59 17.06
CA LEU A 82 -20.35 17.92 15.97
C LEU A 82 -20.02 16.43 15.89
N ALA A 83 -18.84 16.03 16.39
CA ALA A 83 -18.41 14.64 16.28
C ALA A 83 -19.41 13.68 16.91
N GLY A 84 -20.17 14.14 17.90
CA GLY A 84 -21.12 13.27 18.58
C GLY A 84 -22.14 12.68 17.62
N ALA A 85 -22.62 13.48 16.66
CA ALA A 85 -23.57 12.96 15.67
C ALA A 85 -22.94 11.87 14.81
N ALA A 86 -21.66 12.03 14.50
CA ALA A 86 -20.96 11.02 13.70
C ALA A 86 -21.01 9.64 14.35
N GLU A 87 -21.07 9.58 15.68
CA GLU A 87 -21.21 8.29 16.36
C GLU A 87 -22.53 7.61 15.97
N GLU A 88 -23.57 8.42 15.78
CA GLU A 88 -24.87 7.99 15.24
C GLU A 88 -24.82 7.53 13.77
N GLY A 89 -23.68 7.77 13.11
CA GLY A 89 -23.56 7.55 11.67
C GLY A 89 -24.15 8.69 10.84
N PHE A 90 -24.50 9.82 11.45
CA PHE A 90 -24.98 10.97 10.71
C PHE A 90 -23.84 11.96 10.47
N MET A 91 -23.89 12.71 9.37
CA MET A 91 -22.86 13.71 9.11
C MET A 91 -23.47 14.98 8.50
N THR A 92 -23.84 15.92 9.36
CA THR A 92 -24.25 17.25 8.91
C THR A 92 -23.08 17.88 8.17
N ALA A 93 -23.33 18.69 7.13
CA ALA A 93 -22.23 19.24 6.36
C ALA A 93 -21.29 20.06 7.25
N GLU A 94 -21.80 20.65 8.33
CA GLU A 94 -20.93 21.45 9.21
C GLU A 94 -19.81 20.59 9.78
N LEU A 95 -20.14 19.37 10.22
CA LEU A 95 -19.09 18.41 10.59
C LEU A 95 -18.15 18.11 9.42
N ALA A 96 -18.69 18.15 8.20
CA ALA A 96 -17.89 17.75 7.05
C ALA A 96 -16.78 18.75 6.80
N GLY A 97 -17.13 19.99 6.45
CA GLY A 97 -16.13 20.99 6.14
C GLY A 97 -15.14 21.23 7.28
N VAL A 98 -15.60 21.16 8.53
CA VAL A 98 -14.69 21.44 9.65
C VAL A 98 -13.50 20.48 9.63
N ILE A 99 -13.76 19.21 9.35
CA ILE A 99 -12.66 18.25 9.19
C ILE A 99 -11.78 18.61 7.99
N LYS A 100 -12.41 19.09 6.91
CA LYS A 100 -11.65 19.34 5.68
C LYS A 100 -10.57 20.41 5.89
N ARG A 101 -10.93 21.46 6.63
CA ARG A 101 -10.01 22.54 6.97
C ARG A 101 -8.81 22.09 7.78
N LEU A 102 -8.99 21.04 8.56
CA LEU A 102 -7.94 20.55 9.42
C LEU A 102 -6.93 19.73 8.61
N TRP A 103 -7.41 18.68 7.96
CA TRP A 103 -6.52 17.82 7.17
C TRP A 103 -5.78 18.58 6.07
N LYS A 104 -6.44 19.56 5.44
CA LYS A 104 -5.77 20.41 4.45
C LYS A 104 -4.65 21.28 5.04
N ASP A 105 -4.72 21.54 6.34
CA ASP A 105 -3.82 22.50 6.98
C ASP A 105 -2.36 22.15 6.73
N SER A 106 -1.57 23.19 6.50
CA SER A 106 -0.12 23.01 6.33
C SER A 106 0.54 22.41 7.58
N GLY A 107 -0.10 22.57 8.75
CA GLY A 107 0.54 22.15 10.00
C GLY A 107 0.04 20.78 10.44
N VAL A 108 -1.25 20.51 10.27
CA VAL A 108 -1.76 19.17 10.53
C VAL A 108 -1.08 18.15 9.62
N GLN A 109 -0.79 18.54 8.38
CA GLN A 109 0.04 17.72 7.50
C GLN A 109 1.44 17.51 8.07
N ALA A 110 1.93 18.47 8.85
CA ALA A 110 3.20 18.32 9.52
C ALA A 110 3.17 17.15 10.51
N CYS A 111 1.98 16.89 11.07
CA CYS A 111 1.80 15.79 12.02
C CYS A 111 1.69 14.46 11.27
N PHE A 112 0.68 14.34 10.41
CA PHE A 112 0.49 13.09 9.68
C PHE A 112 1.74 12.58 8.95
N ASN A 113 2.63 13.45 8.46
CA ASN A 113 3.92 12.94 7.95
C ASN A 113 4.72 12.26 9.07
N ARG A 114 4.69 12.89 10.24
CA ARG A 114 5.22 12.36 11.49
C ARG A 114 4.52 11.11 12.00
N SER A 115 3.38 10.73 11.41
CA SER A 115 2.45 9.79 12.05
C SER A 115 3.11 8.50 12.53
N ARG A 116 4.29 8.17 12.02
CA ARG A 116 4.96 6.94 12.43
C ARG A 116 5.16 6.86 13.95
N GLU A 117 5.23 8.01 14.63
CA GLU A 117 5.48 8.04 16.07
C GLU A 117 4.18 7.82 16.86
N TYR A 118 3.29 8.82 16.85
CA TYR A 118 1.97 8.69 17.47
C TYR A 118 1.11 7.62 16.81
N GLN A 119 0.24 7.01 17.61
CA GLN A 119 -0.71 6.03 17.08
C GLN A 119 -1.68 6.69 16.10
N LEU A 120 -2.00 5.99 15.01
CA LEU A 120 -2.97 6.51 14.04
C LEU A 120 -3.85 5.38 13.50
N ASN A 121 -5.12 5.66 13.28
CA ASN A 121 -6.04 4.64 12.76
C ASN A 121 -5.52 4.04 11.47
N ASP A 122 -5.76 2.75 11.27
CA ASP A 122 -5.21 2.06 10.10
C ASP A 122 -5.65 2.72 8.79
N SER A 123 -6.87 3.22 8.74
CA SER A 123 -7.40 3.83 7.52
C SER A 123 -7.32 5.36 7.50
N ALA A 124 -6.78 5.97 8.55
CA ALA A 124 -6.94 7.40 8.77
C ALA A 124 -6.61 8.23 7.52
N ALA A 125 -5.70 7.73 6.68
CA ALA A 125 -5.42 8.41 5.42
C ALA A 125 -6.55 8.20 4.43
N TYR A 126 -6.85 6.94 4.09
CA TYR A 126 -7.87 6.66 3.07
C TYR A 126 -9.22 7.35 3.35
N TYR A 127 -9.58 7.56 4.61
CA TYR A 127 -10.85 8.20 4.90
C TYR A 127 -10.80 9.71 4.63
N LEU A 128 -9.86 10.40 5.28
CA LEU A 128 -9.77 11.86 5.13
C LEU A 128 -9.53 12.28 3.68
N ASN A 129 -8.80 11.44 2.94
CA ASN A 129 -8.49 11.71 1.54
C ASN A 129 -9.74 11.77 0.66
N ASP A 130 -10.78 11.03 1.05
CA ASP A 130 -12.03 10.99 0.31
C ASP A 130 -13.19 11.46 1.19
N LEU A 131 -12.92 12.39 2.11
CA LEU A 131 -13.90 12.80 3.10
C LEU A 131 -15.19 13.31 2.45
N ASP A 132 -15.09 13.90 1.25
CA ASP A 132 -16.28 14.46 0.62
C ASP A 132 -17.30 13.37 0.28
N ARG A 133 -16.85 12.31 -0.37
CA ARG A 133 -17.78 11.27 -0.80
C ARG A 133 -18.53 10.62 0.36
N ILE A 134 -17.84 10.41 1.49
CA ILE A 134 -18.52 9.91 2.69
C ILE A 134 -19.53 10.92 3.25
N ALA A 135 -19.26 12.21 3.05
CA ALA A 135 -20.14 13.27 3.55
C ALA A 135 -21.51 13.28 2.89
N GLN A 136 -21.61 12.73 1.69
CA GLN A 136 -22.80 12.91 0.86
C GLN A 136 -24.06 12.45 1.58
N PRO A 137 -25.20 13.09 1.36
CA PRO A 137 -26.47 12.69 2.07
C PRO A 137 -26.80 11.24 1.81
N ASN A 138 -27.35 10.56 2.82
CA ASN A 138 -27.70 9.13 2.74
C ASN A 138 -26.60 8.33 2.04
N TYR A 139 -25.35 8.69 2.30
CA TYR A 139 -24.21 8.03 1.66
C TYR A 139 -24.25 6.52 1.98
N ILE A 140 -23.92 5.70 0.99
CA ILE A 140 -23.69 4.28 1.24
C ILE A 140 -22.17 4.03 1.25
N PRO A 141 -21.59 3.36 2.23
CA PRO A 141 -20.15 2.97 2.15
C PRO A 141 -19.86 2.09 0.94
N THR A 142 -18.76 2.37 0.24
CA THR A 142 -18.22 1.45 -0.76
C THR A 142 -17.84 0.15 -0.10
N GLN A 143 -17.84 -0.97 -0.85
CA GLN A 143 -17.42 -2.23 -0.27
C GLN A 143 -16.00 -2.12 0.33
N GLN A 144 -15.14 -1.28 -0.28
CA GLN A 144 -13.85 -0.99 0.33
C GLN A 144 -14.02 -0.32 1.70
N ASP A 145 -15.00 0.57 1.82
CA ASP A 145 -15.15 1.32 3.06
C ASP A 145 -15.38 0.39 4.24
N VAL A 146 -16.14 -0.69 4.01
CA VAL A 146 -16.42 -1.63 5.08
C VAL A 146 -15.13 -2.29 5.57
N LEU A 147 -14.29 -2.72 4.64
CA LEU A 147 -13.04 -3.37 5.00
C LEU A 147 -12.09 -2.46 5.79
N ARG A 148 -12.12 -1.18 5.44
CA ARG A 148 -11.33 -0.16 6.13
C ARG A 148 -11.69 0.00 7.61
N THR A 149 -12.89 -0.43 7.99
CA THR A 149 -13.37 -0.37 9.38
C THR A 149 -12.49 -1.17 10.34
N ARG A 150 -12.51 -0.77 11.61
CA ARG A 150 -12.01 -1.51 12.78
C ARG A 150 -10.73 -0.89 13.33
N VAL A 151 -10.56 -1.10 14.63
CA VAL A 151 -9.33 -0.80 15.37
C VAL A 151 -8.17 -1.67 14.91
N LYS A 152 -6.93 -1.20 15.08
CA LYS A 152 -5.76 -2.00 14.74
C LYS A 152 -5.81 -3.35 15.47
N THR A 153 -5.41 -4.41 14.78
CA THR A 153 -5.36 -5.74 15.39
C THR A 153 -4.98 -6.79 14.35
N THR A 154 -5.72 -6.84 13.26
CA THR A 154 -5.45 -7.79 12.18
C THR A 154 -4.06 -7.61 11.58
N GLY A 155 -3.54 -6.39 11.61
CA GLY A 155 -2.21 -6.10 11.06
C GLY A 155 -2.13 -6.28 9.53
N ILE A 156 -3.23 -6.65 8.87
CA ILE A 156 -3.22 -6.86 7.43
C ILE A 156 -4.25 -5.96 6.77
N VAL A 157 -3.81 -4.93 6.04
CA VAL A 157 -4.75 -4.07 5.33
C VAL A 157 -5.45 -4.83 4.22
N GLU A 158 -6.77 -4.62 4.07
CA GLU A 158 -7.49 -5.17 2.93
C GLU A 158 -7.75 -4.11 1.87
N THR A 159 -7.80 -4.54 0.60
CA THR A 159 -8.12 -3.64 -0.49
C THR A 159 -8.84 -4.38 -1.61
N HIS A 160 -10.15 -4.15 -1.75
CA HIS A 160 -10.91 -4.75 -2.85
C HIS A 160 -11.00 -3.82 -4.05
N PHE A 161 -11.05 -4.41 -5.25
CA PHE A 161 -11.29 -3.65 -6.47
C PHE A 161 -11.59 -4.58 -7.63
N THR A 162 -12.54 -4.20 -8.48
CA THR A 162 -12.78 -4.94 -9.71
C THR A 162 -11.81 -4.51 -10.82
N PHE A 163 -11.27 -5.49 -11.56
CA PHE A 163 -10.51 -5.19 -12.76
C PHE A 163 -10.63 -6.33 -13.77
N LYS A 164 -10.83 -5.98 -15.04
CA LYS A 164 -11.23 -6.94 -16.09
C LYS A 164 -12.35 -7.86 -15.59
N ASP A 165 -13.32 -7.21 -14.95
CA ASP A 165 -14.51 -7.86 -14.43
C ASP A 165 -14.18 -9.09 -13.58
N LEU A 166 -13.02 -9.15 -12.92
CA LEU A 166 -12.75 -10.14 -11.89
C LEU A 166 -12.79 -9.43 -10.54
N HIS A 167 -12.96 -10.13 -9.41
CA HIS A 167 -12.88 -9.46 -8.11
C HIS A 167 -11.54 -9.70 -7.45
N PHE A 168 -10.67 -8.70 -7.55
CA PHE A 168 -9.36 -8.73 -6.89
C PHE A 168 -9.49 -8.54 -5.38
N LYS A 169 -8.61 -9.15 -4.59
CA LYS A 169 -8.49 -8.82 -3.17
C LYS A 169 -7.02 -8.68 -2.77
N MET A 170 -6.43 -7.54 -3.06
CA MET A 170 -5.06 -7.25 -2.62
C MET A 170 -4.95 -7.24 -1.10
N PHE A 171 -3.84 -7.77 -0.57
CA PHE A 171 -3.58 -7.77 0.88
C PHE A 171 -2.21 -7.17 1.18
N ASP A 172 -2.18 -5.90 1.58
CA ASP A 172 -0.91 -5.27 1.99
C ASP A 172 -0.37 -5.85 3.29
N VAL A 173 0.95 -6.00 3.36
CA VAL A 173 1.62 -6.36 4.61
C VAL A 173 2.94 -5.58 4.73
N GLY A 174 3.26 -5.13 5.94
CA GLY A 174 4.45 -4.30 6.13
C GLY A 174 5.72 -5.03 5.72
N GLY A 175 6.55 -4.34 4.94
CA GLY A 175 7.83 -4.90 4.50
C GLY A 175 8.81 -5.15 5.64
N GLN A 176 8.75 -4.32 6.68
CA GLN A 176 9.74 -4.41 7.76
C GLN A 176 9.76 -5.82 8.36
N ARG A 177 10.93 -6.28 8.76
CA ARG A 177 11.09 -7.68 9.15
C ARG A 177 10.13 -8.07 10.26
N SER A 178 9.76 -7.13 11.13
CA SER A 178 8.86 -7.45 12.23
C SER A 178 7.49 -7.87 11.71
N GLU A 179 6.99 -7.15 10.71
CA GLU A 179 5.74 -7.49 10.06
C GLU A 179 5.79 -8.83 9.32
N ARG A 180 6.97 -9.23 8.87
CA ARG A 180 7.07 -10.40 7.99
C ARG A 180 6.49 -11.67 8.59
N LYS A 181 6.55 -11.83 9.92
CA LYS A 181 5.97 -13.03 10.53
C LYS A 181 4.47 -13.16 10.27
N LYS A 182 3.79 -12.02 10.15
CA LYS A 182 2.36 -11.99 9.83
C LYS A 182 2.00 -12.61 8.49
N TRP A 183 2.95 -12.66 7.58
CA TRP A 183 2.64 -12.89 6.17
C TRP A 183 1.87 -14.19 5.91
N ILE A 184 2.05 -15.22 6.74
CA ILE A 184 1.41 -16.51 6.47
C ILE A 184 -0.12 -16.39 6.41
N HIS A 185 -0.69 -15.43 7.14
CA HIS A 185 -2.15 -15.29 7.18
C HIS A 185 -2.73 -15.04 5.79
N CYS A 186 -1.97 -14.32 4.95
CA CYS A 186 -2.42 -14.00 3.61
C CYS A 186 -2.17 -15.10 2.58
N PHE A 187 -1.34 -16.11 2.92
CA PHE A 187 -0.96 -17.13 1.96
C PHE A 187 -2.16 -17.89 1.38
N GLU A 188 -3.24 -18.01 2.16
CA GLU A 188 -4.40 -18.77 1.69
C GLU A 188 -5.07 -18.13 0.48
N GLY A 189 -5.40 -18.94 -0.54
CA GLY A 189 -6.31 -18.48 -1.58
C GLY A 189 -5.67 -17.50 -2.58
N VAL A 190 -4.38 -17.17 -2.40
CA VAL A 190 -3.70 -16.25 -3.29
C VAL A 190 -3.69 -16.76 -4.72
N ALA A 191 -3.93 -15.88 -5.68
CA ALA A 191 -3.75 -16.22 -7.08
C ALA A 191 -2.30 -16.00 -7.49
N ALA A 192 -1.86 -14.76 -7.37
CA ALA A 192 -0.51 -14.40 -7.80
C ALA A 192 0.11 -13.40 -6.83
N ILE A 193 1.39 -13.57 -6.55
CA ILE A 193 2.10 -12.62 -5.70
C ILE A 193 2.70 -11.50 -6.54
N ILE A 194 2.62 -10.29 -6.01
CA ILE A 194 3.46 -9.19 -6.47
C ILE A 194 4.51 -8.90 -5.39
N PHE A 195 5.79 -9.00 -5.76
CA PHE A 195 6.87 -8.82 -4.80
C PHE A 195 7.61 -7.50 -5.03
N CYS A 196 7.05 -6.41 -4.52
CA CYS A 196 7.66 -5.10 -4.69
C CYS A 196 9.10 -5.03 -4.16
N VAL A 197 9.94 -4.29 -4.87
CA VAL A 197 11.34 -4.06 -4.47
C VAL A 197 11.80 -2.70 -5.00
N ALA A 198 12.29 -1.83 -4.13
CA ALA A 198 12.77 -0.51 -4.57
C ALA A 198 14.13 -0.62 -5.25
N LEU A 199 14.21 -0.25 -6.53
CA LEU A 199 15.50 -0.23 -7.23
C LEU A 199 16.51 0.72 -6.59
N SER A 200 16.04 1.85 -6.07
CA SER A 200 16.90 2.83 -5.41
C SER A 200 17.60 2.32 -4.15
N ASP A 201 17.04 1.27 -3.55
CA ASP A 201 17.56 0.71 -2.31
C ASP A 201 19.04 0.30 -2.39
N TYR A 202 19.58 0.20 -3.60
CA TYR A 202 20.89 -0.40 -3.80
C TYR A 202 21.97 0.23 -2.91
N ASP A 203 21.80 1.51 -2.52
CA ASP A 203 22.72 2.11 -1.55
C ASP A 203 22.12 2.24 -0.15
N LEU A 204 20.81 2.47 -0.07
CA LEU A 204 20.16 2.69 1.22
C LEU A 204 20.35 1.50 2.17
N VAL A 205 20.53 1.80 3.46
CA VAL A 205 20.59 0.76 4.49
C VAL A 205 19.22 0.57 5.17
N LEU A 206 18.92 -0.67 5.59
CA LEU A 206 17.69 -0.94 6.35
C LEU A 206 17.64 -0.13 7.64
N ALA A 207 16.44 0.30 8.03
CA ALA A 207 16.23 0.75 9.40
C ALA A 207 16.47 -0.38 10.40
N GLU A 208 16.18 -1.62 9.99
CA GLU A 208 16.42 -2.78 10.85
C GLU A 208 17.89 -2.92 11.25
N ASP A 209 18.78 -2.44 10.39
CA ASP A 209 20.22 -2.54 10.63
C ASP A 209 20.95 -1.66 9.63
N GLU A 210 21.50 -0.55 10.10
CA GLU A 210 22.20 0.37 9.21
C GLU A 210 23.35 -0.29 8.47
N GLU A 211 23.99 -1.28 9.08
CA GLU A 211 25.07 -2.01 8.41
C GLU A 211 24.59 -2.73 7.15
N MET A 212 23.35 -3.22 7.20
CA MET A 212 22.79 -4.03 6.12
C MET A 212 22.57 -3.24 4.83
N ASN A 213 22.79 -3.91 3.71
CA ASN A 213 22.32 -3.36 2.43
C ASN A 213 20.85 -3.69 2.26
N ARG A 214 19.99 -2.71 1.97
CA ARG A 214 18.57 -3.02 1.77
C ARG A 214 18.33 -3.99 0.62
N MET A 215 19.09 -3.83 -0.47
CA MET A 215 18.87 -4.68 -1.64
C MET A 215 19.24 -6.14 -1.38
N HIS A 216 20.36 -6.35 -0.71
CA HIS A 216 20.76 -7.71 -0.38
C HIS A 216 19.70 -8.40 0.48
N GLU A 217 19.07 -7.64 1.36
CA GLU A 217 17.99 -8.17 2.18
C GLU A 217 16.83 -8.64 1.32
N SER A 218 16.53 -7.89 0.26
CA SER A 218 15.44 -8.25 -0.64
C SER A 218 15.71 -9.58 -1.34
N MET A 219 16.97 -9.78 -1.73
CA MET A 219 17.37 -11.03 -2.38
C MET A 219 17.14 -12.25 -1.50
N LYS A 220 17.20 -12.07 -0.19
CA LYS A 220 17.16 -13.22 0.71
C LYS A 220 15.73 -13.71 0.90
N LEU A 221 14.88 -12.89 1.52
CA LEU A 221 13.49 -13.32 1.72
C LEU A 221 12.78 -13.61 0.40
N PHE A 222 13.16 -12.92 -0.68
CA PHE A 222 12.56 -13.22 -1.99
C PHE A 222 12.85 -14.67 -2.42
N ASP A 223 14.05 -15.14 -2.11
CA ASP A 223 14.41 -16.51 -2.48
C ASP A 223 13.49 -17.51 -1.78
N SER A 224 13.16 -17.22 -0.52
CA SER A 224 12.31 -18.11 0.23
C SER A 224 10.90 -18.20 -0.35
N ILE A 225 10.31 -17.07 -0.74
CA ILE A 225 8.94 -17.08 -1.25
C ILE A 225 8.83 -17.81 -2.59
N CYS A 226 9.87 -17.70 -3.42
CA CYS A 226 9.81 -18.24 -4.76
C CYS A 226 9.87 -19.76 -4.71
N ASN A 227 10.95 -20.24 -4.12
CA ASN A 227 11.17 -21.66 -3.90
C ASN A 227 10.09 -22.32 -3.03
N ASN A 228 9.33 -21.54 -2.28
CA ASN A 228 8.44 -22.13 -1.26
C ASN A 228 7.50 -23.14 -1.92
N LYS A 229 7.40 -24.34 -1.35
CA LYS A 229 6.58 -25.37 -1.96
C LYS A 229 5.11 -24.97 -2.07
N TRP A 230 4.60 -24.23 -1.08
CA TRP A 230 3.22 -23.77 -1.13
C TRP A 230 2.94 -22.91 -2.37
N PHE A 231 3.94 -22.11 -2.75
CA PHE A 231 3.78 -21.15 -3.84
C PHE A 231 3.98 -21.73 -5.24
N THR A 232 4.38 -23.00 -5.34
CA THR A 232 4.62 -23.60 -6.65
C THR A 232 3.38 -23.51 -7.53
N ASP A 233 2.21 -23.68 -6.93
CA ASP A 233 0.94 -23.49 -7.62
C ASP A 233 0.66 -22.03 -7.98
N THR A 234 1.15 -21.11 -7.15
CA THR A 234 0.88 -19.69 -7.32
C THR A 234 1.90 -19.05 -8.26
N SER A 235 1.44 -18.15 -9.14
CA SER A 235 2.37 -17.35 -9.95
C SER A 235 3.23 -16.47 -9.05
N ILE A 236 4.51 -16.30 -9.40
CA ILE A 236 5.34 -15.28 -8.75
C ILE A 236 5.58 -14.13 -9.73
N ILE A 237 5.39 -12.88 -9.30
CA ILE A 237 5.59 -11.74 -10.21
C ILE A 237 6.41 -10.65 -9.53
N LEU A 238 7.69 -10.51 -9.90
CA LEU A 238 8.52 -9.46 -9.31
C LEU A 238 7.99 -8.08 -9.71
N PHE A 239 8.11 -7.10 -8.82
CA PHE A 239 7.68 -5.72 -9.13
C PHE A 239 8.78 -4.73 -8.74
N LEU A 240 9.77 -4.51 -9.61
CA LEU A 240 10.83 -3.56 -9.32
C LEU A 240 10.30 -2.12 -9.21
N ASN A 241 9.79 -1.78 -8.03
CA ASN A 241 9.21 -0.48 -7.73
C ASN A 241 10.21 0.67 -7.81
N LYS A 242 9.68 1.88 -8.04
CA LYS A 242 10.45 3.13 -7.96
C LYS A 242 11.46 3.24 -9.08
N LYS A 243 11.00 2.88 -10.29
CA LYS A 243 11.78 3.14 -11.50
C LYS A 243 12.13 4.62 -11.64
N ASP A 244 11.25 5.46 -11.14
CA ASP A 244 11.31 6.88 -11.44
C ASP A 244 12.47 7.54 -10.73
N LEU A 245 12.49 7.48 -9.40
CA LEU A 245 13.62 8.05 -8.67
C LEU A 245 14.93 7.31 -8.98
N PHE A 246 14.85 6.02 -9.32
CA PHE A 246 16.06 5.23 -9.60
C PHE A 246 16.86 5.76 -10.79
N GLU A 247 16.16 6.22 -11.83
CA GLU A 247 16.87 6.76 -13.01
C GLU A 247 17.68 8.01 -12.67
N GLU A 248 17.28 8.73 -11.63
CA GLU A 248 18.00 9.93 -11.21
C GLU A 248 19.21 9.56 -10.36
N LYS A 249 18.94 8.91 -9.23
CA LYS A 249 20.01 8.59 -8.29
C LYS A 249 21.13 7.76 -8.92
N ILE A 250 20.80 6.91 -9.89
CA ILE A 250 21.83 6.13 -10.57
C ILE A 250 22.87 7.02 -11.28
N LYS A 251 22.42 8.17 -11.77
CA LYS A 251 23.32 9.08 -12.47
C LYS A 251 24.50 9.52 -11.60
N LYS A 252 24.23 9.61 -10.30
CA LYS A 252 25.17 10.19 -9.33
C LYS A 252 25.96 9.06 -8.69
N SER A 253 25.20 8.26 -7.93
CA SER A 253 25.75 7.15 -7.18
C SER A 253 26.07 5.97 -8.11
N PRO A 254 27.24 5.36 -8.05
CA PRO A 254 27.50 4.07 -8.76
C PRO A 254 26.67 2.91 -8.23
N LEU A 255 26.25 2.01 -9.12
CA LEU A 255 25.64 0.75 -8.71
C LEU A 255 26.58 -0.09 -7.81
N THR A 256 27.89 0.14 -7.92
CA THR A 256 28.89 -0.62 -7.18
C THR A 256 28.62 -0.62 -5.65
N ILE A 257 27.82 0.33 -5.19
CA ILE A 257 27.33 0.40 -3.81
C ILE A 257 26.51 -0.83 -3.39
N CYS A 258 26.18 -1.75 -4.33
CA CYS A 258 25.30 -2.86 -4.03
C CYS A 258 25.94 -4.14 -4.56
N TYR A 259 26.26 -4.10 -5.85
CA TYR A 259 27.01 -5.18 -6.49
C TYR A 259 28.35 -4.63 -6.97
N GLN A 260 29.39 -4.82 -6.17
CA GLN A 260 30.70 -4.29 -6.52
C GLN A 260 31.21 -4.82 -7.87
N GLU A 261 30.81 -6.03 -8.23
CA GLU A 261 31.25 -6.65 -9.48
C GLU A 261 30.83 -5.84 -10.72
N TYR A 262 29.78 -5.05 -10.60
CA TYR A 262 29.16 -4.40 -11.75
C TYR A 262 30.16 -3.55 -12.54
N ALA A 263 30.08 -3.67 -13.87
CA ALA A 263 30.86 -2.84 -14.79
C ALA A 263 30.00 -1.79 -15.51
N GLY A 264 28.72 -2.11 -15.66
CA GLY A 264 27.81 -1.39 -16.56
C GLY A 264 27.75 0.12 -16.32
N SER A 265 27.33 0.78 -17.40
CA SER A 265 27.13 2.24 -17.43
C SER A 265 26.12 2.68 -16.37
N ASN A 266 26.20 3.95 -16.00
CA ASN A 266 25.28 4.56 -15.05
C ASN A 266 23.91 4.89 -15.68
N THR A 267 23.46 4.05 -16.60
CA THR A 267 22.21 4.31 -17.32
C THR A 267 21.05 3.60 -16.59
N TYR A 268 19.84 4.14 -16.68
CA TYR A 268 18.69 3.45 -16.09
C TYR A 268 18.54 2.03 -16.66
N GLU A 269 18.96 1.80 -17.90
CA GLU A 269 18.78 0.48 -18.50
C GLU A 269 19.76 -0.55 -17.95
N GLU A 270 21.05 -0.34 -18.17
CA GLU A 270 22.05 -1.29 -17.68
C GLU A 270 21.98 -1.44 -16.15
N ALA A 271 21.60 -0.38 -15.46
CA ALA A 271 21.62 -0.37 -14.00
C ALA A 271 20.42 -1.10 -13.41
N ALA A 272 19.22 -0.60 -13.69
CA ALA A 272 18.03 -1.22 -13.14
C ALA A 272 17.89 -2.67 -13.63
N ALA A 273 18.21 -2.88 -14.89
CA ALA A 273 18.13 -4.21 -15.48
C ALA A 273 19.10 -5.19 -14.83
N TYR A 274 20.23 -4.70 -14.32
CA TYR A 274 21.22 -5.61 -13.73
C TYR A 274 20.64 -6.33 -12.51
N ILE A 275 19.77 -5.63 -11.77
CA ILE A 275 19.16 -6.20 -10.58
C ILE A 275 18.23 -7.34 -10.97
N GLN A 276 17.29 -7.02 -11.85
CA GLN A 276 16.42 -8.05 -12.45
C GLN A 276 17.19 -9.29 -12.93
N CYS A 277 18.49 -9.17 -13.19
CA CYS A 277 19.28 -10.36 -13.51
C CYS A 277 19.49 -11.20 -12.25
N GLN A 278 20.10 -10.58 -11.24
CA GLN A 278 20.44 -11.30 -10.01
C GLN A 278 19.21 -11.90 -9.31
N PHE A 279 18.07 -11.21 -9.37
CA PHE A 279 16.87 -11.68 -8.67
C PHE A 279 16.35 -12.97 -9.27
N GLU A 280 16.26 -13.00 -10.60
CA GLU A 280 15.82 -14.19 -11.31
C GLU A 280 16.76 -15.37 -11.09
N ASP A 281 18.04 -15.09 -10.87
CA ASP A 281 19.02 -16.15 -10.62
C ASP A 281 18.67 -16.98 -9.38
N LEU A 282 18.00 -16.37 -8.40
CA LEU A 282 17.65 -17.08 -7.18
C LEU A 282 16.81 -18.34 -7.43
N ASN A 283 16.08 -18.38 -8.55
CA ASN A 283 15.12 -19.45 -8.76
C ASN A 283 15.81 -20.81 -8.78
N LYS A 284 15.40 -21.71 -7.89
CA LYS A 284 15.77 -23.11 -7.95
C LYS A 284 15.24 -23.83 -9.20
N ARG A 285 14.14 -23.33 -9.76
CA ARG A 285 13.41 -24.06 -10.81
C ARG A 285 13.28 -23.20 -12.08
N LYS A 286 14.43 -22.78 -12.59
CA LYS A 286 14.44 -21.98 -13.82
C LYS A 286 13.74 -22.71 -14.97
N ASP A 287 13.84 -24.04 -14.98
CA ASP A 287 13.25 -24.87 -16.02
C ASP A 287 11.73 -24.78 -16.07
N THR A 288 11.09 -24.54 -14.93
CA THR A 288 9.65 -24.72 -14.82
C THR A 288 8.94 -23.62 -14.04
N LYS A 289 9.60 -22.48 -13.82
CA LYS A 289 8.98 -21.39 -13.07
C LYS A 289 9.36 -20.04 -13.68
N GLU A 290 8.34 -19.24 -13.99
CA GLU A 290 8.58 -17.94 -14.62
C GLU A 290 8.51 -16.83 -13.57
N ILE A 291 9.57 -16.03 -13.48
CA ILE A 291 9.59 -14.92 -12.54
C ILE A 291 8.53 -13.84 -12.82
N TYR A 292 8.10 -13.63 -14.07
CA TYR A 292 7.10 -12.58 -14.37
C TYR A 292 7.49 -11.23 -13.76
N THR A 293 8.73 -10.82 -14.02
CA THR A 293 9.22 -9.51 -13.62
C THR A 293 8.48 -8.36 -14.31
N HIS A 294 8.28 -7.26 -13.58
CA HIS A 294 7.75 -6.04 -14.19
C HIS A 294 8.23 -4.79 -13.42
N PHE A 295 9.00 -3.93 -14.09
CA PHE A 295 9.32 -2.63 -13.52
C PHE A 295 8.04 -1.83 -13.26
N THR A 296 7.96 -1.15 -12.12
CA THR A 296 6.81 -0.30 -11.84
C THR A 296 7.19 0.96 -11.06
N CYS A 297 6.31 1.96 -11.13
CA CYS A 297 6.49 3.21 -10.42
C CYS A 297 5.20 3.54 -9.67
N ALA A 298 5.14 3.20 -8.38
CA ALA A 298 3.89 3.33 -7.63
C ALA A 298 3.38 4.77 -7.60
N THR A 299 4.28 5.73 -7.45
CA THR A 299 3.86 7.14 -7.44
C THR A 299 3.15 7.55 -8.73
N ASP A 300 3.48 6.90 -9.83
CA ASP A 300 2.88 7.22 -11.12
C ASP A 300 1.72 6.28 -11.40
N THR A 301 0.49 6.78 -11.25
CA THR A 301 -0.69 5.96 -11.53
C THR A 301 -0.71 5.51 -12.99
N LYS A 302 -0.28 6.37 -13.91
CA LYS A 302 -0.23 6.02 -15.32
C LYS A 302 0.66 4.81 -15.60
N ASN A 303 1.62 4.54 -14.72
CA ASN A 303 2.60 3.48 -14.99
C ASN A 303 2.02 2.17 -14.51
N VAL A 304 1.72 2.13 -13.21
CA VAL A 304 1.15 0.93 -12.59
C VAL A 304 -0.13 0.48 -13.31
N GLN A 305 -0.82 1.39 -14.00
CA GLN A 305 -2.10 1.06 -14.61
C GLN A 305 -1.89 0.15 -15.83
N PHE A 306 -1.20 0.67 -16.85
CA PHE A 306 -0.97 -0.14 -18.04
C PHE A 306 -0.23 -1.43 -17.73
N VAL A 307 0.68 -1.38 -16.76
CA VAL A 307 1.41 -2.59 -16.36
C VAL A 307 0.45 -3.62 -15.76
N PHE A 308 -0.48 -3.15 -14.94
CA PHE A 308 -1.44 -4.05 -14.30
C PHE A 308 -2.27 -4.81 -15.32
N ASP A 309 -2.56 -4.17 -16.46
CA ASP A 309 -3.33 -4.82 -17.52
C ASP A 309 -2.61 -6.04 -18.06
N ALA A 310 -1.29 -5.97 -18.14
CA ALA A 310 -0.50 -7.10 -18.62
C ALA A 310 -0.50 -8.23 -17.60
N VAL A 311 -0.17 -7.89 -16.36
CA VAL A 311 -0.04 -8.91 -15.32
C VAL A 311 -1.35 -9.69 -15.14
N THR A 312 -2.48 -9.02 -15.30
CA THR A 312 -3.77 -9.69 -15.13
C THR A 312 -3.94 -10.82 -16.15
N ASP A 313 -3.45 -10.61 -17.37
CA ASP A 313 -3.59 -11.62 -18.40
C ASP A 313 -2.90 -12.92 -18.00
N VAL A 314 -1.72 -12.80 -17.40
CA VAL A 314 -0.99 -13.98 -16.96
C VAL A 314 -1.79 -14.76 -15.91
N ILE A 315 -2.46 -14.03 -15.03
CA ILE A 315 -3.29 -14.66 -14.00
C ILE A 315 -4.43 -15.48 -14.62
N ILE A 316 -4.92 -15.05 -15.78
CA ILE A 316 -6.03 -15.73 -16.41
C ILE A 316 -5.57 -17.01 -17.09
N LYS A 317 -4.67 -16.87 -18.06
CA LYS A 317 -4.18 -18.02 -18.80
C LYS A 317 -3.54 -19.06 -17.87
N ASN A 318 -2.95 -18.61 -16.76
CA ASN A 318 -2.26 -19.54 -15.86
C ASN A 318 -3.15 -20.02 -14.72
N ASN A 319 -3.45 -19.12 -13.77
CA ASN A 319 -4.36 -19.46 -12.67
C ASN A 319 -5.80 -19.60 -13.14
N LEU A 320 -6.48 -20.62 -12.62
CA LEU A 320 -7.94 -20.71 -12.71
C LEU A 320 -8.46 -21.94 -11.99
N LYS A 321 -9.74 -21.93 -11.65
CA LYS A 321 -10.43 -23.08 -11.07
C LYS A 321 -9.82 -23.50 -9.74
N ASP A 322 -10.56 -23.16 -8.67
CA ASP A 322 -10.28 -23.64 -7.31
C ASP A 322 -8.77 -23.62 -6.98
N CYS A 323 -8.19 -22.43 -7.03
CA CYS A 323 -6.76 -22.28 -6.74
C CYS A 323 -5.91 -23.22 -7.58
N GLY A 324 -6.11 -23.14 -8.89
CA GLY A 324 -5.31 -23.91 -9.83
C GLY A 324 -5.92 -25.28 -10.11
N LEU A 325 -5.54 -26.29 -9.31
CA LEU A 325 -5.99 -27.65 -9.60
C LEU A 325 -7.52 -27.68 -9.60
N PHE A 326 -8.09 -28.19 -10.69
CA PHE A 326 -9.53 -28.44 -10.84
C PHE A 326 -10.40 -27.39 -10.14
N ARG A 4 -13.43 -15.42 -10.79
CA ARG A 4 -13.20 -13.98 -10.71
C ARG A 4 -12.25 -13.61 -9.56
N GLU A 5 -12.30 -14.35 -8.46
CA GLU A 5 -11.46 -14.02 -7.31
C GLU A 5 -9.98 -14.17 -7.66
N VAL A 6 -9.24 -13.06 -7.73
CA VAL A 6 -7.79 -13.11 -7.85
C VAL A 6 -7.09 -13.14 -6.48
N LYS A 7 -7.27 -12.08 -5.69
CA LYS A 7 -6.63 -12.00 -4.37
C LYS A 7 -5.10 -11.93 -4.45
N LEU A 8 -4.62 -10.84 -5.03
CA LEU A 8 -3.19 -10.51 -5.07
C LEU A 8 -2.61 -10.36 -3.66
N LEU A 9 -1.34 -10.72 -3.46
CA LEU A 9 -0.68 -10.53 -2.16
C LEU A 9 0.67 -9.81 -2.32
N LEU A 10 0.73 -8.53 -1.99
CA LEU A 10 2.02 -7.82 -1.91
C LEU A 10 2.97 -8.40 -0.87
N LEU A 11 4.24 -8.51 -1.25
CA LEU A 11 5.31 -8.90 -0.33
C LEU A 11 6.59 -8.15 -0.70
N GLY A 12 7.51 -7.96 0.24
CA GLY A 12 8.78 -7.33 -0.09
C GLY A 12 9.52 -6.76 1.11
N ALA A 13 10.78 -6.43 0.86
CA ALA A 13 11.63 -5.73 1.82
C ALA A 13 11.02 -4.39 2.23
N GLY A 14 11.36 -3.93 3.44
CA GLY A 14 10.85 -2.66 3.94
C GLY A 14 11.14 -1.52 2.97
N GLU A 15 10.26 -0.51 2.98
CA GLU A 15 10.38 0.63 2.07
C GLU A 15 10.28 0.23 0.60
N SER A 16 9.90 -1.01 0.30
CA SER A 16 9.65 -1.43 -1.07
C SER A 16 8.56 -0.61 -1.77
N GLY A 17 7.74 0.12 -1.01
CA GLY A 17 6.67 0.91 -1.61
C GLY A 17 5.33 0.17 -1.74
N LYS A 18 5.21 -1.01 -1.11
CA LYS A 18 3.97 -1.79 -1.26
C LYS A 18 2.74 -0.99 -0.84
N SER A 19 2.90 -0.10 0.14
CA SER A 19 1.78 0.72 0.57
C SER A 19 1.28 1.62 -0.54
N THR A 20 2.22 2.20 -1.29
CA THR A 20 1.85 3.12 -2.36
C THR A 20 1.02 2.44 -3.43
N ILE A 21 1.36 1.18 -3.75
CA ILE A 21 0.58 0.42 -4.72
C ILE A 21 -0.87 0.26 -4.28
N VAL A 22 -1.09 0.17 -2.97
CA VAL A 22 -2.43 -0.10 -2.46
C VAL A 22 -3.37 1.06 -2.80
N LYS A 23 -2.91 2.28 -2.57
CA LYS A 23 -3.70 3.46 -2.90
C LYS A 23 -4.01 3.55 -4.39
N GLN A 24 -3.11 3.05 -5.23
CA GLN A 24 -3.30 3.18 -6.67
C GLN A 24 -4.59 2.52 -7.14
N MET A 25 -4.94 1.40 -6.51
CA MET A 25 -6.17 0.69 -6.88
C MET A 25 -7.43 1.52 -6.63
N LYS A 26 -7.43 2.35 -5.58
CA LYS A 26 -8.58 3.22 -5.33
C LYS A 26 -8.83 4.17 -6.50
N ILE A 27 -7.77 4.56 -7.19
CA ILE A 27 -7.88 5.56 -8.25
C ILE A 27 -8.29 4.90 -9.57
N ILE A 28 -7.41 4.02 -10.06
CA ILE A 28 -7.66 3.39 -11.35
C ILE A 28 -8.94 2.56 -11.33
N HIS A 29 -9.21 1.91 -10.19
CA HIS A 29 -10.40 1.06 -10.06
C HIS A 29 -11.40 1.64 -9.08
N GLU A 30 -12.69 1.36 -9.30
CA GLU A 30 -13.73 1.74 -8.34
C GLU A 30 -14.88 0.73 -8.40
N ALA A 31 -15.09 0.01 -7.30
CA ALA A 31 -16.14 -1.00 -7.27
C ALA A 31 -16.74 -1.16 -5.87
N GLY A 32 -17.93 -1.74 -5.83
CA GLY A 32 -18.62 -2.03 -4.59
C GLY A 32 -19.97 -2.67 -4.88
N TYR A 33 -20.22 -3.85 -4.31
CA TYR A 33 -21.47 -4.56 -4.59
C TYR A 33 -21.93 -5.38 -3.38
N SER A 34 -22.55 -4.70 -2.43
CA SER A 34 -23.11 -5.36 -1.25
C SER A 34 -23.87 -4.32 -0.43
N GLU A 35 -24.73 -3.58 -1.12
CA GLU A 35 -25.29 -2.35 -0.56
C GLU A 35 -25.96 -2.56 0.80
N GLU A 36 -26.68 -3.66 0.99
CA GLU A 36 -27.34 -3.91 2.27
C GLU A 36 -26.32 -4.11 3.40
N GLU A 37 -25.25 -4.85 3.11
CA GLU A 37 -24.21 -5.07 4.10
C GLU A 37 -23.51 -3.77 4.48
N CYS A 38 -23.32 -2.89 3.50
CA CYS A 38 -22.57 -1.67 3.73
C CYS A 38 -23.25 -0.75 4.73
N LYS A 39 -24.58 -0.70 4.66
CA LYS A 39 -25.33 0.19 5.54
C LYS A 39 -25.07 -0.12 7.01
N GLN A 40 -24.81 -1.39 7.32
CA GLN A 40 -24.61 -1.78 8.73
C GLN A 40 -23.34 -1.12 9.27
N TYR A 41 -22.30 -1.10 8.44
CA TYR A 41 -21.03 -0.47 8.77
C TYR A 41 -21.09 1.04 8.92
N LYS A 42 -22.14 1.68 8.37
CA LYS A 42 -22.10 3.12 8.15
C LYS A 42 -21.77 3.88 9.43
N ALA A 43 -22.21 3.37 10.59
CA ALA A 43 -21.86 4.03 11.84
C ALA A 43 -20.35 3.98 12.05
N VAL A 44 -19.78 2.81 11.83
CA VAL A 44 -18.35 2.61 12.06
C VAL A 44 -17.47 3.50 11.19
N VAL A 45 -17.86 3.73 9.94
CA VAL A 45 -17.03 4.55 9.06
C VAL A 45 -16.94 5.98 9.58
N TYR A 46 -18.09 6.53 9.94
CA TYR A 46 -18.12 7.86 10.55
C TYR A 46 -17.36 7.91 11.87
N SER A 47 -17.31 6.78 12.58
CA SER A 47 -16.66 6.74 13.87
C SER A 47 -15.15 6.91 13.73
N ASN A 48 -14.53 6.00 12.99
CA ASN A 48 -13.08 6.02 12.87
C ASN A 48 -12.57 7.33 12.30
N THR A 49 -13.34 7.93 11.39
CA THR A 49 -12.88 9.17 10.75
C THR A 49 -12.71 10.29 11.77
N ILE A 50 -13.71 10.45 12.66
CA ILE A 50 -13.57 11.44 13.72
C ILE A 50 -12.39 11.08 14.62
N GLN A 51 -12.21 9.79 14.91
CA GLN A 51 -11.06 9.36 15.71
C GLN A 51 -9.73 9.68 15.03
N SER A 52 -9.74 9.76 13.71
CA SER A 52 -8.50 9.96 12.96
C SER A 52 -8.06 11.41 13.01
N ILE A 53 -8.88 12.31 12.48
CA ILE A 53 -8.54 13.73 12.49
C ILE A 53 -8.34 14.26 13.91
N ILE A 54 -9.10 13.77 14.89
CA ILE A 54 -8.83 14.14 16.29
C ILE A 54 -7.43 13.67 16.71
N ALA A 55 -7.00 12.54 16.16
CA ALA A 55 -5.75 11.92 16.59
C ALA A 55 -4.57 12.76 16.15
N ILE A 56 -4.56 13.08 14.87
CA ILE A 56 -3.51 13.95 14.35
C ILE A 56 -3.54 15.30 15.07
N ILE A 57 -4.73 15.77 15.46
CA ILE A 57 -4.76 16.88 16.42
C ILE A 57 -4.09 16.59 17.76
N ARG A 58 -4.27 15.39 18.31
CA ARG A 58 -3.67 15.10 19.61
C ARG A 58 -2.15 15.21 19.58
N ALA A 59 -1.56 14.84 18.44
CA ALA A 59 -0.12 14.93 18.24
C ALA A 59 0.37 16.37 18.15
N MET A 60 -0.51 17.30 17.73
CA MET A 60 -0.10 18.70 17.60
C MET A 60 0.44 19.26 18.92
N GLY A 61 0.00 18.69 20.05
CA GLY A 61 0.50 19.14 21.35
C GLY A 61 1.83 18.48 21.70
N ARG A 62 1.81 17.16 21.93
CA ARG A 62 3.01 16.45 22.37
C ARG A 62 4.21 16.68 21.46
N LEU A 63 3.97 16.81 20.15
CA LEU A 63 4.98 17.37 19.27
C LEU A 63 4.62 18.83 19.07
N LYS A 64 5.56 19.75 19.23
CA LYS A 64 5.22 21.16 18.98
C LYS A 64 4.77 21.30 17.52
N ILE A 65 3.53 21.73 17.34
CA ILE A 65 2.98 21.98 16.00
C ILE A 65 1.81 22.97 16.08
N ASP A 66 1.98 24.14 15.50
CA ASP A 66 0.90 25.12 15.44
C ASP A 66 0.01 24.88 14.21
N PHE A 67 -1.27 25.22 14.31
CA PHE A 67 -2.12 25.25 13.13
C PHE A 67 -1.54 26.20 12.09
N GLY A 68 -1.73 25.91 10.80
CA GLY A 68 -1.14 26.75 9.77
C GLY A 68 -1.85 28.11 9.74
N ASP A 69 -3.18 28.07 9.65
CA ASP A 69 -3.97 29.29 9.67
C ASP A 69 -4.50 29.54 11.07
N SER A 70 -4.55 30.81 11.49
CA SER A 70 -5.20 31.16 12.74
C SER A 70 -6.67 30.74 12.75
N ALA A 71 -7.31 30.75 11.58
CA ALA A 71 -8.73 30.42 11.47
C ALA A 71 -9.05 29.02 11.97
N ARG A 72 -8.09 28.10 11.87
CA ARG A 72 -8.33 26.71 12.28
C ARG A 72 -8.78 26.62 13.73
N ALA A 73 -8.43 27.60 14.55
CA ALA A 73 -9.00 27.71 15.89
C ALA A 73 -10.52 27.81 15.79
N ASP A 74 -11.21 27.26 16.78
CA ASP A 74 -12.67 27.24 16.84
C ASP A 74 -13.27 26.12 15.97
N ASP A 75 -12.80 25.95 14.73
CA ASP A 75 -13.24 24.78 13.95
C ASP A 75 -12.86 23.50 14.67
N ALA A 76 -11.65 23.48 15.19
CA ALA A 76 -11.17 22.33 15.95
C ALA A 76 -12.03 22.07 17.17
N ARG A 77 -12.31 23.13 17.95
CA ARG A 77 -13.14 22.97 19.13
C ARG A 77 -14.54 22.44 18.79
N GLN A 78 -15.05 22.87 17.64
CA GLN A 78 -16.35 22.42 17.15
C GLN A 78 -16.37 20.91 16.85
N LEU A 79 -15.22 20.39 16.43
CA LEU A 79 -15.16 19.00 15.99
C LEU A 79 -15.59 18.04 17.10
N PHE A 80 -15.22 18.37 18.34
CA PHE A 80 -15.65 17.58 19.49
C PHE A 80 -17.16 17.58 19.69
N VAL A 81 -17.82 18.66 19.26
CA VAL A 81 -19.26 18.79 19.47
C VAL A 81 -20.04 17.99 18.43
N LEU A 82 -19.91 18.39 17.17
CA LEU A 82 -20.59 17.68 16.09
C LEU A 82 -20.20 16.20 16.01
N ALA A 83 -19.01 15.86 16.49
CA ALA A 83 -18.52 14.49 16.39
C ALA A 83 -19.48 13.49 17.04
N GLY A 84 -20.25 13.94 18.03
CA GLY A 84 -21.16 13.05 18.72
C GLY A 84 -22.16 12.41 17.78
N ALA A 85 -22.68 13.20 16.82
CA ALA A 85 -23.63 12.65 15.85
C ALA A 85 -22.99 11.58 14.98
N ALA A 86 -21.71 11.77 14.64
CA ALA A 86 -21.01 10.78 13.83
C ALA A 86 -21.01 9.41 14.48
N GLU A 87 -21.04 9.34 15.80
CA GLU A 87 -21.16 8.05 16.49
C GLU A 87 -22.47 7.35 16.12
N GLU A 88 -23.54 8.15 15.96
CA GLU A 88 -24.84 7.69 15.45
C GLU A 88 -24.82 7.24 13.97
N GLY A 89 -23.70 7.47 13.29
CA GLY A 89 -23.61 7.26 11.85
C GLY A 89 -24.22 8.39 11.01
N PHE A 90 -24.57 9.51 11.64
CA PHE A 90 -25.08 10.66 10.89
C PHE A 90 -23.95 11.66 10.64
N MET A 91 -24.03 12.40 9.53
CA MET A 91 -23.03 13.42 9.24
C MET A 91 -23.68 14.68 8.70
N THR A 92 -24.04 15.61 9.59
CA THR A 92 -24.52 16.93 9.18
C THR A 92 -23.42 17.61 8.38
N ALA A 93 -23.76 18.42 7.37
CA ALA A 93 -22.72 19.05 6.56
C ALA A 93 -21.79 19.90 7.41
N GLU A 94 -22.29 20.47 8.51
CA GLU A 94 -21.43 21.28 9.37
C GLU A 94 -20.27 20.47 9.91
N LEU A 95 -20.54 19.23 10.34
CA LEU A 95 -19.45 18.32 10.69
C LEU A 95 -18.52 18.06 9.51
N ALA A 96 -19.06 18.11 8.30
CA ALA A 96 -18.25 17.77 7.13
C ALA A 96 -17.19 18.83 6.88
N GLY A 97 -17.60 20.05 6.57
CA GLY A 97 -16.65 21.10 6.25
C GLY A 97 -15.65 21.36 7.37
N VAL A 98 -16.09 21.25 8.62
CA VAL A 98 -15.18 21.52 9.74
C VAL A 98 -13.97 20.60 9.68
N ILE A 99 -14.21 19.32 9.38
CA ILE A 99 -13.10 18.39 9.20
C ILE A 99 -12.24 18.76 7.99
N LYS A 100 -12.87 19.25 6.92
CA LYS A 100 -12.13 19.55 5.70
C LYS A 100 -11.07 20.62 5.92
N ARG A 101 -11.45 21.66 6.69
CA ARG A 101 -10.54 22.76 7.02
C ARG A 101 -9.32 22.32 7.81
N LEU A 102 -9.49 21.27 8.59
CA LEU A 102 -8.41 20.80 9.45
C LEU A 102 -7.39 20.02 8.65
N TRP A 103 -7.85 18.95 7.99
CA TRP A 103 -6.94 18.11 7.21
C TRP A 103 -6.22 18.90 6.10
N LYS A 104 -6.93 19.84 5.46
CA LYS A 104 -6.28 20.71 4.47
C LYS A 104 -5.19 21.61 5.05
N ASP A 105 -5.27 21.88 6.35
CA ASP A 105 -4.38 22.85 6.97
C ASP A 105 -2.91 22.50 6.73
N SER A 106 -2.10 23.54 6.52
CA SER A 106 -0.66 23.37 6.40
C SER A 106 -0.05 22.79 7.69
N GLY A 107 -0.73 22.94 8.82
CA GLY A 107 -0.18 22.60 10.12
C GLY A 107 -0.41 21.12 10.44
N VAL A 108 -1.68 20.71 10.40
CA VAL A 108 -2.00 19.30 10.62
C VAL A 108 -1.28 18.42 9.60
N GLN A 109 -1.13 18.89 8.36
CA GLN A 109 -0.34 18.16 7.37
C GLN A 109 1.12 18.01 7.80
N ALA A 110 1.63 18.97 8.57
CA ALA A 110 2.96 18.84 9.14
C ALA A 110 3.03 17.66 10.12
N CYS A 111 1.91 17.39 10.79
CA CYS A 111 1.82 16.31 11.76
C CYS A 111 1.69 14.96 11.07
N PHE A 112 0.66 14.80 10.23
CA PHE A 112 0.50 13.54 9.50
C PHE A 112 1.75 13.09 8.74
N ASN A 113 2.60 14.00 8.25
CA ASN A 113 3.90 13.56 7.72
C ASN A 113 4.74 12.90 8.82
N ARG A 114 4.70 13.51 10.00
CA ARG A 114 5.26 12.98 11.24
C ARG A 114 4.63 11.67 11.72
N SER A 115 3.52 11.26 11.13
CA SER A 115 2.64 10.25 11.74
C SER A 115 3.37 9.00 12.21
N ARG A 116 4.56 8.74 11.71
CA ARG A 116 5.29 7.54 12.10
C ARG A 116 5.47 7.44 13.62
N GLU A 117 5.46 8.57 14.33
CA GLU A 117 5.72 8.58 15.76
C GLU A 117 4.44 8.25 16.56
N TYR A 118 3.49 9.18 16.61
CA TYR A 118 2.18 8.93 17.19
C TYR A 118 1.41 7.85 16.45
N GLN A 119 0.58 7.10 17.18
CA GLN A 119 -0.26 6.10 16.51
C GLN A 119 -1.32 6.82 15.67
N LEU A 120 -1.46 6.46 14.40
CA LEU A 120 -2.57 6.94 13.58
C LEU A 120 -3.59 5.82 13.36
N ASN A 121 -4.86 6.17 13.15
CA ASN A 121 -5.85 5.17 12.74
C ASN A 121 -5.40 4.52 11.42
N ASP A 122 -5.68 3.23 11.25
CA ASP A 122 -5.18 2.52 10.08
C ASP A 122 -5.62 3.17 8.78
N SER A 123 -6.85 3.67 8.76
CA SER A 123 -7.41 4.23 7.54
C SER A 123 -7.34 5.76 7.48
N ALA A 124 -6.76 6.40 8.50
CA ALA A 124 -6.94 7.84 8.69
C ALA A 124 -6.68 8.65 7.42
N ALA A 125 -5.80 8.16 6.56
CA ALA A 125 -5.56 8.82 5.29
C ALA A 125 -6.71 8.55 4.32
N TYR A 126 -6.96 7.28 4.01
CA TYR A 126 -7.98 6.93 3.03
C TYR A 126 -9.35 7.58 3.31
N TYR A 127 -9.71 7.81 4.57
CA TYR A 127 -11.00 8.41 4.87
C TYR A 127 -11.00 9.91 4.60
N LEU A 128 -10.09 10.64 5.24
CA LEU A 128 -10.07 12.09 5.11
C LEU A 128 -9.86 12.54 3.65
N ASN A 129 -9.11 11.75 2.90
CA ASN A 129 -8.84 12.03 1.49
C ASN A 129 -10.12 12.00 0.65
N ASP A 130 -11.08 11.19 1.05
CA ASP A 130 -12.35 11.09 0.34
C ASP A 130 -13.51 11.55 1.25
N LEU A 131 -13.23 12.48 2.16
CA LEU A 131 -14.22 12.85 3.17
C LEU A 131 -15.52 13.34 2.54
N ASP A 132 -15.45 13.93 1.33
CA ASP A 132 -16.66 14.43 0.70
C ASP A 132 -17.64 13.31 0.36
N ARG A 133 -17.14 12.26 -0.27
CA ARG A 133 -18.02 11.18 -0.70
C ARG A 133 -18.76 10.52 0.47
N ILE A 134 -18.07 10.34 1.60
CA ILE A 134 -18.76 9.85 2.80
C ILE A 134 -19.79 10.84 3.34
N ALA A 135 -19.55 12.13 3.13
CA ALA A 135 -20.43 13.17 3.63
C ALA A 135 -21.82 13.15 2.98
N GLN A 136 -21.91 12.60 1.77
CA GLN A 136 -23.12 12.74 0.96
C GLN A 136 -24.35 12.24 1.70
N PRO A 137 -25.52 12.84 1.50
CA PRO A 137 -26.75 12.41 2.23
C PRO A 137 -27.04 10.94 2.01
N ASN A 138 -27.55 10.28 3.05
CA ASN A 138 -27.84 8.84 3.01
C ASN A 138 -26.74 8.04 2.32
N TYR A 139 -25.50 8.44 2.57
CA TYR A 139 -24.34 7.77 1.96
C TYR A 139 -24.36 6.28 2.30
N ILE A 140 -24.02 5.43 1.33
CA ILE A 140 -23.74 4.03 1.60
C ILE A 140 -22.23 3.80 1.53
N PRO A 141 -21.58 3.16 2.49
CA PRO A 141 -20.13 2.83 2.34
C PRO A 141 -19.85 1.97 1.12
N THR A 142 -18.78 2.32 0.39
CA THR A 142 -18.23 1.43 -0.64
C THR A 142 -17.77 0.14 0.01
N GLN A 143 -17.75 -0.95 -0.74
CA GLN A 143 -17.28 -2.22 -0.16
C GLN A 143 -15.86 -2.07 0.39
N GLN A 144 -15.04 -1.22 -0.22
CA GLN A 144 -13.74 -0.88 0.36
C GLN A 144 -13.91 -0.20 1.72
N ASP A 145 -14.90 0.67 1.85
CA ASP A 145 -15.05 1.43 3.09
C ASP A 145 -15.27 0.48 4.28
N VAL A 146 -15.99 -0.60 4.05
CA VAL A 146 -16.26 -1.55 5.12
C VAL A 146 -14.96 -2.16 5.63
N LEU A 147 -14.09 -2.58 4.72
CA LEU A 147 -12.83 -3.22 5.10
C LEU A 147 -11.92 -2.29 5.90
N ARG A 148 -11.95 -1.01 5.53
CA ARG A 148 -11.19 0.04 6.21
C ARG A 148 -11.58 0.23 7.69
N THR A 149 -12.79 -0.20 8.04
CA THR A 149 -13.30 -0.11 9.41
C THR A 149 -12.47 -0.91 10.40
N ARG A 150 -12.67 -0.59 11.69
CA ARG A 150 -12.13 -1.33 12.84
C ARG A 150 -10.70 -0.92 13.21
N VAL A 151 -10.45 -1.04 14.51
CA VAL A 151 -9.18 -0.77 15.18
C VAL A 151 -8.05 -1.71 14.74
N LYS A 152 -6.81 -1.24 14.89
CA LYS A 152 -5.65 -2.08 14.59
C LYS A 152 -5.71 -3.39 15.36
N THR A 153 -5.30 -4.48 14.72
CA THR A 153 -5.22 -5.79 15.37
C THR A 153 -4.85 -6.86 14.35
N THR A 154 -5.58 -6.91 13.24
CA THR A 154 -5.29 -7.86 12.17
C THR A 154 -3.88 -7.69 11.60
N GLY A 155 -3.36 -6.46 11.64
CA GLY A 155 -2.03 -6.18 11.10
C GLY A 155 -1.96 -6.30 9.56
N ILE A 156 -3.05 -6.68 8.90
CA ILE A 156 -3.04 -6.85 7.45
C ILE A 156 -4.05 -5.90 6.81
N VAL A 157 -3.58 -4.88 6.07
CA VAL A 157 -4.49 -3.99 5.37
C VAL A 157 -5.25 -4.74 4.26
N GLU A 158 -6.55 -4.49 4.14
CA GLU A 158 -7.31 -5.02 3.01
C GLU A 158 -7.59 -3.95 1.96
N THR A 159 -7.65 -4.35 0.69
CA THR A 159 -7.98 -3.42 -0.39
C THR A 159 -8.73 -4.14 -1.51
N HIS A 160 -10.02 -3.88 -1.62
CA HIS A 160 -10.82 -4.45 -2.71
C HIS A 160 -10.96 -3.52 -3.91
N PHE A 161 -11.08 -4.13 -5.08
CA PHE A 161 -11.42 -3.41 -6.32
C PHE A 161 -11.86 -4.42 -7.38
N THR A 162 -12.28 -3.95 -8.56
CA THR A 162 -12.68 -4.86 -9.63
C THR A 162 -12.08 -4.44 -10.97
N PHE A 163 -11.04 -5.14 -11.42
CA PHE A 163 -10.44 -4.85 -12.71
C PHE A 163 -10.89 -5.90 -13.73
N LYS A 164 -11.01 -5.54 -15.01
CA LYS A 164 -11.42 -6.50 -16.07
C LYS A 164 -12.50 -7.47 -15.62
N ASP A 165 -13.51 -6.95 -14.93
CA ASP A 165 -14.63 -7.75 -14.46
C ASP A 165 -14.18 -9.04 -13.76
N LEU A 166 -13.24 -8.93 -12.82
CA LEU A 166 -12.86 -10.03 -11.94
C LEU A 166 -12.63 -9.39 -10.58
N HIS A 167 -13.12 -9.96 -9.47
CA HIS A 167 -12.94 -9.28 -8.19
C HIS A 167 -11.51 -9.49 -7.70
N PHE A 168 -10.79 -8.41 -7.43
CA PHE A 168 -9.48 -8.51 -6.79
C PHE A 168 -9.59 -8.30 -5.28
N LYS A 169 -8.67 -8.90 -4.52
CA LYS A 169 -8.54 -8.60 -3.11
C LYS A 169 -7.06 -8.50 -2.74
N MET A 170 -6.45 -7.36 -3.07
CA MET A 170 -5.07 -7.10 -2.67
C MET A 170 -4.91 -7.09 -1.15
N PHE A 171 -3.81 -7.66 -0.66
CA PHE A 171 -3.49 -7.63 0.77
C PHE A 171 -2.08 -7.04 0.98
N ASP A 172 -2.01 -5.84 1.54
CA ASP A 172 -0.71 -5.28 1.93
C ASP A 172 -0.20 -5.89 3.24
N VAL A 173 1.11 -6.11 3.31
CA VAL A 173 1.75 -6.47 4.59
C VAL A 173 3.07 -5.71 4.75
N GLY A 174 3.38 -5.29 5.98
CA GLY A 174 4.57 -4.46 6.19
C GLY A 174 5.84 -5.18 5.76
N GLY A 175 6.69 -4.46 5.01
CA GLY A 175 7.96 -5.01 4.56
C GLY A 175 8.95 -5.28 5.69
N GLN A 176 8.91 -4.48 6.76
CA GLN A 176 9.90 -4.59 7.82
C GLN A 176 9.93 -6.01 8.39
N ARG A 177 11.11 -6.47 8.79
CA ARG A 177 11.26 -7.89 9.15
C ARG A 177 10.29 -8.29 10.25
N SER A 178 9.93 -7.36 11.14
CA SER A 178 9.03 -7.69 12.23
C SER A 178 7.66 -8.08 11.71
N GLU A 179 7.17 -7.33 10.73
CA GLU A 179 5.91 -7.66 10.07
C GLU A 179 5.93 -8.98 9.32
N ARG A 180 7.12 -9.40 8.85
CA ARG A 180 7.20 -10.54 7.95
C ARG A 180 6.60 -11.82 8.53
N LYS A 181 6.67 -11.99 9.86
CA LYS A 181 6.09 -13.20 10.47
C LYS A 181 4.59 -13.31 10.23
N LYS A 182 3.92 -12.17 10.12
CA LYS A 182 2.48 -12.11 9.83
C LYS A 182 2.09 -12.71 8.48
N TRP A 183 3.03 -12.75 7.55
CA TRP A 183 2.69 -12.97 6.15
C TRP A 183 1.92 -14.26 5.88
N ILE A 184 2.11 -15.30 6.69
CA ILE A 184 1.45 -16.58 6.43
C ILE A 184 -0.08 -16.46 6.41
N HIS A 185 -0.62 -15.50 7.17
CA HIS A 185 -2.07 -15.37 7.26
C HIS A 185 -2.72 -15.12 5.90
N CYS A 186 -2.00 -14.43 5.03
CA CYS A 186 -2.52 -14.06 3.71
C CYS A 186 -2.32 -15.14 2.64
N PHE A 187 -1.51 -16.16 2.92
CA PHE A 187 -1.16 -17.15 1.90
C PHE A 187 -2.37 -17.87 1.29
N GLU A 188 -3.45 -18.02 2.06
CA GLU A 188 -4.63 -18.73 1.55
C GLU A 188 -5.29 -17.99 0.39
N GLY A 189 -5.66 -18.72 -0.67
CA GLY A 189 -6.56 -18.16 -1.68
C GLY A 189 -5.84 -17.23 -2.69
N VAL A 190 -4.56 -16.94 -2.47
CA VAL A 190 -3.82 -16.05 -3.36
C VAL A 190 -3.77 -16.61 -4.78
N ALA A 191 -3.92 -15.73 -5.77
CA ALA A 191 -3.80 -16.15 -7.16
C ALA A 191 -2.44 -15.76 -7.74
N ALA A 192 -1.93 -14.61 -7.32
CA ALA A 192 -0.64 -14.14 -7.82
C ALA A 192 0.01 -13.18 -6.83
N ILE A 193 1.30 -13.38 -6.58
CA ILE A 193 2.04 -12.49 -5.70
C ILE A 193 2.62 -11.32 -6.48
N ILE A 194 2.71 -10.15 -5.84
CA ILE A 194 3.47 -9.04 -6.38
C ILE A 194 4.57 -8.66 -5.39
N PHE A 195 5.82 -8.94 -5.74
CA PHE A 195 6.93 -8.75 -4.83
C PHE A 195 7.66 -7.43 -5.07
N CYS A 196 7.14 -6.34 -4.51
CA CYS A 196 7.78 -5.03 -4.64
C CYS A 196 9.24 -5.04 -4.15
N VAL A 197 10.09 -4.31 -4.86
CA VAL A 197 11.48 -4.13 -4.46
C VAL A 197 11.98 -2.77 -4.98
N ALA A 198 12.45 -1.90 -4.09
CA ALA A 198 12.95 -0.59 -4.50
C ALA A 198 14.31 -0.73 -5.17
N LEU A 199 14.41 -0.37 -6.45
CA LEU A 199 15.70 -0.37 -7.14
C LEU A 199 16.71 0.58 -6.51
N SER A 200 16.26 1.71 -5.97
CA SER A 200 17.16 2.67 -5.32
C SER A 200 17.86 2.13 -4.07
N ASP A 201 17.29 1.07 -3.48
CA ASP A 201 17.82 0.47 -2.25
C ASP A 201 19.28 0.04 -2.36
N TYR A 202 19.81 -0.07 -3.58
CA TYR A 202 21.11 -0.69 -3.80
C TYR A 202 22.22 -0.08 -2.95
N ASP A 203 22.09 1.18 -2.53
CA ASP A 203 23.02 1.77 -1.57
C ASP A 203 22.42 1.89 -0.16
N LEU A 204 21.11 2.09 -0.09
CA LEU A 204 20.43 2.25 1.19
C LEU A 204 20.67 1.06 2.11
N VAL A 205 20.69 1.33 3.43
CA VAL A 205 20.79 0.29 4.45
C VAL A 205 19.49 0.11 5.23
N LEU A 206 19.24 -1.10 5.74
CA LEU A 206 18.05 -1.36 6.55
C LEU A 206 18.02 -0.51 7.81
N ALA A 207 16.83 -0.08 8.22
CA ALA A 207 16.64 0.38 9.60
C ALA A 207 16.89 -0.76 10.59
N GLU A 208 16.57 -1.99 10.18
CA GLU A 208 16.82 -3.17 11.02
C GLU A 208 18.30 -3.34 11.36
N ASP A 209 19.17 -2.87 10.46
CA ASP A 209 20.61 -3.01 10.64
C ASP A 209 21.33 -2.15 9.60
N GLU A 210 21.88 -1.01 10.03
CA GLU A 210 22.54 -0.11 9.10
C GLU A 210 23.68 -0.79 8.34
N GLU A 211 24.35 -1.77 8.96
CA GLU A 211 25.41 -2.50 8.28
C GLU A 211 24.91 -3.25 7.05
N MET A 212 23.67 -3.74 7.12
CA MET A 212 23.10 -4.54 6.05
C MET A 212 22.89 -3.75 4.76
N ASN A 213 23.11 -4.41 3.63
CA ASN A 213 22.67 -3.84 2.35
C ASN A 213 21.18 -4.08 2.19
N ARG A 214 20.42 -3.00 2.01
CA ARG A 214 18.97 -3.12 1.96
C ARG A 214 18.50 -4.02 0.80
N MET A 215 19.18 -3.92 -0.35
CA MET A 215 18.82 -4.77 -1.49
C MET A 215 19.17 -6.23 -1.27
N HIS A 216 20.36 -6.49 -0.73
CA HIS A 216 20.77 -7.88 -0.51
C HIS A 216 19.78 -8.60 0.41
N GLU A 217 19.20 -7.86 1.36
CA GLU A 217 18.15 -8.41 2.19
C GLU A 217 16.95 -8.81 1.34
N SER A 218 16.65 -8.03 0.31
CA SER A 218 15.55 -8.37 -0.60
C SER A 218 15.80 -9.67 -1.33
N MET A 219 17.06 -9.89 -1.72
CA MET A 219 17.44 -11.12 -2.41
C MET A 219 17.18 -12.37 -1.58
N LYS A 220 17.24 -12.23 -0.25
CA LYS A 220 17.18 -13.39 0.61
C LYS A 220 15.74 -13.86 0.79
N LEU A 221 14.91 -13.03 1.42
CA LEU A 221 13.52 -13.42 1.62
C LEU A 221 12.80 -13.66 0.28
N PHE A 222 13.19 -12.97 -0.80
CA PHE A 222 12.59 -13.25 -2.10
C PHE A 222 12.85 -14.69 -2.54
N ASP A 223 14.03 -15.20 -2.22
CA ASP A 223 14.34 -16.59 -2.55
C ASP A 223 13.39 -17.54 -1.82
N SER A 224 13.05 -17.19 -0.59
CA SER A 224 12.17 -18.05 0.20
C SER A 224 10.78 -18.16 -0.39
N ILE A 225 10.17 -17.02 -0.77
CA ILE A 225 8.79 -17.03 -1.25
C ILE A 225 8.67 -17.76 -2.60
N CYS A 226 9.70 -17.64 -3.43
CA CYS A 226 9.63 -18.19 -4.78
C CYS A 226 9.69 -19.70 -4.72
N ASN A 227 10.77 -20.19 -4.14
CA ASN A 227 11.00 -21.60 -3.91
C ASN A 227 9.92 -22.26 -3.04
N ASN A 228 9.17 -21.47 -2.28
CA ASN A 228 8.28 -22.06 -1.26
C ASN A 228 7.31 -23.03 -1.93
N LYS A 229 7.17 -24.23 -1.38
CA LYS A 229 6.33 -25.24 -2.01
C LYS A 229 4.88 -24.78 -2.15
N TRP A 230 4.40 -24.01 -1.17
CA TRP A 230 3.02 -23.54 -1.21
C TRP A 230 2.74 -22.68 -2.44
N PHE A 231 3.75 -21.91 -2.83
CA PHE A 231 3.60 -20.96 -3.94
C PHE A 231 3.82 -21.55 -5.32
N THR A 232 4.20 -22.83 -5.41
CA THR A 232 4.44 -23.44 -6.71
C THR A 232 3.20 -23.33 -7.61
N ASP A 233 2.02 -23.48 -7.00
CA ASP A 233 0.76 -23.29 -7.70
C ASP A 233 0.49 -21.83 -8.09
N THR A 234 1.01 -20.90 -7.30
CA THR A 234 0.75 -19.48 -7.50
C THR A 234 1.81 -18.85 -8.40
N SER A 235 1.41 -17.99 -9.34
CA SER A 235 2.38 -17.24 -10.13
C SER A 235 3.13 -16.25 -9.26
N ILE A 236 4.47 -16.25 -9.32
CA ILE A 236 5.24 -15.15 -8.74
C ILE A 236 5.43 -14.03 -9.74
N ILE A 237 5.32 -12.77 -9.31
CA ILE A 237 5.53 -11.64 -10.21
C ILE A 237 6.40 -10.59 -9.55
N LEU A 238 7.67 -10.50 -9.93
CA LEU A 238 8.54 -9.50 -9.33
C LEU A 238 8.05 -8.10 -9.71
N PHE A 239 8.18 -7.13 -8.81
CA PHE A 239 7.78 -5.76 -9.11
C PHE A 239 8.89 -4.78 -8.72
N LEU A 240 9.87 -4.58 -9.61
CA LEU A 240 10.96 -3.64 -9.31
C LEU A 240 10.44 -2.20 -9.17
N ASN A 241 9.97 -1.88 -7.97
CA ASN A 241 9.40 -0.58 -7.64
C ASN A 241 10.41 0.56 -7.73
N LYS A 242 9.91 1.77 -7.93
CA LYS A 242 10.72 2.98 -7.87
C LYS A 242 11.78 3.00 -8.97
N LYS A 243 11.44 2.46 -10.13
CA LYS A 243 12.27 2.68 -11.31
C LYS A 243 12.42 4.18 -11.64
N ASP A 244 11.41 4.98 -11.28
CA ASP A 244 11.40 6.40 -11.63
C ASP A 244 12.54 7.20 -10.99
N LEU A 245 12.93 6.85 -9.76
CA LEU A 245 14.01 7.58 -9.08
C LEU A 245 15.34 6.84 -9.16
N PHE A 246 15.31 5.51 -9.29
CA PHE A 246 16.55 4.76 -9.49
C PHE A 246 17.29 5.22 -10.75
N GLU A 247 16.54 5.59 -11.80
CA GLU A 247 17.18 6.05 -13.04
C GLU A 247 18.01 7.31 -12.85
N GLU A 248 17.59 8.15 -11.90
CA GLU A 248 18.32 9.37 -11.60
C GLU A 248 19.56 9.04 -10.76
N LYS A 249 19.30 8.35 -9.66
CA LYS A 249 20.30 8.08 -8.64
C LYS A 249 21.52 7.36 -9.19
N ILE A 250 21.31 6.48 -10.18
CA ILE A 250 22.44 5.79 -10.80
C ILE A 250 23.42 6.77 -11.47
N LYS A 251 22.89 7.88 -11.97
CA LYS A 251 23.72 8.85 -12.65
C LYS A 251 24.85 9.37 -11.76
N LYS A 252 24.61 9.47 -10.45
CA LYS A 252 25.67 9.86 -9.52
C LYS A 252 26.31 8.63 -8.88
N SER A 253 25.50 7.95 -8.05
CA SER A 253 25.95 6.81 -7.28
C SER A 253 26.32 5.63 -8.20
N PRO A 254 27.49 5.02 -8.08
CA PRO A 254 27.79 3.73 -8.78
C PRO A 254 26.93 2.57 -8.28
N LEU A 255 26.52 1.68 -9.19
CA LEU A 255 25.92 0.41 -8.78
C LEU A 255 26.88 -0.43 -7.91
N THR A 256 28.19 -0.19 -8.03
CA THR A 256 29.20 -0.95 -7.28
C THR A 256 28.95 -0.90 -5.76
N ILE A 257 28.15 0.08 -5.32
CA ILE A 257 27.67 0.19 -3.94
C ILE A 257 26.82 -1.02 -3.50
N CYS A 258 26.47 -1.94 -4.42
CA CYS A 258 25.56 -3.03 -4.11
C CYS A 258 26.14 -4.33 -4.66
N TYR A 259 26.45 -4.31 -5.95
CA TYR A 259 27.16 -5.43 -6.59
C TYR A 259 28.51 -4.92 -7.09
N GLN A 260 29.55 -5.11 -6.29
CA GLN A 260 30.87 -4.61 -6.66
C GLN A 260 31.37 -5.19 -7.98
N GLU A 261 30.94 -6.42 -8.30
CA GLU A 261 31.37 -7.07 -9.54
C GLU A 261 30.96 -6.30 -10.79
N TYR A 262 29.92 -5.47 -10.70
CA TYR A 262 29.33 -4.85 -11.87
C TYR A 262 30.34 -4.03 -12.66
N ALA A 263 30.27 -4.19 -13.99
CA ALA A 263 31.06 -3.38 -14.92
C ALA A 263 30.22 -2.33 -15.64
N GLY A 264 28.94 -2.62 -15.80
CA GLY A 264 28.04 -1.90 -16.71
C GLY A 264 28.02 -0.39 -16.50
N SER A 265 27.66 0.29 -17.59
CA SER A 265 27.49 1.74 -17.63
C SER A 265 26.47 2.21 -16.61
N ASN A 266 26.56 3.49 -16.24
CA ASN A 266 25.64 4.13 -15.31
C ASN A 266 24.28 4.47 -15.94
N THR A 267 23.83 3.64 -16.89
CA THR A 267 22.57 3.91 -17.58
C THR A 267 21.43 3.24 -16.82
N TYR A 268 20.23 3.81 -16.85
CA TYR A 268 19.09 3.17 -16.20
C TYR A 268 18.88 1.74 -16.72
N GLU A 269 19.24 1.47 -17.98
CA GLU A 269 19.01 0.14 -18.53
C GLU A 269 19.98 -0.88 -17.99
N GLU A 270 21.28 -0.70 -18.22
CA GLU A 270 22.27 -1.66 -17.73
C GLU A 270 22.22 -1.81 -16.20
N ALA A 271 21.85 -0.73 -15.50
CA ALA A 271 21.91 -0.73 -14.05
C ALA A 271 20.71 -1.45 -13.45
N ALA A 272 19.53 -0.91 -13.69
CA ALA A 272 18.32 -1.50 -13.12
C ALA A 272 18.14 -2.93 -13.61
N ALA A 273 18.42 -3.16 -14.89
CA ALA A 273 18.31 -4.49 -15.46
C ALA A 273 19.25 -5.49 -14.82
N TYR A 274 20.42 -5.04 -14.33
CA TYR A 274 21.38 -5.96 -13.75
C TYR A 274 20.81 -6.66 -12.51
N ILE A 275 19.95 -5.95 -11.77
CA ILE A 275 19.32 -6.50 -10.58
C ILE A 275 18.35 -7.61 -10.98
N GLN A 276 17.40 -7.24 -11.83
CA GLN A 276 16.49 -8.23 -12.42
C GLN A 276 17.21 -9.48 -12.93
N CYS A 277 18.51 -9.40 -13.21
CA CYS A 277 19.26 -10.62 -13.51
C CYS A 277 19.51 -11.42 -12.23
N GLN A 278 20.13 -10.77 -11.24
CA GLN A 278 20.49 -11.43 -9.99
C GLN A 278 19.29 -12.03 -9.25
N PHE A 279 18.12 -11.42 -9.41
CA PHE A 279 16.93 -11.86 -8.68
C PHE A 279 16.39 -13.15 -9.26
N GLU A 280 16.13 -13.13 -10.56
CA GLU A 280 15.62 -14.32 -11.25
C GLU A 280 16.57 -15.51 -11.09
N ASP A 281 17.87 -15.24 -10.94
CA ASP A 281 18.86 -16.30 -10.75
C ASP A 281 18.59 -17.14 -9.51
N LEU A 282 17.98 -16.54 -8.50
CA LEU A 282 17.68 -17.26 -7.26
C LEU A 282 16.79 -18.47 -7.49
N ASN A 283 16.01 -18.48 -8.57
CA ASN A 283 15.02 -19.54 -8.76
C ASN A 283 15.69 -20.92 -8.80
N LYS A 284 15.24 -21.79 -7.90
CA LYS A 284 15.56 -23.22 -7.96
C LYS A 284 15.02 -23.91 -9.22
N ARG A 285 13.99 -23.33 -9.84
CA ARG A 285 13.29 -24.02 -10.93
C ARG A 285 13.05 -23.12 -12.14
N LYS A 286 14.15 -22.62 -12.69
CA LYS A 286 14.07 -21.88 -13.95
C LYS A 286 13.44 -22.73 -15.05
N ASP A 287 13.64 -24.04 -14.98
CA ASP A 287 13.09 -24.97 -15.97
C ASP A 287 11.56 -24.95 -16.03
N THR A 288 10.93 -24.66 -14.89
CA THR A 288 9.47 -24.83 -14.78
C THR A 288 8.79 -23.69 -14.02
N LYS A 289 9.47 -22.56 -13.85
CA LYS A 289 8.89 -21.47 -13.07
C LYS A 289 9.26 -20.11 -13.67
N GLU A 290 8.24 -19.30 -13.97
CA GLU A 290 8.48 -17.99 -14.59
C GLU A 290 8.36 -16.88 -13.55
N ILE A 291 9.41 -16.07 -13.45
CA ILE A 291 9.42 -14.94 -12.51
C ILE A 291 8.36 -13.87 -12.79
N TYR A 292 7.96 -13.64 -14.05
CA TYR A 292 6.98 -12.59 -14.35
C TYR A 292 7.38 -11.24 -13.75
N THR A 293 8.63 -10.84 -13.99
CA THR A 293 9.13 -9.52 -13.58
C THR A 293 8.46 -8.35 -14.32
N HIS A 294 8.29 -7.23 -13.61
CA HIS A 294 7.83 -5.99 -14.23
C HIS A 294 8.34 -4.76 -13.47
N PHE A 295 9.13 -3.92 -14.13
CA PHE A 295 9.49 -2.60 -13.55
C PHE A 295 8.23 -1.77 -13.30
N THR A 296 8.22 -1.02 -12.19
CA THR A 296 7.05 -0.21 -11.85
C THR A 296 7.43 1.05 -11.08
N CYS A 297 6.46 1.97 -10.98
CA CYS A 297 6.63 3.21 -10.24
C CYS A 297 5.34 3.51 -9.47
N ALA A 298 5.31 3.11 -8.20
CA ALA A 298 4.09 3.24 -7.42
C ALA A 298 3.60 4.68 -7.34
N THR A 299 4.53 5.62 -7.26
CA THR A 299 4.17 7.04 -7.19
C THR A 299 3.40 7.51 -8.43
N ASP A 300 3.67 6.89 -9.57
CA ASP A 300 3.04 7.28 -10.82
C ASP A 300 1.82 6.41 -11.11
N THR A 301 0.63 6.98 -10.98
CA THR A 301 -0.58 6.21 -11.28
C THR A 301 -0.61 5.76 -12.73
N LYS A 302 -0.17 6.63 -13.65
CA LYS A 302 -0.10 6.27 -15.06
C LYS A 302 0.77 5.05 -15.34
N ASN A 303 1.71 4.75 -14.45
CA ASN A 303 2.68 3.70 -14.72
C ASN A 303 2.08 2.37 -14.29
N VAL A 304 1.77 2.30 -13.00
CA VAL A 304 1.18 1.10 -12.41
C VAL A 304 -0.09 0.66 -13.16
N GLN A 305 -0.76 1.61 -13.83
CA GLN A 305 -2.02 1.28 -14.48
C GLN A 305 -1.80 0.40 -15.71
N PHE A 306 -1.07 0.90 -16.70
CA PHE A 306 -0.83 0.12 -17.90
C PHE A 306 -0.09 -1.18 -17.59
N VAL A 307 0.82 -1.15 -16.61
CA VAL A 307 1.53 -2.37 -16.22
C VAL A 307 0.56 -3.41 -15.65
N PHE A 308 -0.39 -2.94 -14.84
CA PHE A 308 -1.35 -3.84 -14.23
C PHE A 308 -2.18 -4.58 -15.28
N ASP A 309 -2.44 -3.92 -16.41
CA ASP A 309 -3.20 -4.54 -17.48
C ASP A 309 -2.51 -5.77 -18.02
N ALA A 310 -1.18 -5.70 -18.14
CA ALA A 310 -0.41 -6.84 -18.61
C ALA A 310 -0.43 -7.97 -17.59
N VAL A 311 -0.19 -7.62 -16.33
CA VAL A 311 -0.13 -8.64 -15.29
C VAL A 311 -1.45 -9.41 -15.18
N THR A 312 -2.56 -8.73 -15.40
CA THR A 312 -3.86 -9.40 -15.31
C THR A 312 -3.99 -10.54 -16.32
N ASP A 313 -3.41 -10.35 -17.50
CA ASP A 313 -3.49 -11.37 -18.54
C ASP A 313 -2.82 -12.67 -18.09
N VAL A 314 -1.69 -12.54 -17.40
CA VAL A 314 -0.99 -13.71 -16.92
C VAL A 314 -1.83 -14.50 -15.92
N ILE A 315 -2.51 -13.78 -15.04
CA ILE A 315 -3.37 -14.43 -14.04
C ILE A 315 -4.52 -15.21 -14.69
N ILE A 316 -4.99 -14.73 -15.83
CA ILE A 316 -6.16 -15.32 -16.46
C ILE A 316 -5.75 -16.60 -17.16
N LYS A 317 -4.90 -16.41 -18.13
CA LYS A 317 -4.44 -17.47 -19.00
C LYS A 317 -3.71 -18.58 -18.23
N ASN A 318 -3.07 -18.23 -17.12
CA ASN A 318 -2.35 -19.23 -16.32
C ASN A 318 -3.19 -19.77 -15.17
N ASN A 319 -3.42 -18.93 -14.16
CA ASN A 319 -4.27 -19.32 -13.03
C ASN A 319 -5.73 -19.42 -13.40
N LEU A 320 -6.41 -20.46 -12.91
CA LEU A 320 -7.87 -20.49 -12.90
C LEU A 320 -8.39 -21.74 -12.19
N LYS A 321 -9.57 -21.59 -11.60
CA LYS A 321 -10.34 -22.69 -11.02
C LYS A 321 -9.70 -23.23 -9.73
N ASP A 322 -10.39 -22.96 -8.62
CA ASP A 322 -10.04 -23.52 -7.30
C ASP A 322 -8.53 -23.56 -7.05
N CYS A 323 -7.91 -22.39 -7.10
CA CYS A 323 -6.46 -22.28 -6.91
C CYS A 323 -5.70 -23.22 -7.85
N GLY A 324 -6.00 -23.10 -9.14
CA GLY A 324 -5.29 -23.86 -10.16
C GLY A 324 -5.96 -25.19 -10.46
N LEU A 325 -5.60 -26.24 -9.71
CA LEU A 325 -6.14 -27.56 -10.04
C LEU A 325 -7.66 -27.51 -9.95
N PHE A 326 -8.30 -27.93 -11.04
CA PHE A 326 -9.76 -28.08 -11.13
C PHE A 326 -10.53 -27.02 -10.35
N ARG A 4 -13.55 -15.73 -10.70
CA ARG A 4 -13.32 -14.28 -10.64
C ARG A 4 -12.40 -13.90 -9.50
N GLU A 5 -12.45 -14.64 -8.39
CA GLU A 5 -11.59 -14.33 -7.25
C GLU A 5 -10.12 -14.49 -7.62
N VAL A 6 -9.40 -13.38 -7.78
CA VAL A 6 -7.94 -13.44 -7.93
C VAL A 6 -7.23 -13.47 -6.57
N LYS A 7 -7.39 -12.38 -5.81
CA LYS A 7 -6.78 -12.28 -4.49
C LYS A 7 -5.25 -12.19 -4.55
N LEU A 8 -4.77 -11.10 -5.16
CA LEU A 8 -3.35 -10.77 -5.19
C LEU A 8 -2.79 -10.59 -3.77
N LEU A 9 -1.52 -10.91 -3.55
CA LEU A 9 -0.88 -10.67 -2.24
C LEU A 9 0.44 -9.90 -2.37
N LEU A 10 0.42 -8.61 -2.07
CA LEU A 10 1.68 -7.86 -1.93
C LEU A 10 2.61 -8.37 -0.84
N LEU A 11 3.90 -8.43 -1.19
CA LEU A 11 4.96 -8.78 -0.24
C LEU A 11 6.21 -7.97 -0.61
N GLY A 12 7.09 -7.72 0.35
CA GLY A 12 8.34 -7.01 0.04
C GLY A 12 9.00 -6.39 1.26
N ALA A 13 10.27 -6.04 1.07
CA ALA A 13 11.04 -5.30 2.07
C ALA A 13 10.38 -3.95 2.41
N GLY A 14 10.64 -3.47 3.61
CA GLY A 14 10.04 -2.21 4.07
C GLY A 14 10.31 -1.08 3.09
N GLU A 15 9.40 -0.10 3.06
CA GLU A 15 9.49 1.03 2.13
C GLU A 15 9.46 0.62 0.66
N SER A 16 9.14 -0.65 0.37
CA SER A 16 8.92 -1.10 -1.01
C SER A 16 7.78 -0.36 -1.71
N GLY A 17 6.94 0.38 -0.96
CA GLY A 17 5.80 1.06 -1.56
C GLY A 17 4.61 0.16 -1.84
N LYS A 18 4.53 -0.99 -1.18
CA LYS A 18 3.34 -1.85 -1.36
C LYS A 18 2.06 -1.09 -1.02
N SER A 19 2.14 -0.18 -0.06
CA SER A 19 0.97 0.62 0.31
C SER A 19 0.52 1.51 -0.84
N THR A 20 1.48 2.10 -1.55
CA THR A 20 1.14 2.98 -2.65
C THR A 20 0.37 2.24 -3.75
N ILE A 21 0.77 1.00 -4.01
CA ILE A 21 0.04 0.18 -4.98
C ILE A 21 -1.42 -0.03 -4.56
N VAL A 22 -1.66 -0.04 -3.25
CA VAL A 22 -3.00 -0.33 -2.75
C VAL A 22 -3.95 0.81 -3.16
N LYS A 23 -3.53 2.05 -2.88
CA LYS A 23 -4.34 3.20 -3.24
C LYS A 23 -4.61 3.30 -4.73
N GLN A 24 -3.67 2.83 -5.55
CA GLN A 24 -3.85 2.96 -7.00
C GLN A 24 -5.10 2.23 -7.48
N MET A 25 -5.40 1.09 -6.86
CA MET A 25 -6.60 0.35 -7.23
C MET A 25 -7.87 1.15 -6.97
N LYS A 26 -7.86 1.99 -5.93
CA LYS A 26 -9.02 2.85 -5.65
C LYS A 26 -9.33 3.79 -6.81
N ILE A 27 -8.29 4.20 -7.54
CA ILE A 27 -8.44 5.18 -8.60
C ILE A 27 -8.85 4.50 -9.90
N ILE A 28 -7.96 3.65 -10.41
CA ILE A 28 -8.19 3.00 -11.69
C ILE A 28 -9.44 2.12 -11.63
N HIS A 29 -9.68 1.49 -10.48
CA HIS A 29 -10.82 0.59 -10.29
C HIS A 29 -11.83 1.15 -9.31
N GLU A 30 -13.10 0.83 -9.50
CA GLU A 30 -14.14 1.21 -8.54
C GLU A 30 -15.27 0.18 -8.56
N ALA A 31 -15.48 -0.48 -7.42
CA ALA A 31 -16.51 -1.51 -7.33
C ALA A 31 -17.08 -1.60 -5.92
N GLY A 32 -18.27 -2.21 -5.84
CA GLY A 32 -18.95 -2.42 -4.57
C GLY A 32 -20.36 -2.94 -4.82
N TYR A 33 -20.69 -4.08 -4.22
CA TYR A 33 -22.02 -4.65 -4.43
C TYR A 33 -22.51 -5.41 -3.19
N SER A 34 -23.14 -4.68 -2.28
CA SER A 34 -23.75 -5.27 -1.09
C SER A 34 -24.47 -4.16 -0.33
N GLU A 35 -25.28 -3.40 -1.05
CA GLU A 35 -25.73 -2.10 -0.56
C GLU A 35 -26.42 -2.17 0.80
N GLU A 36 -27.26 -3.18 1.02
CA GLU A 36 -27.98 -3.28 2.29
C GLU A 36 -27.03 -3.52 3.46
N GLU A 37 -26.03 -4.38 3.25
CA GLU A 37 -25.02 -4.62 4.28
C GLU A 37 -24.20 -3.38 4.58
N CYS A 38 -23.92 -2.60 3.54
CA CYS A 38 -23.06 -1.44 3.69
C CYS A 38 -23.66 -0.39 4.61
N LYS A 39 -24.99 -0.22 4.53
CA LYS A 39 -25.64 0.81 5.33
C LYS A 39 -25.42 0.59 6.82
N GLN A 40 -25.34 -0.67 7.23
CA GLN A 40 -25.15 -0.98 8.65
C GLN A 40 -23.79 -0.47 9.13
N TYR A 41 -22.79 -0.61 8.27
CA TYR A 41 -21.42 -0.15 8.53
C TYR A 41 -21.28 1.37 8.67
N LYS A 42 -22.26 2.12 8.20
CA LYS A 42 -22.08 3.57 8.05
C LYS A 42 -21.69 4.23 9.37
N ALA A 43 -22.17 3.72 10.50
CA ALA A 43 -21.76 4.26 11.79
C ALA A 43 -20.29 3.98 12.07
N VAL A 44 -19.85 2.78 11.71
CA VAL A 44 -18.47 2.36 11.95
C VAL A 44 -17.48 3.23 11.17
N VAL A 45 -17.89 3.69 9.99
CA VAL A 45 -16.98 4.46 9.13
C VAL A 45 -16.77 5.85 9.71
N TYR A 46 -17.85 6.60 9.89
CA TYR A 46 -17.73 7.96 10.41
C TYR A 46 -17.02 7.99 11.76
N SER A 47 -17.21 6.94 12.55
CA SER A 47 -16.54 6.88 13.84
C SER A 47 -15.03 6.82 13.67
N ASN A 48 -14.57 5.85 12.89
CA ASN A 48 -13.14 5.66 12.71
C ASN A 48 -12.47 6.91 12.13
N THR A 49 -13.19 7.63 11.27
CA THR A 49 -12.60 8.81 10.65
C THR A 49 -12.24 9.88 11.69
N ILE A 50 -13.17 10.15 12.61
CA ILE A 50 -12.88 11.10 13.68
C ILE A 50 -11.72 10.58 14.55
N GLN A 51 -11.69 9.27 14.80
CA GLN A 51 -10.58 8.70 15.57
C GLN A 51 -9.24 8.90 14.89
N SER A 52 -9.24 9.02 13.56
CA SER A 52 -8.01 9.13 12.81
C SER A 52 -7.41 10.52 12.93
N ILE A 53 -8.14 11.53 12.47
CA ILE A 53 -7.62 12.89 12.50
C ILE A 53 -7.27 13.33 13.92
N ILE A 54 -8.01 12.84 14.93
CA ILE A 54 -7.66 13.16 16.32
C ILE A 54 -6.26 12.64 16.68
N ALA A 55 -5.85 11.53 16.08
CA ALA A 55 -4.49 11.03 16.28
C ALA A 55 -3.48 11.98 15.63
N ILE A 56 -3.79 12.34 14.39
CA ILE A 56 -2.96 13.29 13.63
C ILE A 56 -2.86 14.65 14.32
N ILE A 57 -3.81 14.97 15.19
CA ILE A 57 -3.86 16.29 15.82
C ILE A 57 -2.98 16.25 17.08
N ARG A 58 -3.33 15.38 18.00
CA ARG A 58 -2.58 15.24 19.25
C ARG A 58 -1.10 14.92 18.99
N ALA A 59 -0.81 14.25 17.87
CA ALA A 59 0.59 13.98 17.51
C ALA A 59 1.37 15.28 17.25
N MET A 60 0.67 16.32 16.80
CA MET A 60 1.27 17.65 16.63
C MET A 60 1.87 18.18 17.94
N GLY A 61 1.34 17.73 19.07
CA GLY A 61 1.85 18.16 20.38
C GLY A 61 3.06 17.33 20.81
N ARG A 62 2.84 16.02 20.94
CA ARG A 62 3.88 15.15 21.50
C ARG A 62 5.17 15.26 20.69
N LEU A 63 5.04 15.40 19.37
CA LEU A 63 6.15 15.83 18.53
C LEU A 63 5.93 17.31 18.28
N LYS A 64 6.95 18.17 18.44
CA LYS A 64 6.72 19.59 18.17
C LYS A 64 6.27 19.76 16.71
N ILE A 65 5.07 20.32 16.54
CA ILE A 65 4.53 20.65 15.21
C ILE A 65 3.44 21.70 15.32
N ASP A 66 3.59 22.82 14.63
CA ASP A 66 2.55 23.85 14.60
C ASP A 66 1.63 23.67 13.38
N PHE A 67 0.38 24.13 13.49
CA PHE A 67 -0.47 24.30 12.32
C PHE A 67 0.19 25.27 11.37
N GLY A 68 -0.05 25.12 10.06
CA GLY A 68 0.59 26.02 9.13
C GLY A 68 -0.13 27.35 9.22
N ASP A 69 -1.36 27.37 8.73
CA ASP A 69 -2.24 28.51 8.97
C ASP A 69 -2.70 28.63 10.41
N SER A 70 -2.68 29.86 10.92
CA SER A 70 -3.33 30.16 12.20
C SER A 70 -4.83 29.85 12.16
N ALA A 71 -5.44 29.95 10.98
CA ALA A 71 -6.87 29.70 10.83
C ALA A 71 -7.26 28.28 11.26
N ARG A 72 -6.33 27.33 11.12
CA ARG A 72 -6.60 25.95 11.53
C ARG A 72 -7.00 25.88 13.01
N ALA A 73 -6.56 26.84 13.81
CA ALA A 73 -7.08 27.01 15.17
C ALA A 73 -8.59 27.21 15.11
N ASP A 74 -9.28 26.74 16.14
CA ASP A 74 -10.74 26.82 16.25
C ASP A 74 -11.44 25.74 15.45
N ASP A 75 -11.04 25.50 14.18
CA ASP A 75 -11.60 24.36 13.44
C ASP A 75 -11.30 23.06 14.18
N ALA A 76 -10.07 22.96 14.66
CA ALA A 76 -9.66 21.79 15.43
C ALA A 76 -10.49 21.64 16.69
N ARG A 77 -10.66 22.73 17.44
CA ARG A 77 -11.47 22.68 18.65
C ARG A 77 -12.91 22.26 18.36
N GLN A 78 -13.43 22.70 17.22
CA GLN A 78 -14.78 22.35 16.78
C GLN A 78 -14.95 20.85 16.53
N LEU A 79 -13.86 20.20 16.10
CA LEU A 79 -13.94 18.81 15.72
C LEU A 79 -14.43 17.93 16.86
N PHE A 80 -14.01 18.26 18.07
CA PHE A 80 -14.46 17.53 19.26
C PHE A 80 -15.97 17.66 19.49
N VAL A 81 -16.55 18.76 19.04
CA VAL A 81 -17.97 19.02 19.30
C VAL A 81 -18.85 18.26 18.30
N LEU A 82 -18.74 18.62 17.03
CA LEU A 82 -19.51 17.95 15.98
C LEU A 82 -19.22 16.45 15.91
N ALA A 83 -18.04 16.03 16.36
CA ALA A 83 -17.66 14.63 16.25
C ALA A 83 -18.68 13.69 16.91
N GLY A 84 -19.41 14.20 17.91
CA GLY A 84 -20.37 13.36 18.63
C GLY A 84 -21.42 12.78 17.69
N ALA A 85 -21.92 13.57 16.74
CA ALA A 85 -22.91 13.05 15.80
C ALA A 85 -22.34 11.94 14.93
N ALA A 86 -21.07 12.07 14.56
CA ALA A 86 -20.43 11.04 13.74
C ALA A 86 -20.48 9.67 14.40
N GLU A 87 -20.49 9.62 15.73
CA GLU A 87 -20.65 8.34 16.42
C GLU A 87 -22.00 7.68 16.09
N GLU A 88 -23.03 8.52 15.94
CA GLU A 88 -24.36 8.12 15.47
C GLU A 88 -24.37 7.63 14.01
N GLY A 89 -23.27 7.83 13.29
CA GLY A 89 -23.22 7.58 11.86
C GLY A 89 -23.75 8.75 11.01
N PHE A 90 -24.03 9.90 11.62
CA PHE A 90 -24.52 11.05 10.88
C PHE A 90 -23.37 12.01 10.60
N MET A 91 -23.45 12.77 9.50
CA MET A 91 -22.39 13.73 9.19
C MET A 91 -22.98 15.02 8.62
N THR A 92 -23.30 15.98 9.50
CA THR A 92 -23.68 17.31 9.06
C THR A 92 -22.52 17.92 8.28
N ALA A 93 -22.78 18.72 7.26
CA ALA A 93 -21.70 19.27 6.45
C ALA A 93 -20.71 20.05 7.31
N GLU A 94 -21.16 20.65 8.41
CA GLU A 94 -20.24 21.43 9.24
C GLU A 94 -19.11 20.55 9.77
N LEU A 95 -19.44 19.34 10.24
CA LEU A 95 -18.42 18.35 10.56
C LEU A 95 -17.55 18.02 9.36
N ALA A 96 -18.13 18.08 8.17
CA ALA A 96 -17.39 17.65 6.98
C ALA A 96 -16.26 18.62 6.68
N GLY A 97 -16.60 19.87 6.35
CA GLY A 97 -15.58 20.84 5.99
C GLY A 97 -14.54 21.05 7.09
N VAL A 98 -14.94 20.98 8.37
CA VAL A 98 -13.97 21.23 9.43
C VAL A 98 -12.82 20.23 9.35
N ILE A 99 -13.14 18.95 9.10
CA ILE A 99 -12.09 17.96 8.91
C ILE A 99 -11.26 18.27 7.67
N LYS A 100 -11.90 18.77 6.62
CA LYS A 100 -11.18 18.99 5.37
C LYS A 100 -10.05 20.00 5.53
N ARG A 101 -10.36 21.09 6.23
CA ARG A 101 -9.37 22.14 6.42
C ARG A 101 -8.14 21.66 7.17
N LEU A 102 -8.34 20.73 8.10
CA LEU A 102 -7.22 20.18 8.85
C LEU A 102 -6.31 19.33 7.96
N TRP A 103 -6.90 18.44 7.15
CA TRP A 103 -6.11 17.57 6.29
C TRP A 103 -5.27 18.34 5.25
N LYS A 104 -5.83 19.42 4.71
CA LYS A 104 -5.08 20.29 3.79
C LYS A 104 -3.86 20.96 4.44
N ASP A 105 -3.90 21.12 5.76
CA ASP A 105 -2.95 22.01 6.41
C ASP A 105 -1.51 21.61 6.11
N SER A 106 -0.67 22.61 5.88
CA SER A 106 0.76 22.38 5.67
C SER A 106 1.42 21.70 6.88
N GLY A 107 0.82 21.85 8.07
CA GLY A 107 1.46 21.37 9.29
C GLY A 107 0.89 20.02 9.71
N VAL A 108 -0.42 19.85 9.55
CA VAL A 108 -1.01 18.53 9.78
C VAL A 108 -0.40 17.50 8.83
N GLN A 109 -0.11 17.91 7.59
CA GLN A 109 0.67 17.06 6.68
C GLN A 109 2.07 16.77 7.23
N ALA A 110 2.62 17.70 8.01
CA ALA A 110 3.90 17.47 8.65
C ALA A 110 3.83 16.29 9.62
N CYS A 111 2.65 16.09 10.22
CA CYS A 111 2.43 15.01 11.16
C CYS A 111 2.23 13.68 10.43
N PHE A 112 1.19 13.62 9.59
CA PHE A 112 0.91 12.38 8.87
C PHE A 112 2.10 11.82 8.08
N ASN A 113 3.02 12.64 7.58
CA ASN A 113 4.26 12.08 7.01
C ASN A 113 5.06 11.35 8.10
N ARG A 114 5.11 11.98 9.27
CA ARG A 114 5.67 11.43 10.50
C ARG A 114 4.95 10.20 11.03
N SER A 115 3.77 9.87 10.51
CA SER A 115 2.83 8.97 11.18
C SER A 115 3.46 7.65 11.64
N ARG A 116 4.59 7.26 11.07
CA ARG A 116 5.23 6.00 11.44
C ARG A 116 5.50 5.91 12.95
N GLU A 117 5.66 7.06 13.61
CA GLU A 117 5.98 7.08 15.04
C GLU A 117 4.71 6.96 15.90
N TYR A 118 3.88 7.99 15.91
CA TYR A 118 2.59 7.96 16.60
C TYR A 118 1.64 6.90 16.02
N GLN A 119 0.80 6.36 16.89
CA GLN A 119 -0.23 5.42 16.43
C GLN A 119 -1.22 6.12 15.51
N LEU A 120 -1.64 5.44 14.45
CA LEU A 120 -2.63 5.99 13.53
C LEU A 120 -3.59 4.90 13.07
N ASN A 121 -4.86 5.24 12.89
CA ASN A 121 -5.85 4.26 12.42
C ASN A 121 -5.40 3.65 11.11
N ASP A 122 -5.69 2.36 10.92
CA ASP A 122 -5.19 1.66 9.74
C ASP A 122 -5.64 2.30 8.45
N SER A 123 -6.87 2.82 8.43
CA SER A 123 -7.43 3.45 7.22
C SER A 123 -7.25 4.98 7.19
N ALA A 124 -6.64 5.57 8.21
CA ALA A 124 -6.78 6.99 8.46
C ALA A 124 -6.48 7.84 7.23
N ALA A 125 -5.60 7.36 6.35
CA ALA A 125 -5.35 8.07 5.11
C ALA A 125 -6.52 7.91 4.15
N TYR A 126 -6.87 6.67 3.82
CA TYR A 126 -7.94 6.43 2.86
C TYR A 126 -9.26 7.14 3.19
N TYR A 127 -9.67 7.22 4.46
CA TYR A 127 -10.92 7.91 4.77
C TYR A 127 -10.84 9.41 4.51
N LEU A 128 -9.76 10.05 4.96
CA LEU A 128 -9.61 11.49 4.78
C LEU A 128 -9.53 11.91 3.31
N ASN A 129 -8.86 11.08 2.51
CA ASN A 129 -8.71 11.34 1.08
C ASN A 129 -10.05 11.33 0.35
N ASP A 130 -10.96 10.48 0.82
CA ASP A 130 -12.30 10.36 0.23
C ASP A 130 -13.36 11.11 1.04
N LEU A 131 -12.94 12.00 1.94
CA LEU A 131 -13.84 12.49 2.97
C LEU A 131 -15.10 13.11 2.39
N ASP A 132 -15.03 13.69 1.18
CA ASP A 132 -16.22 14.28 0.59
C ASP A 132 -17.29 13.24 0.28
N ARG A 133 -16.87 12.14 -0.38
CA ARG A 133 -17.83 11.13 -0.79
C ARG A 133 -18.59 10.51 0.39
N ILE A 134 -17.90 10.27 1.50
CA ILE A 134 -18.58 9.83 2.72
C ILE A 134 -19.52 10.88 3.29
N ALA A 135 -19.20 12.14 3.06
CA ALA A 135 -20.01 13.25 3.58
C ALA A 135 -21.40 13.33 2.95
N GLN A 136 -21.53 12.79 1.74
CA GLN A 136 -22.75 12.99 0.94
C GLN A 136 -23.99 12.55 1.71
N PRO A 137 -25.13 13.19 1.51
CA PRO A 137 -26.37 12.82 2.25
C PRO A 137 -26.74 11.36 2.02
N ASN A 138 -27.26 10.70 3.06
CA ASN A 138 -27.63 9.29 2.99
C ASN A 138 -26.61 8.44 2.25
N TYR A 139 -25.34 8.78 2.43
CA TYR A 139 -24.25 8.06 1.75
C TYR A 139 -24.31 6.57 2.10
N ILE A 140 -24.07 5.70 1.12
CA ILE A 140 -23.86 4.29 1.40
C ILE A 140 -22.36 3.99 1.31
N PRO A 141 -21.74 3.32 2.27
CA PRO A 141 -20.31 2.91 2.12
C PRO A 141 -20.09 1.99 0.92
N THR A 142 -19.00 2.24 0.19
CA THR A 142 -18.50 1.30 -0.81
C THR A 142 -18.12 -0.01 -0.10
N GLN A 143 -18.13 -1.12 -0.82
CA GLN A 143 -17.69 -2.38 -0.22
C GLN A 143 -16.26 -2.26 0.33
N GLN A 144 -15.42 -1.43 -0.30
CA GLN A 144 -14.11 -1.13 0.26
C GLN A 144 -14.24 -0.45 1.63
N ASP A 145 -15.21 0.44 1.78
CA ASP A 145 -15.34 1.18 3.03
C ASP A 145 -15.55 0.25 4.21
N VAL A 146 -16.31 -0.83 3.99
CA VAL A 146 -16.57 -1.78 5.06
C VAL A 146 -15.27 -2.46 5.52
N LEU A 147 -14.45 -2.89 4.57
CA LEU A 147 -13.20 -3.57 4.92
C LEU A 147 -12.23 -2.66 5.68
N ARG A 148 -12.26 -1.38 5.34
CA ARG A 148 -11.44 -0.37 6.02
C ARG A 148 -11.75 -0.23 7.51
N THR A 149 -12.95 -0.67 7.92
CA THR A 149 -13.41 -0.56 9.31
C THR A 149 -12.55 -1.36 10.28
N ARG A 150 -12.56 -0.92 11.54
CA ARG A 150 -12.07 -1.65 12.72
C ARG A 150 -10.79 -1.05 13.27
N VAL A 151 -10.64 -1.18 14.58
CA VAL A 151 -9.39 -0.93 15.30
C VAL A 151 -8.29 -1.89 14.88
N LYS A 152 -7.02 -1.48 15.02
CA LYS A 152 -5.90 -2.35 14.65
C LYS A 152 -6.02 -3.68 15.40
N THR A 153 -5.70 -4.77 14.71
CA THR A 153 -5.77 -6.10 15.34
C THR A 153 -5.43 -7.19 14.31
N THR A 154 -6.18 -7.21 13.20
CA THR A 154 -5.89 -8.15 12.12
C THR A 154 -4.47 -7.99 11.57
N GLY A 155 -3.95 -6.76 11.60
CA GLY A 155 -2.61 -6.47 11.10
C GLY A 155 -2.50 -6.48 9.58
N ILE A 156 -3.53 -6.95 8.87
CA ILE A 156 -3.48 -7.02 7.40
C ILE A 156 -4.47 -6.03 6.79
N VAL A 157 -3.98 -5.09 5.98
CA VAL A 157 -4.87 -4.22 5.21
C VAL A 157 -5.62 -5.03 4.14
N GLU A 158 -6.92 -4.77 3.98
CA GLU A 158 -7.68 -5.33 2.85
C GLU A 158 -7.93 -4.27 1.77
N THR A 159 -8.02 -4.71 0.51
CA THR A 159 -8.38 -3.79 -0.58
C THR A 159 -9.12 -4.52 -1.69
N HIS A 160 -10.42 -4.27 -1.81
CA HIS A 160 -11.20 -4.86 -2.90
C HIS A 160 -11.32 -3.95 -4.12
N PHE A 161 -11.40 -4.57 -5.29
CA PHE A 161 -11.69 -3.86 -6.53
C PHE A 161 -12.03 -4.86 -7.63
N THR A 162 -12.54 -4.40 -8.77
CA THR A 162 -12.93 -5.31 -9.84
C THR A 162 -12.34 -4.86 -11.18
N PHE A 163 -11.25 -5.51 -11.60
CA PHE A 163 -10.63 -5.22 -12.89
C PHE A 163 -10.94 -6.32 -13.89
N LYS A 164 -11.13 -6.01 -15.17
CA LYS A 164 -11.55 -7.00 -16.17
C LYS A 164 -12.65 -7.93 -15.65
N ASP A 165 -13.62 -7.30 -14.99
CA ASP A 165 -14.80 -7.98 -14.44
C ASP A 165 -14.44 -9.25 -13.67
N LEU A 166 -13.27 -9.31 -13.03
CA LEU A 166 -12.98 -10.32 -12.01
C LEU A 166 -13.02 -9.63 -10.65
N HIS A 167 -13.22 -10.37 -9.54
CA HIS A 167 -13.21 -9.72 -8.23
C HIS A 167 -11.85 -9.90 -7.56
N PHE A 168 -11.00 -8.90 -7.73
CA PHE A 168 -9.70 -8.88 -7.07
C PHE A 168 -9.85 -8.68 -5.56
N LYS A 169 -8.96 -9.29 -4.78
CA LYS A 169 -8.85 -8.93 -3.36
C LYS A 169 -7.38 -8.77 -2.99
N MET A 170 -6.80 -7.63 -3.34
CA MET A 170 -5.40 -7.36 -2.96
C MET A 170 -5.28 -7.29 -1.45
N PHE A 171 -4.29 -7.99 -0.88
CA PHE A 171 -3.91 -7.81 0.51
C PHE A 171 -2.59 -7.05 0.59
N ASP A 172 -2.41 -6.21 1.61
CA ASP A 172 -1.15 -5.50 1.80
C ASP A 172 -0.62 -5.69 3.22
N VAL A 173 0.47 -6.46 3.32
CA VAL A 173 1.15 -6.67 4.59
C VAL A 173 2.34 -5.71 4.76
N GLY A 174 2.64 -5.32 5.99
CA GLY A 174 3.77 -4.41 6.24
C GLY A 174 5.11 -5.04 5.84
N GLY A 175 5.93 -4.27 5.13
CA GLY A 175 7.25 -4.73 4.72
C GLY A 175 8.19 -4.99 5.90
N GLN A 176 8.08 -4.18 6.94
CA GLN A 176 9.02 -4.26 8.07
C GLN A 176 9.07 -5.67 8.65
N ARG A 177 10.26 -6.07 9.09
CA ARG A 177 10.46 -7.46 9.52
C ARG A 177 9.49 -7.88 10.61
N SER A 178 9.06 -6.94 11.45
CA SER A 178 8.12 -7.27 12.52
C SER A 178 6.81 -7.78 11.93
N GLU A 179 6.34 -7.10 10.90
CA GLU A 179 5.14 -7.53 10.19
C GLU A 179 5.31 -8.86 9.43
N ARG A 180 6.54 -9.18 9.01
CA ARG A 180 6.72 -10.31 8.08
C ARG A 180 6.22 -11.63 8.64
N LYS A 181 6.31 -11.84 9.96
CA LYS A 181 5.78 -13.06 10.56
C LYS A 181 4.28 -13.23 10.35
N LYS A 182 3.55 -12.12 10.28
CA LYS A 182 2.11 -12.13 10.00
C LYS A 182 1.76 -12.72 8.62
N TRP A 183 2.71 -12.70 7.69
CA TRP A 183 2.39 -12.89 6.29
C TRP A 183 1.68 -14.21 5.98
N ILE A 184 1.90 -15.26 6.78
CA ILE A 184 1.31 -16.55 6.47
C ILE A 184 -0.22 -16.51 6.41
N HIS A 185 -0.83 -15.60 7.16
CA HIS A 185 -2.29 -15.52 7.21
C HIS A 185 -2.91 -15.27 5.84
N CYS A 186 -2.20 -14.52 5.02
CA CYS A 186 -2.69 -14.16 3.68
C CYS A 186 -2.45 -15.23 2.62
N PHE A 187 -1.60 -16.22 2.91
CA PHE A 187 -1.21 -17.19 1.90
C PHE A 187 -2.38 -17.95 1.29
N GLU A 188 -3.46 -18.13 2.04
CA GLU A 188 -4.61 -18.89 1.54
C GLU A 188 -5.28 -18.22 0.33
N GLY A 189 -5.60 -19.00 -0.70
CA GLY A 189 -6.48 -18.52 -1.76
C GLY A 189 -5.79 -17.56 -2.73
N VAL A 190 -4.52 -17.22 -2.49
CA VAL A 190 -3.80 -16.29 -3.38
C VAL A 190 -3.74 -16.84 -4.80
N ALA A 191 -3.89 -15.97 -5.78
CA ALA A 191 -3.74 -16.37 -7.18
C ALA A 191 -2.39 -15.96 -7.73
N ALA A 192 -1.89 -14.80 -7.30
CA ALA A 192 -0.60 -14.31 -7.78
C ALA A 192 -0.02 -13.31 -6.80
N ILE A 193 1.26 -13.50 -6.48
CA ILE A 193 1.96 -12.54 -5.62
C ILE A 193 2.53 -11.39 -6.44
N ILE A 194 2.52 -10.20 -5.86
CA ILE A 194 3.30 -9.08 -6.39
C ILE A 194 4.35 -8.71 -5.34
N PHE A 195 5.63 -8.88 -5.70
CA PHE A 195 6.70 -8.63 -4.74
C PHE A 195 7.37 -7.27 -4.99
N CYS A 196 6.77 -6.21 -4.48
CA CYS A 196 7.34 -4.87 -4.64
C CYS A 196 8.76 -4.80 -4.08
N VAL A 197 9.62 -4.06 -4.78
CA VAL A 197 10.98 -3.79 -4.32
C VAL A 197 11.41 -2.41 -4.80
N ALA A 198 11.83 -1.55 -3.89
CA ALA A 198 12.26 -0.20 -4.27
C ALA A 198 13.66 -0.25 -4.87
N LEU A 199 13.80 0.08 -6.15
CA LEU A 199 15.11 0.13 -6.78
C LEU A 199 16.03 1.15 -6.11
N SER A 200 15.46 2.26 -5.63
CA SER A 200 16.24 3.29 -4.94
C SER A 200 16.94 2.80 -3.66
N ASP A 201 16.40 1.73 -3.06
CA ASP A 201 16.93 1.18 -1.83
C ASP A 201 18.41 0.81 -1.90
N TYR A 202 18.98 0.72 -3.11
CA TYR A 202 20.30 0.15 -3.29
C TYR A 202 21.36 0.82 -2.40
N ASP A 203 21.14 2.07 -1.99
CA ASP A 203 22.03 2.69 -0.99
C ASP A 203 21.38 2.80 0.39
N LEU A 204 20.06 2.98 0.44
CA LEU A 204 19.37 3.19 1.72
C LEU A 204 19.60 2.01 2.67
N VAL A 205 19.74 2.30 3.97
CA VAL A 205 19.82 1.26 5.00
C VAL A 205 18.47 1.01 5.66
N LEU A 206 18.21 -0.23 6.08
CA LEU A 206 16.99 -0.55 6.81
C LEU A 206 16.88 0.26 8.10
N ALA A 207 15.67 0.65 8.48
CA ALA A 207 15.44 1.16 9.83
C ALA A 207 15.73 0.07 10.88
N GLU A 208 15.49 -1.19 10.53
CA GLU A 208 15.76 -2.31 11.43
C GLU A 208 17.23 -2.39 11.82
N ASP A 209 18.11 -1.92 10.95
CA ASP A 209 19.55 -2.00 11.16
C ASP A 209 20.26 -1.09 10.17
N GLU A 210 20.78 0.04 10.65
CA GLU A 210 21.44 0.99 9.76
C GLU A 210 22.61 0.36 9.01
N GLU A 211 23.28 -0.62 9.62
CA GLU A 211 24.39 -1.30 8.94
C GLU A 211 23.93 -2.03 7.67
N MET A 212 22.71 -2.56 7.72
CA MET A 212 22.16 -3.37 6.64
C MET A 212 21.95 -2.59 5.34
N ASN A 213 22.17 -3.28 4.22
CA ASN A 213 21.74 -2.75 2.93
C ASN A 213 20.28 -3.16 2.71
N ARG A 214 19.38 -2.20 2.42
CA ARG A 214 17.98 -2.57 2.22
C ARG A 214 17.78 -3.53 1.06
N MET A 215 18.53 -3.36 -0.03
CA MET A 215 18.34 -4.21 -1.20
C MET A 215 18.78 -5.64 -0.95
N HIS A 216 19.92 -5.80 -0.28
CA HIS A 216 20.40 -7.15 0.03
C HIS A 216 19.37 -7.89 0.89
N GLU A 217 18.71 -7.17 1.79
CA GLU A 217 17.63 -7.74 2.57
C GLU A 217 16.51 -8.24 1.69
N SER A 218 16.20 -7.48 0.63
CA SER A 218 15.15 -7.86 -0.30
C SER A 218 15.48 -9.17 -1.00
N MET A 219 16.74 -9.33 -1.36
CA MET A 219 17.21 -10.55 -2.02
C MET A 219 16.99 -11.78 -1.16
N LYS A 220 17.00 -11.62 0.16
CA LYS A 220 16.95 -12.77 1.05
C LYS A 220 15.53 -13.30 1.19
N LEU A 221 14.65 -12.49 1.79
CA LEU A 221 13.27 -12.94 1.95
C LEU A 221 12.59 -13.23 0.61
N PHE A 222 12.99 -12.54 -0.47
CA PHE A 222 12.42 -12.85 -1.79
C PHE A 222 12.74 -14.28 -2.21
N ASP A 223 13.95 -14.74 -1.87
CA ASP A 223 14.31 -16.11 -2.20
C ASP A 223 13.41 -17.11 -1.52
N SER A 224 13.06 -16.81 -0.26
CA SER A 224 12.20 -17.70 0.49
C SER A 224 10.81 -17.83 -0.13
N ILE A 225 10.20 -16.71 -0.54
CA ILE A 225 8.83 -16.76 -1.06
C ILE A 225 8.77 -17.51 -2.40
N CYS A 226 9.82 -17.38 -3.21
CA CYS A 226 9.80 -17.93 -4.56
C CYS A 226 9.89 -19.46 -4.49
N ASN A 227 10.98 -19.91 -3.89
CA ASN A 227 11.22 -21.32 -3.65
C ASN A 227 10.14 -21.99 -2.79
N ASN A 228 9.34 -21.21 -2.06
CA ASN A 228 8.46 -21.81 -1.04
C ASN A 228 7.55 -22.85 -1.70
N LYS A 229 7.48 -24.04 -1.11
CA LYS A 229 6.70 -25.11 -1.72
C LYS A 229 5.22 -24.76 -1.86
N TRP A 230 4.67 -24.01 -0.90
CA TRP A 230 3.28 -23.59 -0.98
C TRP A 230 3.01 -22.75 -2.23
N PHE A 231 3.98 -21.94 -2.61
CA PHE A 231 3.83 -21.01 -3.72
C PHE A 231 4.08 -21.60 -5.10
N THR A 232 4.50 -22.86 -5.17
CA THR A 232 4.77 -23.47 -6.47
C THR A 232 3.53 -23.41 -7.37
N ASP A 233 2.36 -23.61 -6.78
CA ASP A 233 1.09 -23.47 -7.48
C ASP A 233 0.77 -22.03 -7.86
N THR A 234 1.26 -21.08 -7.07
CA THR A 234 0.93 -19.67 -7.27
C THR A 234 1.95 -18.99 -8.18
N SER A 235 1.48 -18.10 -9.05
CA SER A 235 2.40 -17.28 -9.83
C SER A 235 3.25 -16.38 -8.94
N ILE A 236 4.51 -16.19 -9.29
CA ILE A 236 5.34 -15.16 -8.62
C ILE A 236 5.55 -14.01 -9.61
N ILE A 237 5.31 -12.76 -9.18
CA ILE A 237 5.48 -11.62 -10.09
C ILE A 237 6.29 -10.51 -9.41
N LEU A 238 7.58 -10.40 -9.75
CA LEU A 238 8.40 -9.34 -9.18
C LEU A 238 7.88 -7.97 -9.63
N PHE A 239 7.97 -6.96 -8.77
CA PHE A 239 7.49 -5.62 -9.12
C PHE A 239 8.53 -4.56 -8.69
N LEU A 240 9.55 -4.36 -9.52
CA LEU A 240 10.56 -3.33 -9.23
C LEU A 240 9.96 -1.93 -9.17
N ASN A 241 9.43 -1.59 -8.00
CA ASN A 241 8.76 -0.31 -7.75
C ASN A 241 9.69 0.89 -7.84
N LYS A 242 9.10 2.06 -8.08
CA LYS A 242 9.80 3.34 -7.91
C LYS A 242 10.93 3.52 -8.92
N LYS A 243 10.78 2.91 -10.09
CA LYS A 243 11.76 3.16 -11.14
C LYS A 243 11.86 4.66 -11.44
N ASP A 244 10.75 5.40 -11.31
CA ASP A 244 10.82 6.86 -11.42
C ASP A 244 11.77 7.68 -10.56
N LEU A 245 12.03 7.31 -9.31
CA LEU A 245 13.05 8.05 -8.52
C LEU A 245 14.41 7.36 -8.59
N PHE A 246 14.44 6.05 -8.84
CA PHE A 246 15.71 5.36 -9.05
C PHE A 246 16.48 5.93 -10.25
N GLU A 247 15.78 6.33 -11.30
CA GLU A 247 16.44 6.92 -12.47
C GLU A 247 17.16 8.23 -12.14
N GLU A 248 16.69 8.93 -11.12
CA GLU A 248 17.30 10.20 -10.73
C GLU A 248 18.53 9.95 -9.87
N LYS A 249 18.30 9.28 -8.74
CA LYS A 249 19.37 9.03 -7.79
C LYS A 249 20.54 8.27 -8.41
N ILE A 250 20.28 7.40 -9.40
CA ILE A 250 21.38 6.68 -10.05
C ILE A 250 22.37 7.62 -10.75
N LYS A 251 21.87 8.76 -11.23
CA LYS A 251 22.74 9.72 -11.90
C LYS A 251 23.87 10.20 -10.99
N LYS A 252 23.58 10.26 -9.70
CA LYS A 252 24.46 10.89 -8.72
C LYS A 252 25.28 9.80 -8.05
N SER A 253 24.54 8.99 -7.29
CA SER A 253 25.09 7.89 -6.52
C SER A 253 25.50 6.73 -7.45
N PRO A 254 26.70 6.20 -7.34
CA PRO A 254 27.06 4.91 -8.05
C PRO A 254 26.24 3.71 -7.55
N LEU A 255 25.90 2.80 -8.44
CA LEU A 255 25.32 1.52 -8.03
C LEU A 255 26.28 0.73 -7.12
N THR A 256 27.58 1.02 -7.20
CA THR A 256 28.60 0.33 -6.40
C THR A 256 28.29 0.36 -4.89
N ILE A 257 27.45 1.31 -4.48
CA ILE A 257 26.88 1.37 -3.12
C ILE A 257 26.05 0.13 -2.74
N CYS A 258 25.79 -0.78 -3.69
CA CYS A 258 24.91 -1.91 -3.44
C CYS A 258 25.59 -3.18 -3.93
N TYR A 259 25.96 -3.16 -5.21
CA TYR A 259 26.75 -4.23 -5.80
C TYR A 259 28.10 -3.68 -6.25
N GLN A 260 29.12 -3.83 -5.40
CA GLN A 260 30.44 -3.28 -5.71
C GLN A 260 31.00 -3.83 -7.03
N GLU A 261 30.64 -5.07 -7.36
CA GLU A 261 31.12 -5.70 -8.60
C GLU A 261 30.72 -4.94 -9.86
N TYR A 262 29.65 -4.15 -9.77
CA TYR A 262 29.05 -3.54 -10.95
C TYR A 262 30.06 -2.69 -11.73
N ALA A 263 30.01 -2.83 -13.05
CA ALA A 263 30.80 -2.01 -13.98
C ALA A 263 29.93 -0.99 -14.74
N GLY A 264 28.66 -1.33 -14.91
CA GLY A 264 27.75 -0.65 -15.83
C GLY A 264 27.65 0.87 -15.63
N SER A 265 27.21 1.50 -16.71
CA SER A 265 27.00 2.93 -16.79
C SER A 265 25.99 3.39 -15.75
N ASN A 266 26.03 4.68 -15.42
CA ASN A 266 25.08 5.29 -14.48
C ASN A 266 23.71 5.55 -15.13
N THR A 267 23.31 4.68 -16.06
CA THR A 267 22.08 4.91 -16.80
C THR A 267 20.93 4.16 -16.13
N TYR A 268 19.70 4.68 -16.25
CA TYR A 268 18.56 3.97 -15.67
C TYR A 268 18.45 2.54 -16.19
N GLU A 269 18.88 2.29 -17.43
CA GLU A 269 18.73 0.95 -18.01
C GLU A 269 19.72 -0.05 -17.42
N GLU A 270 21.01 0.18 -17.61
CA GLU A 270 22.02 -0.73 -17.08
C GLU A 270 21.92 -0.88 -15.56
N ALA A 271 21.48 0.19 -14.89
CA ALA A 271 21.46 0.20 -13.44
C ALA A 271 20.27 -0.59 -12.89
N ALA A 272 19.06 -0.14 -13.20
CA ALA A 272 17.87 -0.80 -12.66
C ALA A 272 17.79 -2.24 -13.17
N ALA A 273 18.13 -2.43 -14.44
CA ALA A 273 18.11 -3.76 -15.03
C ALA A 273 19.09 -4.71 -14.36
N TYR A 274 20.19 -4.19 -13.82
CA TYR A 274 21.18 -5.08 -13.20
C TYR A 274 20.59 -5.83 -12.00
N ILE A 275 19.70 -5.15 -11.27
CA ILE A 275 19.06 -5.75 -10.11
C ILE A 275 18.16 -6.91 -10.53
N GLN A 276 17.27 -6.63 -11.47
CA GLN A 276 16.48 -7.69 -12.10
C GLN A 276 17.31 -8.91 -12.54
N CYS A 277 18.61 -8.75 -12.72
CA CYS A 277 19.45 -9.93 -12.96
C CYS A 277 19.68 -10.70 -11.66
N GLN A 278 20.22 -10.00 -10.66
CA GLN A 278 20.53 -10.63 -9.37
C GLN A 278 19.32 -11.28 -8.71
N PHE A 279 18.13 -10.76 -8.97
CA PHE A 279 16.92 -11.23 -8.31
C PHE A 279 16.47 -12.56 -8.90
N GLU A 280 16.26 -12.57 -10.22
CA GLU A 280 15.81 -13.78 -10.90
C GLU A 280 16.79 -14.94 -10.69
N ASP A 281 18.08 -14.64 -10.50
CA ASP A 281 19.07 -15.68 -10.26
C ASP A 281 18.76 -16.51 -9.01
N LEU A 282 18.09 -15.92 -8.04
CA LEU A 282 17.76 -16.61 -6.81
C LEU A 282 16.91 -17.87 -7.05
N ASN A 283 16.18 -17.91 -8.16
CA ASN A 283 15.23 -19.01 -8.38
C ASN A 283 15.96 -20.34 -8.41
N LYS A 284 15.56 -21.25 -7.52
CA LYS A 284 15.96 -22.66 -7.61
C LYS A 284 15.45 -23.36 -8.88
N ARG A 285 14.36 -22.84 -9.46
CA ARG A 285 13.67 -23.56 -10.53
C ARG A 285 13.48 -22.69 -11.78
N LYS A 286 14.59 -22.17 -12.29
CA LYS A 286 14.55 -21.45 -13.56
C LYS A 286 13.98 -22.32 -14.68
N ASP A 287 14.21 -23.64 -14.59
CA ASP A 287 13.72 -24.59 -15.58
C ASP A 287 12.20 -24.61 -15.68
N THR A 288 11.51 -24.29 -14.59
CA THR A 288 10.07 -24.52 -14.52
C THR A 288 9.29 -23.43 -13.78
N LYS A 289 9.90 -22.28 -13.54
CA LYS A 289 9.22 -21.20 -12.84
C LYS A 289 9.55 -19.84 -13.45
N GLU A 290 8.52 -19.04 -13.71
CA GLU A 290 8.71 -17.75 -14.37
C GLU A 290 8.60 -16.61 -13.35
N ILE A 291 9.64 -15.78 -13.28
CA ILE A 291 9.64 -14.66 -12.34
C ILE A 291 8.56 -13.61 -12.63
N TYR A 292 8.12 -13.41 -13.88
CA TYR A 292 7.12 -12.38 -14.18
C TYR A 292 7.48 -11.02 -13.56
N THR A 293 8.72 -10.57 -13.82
CA THR A 293 9.18 -9.24 -13.41
C THR A 293 8.43 -8.12 -14.14
N HIS A 294 8.24 -6.99 -13.46
CA HIS A 294 7.68 -5.79 -14.10
C HIS A 294 8.15 -4.52 -13.37
N PHE A 295 8.94 -3.68 -14.04
CA PHE A 295 9.22 -2.34 -13.52
C PHE A 295 7.94 -1.55 -13.35
N THR A 296 7.84 -0.76 -12.27
CA THR A 296 6.61 -0.02 -11.99
C THR A 296 6.89 1.27 -11.24
N CYS A 297 5.87 2.12 -11.19
CA CYS A 297 5.94 3.39 -10.46
C CYS A 297 4.62 3.60 -9.71
N ALA A 298 4.59 3.21 -8.43
CA ALA A 298 3.36 3.31 -7.66
C ALA A 298 2.82 4.73 -7.59
N THR A 299 3.71 5.71 -7.45
CA THR A 299 3.29 7.11 -7.43
C THR A 299 2.57 7.53 -8.71
N ASP A 300 2.91 6.87 -9.82
CA ASP A 300 2.32 7.22 -11.12
C ASP A 300 1.17 6.28 -11.44
N THR A 301 -0.07 6.78 -11.32
CA THR A 301 -1.21 5.94 -11.65
C THR A 301 -1.19 5.50 -13.11
N LYS A 302 -0.76 6.39 -14.01
CA LYS A 302 -0.65 6.04 -15.42
C LYS A 302 0.27 4.85 -15.68
N ASN A 303 1.22 4.61 -14.78
CA ASN A 303 2.21 3.57 -15.01
C ASN A 303 1.65 2.22 -14.55
N VAL A 304 1.31 2.17 -13.26
CA VAL A 304 0.76 0.96 -12.67
C VAL A 304 -0.49 0.48 -13.43
N GLN A 305 -1.18 1.38 -14.12
CA GLN A 305 -2.43 1.01 -14.78
C GLN A 305 -2.16 0.11 -15.98
N PHE A 306 -1.44 0.64 -16.97
CA PHE A 306 -1.15 -0.16 -18.17
C PHE A 306 -0.39 -1.44 -17.83
N VAL A 307 0.50 -1.36 -16.84
CA VAL A 307 1.25 -2.56 -16.42
C VAL A 307 0.30 -3.61 -15.85
N PHE A 308 -0.66 -3.16 -15.05
CA PHE A 308 -1.60 -4.09 -14.42
C PHE A 308 -2.40 -4.87 -15.46
N ASP A 309 -2.68 -4.25 -16.61
CA ASP A 309 -3.40 -4.91 -17.68
C ASP A 309 -2.64 -6.14 -18.20
N ALA A 310 -1.31 -6.05 -18.21
CA ALA A 310 -0.49 -7.17 -18.66
C ALA A 310 -0.51 -8.29 -17.64
N VAL A 311 -0.18 -7.95 -16.39
CA VAL A 311 -0.08 -8.96 -15.35
C VAL A 311 -1.39 -9.73 -15.18
N THR A 312 -2.52 -9.05 -15.38
CA THR A 312 -3.81 -9.71 -15.23
C THR A 312 -3.97 -10.85 -16.23
N ASP A 313 -3.45 -10.66 -17.45
CA ASP A 313 -3.59 -11.68 -18.46
C ASP A 313 -2.90 -12.96 -18.05
N VAL A 314 -1.73 -12.84 -17.42
CA VAL A 314 -1.01 -14.01 -16.96
C VAL A 314 -1.82 -14.80 -15.93
N ILE A 315 -2.52 -14.07 -15.05
CA ILE A 315 -3.36 -14.71 -14.04
C ILE A 315 -4.47 -15.54 -14.67
N ILE A 316 -4.96 -15.11 -15.82
CA ILE A 316 -6.09 -15.78 -16.46
C ILE A 316 -5.62 -17.04 -17.16
N LYS A 317 -4.75 -16.87 -18.15
CA LYS A 317 -4.28 -18.03 -18.91
C LYS A 317 -3.59 -19.06 -18.03
N ASN A 318 -2.97 -18.63 -16.93
CA ASN A 318 -2.25 -19.57 -16.06
C ASN A 318 -3.11 -20.07 -14.90
N ASN A 319 -3.40 -19.20 -13.94
CA ASN A 319 -4.27 -19.55 -12.82
C ASN A 319 -5.73 -19.68 -13.26
N LEU A 320 -6.42 -20.70 -12.75
CA LEU A 320 -7.88 -20.76 -12.85
C LEU A 320 -8.43 -21.97 -12.08
N LYS A 321 -9.68 -21.87 -11.67
CA LYS A 321 -10.38 -22.97 -11.01
C LYS A 321 -9.68 -23.40 -9.73
N ASP A 322 -10.27 -22.95 -8.61
CA ASP A 322 -9.88 -23.39 -7.26
C ASP A 322 -8.36 -23.50 -7.08
N CYS A 323 -7.68 -22.38 -7.26
CA CYS A 323 -6.22 -22.35 -7.11
C CYS A 323 -5.56 -23.40 -8.00
N GLY A 324 -5.88 -23.35 -9.28
CA GLY A 324 -5.26 -24.23 -10.27
C GLY A 324 -6.01 -25.54 -10.40
N LEU A 325 -5.64 -26.56 -9.61
CA LEU A 325 -6.24 -27.87 -9.79
C LEU A 325 -7.76 -27.76 -9.60
N PHE A 326 -8.48 -28.25 -10.61
CA PHE A 326 -9.95 -28.37 -10.60
C PHE A 326 -10.64 -27.24 -9.83
N ARG A 4 -13.71 -15.66 -10.75
CA ARG A 4 -13.52 -14.22 -10.58
C ARG A 4 -12.50 -13.85 -9.49
N GLU A 5 -12.38 -14.68 -8.45
CA GLU A 5 -11.50 -14.36 -7.33
C GLU A 5 -10.04 -14.50 -7.71
N VAL A 6 -9.34 -13.38 -7.86
CA VAL A 6 -7.88 -13.41 -8.01
C VAL A 6 -7.17 -13.43 -6.65
N LYS A 7 -7.33 -12.37 -5.87
CA LYS A 7 -6.72 -12.30 -4.53
C LYS A 7 -5.19 -12.21 -4.58
N LEU A 8 -4.70 -11.12 -5.16
CA LEU A 8 -3.27 -10.82 -5.20
C LEU A 8 -2.69 -10.65 -3.78
N LEU A 9 -1.44 -11.07 -3.55
CA LEU A 9 -0.78 -10.82 -2.28
C LEU A 9 0.45 -9.92 -2.45
N LEU A 10 0.46 -8.74 -1.82
CA LEU A 10 1.66 -7.89 -1.85
C LEU A 10 2.76 -8.45 -0.93
N LEU A 11 4.01 -8.44 -1.38
CA LEU A 11 5.13 -8.83 -0.53
C LEU A 11 6.36 -8.02 -0.88
N GLY A 12 7.25 -7.79 0.09
CA GLY A 12 8.48 -7.07 -0.20
C GLY A 12 9.17 -6.52 1.05
N ALA A 13 10.44 -6.18 0.89
CA ALA A 13 11.23 -5.51 1.92
C ALA A 13 10.59 -4.18 2.32
N GLY A 14 10.86 -3.75 3.54
CA GLY A 14 10.28 -2.50 4.07
C GLY A 14 10.54 -1.34 3.13
N GLU A 15 9.64 -0.37 3.14
CA GLU A 15 9.71 0.79 2.25
C GLU A 15 9.66 0.41 0.76
N SER A 16 9.33 -0.86 0.45
CA SER A 16 9.13 -1.28 -0.94
C SER A 16 8.01 -0.51 -1.65
N GLY A 17 7.16 0.20 -0.90
CA GLY A 17 6.06 0.94 -1.52
C GLY A 17 4.78 0.12 -1.69
N LYS A 18 4.69 -1.06 -1.06
CA LYS A 18 3.50 -1.88 -1.22
C LYS A 18 2.23 -1.13 -0.82
N SER A 19 2.35 -0.22 0.14
CA SER A 19 1.19 0.57 0.56
C SER A 19 0.70 1.46 -0.57
N THR A 20 1.64 2.06 -1.30
CA THR A 20 1.27 2.95 -2.38
C THR A 20 0.48 2.23 -3.47
N ILE A 21 0.86 0.97 -3.74
CA ILE A 21 0.12 0.18 -4.72
C ILE A 21 -1.34 -0.02 -4.30
N VAL A 22 -1.59 -0.05 -2.99
CA VAL A 22 -2.94 -0.30 -2.52
C VAL A 22 -3.86 0.84 -2.91
N LYS A 23 -3.43 2.08 -2.63
CA LYS A 23 -4.23 3.24 -2.97
C LYS A 23 -4.49 3.35 -4.47
N GLN A 24 -3.55 2.88 -5.30
CA GLN A 24 -3.71 3.01 -6.73
C GLN A 24 -4.96 2.29 -7.23
N MET A 25 -5.27 1.14 -6.62
CA MET A 25 -6.45 0.40 -7.02
C MET A 25 -7.73 1.19 -6.79
N LYS A 26 -7.76 2.01 -5.75
CA LYS A 26 -8.93 2.86 -5.48
C LYS A 26 -9.22 3.81 -6.64
N ILE A 27 -8.18 4.24 -7.34
CA ILE A 27 -8.31 5.21 -8.41
C ILE A 27 -8.69 4.55 -9.71
N ILE A 28 -7.81 3.68 -10.18
CA ILE A 28 -8.00 3.00 -11.46
C ILE A 28 -9.28 2.16 -11.46
N HIS A 29 -9.67 1.64 -10.29
CA HIS A 29 -10.81 0.73 -10.21
C HIS A 29 -11.79 1.18 -9.12
N GLU A 30 -13.07 0.89 -9.33
CA GLU A 30 -14.08 1.21 -8.32
C GLU A 30 -15.19 0.17 -8.36
N ALA A 31 -15.42 -0.50 -7.23
CA ALA A 31 -16.44 -1.53 -7.16
C ALA A 31 -17.08 -1.59 -5.78
N GLY A 32 -18.30 -2.13 -5.76
CA GLY A 32 -19.05 -2.30 -4.51
C GLY A 32 -20.45 -2.81 -4.83
N TYR A 33 -20.83 -3.93 -4.21
CA TYR A 33 -22.14 -4.52 -4.47
C TYR A 33 -22.68 -5.27 -3.26
N SER A 34 -23.18 -4.51 -2.29
CA SER A 34 -23.79 -5.10 -1.10
C SER A 34 -24.47 -3.99 -0.30
N GLU A 35 -25.29 -3.21 -1.00
CA GLU A 35 -25.75 -1.94 -0.47
C GLU A 35 -26.44 -2.05 0.88
N GLU A 36 -27.25 -3.09 1.08
CA GLU A 36 -27.94 -3.24 2.36
C GLU A 36 -26.96 -3.50 3.50
N GLU A 37 -25.96 -4.34 3.24
CA GLU A 37 -24.96 -4.62 4.25
C GLU A 37 -24.14 -3.38 4.62
N CYS A 38 -23.87 -2.55 3.62
CA CYS A 38 -23.01 -1.39 3.83
C CYS A 38 -23.63 -0.39 4.79
N LYS A 39 -24.95 -0.22 4.70
CA LYS A 39 -25.62 0.75 5.56
C LYS A 39 -25.40 0.47 7.04
N GLN A 40 -25.28 -0.82 7.39
CA GLN A 40 -25.10 -1.17 8.79
C GLN A 40 -23.76 -0.63 9.31
N TYR A 41 -22.74 -0.72 8.46
CA TYR A 41 -21.40 -0.22 8.75
C TYR A 41 -21.33 1.30 8.89
N LYS A 42 -22.32 2.02 8.35
CA LYS A 42 -22.16 3.45 8.15
C LYS A 42 -21.77 4.17 9.43
N ALA A 43 -22.22 3.68 10.59
CA ALA A 43 -21.80 4.31 11.84
C ALA A 43 -20.30 4.14 12.03
N VAL A 44 -19.81 2.93 11.76
CA VAL A 44 -18.40 2.63 11.94
C VAL A 44 -17.47 3.49 11.09
N VAL A 45 -17.88 3.79 9.86
CA VAL A 45 -17.02 4.58 8.98
C VAL A 45 -16.85 6.00 9.53
N TYR A 46 -17.98 6.63 9.88
CA TYR A 46 -17.92 7.96 10.49
C TYR A 46 -17.17 7.97 11.81
N SER A 47 -17.20 6.85 12.52
CA SER A 47 -16.57 6.79 13.84
C SER A 47 -15.05 6.84 13.71
N ASN A 48 -14.49 5.87 12.99
CA ASN A 48 -13.05 5.78 12.85
C ASN A 48 -12.46 7.05 12.25
N THR A 49 -13.18 7.69 11.33
CA THR A 49 -12.66 8.87 10.67
C THR A 49 -12.40 10.00 11.66
N ILE A 50 -13.35 10.26 12.56
CA ILE A 50 -13.15 11.28 13.58
C ILE A 50 -11.96 10.88 14.47
N GLN A 51 -11.84 9.60 14.79
CA GLN A 51 -10.71 9.13 15.58
C GLN A 51 -9.36 9.40 14.90
N SER A 52 -9.38 9.46 13.57
CA SER A 52 -8.14 9.62 12.82
C SER A 52 -7.66 11.06 12.85
N ILE A 53 -8.46 11.99 12.32
CA ILE A 53 -8.05 13.39 12.30
C ILE A 53 -7.81 13.94 13.69
N ILE A 54 -8.56 13.50 14.71
CA ILE A 54 -8.24 13.89 16.09
C ILE A 54 -6.84 13.40 16.49
N ALA A 55 -6.45 12.25 15.95
CA ALA A 55 -5.21 11.61 16.35
C ALA A 55 -4.03 12.39 15.85
N ILE A 56 -4.03 12.67 14.55
CA ILE A 56 -2.97 13.46 13.96
C ILE A 56 -2.93 14.84 14.63
N ILE A 57 -4.08 15.38 15.05
CA ILE A 57 -4.04 16.53 15.96
C ILE A 57 -3.31 16.26 17.27
N ARG A 58 -3.54 15.10 17.89
CA ARG A 58 -2.91 14.84 19.18
C ARG A 58 -1.38 14.83 19.08
N ALA A 59 -0.87 14.36 17.95
CA ALA A 59 0.56 14.33 17.69
C ALA A 59 1.16 15.72 17.55
N MET A 60 0.36 16.70 17.12
CA MET A 60 0.88 18.06 16.93
C MET A 60 1.51 18.61 18.22
N GLY A 61 1.08 18.12 19.37
CA GLY A 61 1.64 18.57 20.63
C GLY A 61 2.93 17.81 20.96
N ARG A 62 2.82 16.51 21.22
CA ARG A 62 3.98 15.72 21.64
C ARG A 62 5.17 15.83 20.70
N LEU A 63 4.91 15.94 19.40
CA LEU A 63 5.93 16.40 18.48
C LEU A 63 5.67 17.88 18.26
N LYS A 64 6.68 18.74 18.37
CA LYS A 64 6.43 20.16 18.08
C LYS A 64 5.95 20.29 16.64
N ILE A 65 4.73 20.80 16.47
CA ILE A 65 4.16 21.05 15.14
C ILE A 65 3.07 22.10 15.24
N ASP A 66 3.30 23.27 14.64
CA ASP A 66 2.27 24.30 14.60
C ASP A 66 1.32 24.08 13.43
N PHE A 67 0.06 24.48 13.56
CA PHE A 67 -0.85 24.54 12.41
C PHE A 67 -0.25 25.45 11.34
N GLY A 68 -0.48 25.14 10.07
CA GLY A 68 0.11 25.94 9.00
C GLY A 68 -0.53 27.32 8.98
N ASP A 69 -1.86 27.35 8.98
CA ASP A 69 -2.60 28.60 9.04
C ASP A 69 -3.09 28.86 10.46
N SER A 70 -3.05 30.11 10.89
CA SER A 70 -3.64 30.46 12.18
C SER A 70 -5.14 30.14 12.22
N ALA A 71 -5.81 30.20 11.06
CA ALA A 71 -7.24 29.98 10.99
C ALA A 71 -7.64 28.58 11.48
N ARG A 72 -6.74 27.61 11.35
CA ARG A 72 -7.06 26.24 11.76
C ARG A 72 -7.46 26.17 13.23
N ALA A 73 -7.01 27.14 14.04
CA ALA A 73 -7.52 27.27 15.41
C ALA A 73 -9.04 27.48 15.36
N ASP A 74 -9.72 26.98 16.39
CA ASP A 74 -11.18 27.06 16.50
C ASP A 74 -11.88 25.98 15.68
N ASP A 75 -11.49 25.77 14.41
CA ASP A 75 -12.04 24.64 13.65
C ASP A 75 -11.73 23.33 14.37
N ALA A 76 -10.49 23.23 14.85
CA ALA A 76 -10.08 22.05 15.60
C ALA A 76 -10.92 21.87 16.85
N ARG A 77 -11.09 22.94 17.62
CA ARG A 77 -11.88 22.86 18.84
C ARG A 77 -13.33 22.44 18.55
N GLN A 78 -13.86 22.89 17.41
CA GLN A 78 -15.20 22.51 16.97
C GLN A 78 -15.33 21.02 16.69
N LEU A 79 -14.25 20.41 16.25
CA LEU A 79 -14.29 19.02 15.83
C LEU A 79 -14.75 18.10 16.97
N PHE A 80 -14.33 18.44 18.19
CA PHE A 80 -14.76 17.68 19.37
C PHE A 80 -16.27 17.76 19.60
N VAL A 81 -16.88 18.86 19.18
CA VAL A 81 -18.31 19.06 19.41
C VAL A 81 -19.15 18.29 18.40
N LEU A 82 -19.03 18.67 17.13
CA LEU A 82 -19.77 17.99 16.07
C LEU A 82 -19.45 16.50 15.99
N ALA A 83 -18.27 16.10 16.46
CA ALA A 83 -17.85 14.70 16.34
C ALA A 83 -18.86 13.74 16.99
N GLY A 84 -19.61 14.23 17.99
CA GLY A 84 -20.55 13.37 18.68
C GLY A 84 -21.59 12.78 17.73
N ALA A 85 -22.08 13.57 16.78
CA ALA A 85 -23.07 13.06 15.82
C ALA A 85 -22.49 11.94 14.96
N ALA A 86 -21.21 12.08 14.60
CA ALA A 86 -20.57 11.05 13.79
C ALA A 86 -20.63 9.67 14.45
N GLU A 87 -20.65 9.62 15.77
CA GLU A 87 -20.82 8.35 16.47
C GLU A 87 -22.17 7.70 16.12
N GLU A 88 -23.20 8.54 15.95
CA GLU A 88 -24.52 8.13 15.46
C GLU A 88 -24.53 7.67 14.00
N GLY A 89 -23.41 7.86 13.30
CA GLY A 89 -23.34 7.62 11.86
C GLY A 89 -23.91 8.78 11.02
N PHE A 90 -24.20 9.92 11.64
CA PHE A 90 -24.68 11.08 10.90
C PHE A 90 -23.52 12.04 10.63
N MET A 91 -23.59 12.80 9.54
CA MET A 91 -22.54 13.77 9.24
C MET A 91 -23.14 15.06 8.69
N THR A 92 -23.45 16.00 9.60
CA THR A 92 -23.87 17.34 9.19
C THR A 92 -22.75 17.98 8.39
N ALA A 93 -23.06 18.81 7.39
CA ALA A 93 -22.01 19.38 6.56
C ALA A 93 -21.02 20.17 7.40
N GLU A 94 -21.47 20.78 8.51
CA GLU A 94 -20.55 21.54 9.34
C GLU A 94 -19.42 20.67 9.86
N LEU A 95 -19.73 19.45 10.30
CA LEU A 95 -18.70 18.49 10.64
C LEU A 95 -17.80 18.18 9.44
N ALA A 96 -18.36 18.23 8.25
CA ALA A 96 -17.61 17.84 7.06
C ALA A 96 -16.50 18.85 6.77
N GLY A 97 -16.87 20.07 6.44
CA GLY A 97 -15.88 21.08 6.09
C GLY A 97 -14.85 21.31 7.18
N VAL A 98 -15.25 21.23 8.45
CA VAL A 98 -14.30 21.48 9.53
C VAL A 98 -13.14 20.50 9.45
N ILE A 99 -13.43 19.24 9.18
CA ILE A 99 -12.37 18.25 8.98
C ILE A 99 -11.53 18.57 7.74
N LYS A 100 -12.18 19.07 6.68
CA LYS A 100 -11.46 19.31 5.43
C LYS A 100 -10.34 20.35 5.60
N ARG A 101 -10.66 21.40 6.36
CA ARG A 101 -9.69 22.47 6.67
C ARG A 101 -8.47 21.98 7.42
N LEU A 102 -8.66 20.93 8.22
CA LEU A 102 -7.59 20.42 9.04
C LEU A 102 -6.63 19.59 8.21
N TRP A 103 -7.16 18.53 7.57
CA TRP A 103 -6.32 17.66 6.77
C TRP A 103 -5.60 18.39 5.63
N LYS A 104 -6.27 19.36 5.01
CA LYS A 104 -5.63 20.20 3.98
C LYS A 104 -4.46 21.03 4.52
N ASP A 105 -4.46 21.30 5.82
CA ASP A 105 -3.49 22.23 6.40
C ASP A 105 -2.06 21.79 6.09
N SER A 106 -1.21 22.78 5.83
CA SER A 106 0.21 22.54 5.61
C SER A 106 0.89 21.90 6.83
N GLY A 107 0.30 22.07 8.02
CA GLY A 107 0.99 21.68 9.25
C GLY A 107 0.57 20.29 9.71
N VAL A 108 -0.73 20.00 9.66
CA VAL A 108 -1.19 18.64 9.93
C VAL A 108 -0.56 17.65 8.95
N GLN A 109 -0.37 18.08 7.69
CA GLN A 109 0.40 17.28 6.73
C GLN A 109 1.84 17.06 7.18
N ALA A 110 2.39 18.02 7.93
CA ALA A 110 3.71 17.85 8.51
C ALA A 110 3.73 16.68 9.51
N CYS A 111 2.58 16.46 10.17
CA CYS A 111 2.43 15.40 11.15
C CYS A 111 2.21 14.05 10.47
N PHE A 112 1.16 13.95 9.66
CA PHE A 112 0.90 12.68 8.96
C PHE A 112 2.10 12.14 8.17
N ASN A 113 2.99 12.97 7.64
CA ASN A 113 4.24 12.42 7.09
C ASN A 113 5.06 11.73 8.17
N ARG A 114 5.10 12.36 9.34
CA ARG A 114 5.66 11.82 10.57
C ARG A 114 4.95 10.59 11.12
N SER A 115 3.78 10.24 10.58
CA SER A 115 2.85 9.33 11.26
C SER A 115 3.50 8.02 11.72
N ARG A 116 4.65 7.66 11.17
CA ARG A 116 5.30 6.41 11.56
C ARG A 116 5.56 6.35 13.07
N GLU A 117 5.68 7.49 13.74
CA GLU A 117 6.00 7.52 15.16
C GLU A 117 4.73 7.33 16.01
N TYR A 118 3.86 8.35 16.04
CA TYR A 118 2.57 8.25 16.72
C TYR A 118 1.65 7.20 16.10
N GLN A 119 0.81 6.62 16.96
CA GLN A 119 -0.21 5.68 16.48
C GLN A 119 -1.21 6.38 15.56
N LEU A 120 -1.61 5.69 14.49
CA LEU A 120 -2.61 6.24 13.58
C LEU A 120 -3.56 5.14 13.10
N ASN A 121 -4.83 5.47 12.92
CA ASN A 121 -5.82 4.49 12.46
C ASN A 121 -5.36 3.85 11.15
N ASP A 122 -5.65 2.57 10.97
CA ASP A 122 -5.17 1.85 9.80
C ASP A 122 -5.63 2.50 8.51
N SER A 123 -6.84 3.05 8.51
CA SER A 123 -7.41 3.65 7.30
C SER A 123 -7.30 5.17 7.25
N ALA A 124 -6.68 5.79 8.26
CA ALA A 124 -6.83 7.24 8.46
C ALA A 124 -6.54 8.04 7.20
N ALA A 125 -5.68 7.52 6.33
CA ALA A 125 -5.44 8.18 5.04
C ALA A 125 -6.62 7.97 4.11
N TYR A 126 -6.92 6.70 3.80
CA TYR A 126 -7.99 6.40 2.83
C TYR A 126 -9.31 7.11 3.14
N TYR A 127 -9.62 7.35 4.41
CA TYR A 127 -10.89 8.01 4.74
C TYR A 127 -10.81 9.51 4.47
N LEU A 128 -9.86 10.20 5.10
CA LEU A 128 -9.79 11.65 4.98
C LEU A 128 -9.62 12.12 3.53
N ASN A 129 -8.89 11.32 2.74
CA ASN A 129 -8.71 11.61 1.32
C ASN A 129 -10.02 11.58 0.54
N ASP A 130 -10.92 10.70 0.97
CA ASP A 130 -12.23 10.55 0.34
C ASP A 130 -13.32 11.27 1.14
N LEU A 131 -12.95 12.18 2.02
CA LEU A 131 -13.88 12.69 3.02
C LEU A 131 -15.15 13.25 2.40
N ASP A 132 -15.06 13.80 1.19
CA ASP A 132 -16.24 14.38 0.56
C ASP A 132 -17.30 13.32 0.27
N ARG A 133 -16.90 12.23 -0.39
CA ARG A 133 -17.86 11.21 -0.78
C ARG A 133 -18.58 10.59 0.40
N ILE A 134 -17.89 10.37 1.52
CA ILE A 134 -18.54 9.91 2.73
C ILE A 134 -19.50 10.95 3.32
N ALA A 135 -19.22 12.23 3.09
CA ALA A 135 -20.04 13.31 3.60
C ALA A 135 -21.44 13.34 2.99
N GLN A 136 -21.57 12.80 1.78
CA GLN A 136 -22.80 12.97 0.99
C GLN A 136 -24.04 12.53 1.76
N PRO A 137 -25.18 13.17 1.58
CA PRO A 137 -26.42 12.78 2.32
C PRO A 137 -26.77 11.31 2.07
N ASN A 138 -27.28 10.66 3.11
CA ASN A 138 -27.64 9.23 3.04
C ASN A 138 -26.58 8.40 2.31
N TYR A 139 -25.31 8.74 2.55
CA TYR A 139 -24.20 8.04 1.91
C TYR A 139 -24.28 6.54 2.22
N ILE A 140 -23.99 5.69 1.23
CA ILE A 140 -23.78 4.27 1.49
C ILE A 140 -22.27 3.98 1.45
N PRO A 141 -21.69 3.30 2.41
CA PRO A 141 -20.25 2.88 2.29
C PRO A 141 -20.02 1.98 1.07
N THR A 142 -18.94 2.24 0.35
CA THR A 142 -18.44 1.31 -0.66
C THR A 142 -18.07 -0.01 -0.01
N GLN A 143 -18.10 -1.11 -0.77
CA GLN A 143 -17.67 -2.39 -0.20
C GLN A 143 -16.24 -2.29 0.36
N GLN A 144 -15.40 -1.45 -0.25
CA GLN A 144 -14.09 -1.16 0.33
C GLN A 144 -14.23 -0.49 1.70
N ASP A 145 -15.20 0.42 1.84
CA ASP A 145 -15.32 1.17 3.09
C ASP A 145 -15.53 0.25 4.28
N VAL A 146 -16.30 -0.82 4.08
CA VAL A 146 -16.56 -1.76 5.16
C VAL A 146 -15.26 -2.43 5.62
N LEU A 147 -14.45 -2.87 4.67
CA LEU A 147 -13.20 -3.54 5.01
C LEU A 147 -12.23 -2.63 5.77
N ARG A 148 -12.25 -1.36 5.42
CA ARG A 148 -11.43 -0.34 6.08
C ARG A 148 -11.74 -0.18 7.58
N THR A 149 -12.93 -0.61 7.99
CA THR A 149 -13.37 -0.51 9.40
C THR A 149 -12.48 -1.30 10.35
N ARG A 150 -12.46 -0.85 11.61
CA ARG A 150 -11.93 -1.57 12.78
C ARG A 150 -10.63 -0.94 13.28
N VAL A 151 -10.43 -1.09 14.59
CA VAL A 151 -9.18 -0.79 15.28
C VAL A 151 -8.05 -1.71 14.84
N LYS A 152 -6.80 -1.24 14.96
CA LYS A 152 -5.65 -2.09 14.60
C LYS A 152 -5.71 -3.41 15.36
N THR A 153 -5.35 -4.50 14.69
CA THR A 153 -5.34 -5.82 15.32
C THR A 153 -5.03 -6.90 14.29
N THR A 154 -5.80 -6.94 13.21
CA THR A 154 -5.58 -7.91 12.15
C THR A 154 -4.19 -7.78 11.51
N GLY A 155 -3.64 -6.57 11.51
CA GLY A 155 -2.33 -6.32 10.92
C GLY A 155 -2.29 -6.50 9.39
N ILE A 156 -3.42 -6.86 8.77
CA ILE A 156 -3.45 -7.09 7.33
C ILE A 156 -4.49 -6.17 6.68
N VAL A 157 -4.04 -5.15 5.94
CA VAL A 157 -4.98 -4.28 5.22
C VAL A 157 -5.69 -5.06 4.11
N GLU A 158 -6.99 -4.85 3.96
CA GLU A 158 -7.73 -5.41 2.83
C GLU A 158 -7.99 -4.35 1.76
N THR A 159 -8.04 -4.77 0.51
CA THR A 159 -8.36 -3.85 -0.59
C THR A 159 -9.09 -4.57 -1.72
N HIS A 160 -10.39 -4.31 -1.86
CA HIS A 160 -11.16 -4.90 -2.96
C HIS A 160 -11.25 -3.96 -4.17
N PHE A 161 -11.32 -4.55 -5.36
CA PHE A 161 -11.51 -3.77 -6.59
C PHE A 161 -11.77 -4.70 -7.77
N THR A 162 -12.76 -4.39 -8.60
CA THR A 162 -13.00 -5.16 -9.82
C THR A 162 -12.07 -4.72 -10.95
N PHE A 163 -11.53 -5.68 -11.69
CA PHE A 163 -10.82 -5.38 -12.94
C PHE A 163 -10.97 -6.53 -13.93
N LYS A 164 -11.11 -6.20 -15.22
CA LYS A 164 -11.42 -7.18 -16.27
C LYS A 164 -12.49 -8.18 -15.80
N ASP A 165 -13.53 -7.65 -15.18
CA ASP A 165 -14.66 -8.43 -14.71
C ASP A 165 -14.22 -9.67 -13.93
N LEU A 166 -13.28 -9.51 -13.00
CA LEU A 166 -12.93 -10.53 -12.03
C LEU A 166 -12.73 -9.79 -10.71
N HIS A 167 -13.23 -10.27 -9.57
CA HIS A 167 -13.02 -9.55 -8.32
C HIS A 167 -11.60 -9.79 -7.84
N PHE A 168 -10.87 -8.72 -7.54
CA PHE A 168 -9.56 -8.82 -6.90
C PHE A 168 -9.68 -8.61 -5.39
N LYS A 169 -8.79 -9.23 -4.63
CA LYS A 169 -8.68 -8.93 -3.21
C LYS A 169 -7.21 -8.84 -2.84
N MET A 170 -6.60 -7.70 -3.11
CA MET A 170 -5.23 -7.43 -2.68
C MET A 170 -5.12 -7.45 -1.15
N PHE A 171 -4.03 -8.02 -0.62
CA PHE A 171 -3.79 -8.04 0.82
C PHE A 171 -2.42 -7.45 1.15
N ASP A 172 -2.37 -6.17 1.53
CA ASP A 172 -1.11 -5.56 1.95
C ASP A 172 -0.60 -6.12 3.28
N VAL A 173 0.72 -6.30 3.38
CA VAL A 173 1.35 -6.63 4.66
C VAL A 173 2.64 -5.83 4.82
N GLY A 174 2.93 -5.35 6.03
CA GLY A 174 4.09 -4.49 6.23
C GLY A 174 5.39 -5.19 5.84
N GLY A 175 6.23 -4.48 5.09
CA GLY A 175 7.53 -5.01 4.68
C GLY A 175 8.48 -5.26 5.85
N GLN A 176 8.38 -4.45 6.90
CA GLN A 176 9.33 -4.54 8.02
C GLN A 176 9.36 -5.95 8.60
N ARG A 177 10.54 -6.39 9.03
CA ARG A 177 10.71 -7.78 9.43
C ARG A 177 9.73 -8.20 10.52
N SER A 178 9.32 -7.25 11.38
CA SER A 178 8.37 -7.59 12.44
C SER A 178 7.05 -8.04 11.84
N GLU A 179 6.60 -7.33 10.82
CA GLU A 179 5.39 -7.71 10.10
C GLU A 179 5.51 -9.02 9.33
N ARG A 180 6.72 -9.37 8.87
CA ARG A 180 6.86 -10.49 7.94
C ARG A 180 6.31 -11.81 8.48
N LYS A 181 6.42 -12.03 9.78
CA LYS A 181 5.88 -13.25 10.38
C LYS A 181 4.36 -13.39 10.19
N LYS A 182 3.67 -12.26 10.14
CA LYS A 182 2.23 -12.23 9.87
C LYS A 182 1.84 -12.81 8.51
N TRP A 183 2.78 -12.80 7.57
CA TRP A 183 2.42 -12.98 6.17
C TRP A 183 1.66 -14.29 5.88
N ILE A 184 1.88 -15.34 6.67
CA ILE A 184 1.25 -16.62 6.37
C ILE A 184 -0.28 -16.54 6.35
N HIS A 185 -0.85 -15.61 7.11
CA HIS A 185 -2.31 -15.52 7.19
C HIS A 185 -2.94 -15.25 5.82
N CYS A 186 -2.24 -14.49 5.00
CA CYS A 186 -2.72 -14.15 3.66
C CYS A 186 -2.46 -15.25 2.63
N PHE A 187 -1.58 -16.19 2.94
CA PHE A 187 -1.14 -17.17 1.94
C PHE A 187 -2.28 -18.00 1.35
N GLU A 188 -3.37 -18.21 2.09
CA GLU A 188 -4.48 -19.03 1.58
C GLU A 188 -5.14 -18.41 0.36
N GLY A 189 -5.39 -19.22 -0.67
CA GLY A 189 -6.30 -18.81 -1.75
C GLY A 189 -5.66 -17.80 -2.71
N VAL A 190 -4.42 -17.40 -2.48
CA VAL A 190 -3.76 -16.43 -3.37
C VAL A 190 -3.69 -16.96 -4.80
N ALA A 191 -3.96 -16.10 -5.77
CA ALA A 191 -3.76 -16.45 -7.17
C ALA A 191 -2.33 -16.18 -7.58
N ALA A 192 -1.94 -14.90 -7.49
CA ALA A 192 -0.61 -14.48 -7.92
C ALA A 192 -0.02 -13.48 -6.93
N ILE A 193 1.27 -13.64 -6.64
CA ILE A 193 1.96 -12.70 -5.78
C ILE A 193 2.49 -11.52 -6.60
N ILE A 194 2.47 -10.33 -6.02
CA ILE A 194 3.23 -9.21 -6.54
C ILE A 194 4.28 -8.81 -5.50
N PHE A 195 5.56 -8.99 -5.83
CA PHE A 195 6.62 -8.76 -4.87
C PHE A 195 7.32 -7.42 -5.08
N CYS A 196 6.76 -6.36 -4.52
CA CYS A 196 7.36 -5.03 -4.61
C CYS A 196 8.80 -4.98 -4.09
N VAL A 197 9.64 -4.21 -4.78
CA VAL A 197 11.02 -3.97 -4.34
C VAL A 197 11.49 -2.59 -4.82
N ALA A 198 11.94 -1.74 -3.89
CA ALA A 198 12.40 -0.39 -4.28
C ALA A 198 13.80 -0.44 -4.87
N LEU A 199 13.94 -0.10 -6.16
CA LEU A 199 15.25 -0.06 -6.79
C LEU A 199 16.19 0.96 -6.13
N SER A 200 15.64 2.07 -5.64
CA SER A 200 16.43 3.11 -4.98
C SER A 200 17.11 2.63 -3.69
N ASP A 201 16.57 1.56 -3.10
CA ASP A 201 17.09 1.02 -1.85
C ASP A 201 18.58 0.63 -1.92
N TYR A 202 19.14 0.54 -3.13
CA TYR A 202 20.47 -0.03 -3.32
C TYR A 202 21.53 0.63 -2.45
N ASP A 203 21.32 1.87 -2.02
CA ASP A 203 22.20 2.49 -1.02
C ASP A 203 21.58 2.57 0.38
N LEU A 204 20.26 2.77 0.45
CA LEU A 204 19.59 2.95 1.74
C LEU A 204 19.80 1.76 2.68
N VAL A 205 19.96 2.04 3.97
CA VAL A 205 20.03 0.98 4.99
C VAL A 205 18.68 0.73 5.65
N LEU A 206 18.43 -0.52 6.06
CA LEU A 206 17.21 -0.85 6.80
C LEU A 206 17.11 -0.07 8.10
N ALA A 207 15.89 0.32 8.47
CA ALA A 207 15.64 0.76 9.84
C ALA A 207 15.91 -0.36 10.86
N GLU A 208 15.67 -1.61 10.44
CA GLU A 208 15.93 -2.76 11.30
C GLU A 208 17.41 -2.86 11.71
N ASP A 209 18.29 -2.36 10.85
CA ASP A 209 19.73 -2.41 11.10
C ASP A 209 20.43 -1.49 10.12
N GLU A 210 20.95 -0.37 10.63
CA GLU A 210 21.60 0.60 9.75
C GLU A 210 22.79 -0.01 9.01
N GLU A 211 23.46 -1.00 9.60
CA GLU A 211 24.57 -1.66 8.91
C GLU A 211 24.12 -2.37 7.63
N MET A 212 22.89 -2.90 7.65
CA MET A 212 22.37 -3.70 6.56
C MET A 212 22.15 -2.89 5.27
N ASN A 213 22.38 -3.56 4.14
CA ASN A 213 21.94 -3.00 2.86
C ASN A 213 20.48 -3.41 2.65
N ARG A 214 19.58 -2.45 2.38
CA ARG A 214 18.18 -2.81 2.18
C ARG A 214 17.96 -3.76 1.01
N MET A 215 18.69 -3.57 -0.09
CA MET A 215 18.49 -4.42 -1.26
C MET A 215 18.92 -5.85 -1.04
N HIS A 216 20.06 -6.03 -0.36
CA HIS A 216 20.53 -7.38 -0.07
C HIS A 216 19.51 -8.13 0.78
N GLU A 217 18.86 -7.41 1.68
CA GLU A 217 17.78 -7.99 2.47
C GLU A 217 16.64 -8.46 1.58
N SER A 218 16.34 -7.70 0.54
CA SER A 218 15.28 -8.06 -0.39
C SER A 218 15.60 -9.37 -1.11
N MET A 219 16.86 -9.53 -1.49
CA MET A 219 17.31 -10.73 -2.17
C MET A 219 17.09 -11.99 -1.33
N LYS A 220 17.12 -11.85 0.00
CA LYS A 220 17.07 -13.03 0.85
C LYS A 220 15.64 -13.53 1.00
N LEU A 221 14.77 -12.73 1.61
CA LEU A 221 13.39 -13.14 1.76
C LEU A 221 12.70 -13.39 0.40
N PHE A 222 13.10 -12.69 -0.67
CA PHE A 222 12.53 -12.97 -1.98
C PHE A 222 12.85 -14.40 -2.42
N ASP A 223 14.04 -14.88 -2.08
CA ASP A 223 14.41 -16.24 -2.43
C ASP A 223 13.48 -17.24 -1.75
N SER A 224 13.10 -16.94 -0.51
CA SER A 224 12.22 -17.84 0.22
C SER A 224 10.85 -17.96 -0.40
N ILE A 225 10.23 -16.83 -0.80
CA ILE A 225 8.87 -16.88 -1.34
C ILE A 225 8.80 -17.61 -2.67
N CYS A 226 9.85 -17.48 -3.48
CA CYS A 226 9.83 -18.01 -4.83
C CYS A 226 9.92 -19.53 -4.79
N ASN A 227 11.01 -20.00 -4.18
CA ASN A 227 11.24 -21.41 -3.97
C ASN A 227 10.15 -22.09 -3.14
N ASN A 228 9.34 -21.31 -2.40
CA ASN A 228 8.45 -21.91 -1.39
C ASN A 228 7.53 -22.92 -2.06
N LYS A 229 7.46 -24.13 -1.50
CA LYS A 229 6.57 -25.15 -2.05
C LYS A 229 5.09 -24.77 -2.03
N TRP A 230 4.67 -23.99 -1.03
CA TRP A 230 3.25 -23.62 -0.93
C TRP A 230 2.76 -22.85 -2.16
N PHE A 231 3.65 -22.04 -2.73
CA PHE A 231 3.32 -21.22 -3.90
C PHE A 231 3.51 -21.93 -5.23
N THR A 232 3.89 -23.21 -5.21
CA THR A 232 4.39 -23.85 -6.41
C THR A 232 3.39 -23.75 -7.55
N ASP A 233 2.11 -23.86 -7.23
CA ASP A 233 1.10 -23.56 -8.22
C ASP A 233 1.04 -22.06 -8.46
N THR A 234 1.03 -21.30 -7.35
CA THR A 234 0.99 -19.84 -7.49
C THR A 234 2.12 -19.24 -8.32
N SER A 235 1.71 -18.35 -9.23
CA SER A 235 2.64 -17.53 -10.01
C SER A 235 3.44 -16.60 -9.11
N ILE A 236 4.70 -16.36 -9.44
CA ILE A 236 5.47 -15.32 -8.77
C ILE A 236 5.66 -14.16 -9.75
N ILE A 237 5.38 -12.91 -9.33
CA ILE A 237 5.53 -11.77 -10.23
C ILE A 237 6.32 -10.65 -9.56
N LEU A 238 7.61 -10.51 -9.91
CA LEU A 238 8.42 -9.45 -9.30
C LEU A 238 7.89 -8.08 -9.70
N PHE A 239 7.96 -7.10 -8.80
CA PHE A 239 7.51 -5.74 -9.11
C PHE A 239 8.57 -4.73 -8.67
N LEU A 240 9.58 -4.50 -9.51
CA LEU A 240 10.61 -3.51 -9.19
C LEU A 240 10.03 -2.10 -9.04
N ASN A 241 9.52 -1.80 -7.84
CA ASN A 241 8.91 -0.51 -7.52
C ASN A 241 9.89 0.65 -7.56
N LYS A 242 9.34 1.84 -7.78
CA LYS A 242 10.10 3.09 -7.71
C LYS A 242 11.19 3.14 -8.78
N LYS A 243 10.89 2.60 -9.95
CA LYS A 243 11.73 2.83 -11.12
C LYS A 243 11.89 4.33 -11.44
N ASP A 244 10.92 5.13 -11.02
CA ASP A 244 10.92 6.55 -11.37
C ASP A 244 12.00 7.34 -10.62
N LEU A 245 11.97 7.35 -9.29
CA LEU A 245 13.02 8.05 -8.55
C LEU A 245 14.41 7.41 -8.75
N PHE A 246 14.44 6.11 -9.04
CA PHE A 246 15.72 5.41 -9.23
C PHE A 246 16.54 5.96 -10.39
N GLU A 247 15.88 6.35 -11.48
CA GLU A 247 16.60 6.93 -12.63
C GLU A 247 17.31 8.24 -12.26
N GLU A 248 16.81 8.93 -11.24
CA GLU A 248 17.43 10.18 -10.81
C GLU A 248 18.65 9.89 -9.92
N LYS A 249 18.40 9.21 -8.82
CA LYS A 249 19.45 8.96 -7.84
C LYS A 249 20.67 8.23 -8.43
N ILE A 250 20.45 7.37 -9.42
CA ILE A 250 21.57 6.69 -10.06
C ILE A 250 22.56 7.67 -10.70
N LYS A 251 22.06 8.80 -11.17
CA LYS A 251 22.90 9.79 -11.84
C LYS A 251 24.03 10.27 -10.96
N LYS A 252 23.81 10.33 -9.64
CA LYS A 252 24.87 10.74 -8.71
C LYS A 252 25.56 9.51 -8.11
N SER A 253 24.78 8.79 -7.29
CA SER A 253 25.30 7.64 -6.56
C SER A 253 25.68 6.49 -7.51
N PRO A 254 26.86 5.92 -7.43
CA PRO A 254 27.19 4.65 -8.15
C PRO A 254 26.38 3.46 -7.64
N LEU A 255 26.00 2.56 -8.55
CA LEU A 255 25.43 1.28 -8.15
C LEU A 255 26.39 0.46 -7.26
N THR A 256 27.70 0.74 -7.37
CA THR A 256 28.72 0.02 -6.58
C THR A 256 28.43 0.07 -5.07
N ILE A 257 27.61 1.02 -4.65
CA ILE A 257 27.05 1.11 -3.29
C ILE A 257 26.21 -0.13 -2.89
N CYS A 258 25.92 -1.03 -3.83
CA CYS A 258 25.04 -2.16 -3.56
C CYS A 258 25.70 -3.43 -4.08
N TYR A 259 26.05 -3.41 -5.36
CA TYR A 259 26.82 -4.50 -5.95
C TYR A 259 28.17 -3.95 -6.40
N GLN A 260 29.19 -4.11 -5.56
CA GLN A 260 30.51 -3.58 -5.87
C GLN A 260 31.07 -4.13 -7.18
N GLU A 261 30.70 -5.36 -7.53
CA GLU A 261 31.18 -5.99 -8.76
C GLU A 261 30.79 -5.21 -10.02
N TYR A 262 29.72 -4.43 -9.93
CA TYR A 262 29.16 -3.77 -11.11
C TYR A 262 30.17 -2.89 -11.83
N ALA A 263 30.17 -2.98 -13.15
CA ALA A 263 30.96 -2.10 -14.02
C ALA A 263 30.09 -1.07 -14.76
N GLY A 264 28.84 -1.42 -14.98
CA GLY A 264 27.95 -0.73 -15.91
C GLY A 264 27.81 0.77 -15.66
N SER A 265 27.41 1.43 -16.74
CA SER A 265 27.15 2.87 -16.79
C SER A 265 26.09 3.28 -15.77
N ASN A 266 26.10 4.57 -15.42
CA ASN A 266 25.11 5.15 -14.50
C ASN A 266 23.75 5.39 -15.16
N THR A 267 23.38 4.54 -16.11
CA THR A 267 22.15 4.74 -16.87
C THR A 267 20.99 4.00 -16.19
N TYR A 268 19.77 4.51 -16.33
CA TYR A 268 18.61 3.81 -15.75
C TYR A 268 18.51 2.38 -16.28
N GLU A 269 18.96 2.13 -17.51
CA GLU A 269 18.82 0.79 -18.08
C GLU A 269 19.80 -0.19 -17.45
N GLU A 270 21.10 0.06 -17.63
CA GLU A 270 22.10 -0.85 -17.07
C GLU A 270 21.98 -1.00 -15.56
N ALA A 271 21.52 0.06 -14.88
CA ALA A 271 21.47 0.06 -13.43
C ALA A 271 20.29 -0.75 -12.90
N ALA A 272 19.08 -0.30 -13.21
CA ALA A 272 17.89 -0.97 -12.69
C ALA A 272 17.83 -2.41 -13.22
N ALA A 273 18.16 -2.58 -14.49
CA ALA A 273 18.14 -3.89 -15.12
C ALA A 273 19.13 -4.87 -14.50
N TYR A 274 20.25 -4.37 -13.97
CA TYR A 274 21.24 -5.28 -13.37
C TYR A 274 20.64 -6.01 -12.17
N ILE A 275 19.75 -5.33 -11.43
CA ILE A 275 19.10 -5.93 -10.27
C ILE A 275 18.20 -7.08 -10.71
N GLN A 276 17.28 -6.76 -11.62
CA GLN A 276 16.46 -7.79 -12.26
C GLN A 276 17.28 -9.01 -12.74
N CYS A 277 18.58 -8.86 -12.92
CA CYS A 277 19.40 -10.04 -13.19
C CYS A 277 19.63 -10.82 -11.89
N GLN A 278 20.19 -10.15 -10.89
CA GLN A 278 20.53 -10.79 -9.61
C GLN A 278 19.33 -11.44 -8.93
N PHE A 279 18.14 -10.91 -9.18
CA PHE A 279 16.93 -11.38 -8.50
C PHE A 279 16.46 -12.70 -9.11
N GLU A 280 16.23 -12.67 -10.41
CA GLU A 280 15.79 -13.87 -11.12
C GLU A 280 16.78 -15.02 -10.94
N ASP A 281 18.07 -14.70 -10.76
CA ASP A 281 19.08 -15.73 -10.54
C ASP A 281 18.79 -16.58 -9.31
N LEU A 282 18.14 -16.00 -8.31
CA LEU A 282 17.82 -16.72 -7.09
C LEU A 282 16.99 -17.98 -7.33
N ASN A 283 16.24 -18.02 -8.43
CA ASN A 283 15.30 -19.13 -8.65
C ASN A 283 16.03 -20.47 -8.69
N LYS A 284 15.64 -21.37 -7.80
CA LYS A 284 16.06 -22.77 -7.87
C LYS A 284 15.56 -23.49 -9.13
N ARG A 285 14.45 -23.01 -9.69
CA ARG A 285 13.75 -23.76 -10.74
C ARG A 285 13.56 -22.90 -12.00
N LYS A 286 14.69 -22.45 -12.54
CA LYS A 286 14.63 -21.65 -13.77
C LYS A 286 13.94 -22.41 -14.90
N ASP A 287 14.10 -23.74 -14.90
CA ASP A 287 13.51 -24.60 -15.93
C ASP A 287 11.98 -24.57 -15.94
N THR A 288 11.36 -24.34 -14.77
CA THR A 288 9.92 -24.58 -14.63
C THR A 288 9.20 -23.48 -13.86
N LYS A 289 9.83 -22.32 -13.66
CA LYS A 289 9.17 -21.24 -12.92
C LYS A 289 9.54 -19.88 -13.52
N GLU A 290 8.52 -19.09 -13.85
CA GLU A 290 8.75 -17.80 -14.51
C GLU A 290 8.66 -16.66 -13.49
N ILE A 291 9.70 -15.84 -13.42
CA ILE A 291 9.70 -14.71 -12.48
C ILE A 291 8.62 -13.66 -12.79
N TYR A 292 8.19 -13.46 -14.05
CA TYR A 292 7.17 -12.46 -14.34
C TYR A 292 7.50 -11.09 -13.73
N THR A 293 8.73 -10.63 -13.98
CA THR A 293 9.17 -9.29 -13.55
C THR A 293 8.42 -8.17 -14.27
N HIS A 294 8.19 -7.06 -13.54
CA HIS A 294 7.67 -5.84 -14.16
C HIS A 294 8.12 -4.60 -13.39
N PHE A 295 8.90 -3.73 -14.04
CA PHE A 295 9.21 -2.42 -13.45
C PHE A 295 7.91 -1.62 -13.22
N THR A 296 7.84 -0.88 -12.11
CA THR A 296 6.63 -0.12 -11.80
C THR A 296 6.94 1.15 -11.02
N CYS A 297 5.94 2.03 -10.95
CA CYS A 297 6.05 3.28 -10.22
C CYS A 297 4.74 3.54 -9.47
N ALA A 298 4.70 3.15 -8.21
CA ALA A 298 3.46 3.27 -7.43
C ALA A 298 2.95 4.70 -7.38
N THR A 299 3.88 5.66 -7.26
CA THR A 299 3.49 7.07 -7.21
C THR A 299 2.75 7.52 -8.47
N ASP A 300 3.05 6.88 -9.60
CA ASP A 300 2.43 7.26 -10.87
C ASP A 300 1.25 6.34 -11.18
N THR A 301 0.02 6.86 -11.06
CA THR A 301 -1.15 6.06 -11.38
C THR A 301 -1.15 5.62 -12.84
N LYS A 302 -0.71 6.51 -13.74
CA LYS A 302 -0.62 6.17 -15.16
C LYS A 302 0.29 4.97 -15.42
N ASN A 303 1.24 4.70 -14.53
CA ASN A 303 2.23 3.66 -14.78
C ASN A 303 1.66 2.32 -14.36
N VAL A 304 1.33 2.23 -13.07
CA VAL A 304 0.79 1.01 -12.50
C VAL A 304 -0.45 0.54 -13.26
N GLN A 305 -1.16 1.45 -13.93
CA GLN A 305 -2.40 1.08 -14.61
C GLN A 305 -2.13 0.21 -15.82
N PHE A 306 -1.41 0.76 -16.80
CA PHE A 306 -1.13 -0.01 -18.01
C PHE A 306 -0.37 -1.30 -17.71
N VAL A 307 0.51 -1.25 -16.70
CA VAL A 307 1.24 -2.46 -16.32
C VAL A 307 0.30 -3.52 -15.77
N PHE A 308 -0.66 -3.08 -14.95
CA PHE A 308 -1.61 -4.02 -14.35
C PHE A 308 -2.41 -4.76 -15.40
N ASP A 309 -2.69 -4.11 -16.53
CA ASP A 309 -3.44 -4.74 -17.61
C ASP A 309 -2.70 -5.95 -18.17
N ALA A 310 -1.37 -5.85 -18.24
CA ALA A 310 -0.56 -6.96 -18.73
C ALA A 310 -0.55 -8.12 -17.73
N VAL A 311 -0.22 -7.80 -16.48
CA VAL A 311 -0.09 -8.84 -15.47
C VAL A 311 -1.41 -9.61 -15.30
N THR A 312 -2.54 -8.94 -15.46
CA THR A 312 -3.83 -9.60 -15.30
C THR A 312 -3.99 -10.73 -16.32
N ASP A 313 -3.51 -10.50 -17.55
CA ASP A 313 -3.67 -11.49 -18.60
C ASP A 313 -2.95 -12.80 -18.25
N VAL A 314 -1.75 -12.66 -17.69
CA VAL A 314 -0.96 -13.85 -17.35
C VAL A 314 -1.68 -14.68 -16.29
N ILE A 315 -2.32 -14.01 -15.33
CA ILE A 315 -3.05 -14.72 -14.28
C ILE A 315 -4.18 -15.56 -14.87
N ILE A 316 -4.81 -15.05 -15.93
CA ILE A 316 -5.92 -15.77 -16.54
C ILE A 316 -5.41 -17.04 -17.25
N LYS A 317 -4.43 -16.86 -18.13
CA LYS A 317 -3.89 -18.00 -18.86
C LYS A 317 -3.30 -19.07 -17.94
N ASN A 318 -2.76 -18.65 -16.79
CA ASN A 318 -2.08 -19.58 -15.90
C ASN A 318 -2.99 -20.08 -14.79
N ASN A 319 -3.29 -19.22 -13.82
CA ASN A 319 -4.20 -19.55 -12.74
C ASN A 319 -5.64 -19.64 -13.22
N LEU A 320 -6.38 -20.66 -12.76
CA LEU A 320 -7.84 -20.66 -12.86
C LEU A 320 -8.43 -21.87 -12.15
N LYS A 321 -9.73 -21.80 -11.87
CA LYS A 321 -10.45 -22.94 -11.29
C LYS A 321 -9.81 -23.35 -9.99
N ASP A 322 -10.33 -22.76 -8.90
CA ASP A 322 -9.80 -23.03 -7.58
C ASP A 322 -8.31 -22.67 -7.58
N CYS A 323 -7.46 -23.41 -6.89
CA CYS A 323 -6.05 -23.06 -6.74
C CYS A 323 -5.24 -23.60 -7.93
N GLY A 324 -5.76 -23.43 -9.15
CA GLY A 324 -5.19 -24.10 -10.31
C GLY A 324 -5.92 -25.42 -10.52
N LEU A 325 -5.64 -26.40 -9.67
CA LEU A 325 -6.23 -27.72 -9.87
C LEU A 325 -7.76 -27.59 -9.79
N PHE A 326 -8.42 -28.11 -10.83
CA PHE A 326 -9.88 -28.29 -10.89
C PHE A 326 -10.67 -27.25 -10.10
N ARG A 4 -13.07 -14.84 -11.52
CA ARG A 4 -12.85 -13.55 -10.87
C ARG A 4 -12.16 -13.51 -9.51
N GLU A 5 -12.28 -14.54 -8.68
CA GLU A 5 -11.60 -14.49 -7.39
C GLU A 5 -10.08 -14.64 -7.54
N VAL A 6 -9.36 -13.53 -7.72
CA VAL A 6 -7.90 -13.55 -7.81
C VAL A 6 -7.21 -13.55 -6.44
N LYS A 7 -7.39 -12.48 -5.66
CA LYS A 7 -6.75 -12.35 -4.35
C LYS A 7 -5.22 -12.24 -4.46
N LEU A 8 -4.77 -11.13 -5.04
CA LEU A 8 -3.34 -10.77 -5.11
C LEU A 8 -2.73 -10.60 -3.71
N LEU A 9 -1.43 -10.90 -3.57
CA LEU A 9 -0.73 -10.71 -2.29
C LEU A 9 0.50 -9.79 -2.46
N LEU A 10 0.48 -8.63 -1.81
CA LEU A 10 1.66 -7.75 -1.83
C LEU A 10 2.76 -8.31 -0.92
N LEU A 11 4.01 -8.29 -1.39
CA LEU A 11 5.14 -8.71 -0.55
C LEU A 11 6.39 -7.90 -0.91
N GLY A 12 7.26 -7.67 0.07
CA GLY A 12 8.51 -6.98 -0.22
C GLY A 12 9.19 -6.42 1.03
N ALA A 13 10.46 -6.05 0.85
CA ALA A 13 11.25 -5.37 1.88
C ALA A 13 10.61 -4.04 2.29
N GLY A 14 10.94 -3.59 3.49
CA GLY A 14 10.37 -2.35 4.02
C GLY A 14 10.62 -1.19 3.06
N GLU A 15 9.70 -0.23 3.06
CA GLU A 15 9.77 0.92 2.16
C GLU A 15 9.74 0.52 0.67
N SER A 16 9.44 -0.74 0.37
CA SER A 16 9.29 -1.19 -1.01
C SER A 16 8.18 -0.44 -1.76
N GLY A 17 7.27 0.21 -1.05
CA GLY A 17 6.20 0.96 -1.71
C GLY A 17 4.86 0.20 -1.79
N LYS A 18 4.77 -0.97 -1.15
CA LYS A 18 3.57 -1.78 -1.29
C LYS A 18 2.31 -1.02 -0.89
N SER A 19 2.42 -0.11 0.07
CA SER A 19 1.28 0.69 0.49
C SER A 19 0.78 1.57 -0.65
N THR A 20 1.71 2.16 -1.39
CA THR A 20 1.34 3.01 -2.51
C THR A 20 0.57 2.23 -3.58
N ILE A 21 0.95 0.98 -3.80
CA ILE A 21 0.25 0.12 -4.75
C ILE A 21 -1.22 -0.07 -4.36
N VAL A 22 -1.53 0.03 -3.07
CA VAL A 22 -2.88 -0.24 -2.60
C VAL A 22 -3.81 0.88 -3.05
N LYS A 23 -3.44 2.11 -2.69
CA LYS A 23 -4.28 3.26 -3.01
C LYS A 23 -4.49 3.40 -4.52
N GLN A 24 -3.52 2.97 -5.32
CA GLN A 24 -3.67 3.08 -6.78
C GLN A 24 -4.89 2.33 -7.27
N MET A 25 -5.18 1.19 -6.66
CA MET A 25 -6.38 0.43 -7.03
C MET A 25 -7.65 1.23 -6.76
N LYS A 26 -7.64 2.07 -5.72
CA LYS A 26 -8.80 2.90 -5.43
C LYS A 26 -9.13 3.85 -6.59
N ILE A 27 -8.10 4.27 -7.32
CA ILE A 27 -8.28 5.25 -8.38
C ILE A 27 -8.68 4.57 -9.68
N ILE A 28 -7.79 3.72 -10.18
CA ILE A 28 -8.01 3.05 -11.46
C ILE A 28 -9.28 2.18 -11.42
N HIS A 29 -9.58 1.62 -10.25
CA HIS A 29 -10.74 0.73 -10.12
C HIS A 29 -11.71 1.22 -9.05
N GLU A 30 -12.99 0.96 -9.25
CA GLU A 30 -14.00 1.30 -8.25
C GLU A 30 -15.14 0.29 -8.29
N ALA A 31 -15.33 -0.43 -7.20
CA ALA A 31 -16.37 -1.46 -7.15
C ALA A 31 -17.02 -1.52 -5.77
N GLY A 32 -18.26 -1.99 -5.77
CA GLY A 32 -19.02 -2.17 -4.53
C GLY A 32 -20.40 -2.72 -4.86
N TYR A 33 -20.72 -3.89 -4.31
CA TYR A 33 -22.02 -4.51 -4.58
C TYR A 33 -22.58 -5.20 -3.33
N SER A 34 -23.09 -4.40 -2.41
CA SER A 34 -23.71 -4.92 -1.20
C SER A 34 -24.33 -3.76 -0.41
N GLU A 35 -25.14 -2.95 -1.08
CA GLU A 35 -25.61 -1.70 -0.50
C GLU A 35 -26.31 -1.89 0.85
N GLU A 36 -27.17 -2.90 0.96
CA GLU A 36 -27.84 -3.15 2.23
C GLU A 36 -26.85 -3.49 3.33
N GLU A 37 -25.79 -4.20 2.98
CA GLU A 37 -24.75 -4.53 3.96
C GLU A 37 -24.00 -3.28 4.42
N CYS A 38 -23.75 -2.38 3.48
CA CYS A 38 -22.92 -1.21 3.74
C CYS A 38 -23.55 -0.25 4.75
N LYS A 39 -24.86 -0.11 4.69
CA LYS A 39 -25.58 0.70 5.69
C LYS A 39 -25.35 0.18 7.13
N GLN A 40 -25.11 -1.13 7.24
CA GLN A 40 -24.85 -1.71 8.55
C GLN A 40 -23.56 -1.15 9.15
N TYR A 41 -22.56 -0.93 8.30
CA TYR A 41 -21.28 -0.35 8.69
C TYR A 41 -21.26 1.18 8.80
N LYS A 42 -22.29 1.83 8.26
CA LYS A 42 -22.21 3.29 8.07
C LYS A 42 -21.86 4.02 9.37
N ALA A 43 -22.30 3.51 10.52
CA ALA A 43 -21.89 4.11 11.79
C ALA A 43 -20.39 3.96 12.00
N VAL A 44 -19.89 2.76 11.71
CA VAL A 44 -18.47 2.47 11.92
C VAL A 44 -17.56 3.35 11.07
N VAL A 45 -17.96 3.66 9.83
CA VAL A 45 -17.11 4.46 8.96
C VAL A 45 -16.94 5.87 9.52
N TYR A 46 -18.07 6.50 9.84
CA TYR A 46 -18.02 7.82 10.45
C TYR A 46 -17.28 7.84 11.78
N SER A 47 -17.29 6.70 12.49
CA SER A 47 -16.66 6.64 13.80
C SER A 47 -15.16 6.73 13.67
N ASN A 48 -14.58 5.78 12.94
CA ASN A 48 -13.13 5.71 12.81
C ASN A 48 -12.55 7.00 12.25
N THR A 49 -13.29 7.66 11.35
CA THR A 49 -12.75 8.85 10.70
C THR A 49 -12.46 9.95 11.71
N ILE A 50 -13.41 10.21 12.62
CA ILE A 50 -13.16 11.17 13.70
C ILE A 50 -12.01 10.69 14.58
N GLN A 51 -11.94 9.39 14.84
CA GLN A 51 -10.85 8.85 15.65
C GLN A 51 -9.48 9.07 15.02
N SER A 52 -9.45 9.18 13.69
CA SER A 52 -8.18 9.32 12.98
C SER A 52 -7.62 10.72 13.13
N ILE A 53 -8.38 11.70 12.65
CA ILE A 53 -7.90 13.08 12.68
C ILE A 53 -7.57 13.53 14.11
N ILE A 54 -8.31 13.03 15.10
CA ILE A 54 -8.01 13.36 16.50
C ILE A 54 -6.61 12.89 16.89
N ALA A 55 -6.16 11.76 16.31
CA ALA A 55 -4.81 11.29 16.57
C ALA A 55 -3.78 12.24 15.95
N ILE A 56 -4.04 12.59 14.69
CA ILE A 56 -3.20 13.55 13.97
C ILE A 56 -3.13 14.91 14.67
N ILE A 57 -4.11 15.22 15.50
CA ILE A 57 -4.17 16.52 16.16
C ILE A 57 -3.31 16.48 17.41
N ARG A 58 -3.67 15.58 18.33
CA ARG A 58 -2.94 15.47 19.59
C ARG A 58 -1.45 15.20 19.36
N ALA A 59 -1.11 14.53 18.25
CA ALA A 59 0.30 14.32 17.91
C ALA A 59 1.04 15.64 17.66
N MET A 60 0.32 16.65 17.20
CA MET A 60 0.90 18.00 17.05
C MET A 60 1.43 18.54 18.38
N GLY A 61 0.89 18.05 19.49
CA GLY A 61 1.37 18.44 20.80
C GLY A 61 2.64 17.69 21.18
N ARG A 62 2.50 16.38 21.35
CA ARG A 62 3.60 15.56 21.86
C ARG A 62 4.86 15.70 21.03
N LEU A 63 4.69 15.85 19.72
CA LEU A 63 5.76 16.32 18.86
C LEU A 63 5.45 17.77 18.58
N LYS A 64 6.41 18.70 18.78
CA LYS A 64 6.08 20.11 18.52
C LYS A 64 5.68 20.28 17.05
N ILE A 65 4.45 20.74 16.84
CA ILE A 65 3.97 21.06 15.48
C ILE A 65 2.82 22.05 15.56
N ASP A 66 3.08 23.32 15.25
CA ASP A 66 2.00 24.30 15.11
C ASP A 66 1.21 24.08 13.83
N PHE A 67 -0.10 24.39 13.86
CA PHE A 67 -0.88 24.47 12.62
C PHE A 67 -0.24 25.50 11.69
N GLY A 68 -0.28 25.28 10.37
CA GLY A 68 0.28 26.26 9.44
C GLY A 68 -0.56 27.53 9.40
N ASP A 69 -1.85 27.38 9.12
CA ASP A 69 -2.74 28.54 9.03
C ASP A 69 -3.25 28.89 10.42
N SER A 70 -3.28 30.18 10.74
CA SER A 70 -3.88 30.63 11.99
C SER A 70 -5.36 30.24 12.08
N ALA A 71 -6.03 30.18 10.93
CA ALA A 71 -7.47 29.90 10.89
C ALA A 71 -7.81 28.54 11.49
N ARG A 72 -6.88 27.59 11.43
CA ARG A 72 -7.18 26.22 11.88
C ARG A 72 -7.65 26.17 13.32
N ALA A 73 -7.25 27.15 14.14
CA ALA A 73 -7.81 27.31 15.47
C ALA A 73 -9.32 27.49 15.38
N ASP A 74 -10.02 27.02 16.41
CA ASP A 74 -11.48 27.02 16.46
C ASP A 74 -12.10 25.90 15.61
N ASP A 75 -11.61 25.68 14.40
CA ASP A 75 -12.10 24.54 13.61
C ASP A 75 -11.81 23.23 14.35
N ALA A 76 -10.62 23.15 14.93
CA ALA A 76 -10.24 21.98 15.71
C ALA A 76 -11.14 21.82 16.92
N ARG A 77 -11.34 22.90 17.67
CA ARG A 77 -12.18 22.84 18.87
C ARG A 77 -13.61 22.40 18.52
N GLN A 78 -14.09 22.81 17.35
CA GLN A 78 -15.40 22.43 16.87
C GLN A 78 -15.52 20.93 16.61
N LEU A 79 -14.41 20.32 16.20
CA LEU A 79 -14.43 18.93 15.78
C LEU A 79 -14.93 18.02 16.89
N PHE A 80 -14.54 18.31 18.13
CA PHE A 80 -15.01 17.55 19.27
C PHE A 80 -16.53 17.65 19.47
N VAL A 81 -17.11 18.77 19.06
CA VAL A 81 -18.54 18.98 19.23
C VAL A 81 -19.34 18.22 18.19
N LEU A 82 -19.16 18.60 16.92
CA LEU A 82 -19.88 17.94 15.83
C LEU A 82 -19.59 16.43 15.77
N ALA A 83 -18.42 16.02 16.26
CA ALA A 83 -18.02 14.61 16.19
C ALA A 83 -19.04 13.68 16.86
N GLY A 84 -19.79 14.20 17.82
CA GLY A 84 -20.73 13.37 18.57
C GLY A 84 -21.75 12.74 17.64
N ALA A 85 -22.23 13.51 16.66
CA ALA A 85 -23.20 12.98 15.70
C ALA A 85 -22.61 11.86 14.86
N ALA A 86 -21.34 11.98 14.50
CA ALA A 86 -20.69 10.95 13.70
C ALA A 86 -20.74 9.58 14.35
N GLU A 87 -20.75 9.53 15.67
CA GLU A 87 -20.88 8.24 16.36
C GLU A 87 -22.22 7.56 16.02
N GLU A 88 -23.26 8.39 15.88
CA GLU A 88 -24.59 7.95 15.43
C GLU A 88 -24.62 7.47 13.97
N GLY A 89 -23.55 7.72 13.22
CA GLY A 89 -23.53 7.42 11.79
C GLY A 89 -23.99 8.60 10.93
N PHE A 90 -24.31 9.75 11.54
CA PHE A 90 -24.72 10.92 10.78
C PHE A 90 -23.54 11.86 10.53
N MET A 91 -23.53 12.53 9.38
CA MET A 91 -22.51 13.55 9.10
C MET A 91 -23.13 14.85 8.60
N THR A 92 -23.33 15.79 9.51
CA THR A 92 -23.74 17.14 9.14
C THR A 92 -22.72 17.75 8.22
N ALA A 93 -23.14 18.57 7.26
CA ALA A 93 -22.20 19.21 6.36
C ALA A 93 -21.16 20.04 7.14
N GLU A 94 -21.57 20.64 8.25
CA GLU A 94 -20.63 21.41 9.07
C GLU A 94 -19.50 20.55 9.60
N LEU A 95 -19.83 19.33 10.03
CA LEU A 95 -18.80 18.38 10.46
C LEU A 95 -17.83 18.06 9.32
N ALA A 96 -18.35 18.06 8.09
CA ALA A 96 -17.53 17.64 6.96
C ALA A 96 -16.44 18.66 6.70
N GLY A 97 -16.84 19.89 6.40
CA GLY A 97 -15.87 20.91 6.03
C GLY A 97 -14.84 21.15 7.12
N VAL A 98 -15.26 21.14 8.39
CA VAL A 98 -14.31 21.36 9.48
C VAL A 98 -13.17 20.35 9.43
N ILE A 99 -13.47 19.08 9.15
CA ILE A 99 -12.40 18.10 8.99
C ILE A 99 -11.52 18.42 7.79
N LYS A 100 -12.13 18.92 6.71
CA LYS A 100 -11.37 19.18 5.48
C LYS A 100 -10.28 20.22 5.70
N ARG A 101 -10.63 21.27 6.45
CA ARG A 101 -9.67 22.33 6.75
C ARG A 101 -8.46 21.86 7.53
N LEU A 102 -8.67 20.83 8.35
CA LEU A 102 -7.61 20.30 9.18
C LEU A 102 -6.63 19.46 8.38
N TRP A 103 -7.16 18.43 7.72
CA TRP A 103 -6.32 17.55 6.91
C TRP A 103 -5.56 18.30 5.81
N LYS A 104 -6.12 19.37 5.25
CA LYS A 104 -5.41 20.16 4.25
C LYS A 104 -4.21 20.92 4.83
N ASP A 105 -4.25 21.19 6.14
CA ASP A 105 -3.34 22.16 6.76
C ASP A 105 -1.89 21.81 6.50
N SER A 106 -1.09 22.86 6.26
CA SER A 106 0.34 22.66 6.01
C SER A 106 1.04 22.01 7.19
N GLY A 107 0.55 22.21 8.43
CA GLY A 107 1.23 21.66 9.59
C GLY A 107 0.70 20.29 9.99
N VAL A 108 -0.61 20.10 9.85
CA VAL A 108 -1.20 18.77 10.10
C VAL A 108 -0.57 17.74 9.15
N GLN A 109 -0.31 18.14 7.92
CA GLN A 109 0.46 17.31 7.00
C GLN A 109 1.88 17.04 7.53
N ALA A 110 2.43 18.00 8.28
CA ALA A 110 3.73 17.80 8.92
C ALA A 110 3.67 16.64 9.92
N CYS A 111 2.50 16.44 10.54
CA CYS A 111 2.31 15.36 11.51
C CYS A 111 2.07 14.04 10.79
N PHE A 112 1.02 14.00 9.98
CA PHE A 112 0.69 12.76 9.28
C PHE A 112 1.88 12.18 8.49
N ASN A 113 2.79 13.01 7.97
CA ASN A 113 4.04 12.46 7.40
C ASN A 113 4.87 11.75 8.48
N ARG A 114 4.93 12.41 9.63
CA ARG A 114 5.51 11.87 10.86
C ARG A 114 4.81 10.64 11.41
N SER A 115 3.63 10.29 10.90
CA SER A 115 2.73 9.36 11.58
C SER A 115 3.40 8.07 12.02
N ARG A 116 4.55 7.73 11.44
CA ARG A 116 5.22 6.48 11.80
C ARG A 116 5.50 6.39 13.31
N GLU A 117 5.61 7.53 14.00
CA GLU A 117 5.95 7.54 15.41
C GLU A 117 4.70 7.33 16.28
N TYR A 118 3.82 8.34 16.36
CA TYR A 118 2.53 8.20 17.02
C TYR A 118 1.63 7.17 16.35
N GLN A 119 0.80 6.51 17.15
CA GLN A 119 -0.20 5.59 16.62
C GLN A 119 -1.22 6.33 15.73
N LEU A 120 -1.60 5.68 14.64
CA LEU A 120 -2.61 6.23 13.74
C LEU A 120 -3.54 5.11 13.25
N ASN A 121 -4.82 5.43 13.05
CA ASN A 121 -5.77 4.43 12.58
C ASN A 121 -5.30 3.80 11.27
N ASP A 122 -5.54 2.50 11.10
CA ASP A 122 -5.11 1.82 9.87
C ASP A 122 -5.68 2.50 8.63
N SER A 123 -6.89 3.05 8.74
CA SER A 123 -7.57 3.67 7.61
C SER A 123 -7.57 5.20 7.68
N ALA A 124 -6.80 5.81 8.59
CA ALA A 124 -6.88 7.27 8.75
C ALA A 124 -6.66 8.02 7.42
N ALA A 125 -5.69 7.58 6.61
CA ALA A 125 -5.44 8.15 5.28
C ALA A 125 -6.60 7.94 4.30
N TYR A 126 -7.33 6.88 4.49
CA TYR A 126 -8.13 6.38 3.38
C TYR A 126 -9.34 7.31 3.29
N TYR A 127 -10.09 7.33 4.39
CA TYR A 127 -11.28 8.17 4.49
C TYR A 127 -11.02 9.68 4.35
N LEU A 128 -9.93 10.21 4.93
CA LEU A 128 -9.67 11.64 4.85
C LEU A 128 -9.46 12.12 3.43
N ASN A 129 -8.78 11.29 2.65
CA ASN A 129 -8.59 11.57 1.22
C ASN A 129 -9.92 11.57 0.47
N ASP A 130 -10.84 10.71 0.91
CA ASP A 130 -12.15 10.57 0.29
C ASP A 130 -13.26 11.28 1.06
N LEU A 131 -12.92 12.14 2.02
CA LEU A 131 -13.89 12.61 2.99
C LEU A 131 -15.13 13.22 2.32
N ASP A 132 -14.96 13.81 1.13
CA ASP A 132 -16.10 14.41 0.47
C ASP A 132 -17.17 13.37 0.13
N ARG A 133 -16.75 12.26 -0.48
CA ARG A 133 -17.72 11.25 -0.91
C ARG A 133 -18.53 10.66 0.25
N ILE A 134 -17.88 10.41 1.38
CA ILE A 134 -18.60 9.93 2.56
C ILE A 134 -19.58 10.97 3.13
N ALA A 135 -19.26 12.24 2.94
CA ALA A 135 -20.10 13.32 3.46
C ALA A 135 -21.49 13.37 2.82
N GLN A 136 -21.61 12.81 1.61
CA GLN A 136 -22.82 12.97 0.81
C GLN A 136 -24.06 12.52 1.59
N PRO A 137 -25.21 13.15 1.41
CA PRO A 137 -26.45 12.75 2.15
C PRO A 137 -26.78 11.28 1.94
N ASN A 138 -27.28 10.64 3.00
CA ASN A 138 -27.63 9.21 2.97
C ASN A 138 -26.56 8.38 2.25
N TYR A 139 -25.29 8.72 2.49
CA TYR A 139 -24.18 8.02 1.86
C TYR A 139 -24.25 6.53 2.19
N ILE A 140 -23.94 5.69 1.21
CA ILE A 140 -23.74 4.26 1.47
C ILE A 140 -22.23 3.97 1.41
N PRO A 141 -21.63 3.31 2.38
CA PRO A 141 -20.20 2.90 2.26
C PRO A 141 -19.96 2.00 1.05
N THR A 142 -18.86 2.26 0.33
CA THR A 142 -18.36 1.33 -0.69
C THR A 142 -18.01 0.00 -0.05
N GLN A 143 -18.03 -1.09 -0.83
CA GLN A 143 -17.60 -2.37 -0.29
C GLN A 143 -16.19 -2.28 0.28
N GLN A 144 -15.34 -1.44 -0.31
CA GLN A 144 -14.05 -1.14 0.29
C GLN A 144 -14.20 -0.47 1.66
N ASP A 145 -15.19 0.43 1.79
CA ASP A 145 -15.33 1.18 3.04
C ASP A 145 -15.54 0.25 4.22
N VAL A 146 -16.29 -0.83 4.00
CA VAL A 146 -16.56 -1.78 5.07
C VAL A 146 -15.26 -2.43 5.56
N LEU A 147 -14.43 -2.86 4.62
CA LEU A 147 -13.17 -3.52 4.96
C LEU A 147 -12.22 -2.59 5.73
N ARG A 148 -12.24 -1.31 5.38
CA ARG A 148 -11.46 -0.28 6.05
C ARG A 148 -11.79 -0.11 7.54
N THR A 149 -12.97 -0.57 7.94
CA THR A 149 -13.42 -0.51 9.34
C THR A 149 -12.52 -1.30 10.28
N ARG A 150 -12.49 -0.87 11.55
CA ARG A 150 -11.94 -1.62 12.70
C ARG A 150 -10.65 -0.99 13.22
N VAL A 151 -10.47 -1.16 14.53
CA VAL A 151 -9.22 -0.86 15.24
C VAL A 151 -8.10 -1.79 14.81
N LYS A 152 -6.84 -1.34 14.97
CA LYS A 152 -5.70 -2.19 14.63
C LYS A 152 -5.79 -3.52 15.37
N THR A 153 -5.42 -4.61 14.69
CA THR A 153 -5.41 -5.94 15.30
C THR A 153 -5.07 -7.00 14.27
N THR A 154 -5.83 -7.01 13.17
CA THR A 154 -5.58 -7.97 12.09
C THR A 154 -4.18 -7.82 11.48
N GLY A 155 -3.63 -6.61 11.52
CA GLY A 155 -2.30 -6.35 10.95
C GLY A 155 -2.24 -6.58 9.43
N ILE A 156 -3.37 -6.81 8.78
CA ILE A 156 -3.38 -7.04 7.33
C ILE A 156 -4.44 -6.14 6.68
N VAL A 157 -4.00 -5.09 5.99
CA VAL A 157 -4.95 -4.22 5.29
C VAL A 157 -5.64 -4.98 4.14
N GLU A 158 -6.96 -4.82 4.02
CA GLU A 158 -7.67 -5.36 2.85
C GLU A 158 -7.92 -4.28 1.80
N THR A 159 -7.95 -4.70 0.53
CA THR A 159 -8.27 -3.78 -0.55
C THR A 159 -9.01 -4.51 -1.67
N HIS A 160 -10.31 -4.25 -1.82
CA HIS A 160 -11.08 -4.84 -2.90
C HIS A 160 -11.17 -3.94 -4.13
N PHE A 161 -11.26 -4.55 -5.30
CA PHE A 161 -11.53 -3.84 -6.54
C PHE A 161 -11.90 -4.82 -7.65
N THR A 162 -12.43 -4.31 -8.76
CA THR A 162 -12.87 -5.17 -9.86
C THR A 162 -12.32 -4.69 -11.20
N PHE A 163 -11.22 -5.31 -11.66
CA PHE A 163 -10.67 -5.02 -12.99
C PHE A 163 -11.12 -6.10 -13.98
N LYS A 164 -11.19 -5.76 -15.28
CA LYS A 164 -11.57 -6.72 -16.33
C LYS A 164 -12.65 -7.72 -15.91
N ASP A 165 -13.66 -7.23 -15.19
CA ASP A 165 -14.70 -8.11 -14.66
C ASP A 165 -14.10 -9.29 -13.90
N LEU A 166 -13.23 -8.98 -12.94
CA LEU A 166 -12.60 -9.98 -12.09
C LEU A 166 -12.38 -9.29 -10.74
N HIS A 167 -12.69 -9.94 -9.61
CA HIS A 167 -12.68 -9.26 -8.33
C HIS A 167 -11.39 -9.61 -7.59
N PHE A 168 -10.41 -8.74 -7.72
CA PHE A 168 -9.16 -8.92 -7.02
C PHE A 168 -9.38 -8.68 -5.53
N LYS A 169 -8.69 -9.39 -4.65
CA LYS A 169 -8.66 -9.00 -3.23
C LYS A 169 -7.20 -8.87 -2.79
N MET A 170 -6.59 -7.72 -3.09
CA MET A 170 -5.24 -7.44 -2.64
C MET A 170 -5.12 -7.42 -1.11
N PHE A 171 -4.02 -7.97 -0.58
CA PHE A 171 -3.78 -7.97 0.86
C PHE A 171 -2.41 -7.37 1.19
N ASP A 172 -2.36 -6.09 1.55
CA ASP A 172 -1.11 -5.46 1.95
C ASP A 172 -0.58 -6.00 3.29
N VAL A 173 0.74 -6.17 3.37
CA VAL A 173 1.39 -6.48 4.64
C VAL A 173 2.68 -5.66 4.77
N GLY A 174 2.97 -5.19 5.99
CA GLY A 174 4.13 -4.31 6.19
C GLY A 174 5.43 -5.00 5.78
N GLY A 175 6.26 -4.27 5.03
CA GLY A 175 7.56 -4.78 4.60
C GLY A 175 8.53 -5.01 5.76
N GLN A 176 8.41 -4.21 6.81
CA GLN A 176 9.36 -4.29 7.92
C GLN A 176 9.41 -5.69 8.50
N ARG A 177 10.59 -6.12 8.94
CA ARG A 177 10.75 -7.52 9.36
C ARG A 177 9.78 -7.92 10.45
N SER A 178 9.37 -6.97 11.30
CA SER A 178 8.44 -7.30 12.37
C SER A 178 7.11 -7.79 11.80
N GLU A 179 6.64 -7.09 10.77
CA GLU A 179 5.43 -7.50 10.07
C GLU A 179 5.57 -8.81 9.30
N ARG A 180 6.78 -9.15 8.85
CA ARG A 180 6.93 -10.27 7.91
C ARG A 180 6.42 -11.59 8.45
N LYS A 181 6.52 -11.81 9.77
CA LYS A 181 5.99 -13.04 10.36
C LYS A 181 4.49 -13.20 10.17
N LYS A 182 3.77 -12.08 10.12
CA LYS A 182 2.33 -12.09 9.85
C LYS A 182 1.95 -12.68 8.49
N TRP A 183 2.88 -12.67 7.54
CA TRP A 183 2.53 -12.86 6.14
C TRP A 183 1.79 -14.17 5.87
N ILE A 184 2.02 -15.22 6.68
CA ILE A 184 1.41 -16.52 6.38
C ILE A 184 -0.12 -16.45 6.35
N HIS A 185 -0.71 -15.53 7.11
CA HIS A 185 -2.17 -15.44 7.18
C HIS A 185 -2.79 -15.18 5.81
N CYS A 186 -2.09 -14.41 5.00
CA CYS A 186 -2.57 -14.06 3.66
C CYS A 186 -2.36 -15.15 2.61
N PHE A 187 -1.52 -16.13 2.90
CA PHE A 187 -1.14 -17.13 1.90
C PHE A 187 -2.34 -17.89 1.32
N GLU A 188 -3.41 -18.03 2.09
CA GLU A 188 -4.58 -18.78 1.62
C GLU A 188 -5.24 -18.11 0.41
N GLY A 189 -5.63 -18.90 -0.59
CA GLY A 189 -6.48 -18.41 -1.66
C GLY A 189 -5.77 -17.47 -2.65
N VAL A 190 -4.48 -17.18 -2.43
CA VAL A 190 -3.75 -16.27 -3.32
C VAL A 190 -3.72 -16.84 -4.74
N ALA A 191 -3.88 -15.97 -5.73
CA ALA A 191 -3.76 -16.39 -7.13
C ALA A 191 -2.41 -15.97 -7.71
N ALA A 192 -1.93 -14.81 -7.32
CA ALA A 192 -0.66 -14.31 -7.84
C ALA A 192 -0.05 -13.30 -6.87
N ILE A 193 1.25 -13.42 -6.65
CA ILE A 193 1.95 -12.47 -5.80
C ILE A 193 2.47 -11.29 -6.63
N ILE A 194 2.44 -10.11 -6.03
CA ILE A 194 3.20 -8.98 -6.57
C ILE A 194 4.26 -8.60 -5.54
N PHE A 195 5.53 -8.82 -5.88
CA PHE A 195 6.61 -8.62 -4.94
C PHE A 195 7.33 -7.30 -5.16
N CYS A 196 6.77 -6.20 -4.67
CA CYS A 196 7.42 -4.89 -4.78
C CYS A 196 8.84 -4.88 -4.20
N VAL A 197 9.71 -4.12 -4.87
CA VAL A 197 11.10 -3.94 -4.44
C VAL A 197 11.59 -2.56 -4.91
N ALA A 198 12.07 -1.74 -3.98
CA ALA A 198 12.53 -0.39 -4.34
C ALA A 198 13.92 -0.44 -4.99
N LEU A 199 13.99 -0.10 -6.28
CA LEU A 199 15.28 -0.04 -6.97
C LEU A 199 16.25 0.98 -6.34
N SER A 200 15.69 2.07 -5.81
CA SER A 200 16.51 3.11 -5.18
C SER A 200 17.27 2.64 -3.93
N ASP A 201 16.81 1.54 -3.33
CA ASP A 201 17.32 1.07 -2.05
C ASP A 201 18.81 0.74 -2.08
N TYR A 202 19.41 0.64 -3.26
CA TYR A 202 20.74 0.07 -3.43
C TYR A 202 21.79 0.73 -2.53
N ASP A 203 21.56 1.97 -2.10
CA ASP A 203 22.46 2.60 -1.13
C ASP A 203 21.83 2.68 0.26
N LEU A 204 20.51 2.85 0.32
CA LEU A 204 19.82 3.03 1.60
C LEU A 204 20.03 1.83 2.53
N VAL A 205 20.16 2.12 3.83
CA VAL A 205 20.21 1.07 4.85
C VAL A 205 18.86 0.86 5.53
N LEU A 206 18.58 -0.38 5.94
CA LEU A 206 17.37 -0.69 6.72
C LEU A 206 17.31 0.10 8.01
N ALA A 207 16.10 0.48 8.44
CA ALA A 207 15.91 0.91 9.82
C ALA A 207 16.18 -0.26 10.79
N GLU A 208 15.87 -1.49 10.33
CA GLU A 208 16.12 -2.70 11.13
C GLU A 208 17.60 -2.85 11.48
N ASP A 209 18.49 -2.32 10.64
CA ASP A 209 19.92 -2.40 10.87
C ASP A 209 20.63 -1.42 9.95
N GLU A 210 21.13 -0.32 10.50
CA GLU A 210 21.76 0.70 9.67
C GLU A 210 22.95 0.13 8.89
N GLU A 211 23.65 -0.86 9.45
CA GLU A 211 24.74 -1.51 8.71
C GLU A 211 24.25 -2.21 7.44
N MET A 212 23.04 -2.76 7.53
CA MET A 212 22.47 -3.57 6.45
C MET A 212 22.24 -2.79 5.15
N ASN A 213 22.49 -3.48 4.05
CA ASN A 213 22.05 -2.99 2.74
C ASN A 213 20.57 -3.35 2.57
N ARG A 214 19.70 -2.38 2.28
CA ARG A 214 18.29 -2.70 2.07
C ARG A 214 18.06 -3.67 0.91
N MET A 215 18.82 -3.50 -0.17
CA MET A 215 18.61 -4.33 -1.35
C MET A 215 19.01 -5.79 -1.11
N HIS A 216 20.12 -5.99 -0.42
CA HIS A 216 20.56 -7.36 -0.12
C HIS A 216 19.51 -8.08 0.73
N GLU A 217 18.86 -7.33 1.62
CA GLU A 217 17.78 -7.89 2.42
C GLU A 217 16.63 -8.37 1.55
N SER A 218 16.34 -7.63 0.48
CA SER A 218 15.27 -8.02 -0.42
C SER A 218 15.57 -9.35 -1.11
N MET A 219 16.83 -9.53 -1.48
CA MET A 219 17.26 -10.77 -2.13
C MET A 219 17.04 -12.00 -1.26
N LYS A 220 17.09 -11.82 0.06
CA LYS A 220 17.03 -12.96 0.95
C LYS A 220 15.61 -13.45 1.15
N LEU A 221 14.75 -12.61 1.74
CA LEU A 221 13.36 -13.00 1.92
C LEU A 221 12.66 -13.28 0.59
N PHE A 222 13.07 -12.61 -0.49
CA PHE A 222 12.47 -12.91 -1.80
C PHE A 222 12.70 -14.37 -2.20
N ASP A 223 13.87 -14.90 -1.84
CA ASP A 223 14.17 -16.31 -2.13
C ASP A 223 13.22 -17.23 -1.38
N SER A 224 12.89 -16.86 -0.14
CA SER A 224 11.98 -17.66 0.67
C SER A 224 10.58 -17.78 0.05
N ILE A 225 10.17 -16.73 -0.68
CA ILE A 225 8.84 -16.70 -1.28
C ILE A 225 8.80 -17.49 -2.58
N CYS A 226 9.64 -17.10 -3.53
CA CYS A 226 9.63 -17.71 -4.86
C CYS A 226 9.87 -19.23 -4.78
N ASN A 227 10.86 -19.62 -3.98
CA ASN A 227 11.16 -21.04 -3.75
C ASN A 227 10.06 -21.80 -3.00
N ASN A 228 9.19 -21.06 -2.29
CA ASN A 228 8.31 -21.67 -1.31
C ASN A 228 7.46 -22.76 -1.97
N LYS A 229 7.37 -23.90 -1.30
CA LYS A 229 6.57 -25.00 -1.81
C LYS A 229 5.11 -24.63 -2.00
N TRP A 230 4.54 -23.96 -1.01
CA TRP A 230 3.15 -23.52 -1.09
C TRP A 230 2.91 -22.60 -2.30
N PHE A 231 3.91 -21.80 -2.65
CA PHE A 231 3.78 -20.86 -3.75
C PHE A 231 4.03 -21.45 -5.13
N THR A 232 4.39 -22.73 -5.21
CA THR A 232 4.62 -23.36 -6.50
C THR A 232 3.39 -23.23 -7.40
N ASP A 233 2.20 -23.37 -6.80
CA ASP A 233 0.94 -23.19 -7.51
C ASP A 233 0.67 -21.75 -7.93
N THR A 234 1.23 -20.80 -7.20
CA THR A 234 0.89 -19.38 -7.40
C THR A 234 1.92 -18.71 -8.31
N SER A 235 1.47 -17.92 -9.29
CA SER A 235 2.40 -17.19 -10.16
C SER A 235 3.17 -16.11 -9.39
N ILE A 236 4.50 -16.12 -9.44
CA ILE A 236 5.27 -14.98 -8.94
C ILE A 236 5.37 -13.87 -9.96
N ILE A 237 5.21 -12.63 -9.52
CA ILE A 237 5.35 -11.48 -10.41
C ILE A 237 6.22 -10.44 -9.74
N LEU A 238 7.48 -10.31 -10.18
CA LEU A 238 8.37 -9.35 -9.54
C LEU A 238 7.87 -7.95 -9.85
N PHE A 239 7.99 -7.02 -8.92
CA PHE A 239 7.60 -5.63 -9.19
C PHE A 239 8.75 -4.71 -8.78
N LEU A 240 9.64 -4.39 -9.71
CA LEU A 240 10.74 -3.47 -9.40
C LEU A 240 10.20 -2.04 -9.25
N ASN A 241 9.70 -1.77 -8.05
CA ASN A 241 9.08 -0.49 -7.71
C ASN A 241 10.03 0.70 -7.78
N LYS A 242 9.43 1.87 -7.92
CA LYS A 242 10.15 3.15 -7.89
C LYS A 242 11.23 3.22 -8.98
N LYS A 243 10.93 2.72 -10.17
CA LYS A 243 11.81 2.95 -11.32
C LYS A 243 11.94 4.46 -11.63
N ASP A 244 10.90 5.24 -11.34
CA ASP A 244 10.88 6.66 -11.69
C ASP A 244 11.95 7.50 -10.97
N LEU A 245 12.28 7.13 -9.74
CA LEU A 245 13.30 7.88 -8.97
C LEU A 245 14.67 7.21 -9.02
N PHE A 246 14.70 5.89 -9.20
CA PHE A 246 15.97 5.19 -9.36
C PHE A 246 16.75 5.72 -10.56
N GLU A 247 16.05 6.12 -11.61
CA GLU A 247 16.72 6.70 -12.78
C GLU A 247 17.45 8.01 -12.46
N GLU A 248 16.96 8.73 -11.46
CA GLU A 248 17.59 9.99 -11.06
C GLU A 248 18.81 9.74 -10.18
N LYS A 249 18.58 9.08 -9.05
CA LYS A 249 19.65 8.83 -8.09
C LYS A 249 20.81 8.05 -8.71
N ILE A 250 20.53 7.18 -9.67
CA ILE A 250 21.59 6.39 -10.30
C ILE A 250 22.64 7.27 -11.00
N LYS A 251 22.21 8.44 -11.50
CA LYS A 251 23.14 9.27 -12.25
C LYS A 251 24.33 9.72 -11.39
N LYS A 252 24.03 9.93 -10.11
CA LYS A 252 24.92 10.54 -9.14
C LYS A 252 25.69 9.44 -8.44
N SER A 253 24.91 8.64 -7.71
CA SER A 253 25.44 7.56 -6.91
C SER A 253 25.78 6.34 -7.80
N PRO A 254 26.95 5.74 -7.71
CA PRO A 254 27.22 4.45 -8.41
C PRO A 254 26.34 3.30 -7.91
N LEU A 255 25.93 2.43 -8.84
CA LEU A 255 25.31 1.16 -8.44
C LEU A 255 26.25 0.32 -7.56
N THR A 256 27.56 0.53 -7.67
CA THR A 256 28.54 -0.25 -6.91
C THR A 256 28.28 -0.23 -5.40
N ILE A 257 27.51 0.76 -4.94
CA ILE A 257 27.07 0.88 -3.54
C ILE A 257 26.25 -0.34 -3.06
N CYS A 258 25.83 -1.25 -3.96
CA CYS A 258 25.06 -2.42 -3.56
C CYS A 258 25.80 -3.65 -4.06
N TYR A 259 26.06 -3.65 -5.36
CA TYR A 259 26.84 -4.71 -6.00
C TYR A 259 28.17 -4.13 -6.47
N GLN A 260 29.19 -4.25 -5.63
CA GLN A 260 30.50 -3.68 -5.96
C GLN A 260 31.07 -4.25 -7.27
N GLU A 261 30.70 -5.49 -7.60
CA GLU A 261 31.20 -6.14 -8.82
C GLU A 261 30.81 -5.39 -10.10
N TYR A 262 29.73 -4.61 -10.03
CA TYR A 262 29.14 -4.02 -11.22
C TYR A 262 30.13 -3.16 -12.01
N ALA A 263 30.08 -3.30 -13.33
CA ALA A 263 30.88 -2.49 -14.25
C ALA A 263 30.05 -1.45 -15.00
N GLY A 264 28.78 -1.77 -15.22
CA GLY A 264 27.90 -1.05 -16.14
C GLY A 264 27.82 0.45 -15.90
N SER A 265 27.49 1.16 -16.98
CA SER A 265 27.24 2.60 -16.97
C SER A 265 26.16 2.99 -15.97
N ASN A 266 26.20 4.27 -15.58
CA ASN A 266 25.20 4.85 -14.67
C ASN A 266 23.87 5.15 -15.37
N THR A 267 23.45 4.24 -16.26
CA THR A 267 22.22 4.45 -17.01
C THR A 267 21.06 3.77 -16.30
N TYR A 268 19.83 4.29 -16.42
CA TYR A 268 18.67 3.61 -15.87
C TYR A 268 18.55 2.18 -16.43
N GLU A 269 19.00 1.96 -17.66
CA GLU A 269 18.85 0.64 -18.28
C GLU A 269 19.83 -0.36 -17.71
N GLU A 270 21.13 -0.12 -17.89
CA GLU A 270 22.13 -1.06 -17.37
C GLU A 270 22.04 -1.23 -15.86
N ALA A 271 21.60 -0.18 -15.16
CA ALA A 271 21.60 -0.19 -13.71
C ALA A 271 20.41 -0.96 -13.16
N ALA A 272 19.21 -0.48 -13.45
CA ALA A 272 18.01 -1.12 -12.92
C ALA A 272 17.90 -2.57 -13.44
N ALA A 273 18.26 -2.76 -14.71
CA ALA A 273 18.24 -4.09 -15.30
C ALA A 273 19.20 -5.04 -14.62
N TYR A 274 20.30 -4.52 -14.07
CA TYR A 274 21.27 -5.40 -13.41
C TYR A 274 20.66 -6.11 -12.21
N ILE A 275 19.75 -5.42 -11.51
CA ILE A 275 19.08 -5.99 -10.35
C ILE A 275 18.15 -7.12 -10.79
N GLN A 276 17.29 -6.80 -11.74
CA GLN A 276 16.44 -7.81 -12.38
C GLN A 276 17.22 -9.06 -12.79
N CYS A 277 18.54 -8.96 -12.96
CA CYS A 277 19.35 -10.15 -13.18
C CYS A 277 19.56 -10.91 -11.88
N GLN A 278 20.14 -10.23 -10.88
CA GLN A 278 20.47 -10.85 -9.61
C GLN A 278 19.26 -11.48 -8.90
N PHE A 279 18.08 -10.93 -9.16
CA PHE A 279 16.86 -11.36 -8.48
C PHE A 279 16.38 -12.67 -9.06
N GLU A 280 16.14 -12.66 -10.38
CA GLU A 280 15.69 -13.87 -11.05
C GLU A 280 16.68 -15.03 -10.85
N ASP A 281 17.96 -14.71 -10.67
CA ASP A 281 18.97 -15.75 -10.43
C ASP A 281 18.68 -16.57 -9.18
N LEU A 282 18.03 -15.96 -8.19
CA LEU A 282 17.73 -16.65 -6.93
C LEU A 282 16.90 -17.91 -7.14
N ASN A 283 16.10 -17.96 -8.20
CA ASN A 283 15.17 -19.07 -8.39
C ASN A 283 15.92 -20.40 -8.44
N LYS A 284 15.56 -21.32 -7.53
CA LYS A 284 16.02 -22.70 -7.61
C LYS A 284 15.55 -23.45 -8.86
N ARG A 285 14.45 -22.99 -9.46
CA ARG A 285 13.74 -23.82 -10.45
C ARG A 285 13.44 -23.00 -11.70
N LYS A 286 14.49 -22.45 -12.31
CA LYS A 286 14.31 -21.64 -13.51
C LYS A 286 13.62 -22.44 -14.62
N ASP A 287 13.86 -23.74 -14.66
CA ASP A 287 13.27 -24.62 -15.68
C ASP A 287 11.75 -24.65 -15.62
N THR A 288 11.18 -24.46 -14.43
CA THR A 288 9.76 -24.69 -14.23
C THR A 288 9.09 -23.61 -13.37
N LYS A 289 9.75 -22.48 -13.15
CA LYS A 289 9.12 -21.40 -12.36
C LYS A 289 9.53 -20.01 -12.86
N GLU A 290 8.56 -19.33 -13.45
CA GLU A 290 8.78 -17.99 -14.03
C GLU A 290 8.69 -16.86 -12.96
N ILE A 291 9.60 -15.88 -13.06
CA ILE A 291 9.61 -14.63 -12.27
C ILE A 291 8.54 -13.57 -12.67
N TYR A 292 7.96 -13.76 -13.84
CA TYR A 292 7.11 -12.75 -14.51
C TYR A 292 7.43 -11.28 -14.09
N THR A 293 8.65 -10.81 -14.37
CA THR A 293 9.12 -9.51 -13.86
C THR A 293 8.43 -8.30 -14.53
N HIS A 294 8.25 -7.23 -13.75
CA HIS A 294 7.72 -5.97 -14.29
C HIS A 294 8.19 -4.73 -13.51
N PHE A 295 8.96 -3.85 -14.16
CA PHE A 295 9.26 -2.53 -13.59
C PHE A 295 7.97 -1.74 -13.35
N THR A 296 7.91 -0.98 -12.25
CA THR A 296 6.72 -0.22 -11.93
C THR A 296 7.05 1.08 -11.17
N CYS A 297 6.05 1.95 -11.10
CA CYS A 297 6.17 3.22 -10.38
C CYS A 297 4.89 3.46 -9.59
N ALA A 298 4.92 3.12 -8.30
CA ALA A 298 3.71 3.19 -7.49
C ALA A 298 3.15 4.61 -7.44
N THR A 299 4.04 5.59 -7.38
CA THR A 299 3.61 7.00 -7.32
C THR A 299 2.84 7.43 -8.57
N ASP A 300 3.17 6.83 -9.70
CA ASP A 300 2.56 7.23 -10.97
C ASP A 300 1.32 6.40 -11.25
N THR A 301 0.15 7.04 -11.23
CA THR A 301 -1.08 6.30 -11.48
C THR A 301 -1.09 5.71 -12.88
N LYS A 302 -0.62 6.47 -13.86
CA LYS A 302 -0.56 6.01 -15.24
C LYS A 302 0.29 4.77 -15.43
N ASN A 303 1.24 4.53 -14.54
CA ASN A 303 2.28 3.54 -14.82
C ASN A 303 1.77 2.19 -14.38
N VAL A 304 1.43 2.15 -13.09
CA VAL A 304 0.89 0.95 -12.47
C VAL A 304 -0.36 0.46 -13.21
N GLN A 305 -1.06 1.36 -13.90
CA GLN A 305 -2.32 0.98 -14.56
C GLN A 305 -2.04 0.10 -15.78
N PHE A 306 -1.34 0.64 -16.77
CA PHE A 306 -1.07 -0.14 -17.97
C PHE A 306 -0.30 -1.41 -17.67
N VAL A 307 0.60 -1.36 -16.69
CA VAL A 307 1.33 -2.57 -16.29
C VAL A 307 0.39 -3.61 -15.71
N PHE A 308 -0.57 -3.16 -14.91
CA PHE A 308 -1.54 -4.08 -14.31
C PHE A 308 -2.33 -4.82 -15.38
N ASP A 309 -2.56 -4.18 -16.53
CA ASP A 309 -3.30 -4.81 -17.61
C ASP A 309 -2.58 -6.06 -18.12
N ALA A 310 -1.25 -5.98 -18.20
CA ALA A 310 -0.46 -7.12 -18.63
C ALA A 310 -0.50 -8.25 -17.62
N VAL A 311 -0.25 -7.90 -16.36
CA VAL A 311 -0.17 -8.91 -15.31
C VAL A 311 -1.49 -9.67 -15.19
N THR A 312 -2.62 -8.99 -15.42
CA THR A 312 -3.92 -9.65 -15.33
C THR A 312 -4.04 -10.79 -16.32
N ASP A 313 -3.45 -10.61 -17.51
CA ASP A 313 -3.52 -11.65 -18.53
C ASP A 313 -2.85 -12.93 -18.06
N VAL A 314 -1.72 -12.79 -17.35
CA VAL A 314 -1.01 -13.96 -16.86
C VAL A 314 -1.87 -14.73 -15.86
N ILE A 315 -2.56 -14.01 -14.99
CA ILE A 315 -3.44 -14.65 -14.00
C ILE A 315 -4.56 -15.46 -14.66
N ILE A 316 -5.02 -14.99 -15.82
CA ILE A 316 -6.18 -15.60 -16.46
C ILE A 316 -5.74 -16.90 -17.13
N LYS A 317 -4.87 -16.71 -18.08
CA LYS A 317 -4.39 -17.78 -18.92
C LYS A 317 -3.68 -18.88 -18.11
N ASN A 318 -3.05 -18.50 -16.99
CA ASN A 318 -2.34 -19.48 -16.17
C ASN A 318 -3.21 -20.02 -15.03
N ASN A 319 -3.47 -19.16 -14.04
CA ASN A 319 -4.32 -19.54 -12.92
C ASN A 319 -5.79 -19.67 -13.30
N LEU A 320 -6.46 -20.70 -12.79
CA LEU A 320 -7.92 -20.78 -12.81
C LEU A 320 -8.39 -22.03 -12.07
N LYS A 321 -9.66 -22.02 -11.66
CA LYS A 321 -10.29 -23.17 -11.02
C LYS A 321 -9.53 -23.60 -9.76
N ASP A 322 -10.13 -23.26 -8.62
CA ASP A 322 -9.69 -23.70 -7.29
C ASP A 322 -8.16 -23.72 -7.15
N CYS A 323 -7.54 -22.55 -7.30
CA CYS A 323 -6.09 -22.43 -7.19
C CYS A 323 -5.39 -23.39 -8.13
N GLY A 324 -5.78 -23.34 -9.40
CA GLY A 324 -5.12 -24.13 -10.43
C GLY A 324 -5.80 -25.48 -10.62
N LEU A 325 -5.34 -26.50 -9.89
CA LEU A 325 -5.87 -27.84 -10.12
C LEU A 325 -7.38 -27.84 -9.89
N PHE A 326 -8.11 -28.32 -10.90
CA PHE A 326 -9.56 -28.53 -10.83
C PHE A 326 -10.29 -27.45 -10.02
N ARG A 4 -13.52 -14.87 -10.51
CA ARG A 4 -13.20 -13.44 -10.37
C ARG A 4 -12.19 -13.17 -9.26
N GLU A 5 -12.24 -13.97 -8.19
CA GLU A 5 -11.36 -13.71 -7.05
C GLU A 5 -9.90 -13.87 -7.46
N VAL A 6 -9.15 -12.76 -7.54
CA VAL A 6 -7.70 -12.84 -7.69
C VAL A 6 -7.00 -12.91 -6.33
N LYS A 7 -7.12 -11.84 -5.54
CA LYS A 7 -6.47 -11.79 -4.22
C LYS A 7 -4.93 -11.78 -4.34
N LEU A 8 -4.42 -10.71 -4.95
CA LEU A 8 -2.96 -10.48 -5.04
C LEU A 8 -2.35 -10.35 -3.64
N LEU A 9 -1.11 -10.80 -3.47
CA LEU A 9 -0.39 -10.60 -2.20
C LEU A 9 0.88 -9.77 -2.40
N LEU A 10 0.95 -8.58 -1.77
CA LEU A 10 2.19 -7.81 -1.82
C LEU A 10 3.27 -8.43 -0.93
N LEU A 11 4.50 -8.50 -1.41
CA LEU A 11 5.62 -9.00 -0.60
C LEU A 11 6.89 -8.27 -1.00
N GLY A 12 7.84 -8.13 -0.06
CA GLY A 12 9.12 -7.51 -0.40
C GLY A 12 9.87 -7.01 0.83
N ALA A 13 11.16 -6.74 0.61
CA ALA A 13 12.01 -6.13 1.61
C ALA A 13 11.48 -4.77 2.06
N GLY A 14 11.82 -4.36 3.27
CA GLY A 14 11.35 -3.09 3.82
C GLY A 14 11.64 -1.93 2.88
N GLU A 15 10.80 -0.91 2.94
CA GLU A 15 10.90 0.25 2.06
C GLU A 15 10.76 -0.11 0.57
N SER A 16 10.35 -1.34 0.26
CA SER A 16 10.08 -1.74 -1.12
C SER A 16 8.98 -0.88 -1.77
N GLY A 17 8.20 -0.15 -0.98
CA GLY A 17 7.13 0.68 -1.53
C GLY A 17 5.77 -0.03 -1.65
N LYS A 18 5.63 -1.21 -1.05
CA LYS A 18 4.38 -1.96 -1.19
C LYS A 18 3.18 -1.13 -0.74
N SER A 19 3.37 -0.27 0.26
CA SER A 19 2.28 0.58 0.73
C SER A 19 1.80 1.52 -0.35
N THR A 20 2.75 2.08 -1.10
CA THR A 20 2.40 3.03 -2.16
C THR A 20 1.53 2.37 -3.22
N ILE A 21 1.81 1.12 -3.55
CA ILE A 21 0.98 0.40 -4.52
C ILE A 21 -0.47 0.29 -4.05
N VAL A 22 -0.68 0.20 -2.74
CA VAL A 22 -2.03 0.01 -2.22
C VAL A 22 -2.91 1.21 -2.57
N LYS A 23 -2.39 2.41 -2.33
CA LYS A 23 -3.14 3.62 -2.65
C LYS A 23 -3.48 3.72 -4.14
N GLN A 24 -2.61 3.19 -4.99
CA GLN A 24 -2.82 3.33 -6.42
C GLN A 24 -4.14 2.71 -6.86
N MET A 25 -4.50 1.59 -6.25
CA MET A 25 -5.74 0.91 -6.63
C MET A 25 -6.99 1.75 -6.37
N LYS A 26 -6.98 2.54 -5.30
CA LYS A 26 -8.12 3.42 -5.01
C LYS A 26 -8.39 4.41 -6.16
N ILE A 27 -7.33 4.80 -6.85
CA ILE A 27 -7.43 5.78 -7.93
C ILE A 27 -7.86 5.12 -9.24
N ILE A 28 -7.02 4.22 -9.70
CA ILE A 28 -7.22 3.57 -11.00
C ILE A 28 -8.54 2.80 -11.04
N HIS A 29 -8.99 2.27 -9.89
CA HIS A 29 -10.19 1.44 -9.88
C HIS A 29 -11.11 1.87 -8.74
N GLU A 30 -12.41 1.65 -8.93
CA GLU A 30 -13.39 1.94 -7.88
C GLU A 30 -14.55 0.97 -7.98
N ALA A 31 -14.70 0.12 -6.97
CA ALA A 31 -15.73 -0.91 -7.01
C ALA A 31 -16.34 -1.14 -5.63
N GLY A 32 -17.56 -1.66 -5.65
CA GLY A 32 -18.28 -2.03 -4.43
C GLY A 32 -19.58 -2.71 -4.80
N TYR A 33 -19.83 -3.90 -4.25
CA TYR A 33 -21.02 -4.66 -4.62
C TYR A 33 -21.54 -5.48 -3.45
N SER A 34 -22.08 -4.78 -2.45
CA SER A 34 -22.68 -5.43 -1.29
C SER A 34 -23.46 -4.38 -0.51
N GLU A 35 -24.29 -3.64 -1.22
CA GLU A 35 -24.86 -2.41 -0.68
C GLU A 35 -25.59 -2.61 0.65
N GLU A 36 -26.33 -3.70 0.80
CA GLU A 36 -27.05 -3.94 2.05
C GLU A 36 -26.09 -4.16 3.21
N GLU A 37 -25.00 -4.88 2.95
CA GLU A 37 -24.00 -5.12 3.98
C GLU A 37 -23.30 -3.84 4.41
N CYS A 38 -23.05 -2.96 3.44
CA CYS A 38 -22.29 -1.75 3.70
C CYS A 38 -23.01 -0.82 4.67
N LYS A 39 -24.34 -0.75 4.54
CA LYS A 39 -25.10 0.15 5.40
C LYS A 39 -24.91 -0.17 6.87
N GLN A 40 -24.69 -1.44 7.19
CA GLN A 40 -24.51 -1.82 8.58
C GLN A 40 -23.24 -1.18 9.15
N TYR A 41 -22.20 -1.15 8.33
CA TYR A 41 -20.91 -0.56 8.67
C TYR A 41 -20.95 0.97 8.83
N LYS A 42 -21.99 1.61 8.28
CA LYS A 42 -21.94 3.06 8.10
C LYS A 42 -21.64 3.79 9.41
N ALA A 43 -22.08 3.23 10.54
CA ALA A 43 -21.75 3.84 11.82
C ALA A 43 -20.24 3.80 12.03
N VAL A 44 -19.64 2.65 11.77
CA VAL A 44 -18.21 2.46 11.98
C VAL A 44 -17.35 3.41 11.15
N VAL A 45 -17.76 3.70 9.92
CA VAL A 45 -16.96 4.55 9.05
C VAL A 45 -16.90 5.96 9.61
N TYR A 46 -18.07 6.53 9.91
CA TYR A 46 -18.13 7.84 10.53
C TYR A 46 -17.40 7.89 11.88
N SER A 47 -17.38 6.76 12.57
CA SER A 47 -16.76 6.70 13.88
C SER A 47 -15.25 6.90 13.77
N ASN A 48 -14.58 6.02 13.03
CA ASN A 48 -13.13 6.07 12.95
C ASN A 48 -12.63 7.40 12.42
N THR A 49 -13.39 8.00 11.50
CA THR A 49 -12.94 9.26 10.90
C THR A 49 -12.83 10.37 11.95
N ILE A 50 -13.84 10.48 12.82
CA ILE A 50 -13.77 11.43 13.92
C ILE A 50 -12.60 11.07 14.85
N GLN A 51 -12.41 9.78 15.12
CA GLN A 51 -11.29 9.36 15.96
C GLN A 51 -9.94 9.73 15.36
N SER A 52 -9.89 9.85 14.04
CA SER A 52 -8.65 10.12 13.34
C SER A 52 -8.23 11.57 13.49
N ILE A 53 -9.08 12.47 12.99
CA ILE A 53 -8.75 13.89 13.06
C ILE A 53 -8.52 14.35 14.50
N ILE A 54 -9.24 13.75 15.47
CA ILE A 54 -9.02 14.09 16.87
C ILE A 54 -7.58 13.76 17.30
N ALA A 55 -6.97 12.73 16.71
CA ALA A 55 -5.58 12.42 16.99
C ALA A 55 -4.67 13.51 16.44
N ILE A 56 -4.92 13.85 15.19
CA ILE A 56 -4.18 14.91 14.50
C ILE A 56 -4.32 16.27 15.21
N ILE A 57 -5.38 16.44 16.00
CA ILE A 57 -5.63 17.71 16.66
C ILE A 57 -4.85 17.76 17.98
N ARG A 58 -5.15 16.81 18.86
CA ARG A 58 -4.48 16.75 20.16
C ARG A 58 -2.96 16.66 20.00
N ALA A 59 -2.47 16.08 18.92
CA ALA A 59 -1.02 16.03 18.67
C ALA A 59 -0.43 17.43 18.47
N MET A 60 -1.25 18.37 17.97
CA MET A 60 -0.82 19.76 17.85
C MET A 60 -0.38 20.35 19.20
N GLY A 61 -0.87 19.80 20.31
CA GLY A 61 -0.48 20.27 21.62
C GLY A 61 0.85 19.65 22.05
N ARG A 62 0.86 18.34 22.28
CA ARG A 62 2.06 17.67 22.78
C ARG A 62 3.30 17.92 21.93
N LEU A 63 3.12 18.05 20.62
CA LEU A 63 4.16 18.63 19.79
C LEU A 63 3.76 20.06 19.53
N LYS A 64 4.64 21.04 19.77
CA LYS A 64 4.24 22.43 19.48
C LYS A 64 3.87 22.55 18.00
N ILE A 65 2.61 22.93 17.75
CA ILE A 65 2.13 23.15 16.39
C ILE A 65 0.90 24.06 16.41
N ASP A 66 1.03 25.28 15.90
CA ASP A 66 -0.12 26.18 15.77
C ASP A 66 -0.98 25.79 14.58
N PHE A 67 -2.29 26.04 14.68
CA PHE A 67 -3.16 26.03 13.49
C PHE A 67 -2.63 27.05 12.48
N GLY A 68 -2.82 26.79 11.18
CA GLY A 68 -2.27 27.68 10.18
C GLY A 68 -3.11 28.95 10.08
N ASP A 69 -4.39 28.76 9.75
CA ASP A 69 -5.33 29.88 9.72
C ASP A 69 -5.83 30.15 11.13
N SER A 70 -6.00 31.41 11.49
CA SER A 70 -6.62 31.76 12.77
C SER A 70 -8.05 31.20 12.86
N ALA A 71 -8.73 31.09 11.72
CA ALA A 71 -10.11 30.64 11.69
C ALA A 71 -10.29 29.24 12.25
N ARG A 72 -9.25 28.41 12.16
CA ARG A 72 -9.38 27.01 12.56
C ARG A 72 -9.85 26.85 14.00
N ALA A 73 -9.57 27.85 14.84
CA ALA A 73 -10.18 27.89 16.17
C ALA A 73 -11.69 27.91 16.05
N ASP A 74 -12.38 27.31 17.01
CA ASP A 74 -13.84 27.20 17.03
C ASP A 74 -14.34 26.08 16.14
N ASP A 75 -13.82 25.94 14.90
CA ASP A 75 -14.17 24.77 14.10
C ASP A 75 -13.76 23.48 14.82
N ALA A 76 -12.57 23.52 15.41
CA ALA A 76 -12.07 22.39 16.18
C ALA A 76 -12.97 22.09 17.37
N ARG A 77 -13.28 23.12 18.17
CA ARG A 77 -14.14 22.92 19.33
C ARG A 77 -15.51 22.35 18.94
N GLN A 78 -16.00 22.77 17.78
CA GLN A 78 -17.28 22.28 17.25
C GLN A 78 -17.23 20.79 16.95
N LEU A 79 -16.06 20.30 16.55
CA LEU A 79 -15.94 18.92 16.10
C LEU A 79 -16.38 17.94 17.18
N PHE A 80 -16.04 18.25 18.43
CA PHE A 80 -16.48 17.43 19.55
C PHE A 80 -18.00 17.37 19.70
N VAL A 81 -18.68 18.44 19.29
CA VAL A 81 -20.13 18.51 19.44
C VAL A 81 -20.82 17.69 18.35
N LEU A 82 -20.65 18.11 17.10
CA LEU A 82 -21.26 17.40 15.98
C LEU A 82 -20.80 15.94 15.90
N ALA A 83 -19.62 15.63 16.42
CA ALA A 83 -19.08 14.27 16.33
C ALA A 83 -20.02 13.24 16.96
N GLY A 84 -20.82 13.66 17.94
CA GLY A 84 -21.72 12.72 18.60
C GLY A 84 -22.69 12.10 17.60
N ALA A 85 -23.16 12.89 16.63
CA ALA A 85 -24.05 12.36 15.60
C ALA A 85 -23.35 11.31 14.76
N ALA A 86 -22.07 11.53 14.47
CA ALA A 86 -21.30 10.55 13.69
C ALA A 86 -21.27 9.19 14.35
N GLU A 87 -21.33 9.13 15.69
CA GLU A 87 -21.42 7.85 16.37
C GLU A 87 -22.70 7.09 15.98
N GLU A 88 -23.78 7.84 15.75
CA GLU A 88 -25.05 7.33 15.20
C GLU A 88 -24.95 6.89 13.72
N GLY A 89 -23.81 7.16 13.09
CA GLY A 89 -23.64 6.95 11.66
C GLY A 89 -24.27 8.04 10.79
N PHE A 90 -24.71 9.15 11.40
CA PHE A 90 -25.23 10.27 10.62
C PHE A 90 -24.14 11.32 10.41
N MET A 91 -24.21 12.06 9.31
CA MET A 91 -23.26 13.14 9.07
C MET A 91 -23.97 14.35 8.46
N THR A 92 -24.45 15.25 9.33
CA THR A 92 -24.99 16.53 8.88
C THR A 92 -23.87 17.28 8.16
N ALA A 93 -24.18 18.08 7.14
CA ALA A 93 -23.12 18.74 6.38
C ALA A 93 -22.25 19.61 7.28
N GLU A 94 -22.81 20.16 8.37
CA GLU A 94 -22.02 20.99 9.26
C GLU A 94 -20.85 20.20 9.84
N LEU A 95 -21.09 18.96 10.25
CA LEU A 95 -19.98 18.08 10.63
C LEU A 95 -19.00 17.87 9.48
N ALA A 96 -19.50 17.90 8.25
CA ALA A 96 -18.66 17.59 7.11
C ALA A 96 -17.64 18.69 6.88
N GLY A 97 -18.09 19.89 6.54
CA GLY A 97 -17.18 20.99 6.25
C GLY A 97 -16.25 21.31 7.42
N VAL A 98 -16.73 21.17 8.67
CA VAL A 98 -15.87 21.48 9.81
C VAL A 98 -14.60 20.62 9.78
N ILE A 99 -14.75 19.34 9.47
CA ILE A 99 -13.59 18.48 9.29
C ILE A 99 -12.72 18.91 8.11
N LYS A 100 -13.37 19.36 7.02
CA LYS A 100 -12.62 19.71 5.81
C LYS A 100 -11.63 20.84 6.06
N ARG A 101 -12.07 21.84 6.82
CA ARG A 101 -11.24 22.99 7.19
C ARG A 101 -10.01 22.59 8.00
N LEU A 102 -10.14 21.52 8.77
CA LEU A 102 -9.05 21.07 9.61
C LEU A 102 -8.00 20.33 8.79
N TRP A 103 -8.41 19.27 8.10
CA TRP A 103 -7.47 18.49 7.30
C TRP A 103 -6.76 19.32 6.23
N LYS A 104 -7.46 20.28 5.61
CA LYS A 104 -6.84 21.21 4.67
C LYS A 104 -5.81 22.13 5.30
N ASP A 105 -5.93 22.37 6.60
CA ASP A 105 -5.15 23.41 7.26
C ASP A 105 -3.65 23.24 7.03
N SER A 106 -2.97 24.36 6.84
CA SER A 106 -1.52 24.35 6.68
C SER A 106 -0.81 23.82 7.93
N GLY A 107 -1.46 23.90 9.08
CA GLY A 107 -0.82 23.55 10.34
C GLY A 107 -1.18 22.13 10.78
N VAL A 108 -2.43 21.74 10.56
CA VAL A 108 -2.82 20.35 10.79
C VAL A 108 -2.01 19.42 9.89
N GLN A 109 -1.74 19.86 8.65
CA GLN A 109 -0.80 19.15 7.78
C GLN A 109 0.61 19.07 8.39
N ALA A 110 0.96 20.07 9.19
CA ALA A 110 2.23 20.04 9.90
C ALA A 110 2.29 18.86 10.87
N CYS A 111 1.13 18.47 11.40
CA CYS A 111 1.04 17.35 12.33
C CYS A 111 1.07 16.03 11.59
N PHE A 112 0.10 15.82 10.70
CA PHE A 112 0.05 14.56 9.96
C PHE A 112 1.35 14.19 9.24
N ASN A 113 2.17 15.15 8.79
CA ASN A 113 3.49 14.78 8.30
C ASN A 113 4.35 14.17 9.42
N ARG A 114 4.24 14.78 10.60
CA ARG A 114 4.79 14.28 11.85
C ARG A 114 4.21 12.96 12.32
N SER A 115 3.12 12.49 11.71
CA SER A 115 2.29 11.43 12.31
C SER A 115 3.07 10.21 12.78
N ARG A 116 4.29 10.02 12.29
CA ARG A 116 5.07 8.85 12.67
C ARG A 116 5.25 8.76 14.19
N GLU A 117 5.17 9.88 14.90
CA GLU A 117 5.42 9.90 16.34
C GLU A 117 4.15 9.53 17.11
N TYR A 118 3.15 10.43 17.13
CA TYR A 118 1.84 10.14 17.72
C TYR A 118 1.12 9.00 16.99
N GLN A 119 0.32 8.26 17.77
CA GLN A 119 -0.52 7.21 17.18
C GLN A 119 -1.54 7.82 16.23
N LEU A 120 -1.78 7.15 15.10
CA LEU A 120 -2.81 7.59 14.16
C LEU A 120 -3.57 6.38 13.62
N ASN A 121 -4.88 6.54 13.41
CA ASN A 121 -5.70 5.43 12.95
C ASN A 121 -5.15 4.84 11.66
N ASP A 122 -5.30 3.53 11.49
CA ASP A 122 -4.78 2.86 10.30
C ASP A 122 -5.33 3.48 9.01
N SER A 123 -6.51 4.09 9.08
CA SER A 123 -7.15 4.64 7.89
C SER A 123 -7.46 6.14 8.05
N ALA A 124 -6.85 6.83 9.02
CA ALA A 124 -7.10 8.25 9.19
C ALA A 124 -6.89 9.03 7.89
N ALA A 125 -5.85 8.67 7.13
CA ALA A 125 -5.61 9.26 5.80
C ALA A 125 -6.72 8.95 4.80
N TYR A 126 -7.39 7.84 4.97
CA TYR A 126 -8.05 7.25 3.82
C TYR A 126 -9.34 8.08 3.65
N TYR A 127 -10.15 8.04 4.71
CA TYR A 127 -11.39 8.77 4.78
C TYR A 127 -11.26 10.30 4.63
N LEU A 128 -10.25 10.95 5.22
CA LEU A 128 -10.05 12.39 5.02
C LEU A 128 -9.74 12.76 3.57
N ASN A 129 -9.06 11.84 2.90
CA ASN A 129 -8.64 12.03 1.53
C ASN A 129 -9.71 11.39 0.65
N ASP A 130 -10.92 11.91 0.73
CA ASP A 130 -12.14 11.12 0.50
C ASP A 130 -13.33 11.63 1.31
N LEU A 131 -13.11 12.57 2.22
CA LEU A 131 -14.13 12.95 3.19
C LEU A 131 -15.42 13.38 2.51
N ASP A 132 -15.33 13.98 1.32
CA ASP A 132 -16.53 14.45 0.65
C ASP A 132 -17.45 13.29 0.30
N ARG A 133 -16.87 12.23 -0.27
CA ARG A 133 -17.69 11.12 -0.75
C ARG A 133 -18.50 10.46 0.35
N ILE A 134 -17.90 10.30 1.54
CA ILE A 134 -18.65 9.79 2.69
C ILE A 134 -19.74 10.74 3.18
N ALA A 135 -19.53 12.04 2.99
CA ALA A 135 -20.46 13.05 3.48
C ALA A 135 -21.82 12.99 2.79
N GLN A 136 -21.87 12.44 1.59
CA GLN A 136 -23.07 12.54 0.75
C GLN A 136 -24.30 12.01 1.48
N PRO A 137 -25.48 12.57 1.26
CA PRO A 137 -26.71 12.13 1.99
C PRO A 137 -26.96 10.64 1.79
N ASN A 138 -27.45 9.98 2.84
CA ASN A 138 -27.71 8.54 2.82
C ASN A 138 -26.58 7.76 2.14
N TYR A 139 -25.35 8.20 2.40
CA TYR A 139 -24.18 7.60 1.78
C TYR A 139 -24.13 6.09 2.10
N ILE A 140 -23.75 5.28 1.11
CA ILE A 140 -23.43 3.88 1.38
C ILE A 140 -21.91 3.73 1.40
N PRO A 141 -21.30 3.09 2.39
CA PRO A 141 -19.85 2.80 2.33
C PRO A 141 -19.49 1.94 1.11
N THR A 142 -18.41 2.31 0.43
CA THR A 142 -17.82 1.44 -0.59
C THR A 142 -17.38 0.14 0.07
N GLN A 143 -17.33 -0.95 -0.70
CA GLN A 143 -16.87 -2.22 -0.12
C GLN A 143 -15.47 -2.06 0.49
N GLN A 144 -14.64 -1.18 -0.10
CA GLN A 144 -13.37 -0.83 0.52
C GLN A 144 -13.56 -0.18 1.90
N ASP A 145 -14.59 0.67 2.03
CA ASP A 145 -14.78 1.40 3.28
C ASP A 145 -14.97 0.44 4.45
N VAL A 146 -15.67 -0.66 4.21
CA VAL A 146 -15.91 -1.62 5.27
C VAL A 146 -14.59 -2.19 5.78
N LEU A 147 -13.72 -2.55 4.85
CA LEU A 147 -12.42 -3.13 5.20
C LEU A 147 -11.53 -2.15 5.97
N ARG A 148 -11.61 -0.88 5.62
CA ARG A 148 -10.89 0.20 6.29
C ARG A 148 -11.25 0.38 7.77
N THR A 149 -12.41 -0.13 8.17
CA THR A 149 -12.85 -0.12 9.56
C THR A 149 -11.90 -0.87 10.49
N ARG A 150 -11.92 -0.47 11.77
CA ARG A 150 -11.34 -1.19 12.92
C ARG A 150 -10.09 -0.50 13.47
N VAL A 151 -9.90 -0.69 14.77
CA VAL A 151 -8.69 -0.34 15.50
C VAL A 151 -7.49 -1.19 15.07
N LYS A 152 -6.28 -0.67 15.25
CA LYS A 152 -5.06 -1.41 14.91
C LYS A 152 -5.08 -2.76 15.62
N THR A 153 -4.64 -3.82 14.94
CA THR A 153 -4.61 -5.16 15.53
C THR A 153 -4.24 -6.21 14.49
N THR A 154 -5.00 -6.28 13.40
CA THR A 154 -4.78 -7.27 12.35
C THR A 154 -3.38 -7.16 11.73
N GLY A 155 -2.84 -5.95 11.69
CA GLY A 155 -1.52 -5.72 11.10
C GLY A 155 -1.46 -6.02 9.60
N ILE A 156 -2.58 -6.37 8.97
CA ILE A 156 -2.61 -6.64 7.53
C ILE A 156 -3.61 -5.70 6.87
N VAL A 157 -3.13 -4.69 6.13
CA VAL A 157 -4.05 -3.79 5.44
C VAL A 157 -4.81 -4.53 4.34
N GLU A 158 -6.12 -4.29 4.25
CA GLU A 158 -6.90 -4.84 3.14
C GLU A 158 -7.18 -3.78 2.09
N THR A 159 -7.28 -4.22 0.84
CA THR A 159 -7.59 -3.31 -0.26
C THR A 159 -8.33 -4.05 -1.38
N HIS A 160 -9.63 -3.81 -1.50
CA HIS A 160 -10.40 -4.38 -2.60
C HIS A 160 -10.52 -3.42 -3.77
N PHE A 161 -10.60 -3.99 -4.97
CA PHE A 161 -10.89 -3.22 -6.17
C PHE A 161 -11.28 -4.19 -7.29
N THR A 162 -11.99 -3.71 -8.32
CA THR A 162 -12.41 -4.59 -9.40
C THR A 162 -11.85 -4.11 -10.74
N PHE A 163 -10.79 -4.76 -11.21
CA PHE A 163 -10.22 -4.46 -12.52
C PHE A 163 -10.69 -5.50 -13.53
N LYS A 164 -10.81 -5.13 -14.81
CA LYS A 164 -11.30 -6.03 -15.87
C LYS A 164 -12.42 -6.97 -15.40
N ASP A 165 -13.36 -6.38 -14.66
CA ASP A 165 -14.48 -7.13 -14.11
C ASP A 165 -14.03 -8.42 -13.40
N LEU A 166 -13.07 -8.31 -12.49
CA LEU A 166 -12.64 -9.44 -11.65
C LEU A 166 -12.42 -8.85 -10.25
N HIS A 167 -12.63 -9.62 -9.18
CA HIS A 167 -12.56 -9.04 -7.84
C HIS A 167 -11.20 -9.31 -7.21
N PHE A 168 -10.33 -8.32 -7.32
CA PHE A 168 -9.02 -8.36 -6.69
C PHE A 168 -9.14 -8.18 -5.18
N LYS A 169 -8.27 -8.82 -4.41
CA LYS A 169 -8.16 -8.49 -2.98
C LYS A 169 -6.68 -8.40 -2.58
N MET A 170 -6.06 -7.26 -2.87
CA MET A 170 -4.68 -7.03 -2.45
C MET A 170 -4.55 -7.05 -0.92
N PHE A 171 -3.46 -7.65 -0.42
CA PHE A 171 -3.18 -7.68 1.03
C PHE A 171 -1.78 -7.15 1.31
N ASP A 172 -1.64 -5.89 1.68
CA ASP A 172 -0.34 -5.34 2.05
C ASP A 172 0.17 -5.91 3.38
N VAL A 173 1.48 -6.14 3.46
CA VAL A 173 2.12 -6.52 4.71
C VAL A 173 3.47 -5.81 4.83
N GLY A 174 3.84 -5.40 6.05
CA GLY A 174 5.07 -4.63 6.23
C GLY A 174 6.30 -5.40 5.75
N GLY A 175 7.14 -4.72 4.96
CA GLY A 175 8.37 -5.31 4.45
C GLY A 175 9.38 -5.64 5.54
N GLN A 176 9.40 -4.84 6.61
CA GLN A 176 10.43 -5.00 7.65
C GLN A 176 10.42 -6.42 8.20
N ARG A 177 11.60 -6.94 8.55
CA ARG A 177 11.70 -8.36 8.89
C ARG A 177 10.75 -8.75 10.03
N SER A 178 10.47 -7.81 10.93
CA SER A 178 9.58 -8.12 12.06
C SER A 178 8.17 -8.45 11.57
N GLU A 179 7.69 -7.68 10.61
CA GLU A 179 6.40 -7.94 10.00
C GLU A 179 6.34 -9.24 9.21
N ARG A 180 7.49 -9.71 8.72
CA ARG A 180 7.48 -10.87 7.85
C ARG A 180 6.83 -12.08 8.50
N LYS A 181 6.85 -12.16 9.83
CA LYS A 181 6.23 -13.29 10.53
C LYS A 181 4.76 -13.43 10.19
N LYS A 182 4.11 -12.28 10.05
CA LYS A 182 2.70 -12.18 9.77
C LYS A 182 2.28 -12.78 8.43
N TRP A 183 3.23 -12.87 7.49
CA TRP A 183 2.87 -13.08 6.09
C TRP A 183 2.05 -14.35 5.84
N ILE A 184 2.20 -15.38 6.66
CA ILE A 184 1.49 -16.63 6.42
C ILE A 184 -0.03 -16.45 6.40
N HIS A 185 -0.54 -15.47 7.14
CA HIS A 185 -1.99 -15.27 7.22
C HIS A 185 -2.62 -15.02 5.85
N CYS A 186 -1.86 -14.36 4.98
CA CYS A 186 -2.36 -14.02 3.65
C CYS A 186 -2.17 -15.12 2.61
N PHE A 187 -1.39 -16.15 2.91
CA PHE A 187 -1.05 -17.16 1.92
C PHE A 187 -2.27 -17.87 1.32
N GLU A 188 -3.36 -17.99 2.09
CA GLU A 188 -4.55 -18.69 1.60
C GLU A 188 -5.19 -17.97 0.42
N GLY A 189 -5.56 -18.71 -0.63
CA GLY A 189 -6.48 -18.18 -1.64
C GLY A 189 -5.81 -17.19 -2.61
N VAL A 190 -4.52 -16.92 -2.45
CA VAL A 190 -3.82 -15.99 -3.34
C VAL A 190 -3.85 -16.49 -4.78
N ALA A 191 -4.06 -15.58 -5.72
CA ALA A 191 -3.92 -15.91 -7.13
C ALA A 191 -2.46 -15.74 -7.56
N ALA A 192 -1.98 -14.52 -7.44
CA ALA A 192 -0.63 -14.19 -7.88
C ALA A 192 0.04 -13.24 -6.90
N ILE A 193 1.31 -13.49 -6.61
CA ILE A 193 2.08 -12.58 -5.77
C ILE A 193 2.66 -11.44 -6.60
N ILE A 194 2.70 -10.25 -6.02
CA ILE A 194 3.52 -9.18 -6.55
C ILE A 194 4.63 -8.89 -5.54
N PHE A 195 5.88 -9.12 -5.94
CA PHE A 195 7.01 -8.97 -5.02
C PHE A 195 7.77 -7.66 -5.24
N CYS A 196 7.27 -6.58 -4.65
CA CYS A 196 7.95 -5.29 -4.76
C CYS A 196 9.40 -5.33 -4.27
N VAL A 197 10.27 -4.59 -4.98
CA VAL A 197 11.68 -4.47 -4.60
C VAL A 197 12.22 -3.12 -5.08
N ALA A 198 12.77 -2.30 -4.19
CA ALA A 198 13.29 -0.99 -4.58
C ALA A 198 14.65 -1.13 -5.26
N LEU A 199 14.74 -0.79 -6.54
CA LEU A 199 16.03 -0.81 -7.23
C LEU A 199 17.07 0.14 -6.62
N SER A 200 16.61 1.27 -6.09
CA SER A 200 17.51 2.24 -5.46
C SER A 200 18.22 1.70 -4.22
N ASP A 201 17.64 0.66 -3.61
CA ASP A 201 18.20 0.06 -2.40
C ASP A 201 19.64 -0.44 -2.57
N TYR A 202 20.13 -0.53 -3.80
CA TYR A 202 21.39 -1.21 -4.09
C TYR A 202 22.54 -0.65 -3.25
N ASP A 203 22.46 0.60 -2.81
CA ASP A 203 23.46 1.14 -1.86
C ASP A 203 22.92 1.26 -0.44
N LEU A 204 21.63 1.54 -0.28
CA LEU A 204 21.05 1.75 1.05
C LEU A 204 21.23 0.53 1.95
N VAL A 205 21.47 0.78 3.24
CA VAL A 205 21.52 -0.30 4.24
C VAL A 205 20.19 -0.44 4.97
N LEU A 206 19.85 -1.66 5.38
CA LEU A 206 18.64 -1.91 6.18
C LEU A 206 18.69 -1.13 7.50
N ALA A 207 17.53 -0.65 7.95
CA ALA A 207 17.40 -0.25 9.34
C ALA A 207 17.61 -1.45 10.29
N GLU A 208 17.24 -2.64 9.83
CA GLU A 208 17.44 -3.86 10.62
C GLU A 208 18.92 -4.10 10.95
N ASP A 209 19.80 -3.62 10.08
CA ASP A 209 21.24 -3.81 10.26
C ASP A 209 21.98 -2.93 9.27
N GLU A 210 22.60 -1.87 9.76
CA GLU A 210 23.30 -0.94 8.88
C GLU A 210 24.40 -1.63 8.06
N GLU A 211 25.02 -2.67 8.61
CA GLU A 211 26.03 -3.42 7.87
C GLU A 211 25.46 -4.08 6.61
N MET A 212 24.20 -4.51 6.70
CA MET A 212 23.54 -5.24 5.63
C MET A 212 23.34 -4.40 4.37
N ASN A 213 23.46 -5.04 3.21
CA ASN A 213 22.99 -4.42 1.97
C ASN A 213 21.49 -4.68 1.84
N ARG A 214 20.68 -3.65 1.63
CA ARG A 214 19.24 -3.89 1.48
C ARG A 214 18.90 -4.80 0.31
N MET A 215 19.62 -4.66 -0.82
CA MET A 215 19.30 -5.47 -1.98
C MET A 215 19.60 -6.95 -1.78
N HIS A 216 20.75 -7.24 -1.16
CA HIS A 216 21.10 -8.63 -0.89
C HIS A 216 20.05 -9.30 0.00
N GLU A 217 19.49 -8.53 0.92
CA GLU A 217 18.42 -9.04 1.76
C GLU A 217 17.20 -9.43 0.93
N SER A 218 16.91 -8.64 -0.11
CA SER A 218 15.78 -8.94 -0.98
C SER A 218 15.97 -10.26 -1.71
N MET A 219 17.20 -10.51 -2.15
CA MET A 219 17.52 -11.74 -2.85
C MET A 219 17.26 -12.98 -1.99
N LYS A 220 17.36 -12.84 -0.67
CA LYS A 220 17.27 -14.01 0.19
C LYS A 220 15.83 -14.41 0.42
N LEU A 221 15.04 -13.56 1.07
CA LEU A 221 13.64 -13.89 1.29
C LEU A 221 12.88 -14.11 -0.02
N PHE A 222 13.27 -13.43 -1.11
CA PHE A 222 12.63 -13.68 -2.39
C PHE A 222 12.84 -15.12 -2.84
N ASP A 223 14.02 -15.67 -2.57
CA ASP A 223 14.29 -17.06 -2.93
C ASP A 223 13.34 -18.00 -2.20
N SER A 224 13.03 -17.67 -0.94
CA SER A 224 12.16 -18.52 -0.15
C SER A 224 10.75 -18.57 -0.72
N ILE A 225 10.19 -17.41 -1.06
CA ILE A 225 8.80 -17.38 -1.54
C ILE A 225 8.63 -18.09 -2.89
N CYS A 226 9.65 -18.00 -3.73
CA CYS A 226 9.54 -18.52 -5.10
C CYS A 226 9.55 -20.05 -5.07
N ASN A 227 10.63 -20.56 -4.50
CA ASN A 227 10.82 -21.99 -4.31
C ASN A 227 9.75 -22.63 -3.43
N ASN A 228 9.02 -21.84 -2.64
CA ASN A 228 8.14 -22.42 -1.61
C ASN A 228 7.14 -23.38 -2.27
N LYS A 229 7.00 -24.58 -1.71
CA LYS A 229 6.12 -25.56 -2.33
C LYS A 229 4.67 -25.07 -2.39
N TRP A 230 4.26 -24.32 -1.37
CA TRP A 230 2.89 -23.81 -1.33
C TRP A 230 2.58 -22.91 -2.54
N PHE A 231 3.59 -22.16 -2.97
CA PHE A 231 3.42 -21.19 -4.05
C PHE A 231 3.54 -21.76 -5.45
N THR A 232 3.88 -23.05 -5.58
CA THR A 232 4.07 -23.63 -6.90
C THR A 232 2.81 -23.47 -7.75
N ASP A 233 1.64 -23.62 -7.12
CA ASP A 233 0.37 -23.37 -7.79
C ASP A 233 0.14 -21.88 -8.12
N THR A 234 0.70 -21.01 -7.30
CA THR A 234 0.47 -19.57 -7.45
C THR A 234 1.48 -18.96 -8.42
N SER A 235 1.03 -18.04 -9.26
CA SER A 235 1.95 -17.28 -10.10
C SER A 235 2.91 -16.44 -9.24
N ILE A 236 4.17 -16.33 -9.65
CA ILE A 236 5.08 -15.38 -9.00
C ILE A 236 5.34 -14.22 -9.97
N ILE A 237 5.25 -12.97 -9.50
CA ILE A 237 5.45 -11.83 -10.39
C ILE A 237 6.35 -10.78 -9.73
N LEU A 238 7.62 -10.71 -10.13
CA LEU A 238 8.54 -9.72 -9.53
C LEU A 238 8.08 -8.30 -9.88
N PHE A 239 8.27 -7.35 -8.97
CA PHE A 239 7.93 -5.95 -9.24
C PHE A 239 9.10 -5.04 -8.84
N LEU A 240 10.04 -4.80 -9.74
CA LEU A 240 11.14 -3.88 -9.44
C LEU A 240 10.65 -2.45 -9.24
N ASN A 241 10.19 -2.16 -8.02
CA ASN A 241 9.64 -0.85 -7.65
C ASN A 241 10.68 0.26 -7.72
N LYS A 242 10.20 1.49 -7.90
CA LYS A 242 11.05 2.68 -7.85
C LYS A 242 12.09 2.69 -8.96
N LYS A 243 11.70 2.18 -10.13
CA LYS A 243 12.51 2.35 -11.33
C LYS A 243 12.76 3.83 -11.65
N ASP A 244 11.87 4.72 -11.19
CA ASP A 244 11.97 6.14 -11.53
C ASP A 244 13.13 6.83 -10.80
N LEU A 245 13.14 6.83 -9.47
CA LEU A 245 14.26 7.44 -8.76
C LEU A 245 15.59 6.71 -9.03
N PHE A 246 15.52 5.41 -9.32
CA PHE A 246 16.73 4.63 -9.59
C PHE A 246 17.54 5.14 -10.80
N GLU A 247 16.85 5.59 -11.85
CA GLU A 247 17.56 6.12 -13.03
C GLU A 247 18.39 7.35 -12.70
N GLU A 248 17.99 8.08 -11.66
CA GLU A 248 18.72 9.27 -11.24
C GLU A 248 19.95 8.89 -10.43
N LYS A 249 19.72 8.21 -9.31
CA LYS A 249 20.80 7.88 -8.39
C LYS A 249 21.93 7.08 -9.04
N ILE A 250 21.60 6.24 -10.03
CA ILE A 250 22.65 5.49 -10.73
C ILE A 250 23.66 6.42 -11.42
N LYS A 251 23.19 7.58 -11.86
CA LYS A 251 24.06 8.53 -12.55
C LYS A 251 25.26 8.94 -11.70
N LYS A 252 25.09 8.99 -10.38
CA LYS A 252 26.22 9.30 -9.48
C LYS A 252 26.85 8.01 -8.96
N SER A 253 26.07 7.31 -8.13
CA SER A 253 26.55 6.12 -7.44
C SER A 253 26.81 4.96 -8.44
N PRO A 254 27.95 4.30 -8.40
CA PRO A 254 28.14 3.03 -9.17
C PRO A 254 27.24 1.88 -8.66
N LEU A 255 26.76 1.05 -9.57
CA LEU A 255 26.10 -0.21 -9.18
C LEU A 255 27.04 -1.10 -8.35
N THR A 256 28.36 -0.94 -8.51
CA THR A 256 29.34 -1.77 -7.80
C THR A 256 29.13 -1.77 -6.28
N ILE A 257 28.40 -0.77 -5.78
CA ILE A 257 27.96 -0.69 -4.38
C ILE A 257 27.05 -1.87 -3.97
N CYS A 258 26.64 -2.75 -4.90
CA CYS A 258 25.72 -3.82 -4.60
C CYS A 258 26.29 -5.12 -5.15
N TYR A 259 26.57 -5.09 -6.45
CA TYR A 259 27.26 -6.20 -7.11
C TYR A 259 28.62 -5.71 -7.59
N GLN A 260 29.66 -5.97 -6.80
CA GLN A 260 30.99 -5.50 -7.15
C GLN A 260 31.46 -6.06 -8.50
N GLU A 261 30.99 -7.25 -8.86
CA GLU A 261 31.39 -7.88 -10.12
C GLU A 261 31.00 -7.05 -11.34
N TYR A 262 29.99 -6.19 -11.20
CA TYR A 262 29.41 -5.49 -12.34
C TYR A 262 30.45 -4.67 -13.12
N ALA A 263 30.35 -4.76 -14.44
CA ALA A 263 31.17 -3.94 -15.34
C ALA A 263 30.36 -2.81 -16.01
N GLY A 264 29.05 -3.04 -16.14
CA GLY A 264 28.18 -2.24 -17.00
C GLY A 264 28.22 -0.74 -16.71
N SER A 265 27.84 -0.01 -17.76
CA SER A 265 27.72 1.45 -17.75
C SER A 265 26.72 1.91 -16.68
N ASN A 266 26.84 3.18 -16.29
CA ASN A 266 25.96 3.82 -15.33
C ASN A 266 24.58 4.18 -15.91
N THR A 267 24.11 3.39 -16.87
CA THR A 267 22.85 3.70 -17.54
C THR A 267 21.70 3.02 -16.82
N TYR A 268 20.49 3.62 -16.84
CA TYR A 268 19.33 2.98 -16.23
C TYR A 268 19.10 1.58 -16.83
N GLU A 269 19.45 1.37 -18.10
CA GLU A 269 19.17 0.08 -18.72
C GLU A 269 20.10 -1.02 -18.20
N GLU A 270 21.40 -0.85 -18.41
CA GLU A 270 22.35 -1.85 -17.93
C GLU A 270 22.29 -2.04 -16.41
N ALA A 271 21.93 -0.99 -15.69
CA ALA A 271 21.96 -1.02 -14.23
C ALA A 271 20.75 -1.75 -13.67
N ALA A 272 19.57 -1.21 -13.92
CA ALA A 272 18.35 -1.81 -13.39
C ALA A 272 18.16 -3.22 -13.94
N ALA A 273 18.45 -3.38 -15.23
CA ALA A 273 18.29 -4.68 -15.88
C ALA A 273 19.23 -5.73 -15.30
N TYR A 274 20.41 -5.34 -14.83
CA TYR A 274 21.36 -6.33 -14.31
C TYR A 274 20.79 -7.05 -13.09
N ILE A 275 20.00 -6.33 -12.29
CA ILE A 275 19.40 -6.90 -11.08
C ILE A 275 18.38 -7.96 -11.47
N GLN A 276 17.42 -7.54 -12.28
CA GLN A 276 16.45 -8.49 -12.84
C GLN A 276 17.09 -9.77 -13.40
N CYS A 277 18.39 -9.74 -13.72
CA CYS A 277 19.07 -10.99 -14.06
C CYS A 277 19.28 -11.83 -12.81
N GLN A 278 19.95 -11.24 -11.82
CA GLN A 278 20.28 -11.98 -10.59
C GLN A 278 19.07 -12.53 -9.85
N PHE A 279 17.96 -11.78 -9.84
CA PHE A 279 16.78 -12.22 -9.10
C PHE A 279 16.17 -13.48 -9.71
N GLU A 280 16.07 -13.46 -11.04
CA GLU A 280 15.55 -14.61 -11.78
C GLU A 280 16.43 -15.85 -11.59
N ASP A 281 17.73 -15.63 -11.40
CA ASP A 281 18.67 -16.74 -11.20
C ASP A 281 18.33 -17.58 -9.97
N LEU A 282 17.73 -16.97 -8.96
CA LEU A 282 17.39 -17.69 -7.73
C LEU A 282 16.49 -18.90 -7.98
N ASN A 283 15.71 -18.88 -9.07
CA ASN A 283 14.69 -19.91 -9.27
C ASN A 283 15.33 -21.30 -9.33
N LYS A 284 14.91 -22.18 -8.43
CA LYS A 284 15.22 -23.60 -8.53
C LYS A 284 14.61 -24.29 -9.75
N ARG A 285 13.52 -23.73 -10.27
CA ARG A 285 12.74 -24.40 -11.31
C ARG A 285 12.60 -23.53 -12.56
N LYS A 286 13.74 -23.14 -13.12
CA LYS A 286 13.73 -22.32 -14.33
C LYS A 286 12.96 -23.01 -15.47
N ASP A 287 13.02 -24.34 -15.49
CA ASP A 287 12.36 -25.14 -16.52
C ASP A 287 10.84 -24.98 -16.52
N THR A 288 10.26 -24.72 -15.36
CA THR A 288 8.81 -24.82 -15.21
C THR A 288 8.19 -23.70 -14.38
N LYS A 289 8.90 -22.58 -14.22
CA LYS A 289 8.37 -21.48 -13.43
C LYS A 289 8.80 -20.14 -14.02
N GLU A 290 7.83 -19.28 -14.32
CA GLU A 290 8.13 -17.99 -14.93
C GLU A 290 8.11 -16.88 -13.89
N ILE A 291 9.20 -16.12 -13.78
CA ILE A 291 9.27 -15.03 -12.81
C ILE A 291 8.27 -13.90 -13.07
N TYR A 292 7.85 -13.63 -14.32
CA TYR A 292 6.88 -12.56 -14.59
C TYR A 292 7.32 -11.24 -13.96
N THR A 293 8.58 -10.86 -14.21
CA THR A 293 9.12 -9.56 -13.80
C THR A 293 8.45 -8.37 -14.49
N HIS A 294 8.31 -7.27 -13.76
CA HIS A 294 7.86 -6.00 -14.34
C HIS A 294 8.42 -4.80 -13.57
N PHE A 295 9.22 -3.95 -14.22
CA PHE A 295 9.62 -2.67 -13.63
C PHE A 295 8.38 -1.82 -13.33
N THR A 296 8.40 -1.11 -12.20
CA THR A 296 7.26 -0.28 -11.82
C THR A 296 7.67 0.96 -11.02
N CYS A 297 6.73 1.89 -10.90
CA CYS A 297 6.95 3.12 -10.15
C CYS A 297 5.69 3.42 -9.34
N ALA A 298 5.69 3.03 -8.06
CA ALA A 298 4.49 3.19 -7.24
C ALA A 298 4.05 4.64 -7.15
N THR A 299 5.02 5.56 -7.08
CA THR A 299 4.71 6.98 -6.99
C THR A 299 3.92 7.48 -8.21
N ASP A 300 4.13 6.85 -9.36
CA ASP A 300 3.48 7.28 -10.60
C ASP A 300 2.26 6.43 -10.89
N THR A 301 1.07 6.99 -10.72
CA THR A 301 -0.16 6.25 -11.02
C THR A 301 -0.21 5.85 -12.49
N LYS A 302 0.23 6.74 -13.38
CA LYS A 302 0.26 6.43 -14.81
C LYS A 302 1.11 5.19 -15.13
N ASN A 303 2.06 4.87 -14.28
CA ASN A 303 3.02 3.80 -14.58
C ASN A 303 2.41 2.47 -14.17
N VAL A 304 2.11 2.39 -12.87
CA VAL A 304 1.52 1.18 -12.30
C VAL A 304 0.24 0.79 -13.03
N GLN A 305 -0.45 1.74 -13.67
CA GLN A 305 -1.73 1.45 -14.29
C GLN A 305 -1.54 0.59 -15.53
N PHE A 306 -0.82 1.11 -16.54
CA PHE A 306 -0.62 0.35 -17.76
C PHE A 306 0.08 -0.97 -17.50
N VAL A 307 1.00 -1.00 -16.52
CA VAL A 307 1.67 -2.24 -16.18
C VAL A 307 0.69 -3.26 -15.61
N PHE A 308 -0.23 -2.77 -14.77
CA PHE A 308 -1.22 -3.66 -14.16
C PHE A 308 -2.08 -4.36 -15.22
N ASP A 309 -2.32 -3.68 -16.33
CA ASP A 309 -3.11 -4.27 -17.42
C ASP A 309 -2.45 -5.52 -17.97
N ALA A 310 -1.12 -5.50 -18.06
CA ALA A 310 -0.39 -6.66 -18.56
C ALA A 310 -0.44 -7.81 -17.56
N VAL A 311 -0.08 -7.50 -16.31
CA VAL A 311 0.01 -8.54 -15.30
C VAL A 311 -1.34 -9.27 -15.12
N THR A 312 -2.44 -8.54 -15.27
CA THR A 312 -3.76 -9.15 -15.11
C THR A 312 -3.99 -10.26 -16.12
N ASP A 313 -3.50 -10.04 -17.35
CA ASP A 313 -3.74 -11.02 -18.41
C ASP A 313 -3.11 -12.37 -18.06
N VAL A 314 -1.91 -12.33 -17.48
CA VAL A 314 -1.23 -13.56 -17.11
C VAL A 314 -2.03 -14.33 -16.06
N ILE A 315 -2.63 -13.60 -15.12
CA ILE A 315 -3.48 -14.23 -14.10
C ILE A 315 -4.67 -14.97 -14.71
N ILE A 316 -5.17 -14.47 -15.83
CA ILE A 316 -6.34 -15.07 -16.46
C ILE A 316 -5.95 -16.37 -17.17
N LYS A 317 -5.04 -16.26 -18.13
CA LYS A 317 -4.62 -17.44 -18.88
C LYS A 317 -4.04 -18.52 -17.97
N ASN A 318 -3.43 -18.12 -16.85
CA ASN A 318 -2.81 -19.10 -15.96
C ASN A 318 -3.73 -19.56 -14.84
N ASN A 319 -4.01 -18.66 -13.89
CA ASN A 319 -4.91 -18.99 -12.78
C ASN A 319 -6.37 -19.09 -13.23
N LEU A 320 -7.07 -20.12 -12.74
CA LEU A 320 -8.53 -20.16 -12.77
C LEU A 320 -9.09 -21.41 -12.10
N LYS A 321 -10.29 -21.27 -11.57
CA LYS A 321 -11.01 -22.38 -10.92
C LYS A 321 -10.23 -22.88 -9.72
N ASP A 322 -10.66 -22.44 -8.54
CA ASP A 322 -10.13 -22.93 -7.26
C ASP A 322 -8.60 -23.00 -7.24
N CYS A 323 -7.95 -21.84 -7.49
CA CYS A 323 -6.48 -21.72 -7.49
C CYS A 323 -5.77 -22.45 -8.64
N GLY A 324 -6.54 -23.01 -9.56
CA GLY A 324 -5.98 -23.55 -10.78
C GLY A 324 -6.49 -24.95 -11.03
N LEU A 325 -6.11 -25.91 -10.18
CA LEU A 325 -6.65 -27.25 -10.33
C LEU A 325 -8.17 -27.18 -10.11
N PHE A 326 -8.93 -27.67 -11.09
CA PHE A 326 -10.38 -27.83 -11.03
C PHE A 326 -11.10 -26.84 -10.09
N ARG A 4 -13.18 -15.73 -10.98
CA ARG A 4 -13.27 -14.33 -10.58
C ARG A 4 -12.36 -13.92 -9.42
N GLU A 5 -12.05 -14.85 -8.51
CA GLU A 5 -11.37 -14.49 -7.26
C GLU A 5 -9.85 -14.56 -7.39
N VAL A 6 -9.25 -13.52 -7.95
CA VAL A 6 -7.79 -13.49 -8.11
C VAL A 6 -7.08 -13.41 -6.75
N LYS A 7 -7.43 -12.41 -5.95
CA LYS A 7 -6.83 -12.28 -4.61
C LYS A 7 -5.29 -12.17 -4.68
N LEU A 8 -4.83 -11.03 -5.22
CA LEU A 8 -3.41 -10.68 -5.23
C LEU A 8 -2.86 -10.55 -3.80
N LEU A 9 -1.58 -10.85 -3.59
CA LEU A 9 -0.96 -10.66 -2.27
C LEU A 9 0.36 -9.88 -2.38
N LEU A 10 0.35 -8.60 -2.02
CA LEU A 10 1.61 -7.85 -1.88
C LEU A 10 2.56 -8.41 -0.83
N LEU A 11 3.85 -8.44 -1.19
CA LEU A 11 4.92 -8.81 -0.27
C LEU A 11 6.16 -8.00 -0.62
N GLY A 12 7.06 -7.77 0.34
CA GLY A 12 8.30 -7.05 0.03
C GLY A 12 8.98 -6.47 1.26
N ALA A 13 10.23 -6.10 1.06
CA ALA A 13 11.03 -5.37 2.06
C ALA A 13 10.35 -4.06 2.44
N GLY A 14 10.63 -3.58 3.65
CA GLY A 14 10.03 -2.35 4.15
C GLY A 14 10.24 -1.19 3.18
N GLU A 15 9.29 -0.27 3.17
CA GLU A 15 9.34 0.90 2.29
C GLU A 15 9.36 0.52 0.80
N SER A 16 9.06 -0.74 0.46
CA SER A 16 8.87 -1.13 -0.93
C SER A 16 7.73 -0.38 -1.62
N GLY A 17 6.88 0.32 -0.87
CA GLY A 17 5.76 1.04 -1.47
C GLY A 17 4.51 0.18 -1.66
N LYS A 18 4.44 -1.00 -1.04
CA LYS A 18 3.27 -1.85 -1.20
C LYS A 18 1.98 -1.12 -0.79
N SER A 19 2.09 -0.22 0.19
CA SER A 19 0.93 0.56 0.60
C SER A 19 0.45 1.48 -0.52
N THR A 20 1.40 2.11 -1.22
CA THR A 20 1.04 3.03 -2.28
C THR A 20 0.27 2.34 -3.40
N ILE A 21 0.68 1.11 -3.73
CA ILE A 21 -0.03 0.32 -4.74
C ILE A 21 -1.49 0.08 -4.33
N VAL A 22 -1.73 -0.03 -3.02
CA VAL A 22 -3.08 -0.29 -2.55
C VAL A 22 -4.00 0.88 -2.92
N LYS A 23 -3.49 2.10 -2.81
CA LYS A 23 -4.26 3.28 -3.19
C LYS A 23 -4.64 3.26 -4.66
N GLN A 24 -3.75 2.73 -5.50
CA GLN A 24 -3.96 2.82 -6.93
C GLN A 24 -5.23 2.12 -7.38
N MET A 25 -5.53 0.99 -6.74
CA MET A 25 -6.72 0.23 -7.12
C MET A 25 -8.00 1.03 -6.88
N LYS A 26 -8.02 1.87 -5.84
CA LYS A 26 -9.17 2.72 -5.58
C LYS A 26 -9.47 3.66 -6.75
N ILE A 27 -8.41 4.08 -7.44
CA ILE A 27 -8.56 5.07 -8.50
C ILE A 27 -8.95 4.41 -9.82
N ILE A 28 -8.04 3.58 -10.32
CA ILE A 28 -8.25 2.93 -11.61
C ILE A 28 -9.51 2.05 -11.58
N HIS A 29 -9.75 1.41 -10.43
CA HIS A 29 -10.89 0.49 -10.29
C HIS A 29 -11.93 1.02 -9.31
N GLU A 30 -13.19 0.67 -9.52
CA GLU A 30 -14.24 1.03 -8.56
C GLU A 30 -15.34 -0.04 -8.55
N ALA A 31 -15.58 -0.61 -7.37
CA ALA A 31 -16.60 -1.65 -7.26
C ALA A 31 -17.23 -1.67 -5.86
N GLY A 32 -18.45 -2.21 -5.83
CA GLY A 32 -19.17 -2.38 -4.57
C GLY A 32 -20.56 -2.95 -4.86
N TYR A 33 -20.90 -4.07 -4.22
CA TYR A 33 -22.20 -4.70 -4.46
C TYR A 33 -22.72 -5.43 -3.23
N SER A 34 -23.25 -4.67 -2.28
CA SER A 34 -23.85 -5.22 -1.09
C SER A 34 -24.52 -4.09 -0.31
N GLU A 35 -25.32 -3.30 -1.02
CA GLU A 35 -25.76 -2.01 -0.51
C GLU A 35 -26.46 -2.10 0.84
N GLU A 36 -27.31 -3.10 1.04
CA GLU A 36 -28.02 -3.22 2.32
C GLU A 36 -27.07 -3.50 3.47
N GLU A 37 -26.06 -4.35 3.21
CA GLU A 37 -25.07 -4.65 4.24
C GLU A 37 -24.24 -3.43 4.60
N CYS A 38 -23.94 -2.61 3.60
CA CYS A 38 -23.07 -1.46 3.81
C CYS A 38 -23.68 -0.44 4.76
N LYS A 39 -25.00 -0.25 4.67
CA LYS A 39 -25.66 0.75 5.50
C LYS A 39 -25.45 0.48 6.99
N GLN A 40 -25.36 -0.79 7.35
CA GLN A 40 -25.19 -1.14 8.76
C GLN A 40 -23.86 -0.60 9.30
N TYR A 41 -22.83 -0.70 8.46
CA TYR A 41 -21.48 -0.22 8.78
C TYR A 41 -21.38 1.30 8.93
N LYS A 42 -22.35 2.04 8.42
CA LYS A 42 -22.15 3.47 8.21
C LYS A 42 -21.73 4.18 9.49
N ALA A 43 -22.19 3.72 10.65
CA ALA A 43 -21.75 4.33 11.90
C ALA A 43 -20.25 4.14 12.07
N VAL A 44 -19.79 2.93 11.80
CA VAL A 44 -18.37 2.59 11.96
C VAL A 44 -17.47 3.44 11.08
N VAL A 45 -17.90 3.75 9.87
CA VAL A 45 -17.05 4.51 8.96
C VAL A 45 -16.83 5.92 9.49
N TYR A 46 -17.91 6.60 9.84
CA TYR A 46 -17.80 7.92 10.42
C TYR A 46 -17.03 7.93 11.74
N SER A 47 -17.11 6.83 12.47
CA SER A 47 -16.47 6.76 13.78
C SER A 47 -14.95 6.79 13.63
N ASN A 48 -14.43 5.83 12.89
CA ASN A 48 -12.98 5.72 12.74
C ASN A 48 -12.37 6.98 12.15
N THR A 49 -13.10 7.65 11.26
CA THR A 49 -12.56 8.84 10.62
C THR A 49 -12.25 9.94 11.63
N ILE A 50 -13.16 10.19 12.56
CA ILE A 50 -12.88 11.16 13.63
C ILE A 50 -11.71 10.67 14.47
N GLN A 51 -11.66 9.37 14.75
CA GLN A 51 -10.54 8.81 15.51
C GLN A 51 -9.20 8.98 14.79
N SER A 52 -9.25 9.08 13.47
CA SER A 52 -8.04 9.15 12.66
C SER A 52 -7.40 10.52 12.75
N ILE A 53 -8.13 11.55 12.31
CA ILE A 53 -7.59 12.90 12.34
C ILE A 53 -7.19 13.32 13.76
N ILE A 54 -7.91 12.84 14.77
CA ILE A 54 -7.54 13.13 16.15
C ILE A 54 -6.15 12.59 16.49
N ALA A 55 -5.75 11.48 15.86
CA ALA A 55 -4.40 10.96 16.05
C ALA A 55 -3.37 11.89 15.43
N ILE A 56 -3.66 12.29 14.19
CA ILE A 56 -2.81 13.24 13.47
C ILE A 56 -2.69 14.59 14.20
N ILE A 57 -3.63 14.90 15.09
CA ILE A 57 -3.67 16.19 15.77
C ILE A 57 -2.79 16.10 17.01
N ARG A 58 -3.13 15.16 17.89
CA ARG A 58 -2.39 14.96 19.14
C ARG A 58 -0.91 14.71 18.88
N ALA A 59 -0.57 14.10 17.75
CA ALA A 59 0.84 13.90 17.39
C ALA A 59 1.57 15.22 17.16
N MET A 60 0.84 16.25 16.72
CA MET A 60 1.42 17.58 16.55
C MET A 60 2.04 18.11 17.85
N GLY A 61 1.57 17.63 19.00
CA GLY A 61 2.12 18.06 20.27
C GLY A 61 3.39 17.28 20.62
N ARG A 62 3.26 15.98 20.89
CA ARG A 62 4.40 15.17 21.29
C ARG A 62 5.57 15.26 20.33
N LEU A 63 5.29 15.39 19.04
CA LEU A 63 6.31 15.81 18.09
C LEU A 63 6.09 17.29 17.85
N LYS A 64 7.14 18.13 17.95
CA LYS A 64 6.91 19.55 17.69
C LYS A 64 6.40 19.72 16.24
N ILE A 65 5.21 20.28 16.12
CA ILE A 65 4.62 20.58 14.82
C ILE A 65 3.56 21.67 14.97
N ASP A 66 3.81 22.83 14.39
CA ASP A 66 2.82 23.90 14.41
C ASP A 66 1.87 23.77 13.22
N PHE A 67 0.63 24.21 13.38
CA PHE A 67 -0.27 24.33 12.24
C PHE A 67 0.33 25.25 11.19
N GLY A 68 0.04 24.99 9.91
CA GLY A 68 0.62 25.78 8.84
C GLY A 68 -0.10 27.12 8.74
N ASP A 69 -1.41 27.05 8.47
CA ASP A 69 -2.21 28.26 8.42
C ASP A 69 -2.68 28.63 9.82
N SER A 70 -2.68 29.92 10.15
CA SER A 70 -3.24 30.36 11.43
C SER A 70 -4.72 29.99 11.56
N ALA A 71 -5.43 29.94 10.42
CA ALA A 71 -6.86 29.65 10.43
C ALA A 71 -7.19 28.28 11.02
N ARG A 72 -6.25 27.34 10.90
CA ARG A 72 -6.52 25.97 11.37
C ARG A 72 -6.91 25.93 12.84
N ALA A 73 -6.47 26.92 13.62
CA ALA A 73 -6.98 27.09 14.97
C ALA A 73 -8.49 27.28 14.93
N ASP A 74 -9.17 26.81 15.97
CA ASP A 74 -10.63 26.87 16.09
C ASP A 74 -11.33 25.78 15.28
N ASP A 75 -10.93 25.56 14.03
CA ASP A 75 -11.49 24.40 13.29
C ASP A 75 -11.19 23.11 14.04
N ALA A 76 -9.95 23.02 14.52
CA ALA A 76 -9.53 21.85 15.28
C ALA A 76 -10.35 21.69 16.55
N ARG A 77 -10.50 22.78 17.31
CA ARG A 77 -11.29 22.73 18.53
C ARG A 77 -12.75 22.32 18.25
N GLN A 78 -13.26 22.76 17.11
CA GLN A 78 -14.62 22.42 16.69
C GLN A 78 -14.80 20.92 16.44
N LEU A 79 -13.73 20.27 16.01
CA LEU A 79 -13.82 18.87 15.61
C LEU A 79 -14.30 18.00 16.77
N PHE A 80 -13.86 18.34 17.99
CA PHE A 80 -14.31 17.61 19.18
C PHE A 80 -15.81 17.76 19.44
N VAL A 81 -16.38 18.87 18.98
CA VAL A 81 -17.80 19.13 19.24
C VAL A 81 -18.69 18.37 18.27
N LEU A 82 -18.59 18.71 16.99
CA LEU A 82 -19.37 18.04 15.97
C LEU A 82 -19.11 16.53 15.92
N ALA A 83 -17.93 16.10 16.37
CA ALA A 83 -17.55 14.69 16.26
C ALA A 83 -18.57 13.77 16.93
N GLY A 84 -19.29 14.28 17.93
CA GLY A 84 -20.24 13.45 18.66
C GLY A 84 -21.30 12.88 17.73
N ALA A 85 -21.80 13.67 16.78
CA ALA A 85 -22.80 13.18 15.84
C ALA A 85 -22.26 12.05 14.98
N ALA A 86 -20.99 12.15 14.60
CA ALA A 86 -20.37 11.12 13.79
C ALA A 86 -20.44 9.75 14.45
N GLU A 87 -20.43 9.71 15.78
CA GLU A 87 -20.60 8.43 16.48
C GLU A 87 -21.97 7.80 16.16
N GLU A 88 -22.98 8.65 16.02
CA GLU A 88 -24.33 8.26 15.56
C GLU A 88 -24.37 7.76 14.10
N GLY A 89 -23.27 7.93 13.38
CA GLY A 89 -23.24 7.67 11.93
C GLY A 89 -23.77 8.83 11.09
N PHE A 90 -24.06 9.98 11.71
CA PHE A 90 -24.51 11.15 10.96
C PHE A 90 -23.33 12.08 10.68
N MET A 91 -23.38 12.82 9.58
CA MET A 91 -22.31 13.78 9.28
C MET A 91 -22.89 15.09 8.73
N THR A 92 -23.15 16.05 9.62
CA THR A 92 -23.54 17.39 9.21
C THR A 92 -22.44 17.98 8.36
N ALA A 93 -22.78 18.80 7.35
CA ALA A 93 -21.74 19.33 6.47
C ALA A 93 -20.69 20.12 7.26
N GLU A 94 -21.09 20.75 8.37
CA GLU A 94 -20.12 21.50 9.16
C GLU A 94 -19.01 20.59 9.69
N LEU A 95 -19.36 19.41 10.17
CA LEU A 95 -18.36 18.41 10.52
C LEU A 95 -17.49 18.03 9.32
N ALA A 96 -18.07 18.08 8.12
CA ALA A 96 -17.34 17.62 6.95
C ALA A 96 -16.21 18.57 6.62
N GLY A 97 -16.53 19.81 6.28
CA GLY A 97 -15.52 20.77 5.88
C GLY A 97 -14.45 20.98 6.96
N VAL A 98 -14.85 20.95 8.23
CA VAL A 98 -13.87 21.20 9.29
C VAL A 98 -12.74 20.18 9.22
N ILE A 99 -13.09 18.91 9.01
CA ILE A 99 -12.08 17.89 8.81
C ILE A 99 -11.25 18.14 7.55
N LYS A 100 -11.90 18.64 6.50
CA LYS A 100 -11.22 18.79 5.22
C LYS A 100 -10.04 19.76 5.30
N ARG A 101 -10.28 20.92 5.92
CA ARG A 101 -9.24 21.93 6.02
C ARG A 101 -8.04 21.44 6.80
N LEU A 102 -8.27 20.63 7.83
CA LEU A 102 -7.17 20.09 8.61
C LEU A 102 -6.26 19.19 7.79
N TRP A 103 -6.87 18.36 6.94
CA TRP A 103 -6.09 17.49 6.06
C TRP A 103 -5.22 18.28 5.09
N LYS A 104 -5.73 19.43 4.64
CA LYS A 104 -4.95 20.33 3.76
C LYS A 104 -3.69 20.85 4.40
N ASP A 105 -3.70 20.96 5.70
CA ASP A 105 -2.75 21.84 6.37
C ASP A 105 -1.31 21.49 6.03
N SER A 106 -0.49 22.52 5.82
CA SER A 106 0.93 22.31 5.61
C SER A 106 1.59 21.63 6.80
N GLY A 107 0.97 21.71 7.98
CA GLY A 107 1.60 21.22 9.21
C GLY A 107 1.07 19.84 9.55
N VAL A 108 -0.24 19.64 9.42
CA VAL A 108 -0.82 18.32 9.62
C VAL A 108 -0.22 17.31 8.64
N GLN A 109 0.02 17.75 7.41
CA GLN A 109 0.74 16.92 6.44
C GLN A 109 2.16 16.58 6.91
N ALA A 110 2.76 17.48 7.70
CA ALA A 110 4.06 17.19 8.28
C ALA A 110 4.00 16.00 9.24
N CYS A 111 2.85 15.84 9.90
CA CYS A 111 2.66 14.75 10.85
C CYS A 111 2.40 13.43 10.13
N PHE A 112 1.36 13.37 9.31
CA PHE A 112 1.04 12.15 8.60
C PHE A 112 2.22 11.52 7.83
N ASN A 113 3.19 12.29 7.30
CA ASN A 113 4.41 11.65 6.79
C ASN A 113 5.18 10.94 7.90
N ARG A 114 5.23 11.61 9.05
CA ARG A 114 5.80 11.10 10.29
C ARG A 114 5.09 9.88 10.88
N SER A 115 3.92 9.51 10.38
CA SER A 115 2.99 8.64 11.11
C SER A 115 3.64 7.36 11.65
N ARG A 116 4.77 6.95 11.11
CA ARG A 116 5.41 5.70 11.57
C ARG A 116 5.64 5.72 13.10
N GLU A 117 5.72 6.91 13.69
CA GLU A 117 6.01 7.07 15.11
C GLU A 117 4.76 6.89 15.97
N TYR A 118 3.77 7.77 15.76
CA TYR A 118 2.54 7.81 16.57
C TYR A 118 1.28 6.99 16.16
N GLN A 119 1.34 5.72 15.83
CA GLN A 119 0.20 4.90 15.34
C GLN A 119 -1.04 5.65 14.84
N LEU A 120 -1.00 6.01 13.57
CA LEU A 120 -2.16 6.47 12.81
C LEU A 120 -3.20 5.36 12.62
N ASN A 121 -4.49 5.72 12.58
CA ASN A 121 -5.54 4.73 12.30
C ASN A 121 -5.25 4.01 10.99
N ASP A 122 -5.58 2.72 10.90
CA ASP A 122 -5.20 1.92 9.74
C ASP A 122 -5.71 2.51 8.44
N SER A 123 -6.92 3.05 8.46
CA SER A 123 -7.54 3.60 7.25
C SER A 123 -7.39 5.13 7.14
N ALA A 124 -6.76 5.77 8.12
CA ALA A 124 -6.89 7.22 8.29
C ALA A 124 -6.60 7.99 7.01
N ALA A 125 -5.73 7.44 6.16
CA ALA A 125 -5.46 8.09 4.88
C ALA A 125 -6.63 7.88 3.93
N TYR A 126 -6.97 6.63 3.65
CA TYR A 126 -8.06 6.33 2.72
C TYR A 126 -9.38 7.06 3.02
N TYR A 127 -9.72 7.27 4.29
CA TYR A 127 -10.97 7.97 4.61
C TYR A 127 -10.88 9.46 4.28
N LEU A 128 -9.86 10.14 4.82
CA LEU A 128 -9.73 11.58 4.62
C LEU A 128 -9.59 11.97 3.14
N ASN A 129 -8.93 11.11 2.37
CA ASN A 129 -8.71 11.34 0.95
C ASN A 129 -10.02 11.40 0.16
N ASP A 130 -11.02 10.65 0.62
CA ASP A 130 -12.33 10.62 -0.01
C ASP A 130 -13.42 11.13 0.93
N LEU A 131 -13.05 12.04 1.85
CA LEU A 131 -13.96 12.46 2.90
C LEU A 131 -15.25 13.04 2.32
N ASP A 132 -15.19 13.63 1.13
CA ASP A 132 -16.40 14.21 0.54
C ASP A 132 -17.44 13.14 0.23
N ARG A 133 -17.02 12.05 -0.40
CA ARG A 133 -17.97 11.02 -0.80
C ARG A 133 -18.72 10.40 0.39
N ILE A 134 -18.02 10.19 1.50
CA ILE A 134 -18.68 9.76 2.72
C ILE A 134 -19.62 10.81 3.30
N ALA A 135 -19.32 12.08 3.05
CA ALA A 135 -20.11 13.19 3.57
C ALA A 135 -21.51 13.26 2.95
N GLN A 136 -21.66 12.72 1.75
CA GLN A 136 -22.88 12.90 0.96
C GLN A 136 -24.12 12.46 1.76
N PRO A 137 -25.26 13.09 1.58
CA PRO A 137 -26.49 12.72 2.35
C PRO A 137 -26.83 11.25 2.14
N ASN A 138 -27.32 10.60 3.20
CA ASN A 138 -27.67 9.18 3.17
C ASN A 138 -26.62 8.34 2.42
N TYR A 139 -25.35 8.68 2.63
CA TYR A 139 -24.26 7.97 1.97
C TYR A 139 -24.34 6.48 2.33
N ILE A 140 -24.06 5.61 1.35
CA ILE A 140 -23.86 4.19 1.63
C ILE A 140 -22.35 3.90 1.55
N PRO A 141 -21.74 3.22 2.51
CA PRO A 141 -20.32 2.80 2.35
C PRO A 141 -20.11 1.88 1.14
N THR A 142 -19.03 2.14 0.39
CA THR A 142 -18.56 1.21 -0.63
C THR A 142 -18.18 -0.11 0.03
N GLN A 143 -18.21 -1.21 -0.73
CA GLN A 143 -17.76 -2.49 -0.15
C GLN A 143 -16.34 -2.38 0.39
N GLN A 144 -15.50 -1.55 -0.23
CA GLN A 144 -14.19 -1.25 0.35
C GLN A 144 -14.33 -0.57 1.71
N ASP A 145 -15.30 0.34 1.85
CA ASP A 145 -15.41 1.10 3.09
C ASP A 145 -15.62 0.19 4.29
N VAL A 146 -16.39 -0.88 4.10
CA VAL A 146 -16.65 -1.80 5.19
C VAL A 146 -15.35 -2.46 5.66
N LEU A 147 -14.54 -2.92 4.72
CA LEU A 147 -13.28 -3.58 5.05
C LEU A 147 -12.31 -2.67 5.81
N ARG A 148 -12.34 -1.39 5.45
CA ARG A 148 -11.52 -0.37 6.10
C ARG A 148 -11.83 -0.20 7.60
N THR A 149 -13.01 -0.64 8.02
CA THR A 149 -13.44 -0.57 9.43
C THR A 149 -12.52 -1.35 10.37
N ARG A 150 -12.49 -0.90 11.63
CA ARG A 150 -11.95 -1.63 12.79
C ARG A 150 -10.64 -1.01 13.29
N VAL A 151 -10.45 -1.13 14.61
CA VAL A 151 -9.20 -0.83 15.30
C VAL A 151 -8.09 -1.79 14.89
N LYS A 152 -6.82 -1.36 15.01
CA LYS A 152 -5.70 -2.22 14.66
C LYS A 152 -5.79 -3.54 15.43
N THR A 153 -5.45 -4.64 14.77
CA THR A 153 -5.50 -5.96 15.39
C THR A 153 -5.22 -7.06 14.38
N THR A 154 -5.99 -7.09 13.30
CA THR A 154 -5.78 -8.07 12.23
C THR A 154 -4.39 -7.94 11.59
N GLY A 155 -3.85 -6.72 11.58
CA GLY A 155 -2.53 -6.47 11.00
C GLY A 155 -2.49 -6.61 9.47
N ILE A 156 -3.60 -7.02 8.84
CA ILE A 156 -3.61 -7.22 7.39
C ILE A 156 -4.65 -6.30 6.75
N VAL A 157 -4.21 -5.27 6.03
CA VAL A 157 -5.14 -4.41 5.30
C VAL A 157 -5.84 -5.18 4.17
N GLU A 158 -7.14 -4.97 4.00
CA GLU A 158 -7.85 -5.51 2.84
C GLU A 158 -8.10 -4.43 1.79
N THR A 159 -8.14 -4.83 0.52
CA THR A 159 -8.49 -3.92 -0.56
C THR A 159 -9.21 -4.65 -1.69
N HIS A 160 -10.52 -4.41 -1.83
CA HIS A 160 -11.28 -5.01 -2.92
C HIS A 160 -11.40 -4.09 -4.14
N PHE A 161 -11.48 -4.68 -5.32
CA PHE A 161 -11.73 -3.91 -6.55
C PHE A 161 -11.98 -4.84 -7.74
N THR A 162 -12.96 -4.52 -8.58
CA THR A 162 -13.16 -5.29 -9.81
C THR A 162 -12.20 -4.85 -10.92
N PHE A 163 -11.67 -5.81 -11.66
CA PHE A 163 -10.92 -5.50 -12.88
C PHE A 163 -11.04 -6.64 -13.90
N LYS A 164 -11.18 -6.29 -15.17
CA LYS A 164 -11.49 -7.27 -16.23
C LYS A 164 -12.56 -8.27 -15.79
N ASP A 165 -13.59 -7.72 -15.14
CA ASP A 165 -14.72 -8.51 -14.67
C ASP A 165 -14.29 -9.77 -13.91
N LEU A 166 -13.33 -9.64 -13.01
CA LEU A 166 -13.01 -10.67 -12.03
C LEU A 166 -12.87 -9.92 -10.69
N HIS A 167 -13.34 -10.46 -9.57
CA HIS A 167 -13.17 -9.75 -8.30
C HIS A 167 -11.74 -9.95 -7.81
N PHE A 168 -11.05 -8.85 -7.55
CA PHE A 168 -9.75 -8.91 -6.90
C PHE A 168 -9.88 -8.69 -5.40
N LYS A 169 -9.00 -9.32 -4.64
CA LYS A 169 -8.87 -9.00 -3.22
C LYS A 169 -7.39 -8.87 -2.90
N MET A 170 -6.81 -7.73 -3.25
CA MET A 170 -5.43 -7.47 -2.88
C MET A 170 -5.32 -7.41 -1.35
N PHE A 171 -4.32 -8.09 -0.79
CA PHE A 171 -3.99 -7.92 0.62
C PHE A 171 -2.67 -7.18 0.75
N ASP A 172 -2.58 -6.20 1.64
CA ASP A 172 -1.30 -5.59 1.99
C ASP A 172 -0.77 -6.17 3.30
N VAL A 173 0.55 -6.32 3.40
CA VAL A 173 1.18 -6.67 4.67
C VAL A 173 2.47 -5.85 4.85
N GLY A 174 2.72 -5.40 6.08
CA GLY A 174 3.85 -4.50 6.32
C GLY A 174 5.18 -5.15 5.91
N GLY A 175 5.98 -4.39 5.16
CA GLY A 175 7.29 -4.86 4.73
C GLY A 175 8.27 -5.07 5.88
N GLN A 176 8.15 -4.27 6.94
CA GLN A 176 9.11 -4.34 8.04
C GLN A 176 9.20 -5.75 8.60
N ARG A 177 10.40 -6.16 9.03
CA ARG A 177 10.60 -7.56 9.40
C ARG A 177 9.63 -8.02 10.47
N SER A 178 9.21 -7.11 11.36
CA SER A 178 8.30 -7.50 12.43
C SER A 178 6.96 -7.98 11.88
N GLU A 179 6.45 -7.26 10.89
CA GLU A 179 5.21 -7.66 10.23
C GLU A 179 5.32 -8.98 9.47
N ARG A 180 6.53 -9.33 9.04
CA ARG A 180 6.68 -10.47 8.14
C ARG A 180 6.14 -11.78 8.70
N LYS A 181 6.18 -11.96 10.02
CA LYS A 181 5.65 -13.20 10.60
C LYS A 181 4.16 -13.37 10.32
N LYS A 182 3.43 -12.26 10.22
CA LYS A 182 2.00 -12.26 9.90
C LYS A 182 1.68 -12.86 8.53
N TRP A 183 2.65 -12.83 7.62
CA TRP A 183 2.34 -13.02 6.20
C TRP A 183 1.62 -14.33 5.90
N ILE A 184 1.84 -15.38 6.69
CA ILE A 184 1.24 -16.68 6.37
C ILE A 184 -0.30 -16.63 6.31
N HIS A 185 -0.91 -15.73 7.07
CA HIS A 185 -2.37 -15.67 7.12
C HIS A 185 -2.99 -15.41 5.76
N CYS A 186 -2.29 -14.61 4.94
CA CYS A 186 -2.78 -14.24 3.63
C CYS A 186 -2.58 -15.33 2.56
N PHE A 187 -1.75 -16.33 2.85
CA PHE A 187 -1.36 -17.30 1.82
C PHE A 187 -2.54 -18.05 1.20
N GLU A 188 -3.64 -18.21 1.93
CA GLU A 188 -4.78 -18.96 1.40
C GLU A 188 -5.40 -18.28 0.18
N GLY A 189 -5.67 -19.04 -0.89
CA GLY A 189 -6.54 -18.55 -1.94
C GLY A 189 -5.85 -17.60 -2.93
N VAL A 190 -4.60 -17.22 -2.66
CA VAL A 190 -3.89 -16.27 -3.52
C VAL A 190 -3.75 -16.82 -4.94
N ALA A 191 -3.96 -15.95 -5.92
CA ALA A 191 -3.68 -16.30 -7.31
C ALA A 191 -2.24 -15.99 -7.65
N ALA A 192 -1.89 -14.71 -7.53
CA ALA A 192 -0.56 -14.24 -7.92
C ALA A 192 -0.02 -13.26 -6.89
N ILE A 193 1.25 -13.42 -6.52
CA ILE A 193 1.90 -12.47 -5.64
C ILE A 193 2.48 -11.30 -6.44
N ILE A 194 2.38 -10.09 -5.91
CA ILE A 194 3.17 -8.97 -6.42
C ILE A 194 4.22 -8.59 -5.38
N PHE A 195 5.49 -8.64 -5.76
CA PHE A 195 6.58 -8.37 -4.82
C PHE A 195 7.23 -7.01 -5.06
N CYS A 196 6.59 -5.94 -4.57
CA CYS A 196 7.13 -4.58 -4.72
C CYS A 196 8.53 -4.44 -4.09
N VAL A 197 9.41 -3.70 -4.77
CA VAL A 197 10.75 -3.45 -4.24
C VAL A 197 11.39 -2.15 -4.75
N ALA A 198 11.13 -0.94 -4.24
CA ALA A 198 12.23 -0.04 -3.84
C ALA A 198 13.63 -0.26 -4.46
N LEU A 199 13.82 0.01 -5.77
CA LEU A 199 15.16 0.03 -6.36
C LEU A 199 16.07 1.10 -5.73
N SER A 200 15.49 2.24 -5.34
CA SER A 200 16.26 3.32 -4.72
C SER A 200 16.90 2.92 -3.38
N ASP A 201 16.37 1.86 -2.76
CA ASP A 201 16.92 1.33 -1.52
C ASP A 201 18.40 0.95 -1.63
N TYR A 202 18.94 0.86 -2.85
CA TYR A 202 20.26 0.29 -3.06
C TYR A 202 21.33 0.94 -2.19
N ASP A 203 21.12 2.20 -1.76
CA ASP A 203 22.03 2.82 -0.79
C ASP A 203 21.43 2.89 0.62
N LEU A 204 20.12 3.08 0.71
CA LEU A 204 19.46 3.24 2.01
C LEU A 204 19.69 2.04 2.93
N VAL A 205 19.85 2.30 4.23
CA VAL A 205 19.93 1.24 5.23
C VAL A 205 18.58 0.99 5.92
N LEU A 206 18.32 -0.26 6.31
CA LEU A 206 17.11 -0.58 7.06
C LEU A 206 17.03 0.19 8.37
N ALA A 207 15.82 0.57 8.77
CA ALA A 207 15.60 1.00 10.15
C ALA A 207 15.87 -0.16 11.13
N GLU A 208 15.61 -1.39 10.69
CA GLU A 208 15.87 -2.57 11.52
C GLU A 208 17.34 -2.68 11.91
N ASP A 209 18.23 -2.17 11.07
CA ASP A 209 19.67 -2.25 11.30
C ASP A 209 20.38 -1.32 10.33
N GLU A 210 20.88 -0.21 10.83
CA GLU A 210 21.54 0.77 9.97
C GLU A 210 22.72 0.17 9.20
N GLU A 211 23.41 -0.82 9.79
CA GLU A 211 24.51 -1.49 9.09
C GLU A 211 24.03 -2.20 7.81
N MET A 212 22.81 -2.73 7.86
CA MET A 212 22.26 -3.52 6.76
C MET A 212 22.03 -2.71 5.49
N ASN A 213 22.26 -3.35 4.34
CA ASN A 213 21.79 -2.78 3.08
C ASN A 213 20.33 -3.15 2.89
N ARG A 214 19.46 -2.18 2.62
CA ARG A 214 18.04 -2.52 2.41
C ARG A 214 17.81 -3.46 1.24
N MET A 215 18.57 -3.28 0.14
CA MET A 215 18.35 -4.11 -1.04
C MET A 215 18.75 -5.57 -0.81
N HIS A 216 19.88 -5.77 -0.14
CA HIS A 216 20.31 -7.13 0.14
C HIS A 216 19.28 -7.88 0.98
N GLU A 217 18.61 -7.15 1.87
CA GLU A 217 17.53 -7.72 2.65
C GLU A 217 16.40 -8.21 1.77
N SER A 218 16.09 -7.46 0.71
CA SER A 218 15.03 -7.85 -0.20
C SER A 218 15.37 -9.16 -0.92
N MET A 219 16.64 -9.31 -1.29
CA MET A 219 17.10 -10.52 -1.96
C MET A 219 16.88 -11.78 -1.12
N LYS A 220 16.91 -11.64 0.20
CA LYS A 220 16.88 -12.80 1.07
C LYS A 220 15.46 -13.33 1.21
N LEU A 221 14.57 -12.53 1.82
CA LEU A 221 13.19 -12.94 1.96
C LEU A 221 12.51 -13.22 0.62
N PHE A 222 12.91 -12.51 -0.45
CA PHE A 222 12.35 -12.82 -1.76
C PHE A 222 12.67 -14.25 -2.19
N ASP A 223 13.86 -14.73 -1.84
CA ASP A 223 14.24 -16.10 -2.16
C ASP A 223 13.29 -17.09 -1.48
N SER A 224 12.90 -16.77 -0.25
CA SER A 224 12.03 -17.66 0.50
C SER A 224 10.66 -17.82 -0.15
N ILE A 225 10.02 -16.71 -0.54
CA ILE A 225 8.66 -16.80 -1.08
C ILE A 225 8.62 -17.52 -2.43
N CYS A 226 9.68 -17.37 -3.22
CA CYS A 226 9.69 -17.91 -4.57
C CYS A 226 9.80 -19.43 -4.53
N ASN A 227 10.87 -19.88 -3.90
CA ASN A 227 11.12 -21.29 -3.68
C ASN A 227 10.01 -21.98 -2.86
N ASN A 228 9.21 -21.21 -2.12
CA ASN A 228 8.30 -21.83 -1.15
C ASN A 228 7.36 -22.81 -1.87
N LYS A 229 7.25 -24.03 -1.32
CA LYS A 229 6.43 -25.04 -1.98
C LYS A 229 4.96 -24.65 -2.11
N TRP A 230 4.43 -23.93 -1.12
CA TRP A 230 3.01 -23.59 -1.15
C TRP A 230 2.63 -22.76 -2.39
N PHE A 231 3.54 -21.90 -2.80
CA PHE A 231 3.33 -21.01 -3.94
C PHE A 231 3.57 -21.68 -5.29
N THR A 232 4.00 -22.93 -5.30
CA THR A 232 4.54 -23.53 -6.52
C THR A 232 3.53 -23.44 -7.66
N ASP A 233 2.26 -23.61 -7.34
CA ASP A 233 1.24 -23.33 -8.33
C ASP A 233 1.12 -21.83 -8.55
N THR A 234 1.09 -21.08 -7.42
CA THR A 234 1.02 -19.61 -7.55
C THR A 234 2.15 -18.98 -8.34
N SER A 235 1.76 -18.08 -9.25
CA SER A 235 2.70 -17.25 -9.96
C SER A 235 3.44 -16.32 -9.00
N ILE A 236 4.73 -16.09 -9.25
CA ILE A 236 5.44 -15.03 -8.55
C ILE A 236 5.60 -13.87 -9.53
N ILE A 237 5.37 -12.62 -9.10
CA ILE A 237 5.47 -11.50 -10.04
C ILE A 237 6.24 -10.33 -9.43
N LEU A 238 7.56 -10.30 -9.63
CA LEU A 238 8.35 -9.18 -9.11
C LEU A 238 7.83 -7.85 -9.64
N PHE A 239 7.91 -6.83 -8.79
CA PHE A 239 7.47 -5.49 -9.14
C PHE A 239 8.56 -4.50 -8.72
N LEU A 240 9.55 -4.24 -9.57
CA LEU A 240 10.59 -3.27 -9.23
C LEU A 240 10.03 -1.86 -9.11
N ASN A 241 9.49 -1.60 -7.94
CA ASN A 241 8.84 -0.34 -7.57
C ASN A 241 9.79 0.84 -7.54
N LYS A 242 9.23 2.04 -7.69
CA LYS A 242 9.99 3.29 -7.57
C LYS A 242 11.09 3.38 -8.64
N LYS A 243 10.81 2.83 -9.82
CA LYS A 243 11.66 3.11 -10.98
C LYS A 243 11.75 4.61 -11.28
N ASP A 244 10.75 5.39 -10.85
CA ASP A 244 10.70 6.80 -11.17
C ASP A 244 11.77 7.60 -10.43
N LEU A 245 11.76 7.58 -9.08
CA LEU A 245 12.81 8.29 -8.35
C LEU A 245 14.20 7.66 -8.56
N PHE A 246 14.24 6.36 -8.85
CA PHE A 246 15.51 5.67 -9.06
C PHE A 246 16.32 6.24 -10.22
N GLU A 247 15.65 6.64 -11.30
CA GLU A 247 16.36 7.24 -12.44
C GLU A 247 17.07 8.55 -12.07
N GLU A 248 16.58 9.22 -11.04
CA GLU A 248 17.19 10.47 -10.59
C GLU A 248 18.41 10.17 -9.72
N LYS A 249 18.15 9.46 -8.62
CA LYS A 249 19.19 9.17 -7.65
C LYS A 249 20.40 8.44 -8.24
N ILE A 250 20.20 7.60 -9.26
CA ILE A 250 21.33 6.93 -9.91
C ILE A 250 22.32 7.91 -10.53
N LYS A 251 21.82 9.06 -10.97
CA LYS A 251 22.65 10.04 -11.66
C LYS A 251 23.84 10.51 -10.83
N LYS A 252 23.65 10.56 -9.51
CA LYS A 252 24.68 11.11 -8.62
C LYS A 252 25.34 10.03 -7.75
N SER A 253 24.55 9.05 -7.34
CA SER A 253 25.05 7.98 -6.48
C SER A 253 25.40 6.74 -7.34
N PRO A 254 26.60 6.18 -7.24
CA PRO A 254 26.92 4.90 -7.94
C PRO A 254 26.08 3.72 -7.45
N LEU A 255 25.69 2.84 -8.36
CA LEU A 255 25.10 1.55 -7.98
C LEU A 255 26.06 0.73 -7.09
N THR A 256 27.37 0.99 -7.21
CA THR A 256 28.38 0.25 -6.43
C THR A 256 28.10 0.26 -4.92
N ILE A 257 27.28 1.22 -4.48
CA ILE A 257 26.75 1.29 -3.10
C ILE A 257 25.93 0.04 -2.71
N CYS A 258 25.61 -0.85 -3.65
CA CYS A 258 24.77 -2.02 -3.34
C CYS A 258 25.47 -3.26 -3.85
N TYR A 259 25.82 -3.23 -5.14
CA TYR A 259 26.63 -4.28 -5.75
C TYR A 259 27.95 -3.69 -6.20
N GLN A 260 28.98 -3.83 -5.37
CA GLN A 260 30.28 -3.26 -5.69
C GLN A 260 30.85 -3.80 -7.00
N GLU A 261 30.51 -5.04 -7.34
CA GLU A 261 30.99 -5.67 -8.57
C GLU A 261 30.59 -4.90 -9.84
N TYR A 262 29.50 -4.13 -9.75
CA TYR A 262 28.90 -3.50 -10.92
C TYR A 262 29.90 -2.63 -11.69
N ALA A 263 29.86 -2.75 -13.01
CA ALA A 263 30.65 -1.90 -13.91
C ALA A 263 29.80 -0.85 -14.64
N GLY A 264 28.53 -1.18 -14.82
CA GLY A 264 27.64 -0.47 -15.74
C GLY A 264 27.56 1.04 -15.51
N SER A 265 27.18 1.71 -16.60
CA SER A 265 26.96 3.16 -16.65
C SER A 265 25.89 3.60 -15.64
N ASN A 266 25.92 4.88 -15.29
CA ASN A 266 24.96 5.48 -14.36
C ASN A 266 23.58 5.72 -15.00
N THR A 267 23.21 4.90 -15.99
CA THR A 267 21.97 5.13 -16.72
C THR A 267 20.83 4.36 -16.05
N TYR A 268 19.60 4.86 -16.13
CA TYR A 268 18.46 4.13 -15.56
C TYR A 268 18.36 2.72 -16.14
N GLU A 269 18.80 2.51 -17.38
CA GLU A 269 18.66 1.18 -17.98
C GLU A 269 19.65 0.18 -17.40
N GLU A 270 20.95 0.44 -17.58
CA GLU A 270 21.96 -0.50 -17.07
C GLU A 270 21.86 -0.66 -15.54
N ALA A 271 21.40 0.38 -14.85
CA ALA A 271 21.40 0.37 -13.39
C ALA A 271 20.22 -0.42 -12.85
N ALA A 272 19.01 0.05 -13.15
CA ALA A 272 17.82 -0.62 -12.62
C ALA A 272 17.73 -2.05 -13.14
N ALA A 273 18.09 -2.23 -14.42
CA ALA A 273 18.06 -3.55 -15.02
C ALA A 273 19.02 -4.52 -14.36
N TYR A 274 20.15 -4.03 -13.82
CA TYR A 274 21.13 -4.95 -13.23
C TYR A 274 20.54 -5.69 -12.02
N ILE A 275 19.66 -5.01 -11.28
CA ILE A 275 19.06 -5.61 -10.10
C ILE A 275 18.14 -6.76 -10.51
N GLN A 276 17.22 -6.44 -11.43
CA GLN A 276 16.39 -7.49 -12.04
C GLN A 276 17.18 -8.73 -12.48
N CYS A 277 18.48 -8.60 -12.72
CA CYS A 277 19.28 -9.79 -12.98
C CYS A 277 19.45 -10.59 -11.69
N GLN A 278 20.01 -9.93 -10.67
CA GLN A 278 20.31 -10.61 -9.41
C GLN A 278 19.08 -11.24 -8.74
N PHE A 279 17.92 -10.58 -8.82
CA PHE A 279 16.72 -11.09 -8.15
C PHE A 279 16.27 -12.41 -8.75
N GLU A 280 16.24 -12.44 -10.08
CA GLU A 280 15.86 -13.65 -10.81
C GLU A 280 16.82 -14.80 -10.54
N ASP A 281 18.09 -14.49 -10.29
CA ASP A 281 19.09 -15.52 -10.04
C ASP A 281 18.75 -16.37 -8.82
N LEU A 282 18.04 -15.80 -7.84
CA LEU A 282 17.67 -16.54 -6.64
C LEU A 282 16.87 -17.80 -6.93
N ASN A 283 16.17 -17.84 -8.06
CA ASN A 283 15.26 -18.95 -8.33
C ASN A 283 16.01 -20.28 -8.31
N LYS A 284 15.61 -21.19 -7.43
CA LYS A 284 16.01 -22.59 -7.51
C LYS A 284 15.54 -23.28 -8.80
N ARG A 285 14.45 -22.78 -9.40
CA ARG A 285 13.83 -23.44 -10.54
C ARG A 285 13.66 -22.47 -11.71
N LYS A 286 14.78 -22.01 -12.24
CA LYS A 286 14.74 -21.28 -13.51
C LYS A 286 14.13 -22.14 -14.63
N ASP A 287 14.34 -23.45 -14.54
CA ASP A 287 13.89 -24.38 -15.57
C ASP A 287 12.38 -24.38 -15.80
N THR A 288 11.61 -24.07 -14.76
CA THR A 288 10.15 -24.26 -14.84
C THR A 288 9.36 -23.09 -14.26
N LYS A 289 9.96 -22.32 -13.38
CA LYS A 289 9.30 -21.18 -12.78
C LYS A 289 9.59 -19.88 -13.53
N GLU A 290 8.62 -18.98 -13.61
CA GLU A 290 8.81 -17.69 -14.29
C GLU A 290 8.65 -16.54 -13.30
N ILE A 291 9.70 -15.72 -13.17
CA ILE A 291 9.67 -14.62 -12.21
C ILE A 291 8.58 -13.56 -12.49
N TYR A 292 8.17 -13.32 -13.75
CA TYR A 292 7.17 -12.28 -14.03
C TYR A 292 7.51 -10.95 -13.34
N THR A 293 8.74 -10.49 -13.59
CA THR A 293 9.17 -9.16 -13.20
C THR A 293 8.46 -8.05 -13.99
N HIS A 294 8.23 -6.92 -13.32
CA HIS A 294 7.71 -5.71 -13.99
C HIS A 294 8.15 -4.43 -13.27
N PHE A 295 8.92 -3.56 -13.94
CA PHE A 295 9.19 -2.22 -13.39
C PHE A 295 7.88 -1.46 -13.17
N THR A 296 7.79 -0.71 -12.08
CA THR A 296 6.56 0.03 -11.77
C THR A 296 6.85 1.32 -11.00
N CYS A 297 5.83 2.17 -10.93
CA CYS A 297 5.91 3.42 -10.18
C CYS A 297 4.60 3.64 -9.44
N ALA A 298 4.56 3.25 -8.16
CA ALA A 298 3.31 3.33 -7.40
C ALA A 298 2.75 4.75 -7.35
N THR A 299 3.64 5.73 -7.22
CA THR A 299 3.21 7.13 -7.18
C THR A 299 2.47 7.56 -8.45
N ASP A 300 2.81 6.92 -9.57
CA ASP A 300 2.21 7.28 -10.86
C ASP A 300 1.07 6.32 -11.18
N THR A 301 -0.18 6.77 -11.05
CA THR A 301 -1.31 5.92 -11.39
C THR A 301 -1.29 5.52 -12.87
N LYS A 302 -0.89 6.43 -13.74
CA LYS A 302 -0.79 6.12 -15.16
C LYS A 302 0.16 4.95 -15.46
N ASN A 303 1.10 4.69 -14.56
CA ASN A 303 2.12 3.68 -14.81
C ASN A 303 1.58 2.32 -14.39
N VAL A 304 1.26 2.23 -13.11
CA VAL A 304 0.73 0.99 -12.52
C VAL A 304 -0.52 0.51 -13.27
N GLN A 305 -1.23 1.41 -13.94
CA GLN A 305 -2.48 1.02 -14.61
C GLN A 305 -2.19 0.15 -15.82
N PHE A 306 -1.46 0.68 -16.80
CA PHE A 306 -1.16 -0.10 -18.01
C PHE A 306 -0.40 -1.38 -17.67
N VAL A 307 0.48 -1.31 -16.67
CA VAL A 307 1.22 -2.51 -16.26
C VAL A 307 0.27 -3.58 -15.72
N PHE A 308 -0.71 -3.12 -14.93
CA PHE A 308 -1.67 -4.06 -14.34
C PHE A 308 -2.45 -4.83 -15.41
N ASP A 309 -2.70 -4.18 -16.54
CA ASP A 309 -3.41 -4.84 -17.63
C ASP A 309 -2.66 -6.05 -18.16
N ALA A 310 -1.34 -5.95 -18.21
CA ALA A 310 -0.51 -7.06 -18.66
C ALA A 310 -0.53 -8.20 -17.64
N VAL A 311 -0.23 -7.86 -16.39
CA VAL A 311 -0.11 -8.88 -15.36
C VAL A 311 -1.41 -9.68 -15.21
N THR A 312 -2.55 -9.02 -15.40
CA THR A 312 -3.82 -9.72 -15.28
C THR A 312 -3.95 -10.85 -16.30
N ASP A 313 -3.42 -10.61 -17.51
CA ASP A 313 -3.53 -11.62 -18.56
C ASP A 313 -2.82 -12.90 -18.16
N VAL A 314 -1.66 -12.76 -17.52
CA VAL A 314 -0.93 -13.94 -17.08
C VAL A 314 -1.74 -14.74 -16.06
N ILE A 315 -2.44 -14.03 -15.18
CA ILE A 315 -3.28 -14.69 -14.17
C ILE A 315 -4.38 -15.55 -14.81
N ILE A 316 -4.86 -15.13 -15.97
CA ILE A 316 -5.97 -15.82 -16.60
C ILE A 316 -5.47 -17.08 -17.31
N LYS A 317 -4.59 -16.89 -18.30
CA LYS A 317 -4.10 -18.03 -19.06
C LYS A 317 -3.39 -19.05 -18.16
N ASN A 318 -2.79 -18.60 -17.06
CA ASN A 318 -2.04 -19.52 -16.20
C ASN A 318 -2.89 -20.03 -15.04
N ASN A 319 -3.17 -19.16 -14.07
CA ASN A 319 -4.03 -19.53 -12.94
C ASN A 319 -5.48 -19.68 -13.37
N LEU A 320 -6.15 -20.72 -12.88
CA LEU A 320 -7.61 -20.79 -12.95
C LEU A 320 -8.16 -21.99 -12.19
N LYS A 321 -9.33 -21.79 -11.58
CA LYS A 321 -10.08 -22.86 -10.93
C LYS A 321 -9.37 -23.38 -9.68
N ASP A 322 -10.00 -23.08 -8.53
CA ASP A 322 -9.60 -23.63 -7.22
C ASP A 322 -8.07 -23.73 -7.06
N CYS A 323 -7.40 -22.59 -7.15
CA CYS A 323 -5.95 -22.55 -7.01
C CYS A 323 -5.27 -23.52 -7.98
N GLY A 324 -5.64 -23.41 -9.25
CA GLY A 324 -5.00 -24.20 -10.30
C GLY A 324 -5.74 -25.50 -10.54
N LEU A 325 -5.38 -26.56 -9.81
CA LEU A 325 -5.99 -27.86 -10.08
C LEU A 325 -7.52 -27.75 -9.91
N PHE A 326 -8.23 -28.16 -10.94
CA PHE A 326 -9.70 -28.27 -10.93
C PHE A 326 -10.37 -27.13 -10.16
N ARG A 4 -13.70 -15.55 -11.17
CA ARG A 4 -13.62 -14.11 -10.92
C ARG A 4 -12.67 -13.76 -9.77
N GLU A 5 -12.61 -14.65 -8.78
CA GLU A 5 -11.71 -14.47 -7.66
C GLU A 5 -10.28 -14.39 -8.18
N VAL A 6 -9.50 -13.45 -7.66
CA VAL A 6 -8.08 -13.36 -7.98
C VAL A 6 -7.30 -13.49 -6.67
N LYS A 7 -7.02 -12.35 -5.99
CA LYS A 7 -6.49 -12.32 -4.61
C LYS A 7 -4.98 -12.10 -4.60
N LEU A 8 -4.53 -11.00 -5.19
CA LEU A 8 -3.11 -10.66 -5.20
C LEU A 8 -2.55 -10.51 -3.79
N LEU A 9 -1.30 -10.93 -3.58
CA LEU A 9 -0.64 -10.72 -2.29
C LEU A 9 0.60 -9.83 -2.44
N LEU A 10 0.57 -8.64 -1.84
CA LEU A 10 1.77 -7.80 -1.85
C LEU A 10 2.83 -8.36 -0.91
N LEU A 11 4.09 -8.38 -1.34
CA LEU A 11 5.19 -8.81 -0.46
C LEU A 11 6.45 -8.01 -0.80
N GLY A 12 7.31 -7.78 0.19
CA GLY A 12 8.57 -7.11 -0.07
C GLY A 12 9.21 -6.51 1.18
N ALA A 13 10.49 -6.19 1.05
CA ALA A 13 11.24 -5.49 2.09
C ALA A 13 10.59 -4.14 2.42
N GLY A 14 10.81 -3.68 3.64
CA GLY A 14 10.22 -2.43 4.11
C GLY A 14 10.52 -1.28 3.14
N GLU A 15 9.62 -0.30 3.12
CA GLU A 15 9.73 0.84 2.21
C GLU A 15 9.68 0.44 0.72
N SER A 16 9.31 -0.81 0.43
CA SER A 16 9.04 -1.24 -0.94
C SER A 16 7.88 -0.46 -1.60
N GLY A 17 7.11 0.28 -0.82
CA GLY A 17 5.96 1.01 -1.36
C GLY A 17 4.73 0.14 -1.64
N LYS A 18 4.65 -1.03 -1.00
CA LYS A 18 3.47 -1.87 -1.17
C LYS A 18 2.19 -1.14 -0.81
N SER A 19 2.27 -0.22 0.16
CA SER A 19 1.09 0.55 0.55
C SER A 19 0.61 1.43 -0.59
N THR A 20 1.55 2.05 -1.31
CA THR A 20 1.19 2.96 -2.38
C THR A 20 0.41 2.25 -3.49
N ILE A 21 0.80 1.01 -3.79
CA ILE A 21 0.06 0.21 -4.77
C ILE A 21 -1.40 0.01 -4.35
N VAL A 22 -1.63 -0.05 -3.03
CA VAL A 22 -2.98 -0.31 -2.53
C VAL A 22 -3.92 0.81 -2.94
N LYS A 23 -3.49 2.05 -2.69
CA LYS A 23 -4.30 3.21 -3.05
C LYS A 23 -4.57 3.30 -4.55
N GLN A 24 -3.61 2.81 -5.36
CA GLN A 24 -3.76 2.92 -6.80
C GLN A 24 -5.01 2.22 -7.31
N MET A 25 -5.35 1.09 -6.68
CA MET A 25 -6.54 0.35 -7.09
C MET A 25 -7.82 1.16 -6.89
N LYS A 26 -7.86 2.00 -5.86
CA LYS A 26 -9.02 2.87 -5.64
C LYS A 26 -9.29 3.79 -6.83
N ILE A 27 -8.22 4.19 -7.51
CA ILE A 27 -8.33 5.14 -8.61
C ILE A 27 -8.71 4.42 -9.91
N ILE A 28 -7.81 3.52 -10.32
CA ILE A 28 -7.99 2.79 -11.57
C ILE A 28 -9.29 1.97 -11.58
N HIS A 29 -9.73 1.53 -10.39
CA HIS A 29 -10.87 0.63 -10.29
C HIS A 29 -11.83 1.08 -9.19
N GLU A 30 -13.11 0.77 -9.35
CA GLU A 30 -14.11 1.09 -8.34
C GLU A 30 -15.22 0.05 -8.36
N ALA A 31 -15.44 -0.62 -7.23
CA ALA A 31 -16.46 -1.66 -7.16
C ALA A 31 -17.07 -1.75 -5.75
N GLY A 32 -18.26 -2.35 -5.69
CA GLY A 32 -18.95 -2.57 -4.43
C GLY A 32 -20.32 -3.18 -4.71
N TYR A 33 -20.66 -4.27 -4.01
CA TYR A 33 -21.93 -4.95 -4.27
C TYR A 33 -22.50 -5.58 -3.00
N SER A 34 -22.78 -4.75 -2.01
CA SER A 34 -23.50 -5.18 -0.81
C SER A 34 -24.27 -4.04 -0.12
N GLU A 35 -24.52 -2.95 -0.86
CA GLU A 35 -25.30 -1.77 -0.43
C GLU A 35 -26.03 -1.91 0.91
N GLU A 36 -27.06 -2.76 0.98
CA GLU A 36 -27.88 -2.80 2.18
C GLU A 36 -27.08 -3.19 3.42
N GLU A 37 -26.16 -4.16 3.26
CA GLU A 37 -25.24 -4.49 4.34
C GLU A 37 -24.30 -3.34 4.66
N CYS A 38 -23.90 -2.59 3.62
CA CYS A 38 -22.96 -1.50 3.79
C CYS A 38 -23.55 -0.39 4.66
N LYS A 39 -24.87 -0.18 4.57
CA LYS A 39 -25.49 0.87 5.36
C LYS A 39 -25.28 0.64 6.85
N GLN A 40 -25.23 -0.62 7.26
CA GLN A 40 -25.06 -0.93 8.67
C GLN A 40 -23.71 -0.43 9.20
N TYR A 41 -22.70 -0.60 8.34
CA TYR A 41 -21.33 -0.14 8.62
C TYR A 41 -21.19 1.37 8.75
N LYS A 42 -22.17 2.13 8.26
CA LYS A 42 -22.00 3.57 8.11
C LYS A 42 -21.61 4.25 9.43
N ALA A 43 -22.07 3.73 10.56
CA ALA A 43 -21.66 4.28 11.84
C ALA A 43 -20.18 4.04 12.11
N VAL A 44 -19.72 2.85 11.76
CA VAL A 44 -18.33 2.46 12.00
C VAL A 44 -17.36 3.34 11.19
N VAL A 45 -17.78 3.78 10.01
CA VAL A 45 -16.90 4.55 9.14
C VAL A 45 -16.71 5.95 9.69
N TYR A 46 -17.81 6.67 9.89
CA TYR A 46 -17.70 8.04 10.41
C TYR A 46 -16.99 8.07 11.76
N SER A 47 -17.17 7.02 12.55
CA SER A 47 -16.52 6.95 13.85
C SER A 47 -15.00 6.92 13.68
N ASN A 48 -14.52 5.96 12.89
CA ASN A 48 -13.10 5.81 12.70
C ASN A 48 -12.46 7.07 12.13
N THR A 49 -13.18 7.78 11.27
CA THR A 49 -12.62 8.98 10.65
C THR A 49 -12.29 10.05 11.70
N ILE A 50 -13.23 10.29 12.62
CA ILE A 50 -12.96 11.23 13.71
C ILE A 50 -11.80 10.72 14.57
N GLN A 51 -11.73 9.41 14.80
CA GLN A 51 -10.61 8.86 15.56
C GLN A 51 -9.27 9.09 14.86
N SER A 52 -9.30 9.23 13.54
CA SER A 52 -8.08 9.37 12.77
C SER A 52 -7.49 10.76 12.92
N ILE A 53 -8.24 11.77 12.49
CA ILE A 53 -7.75 13.13 12.55
C ILE A 53 -7.39 13.54 13.98
N ILE A 54 -8.14 13.05 14.97
CA ILE A 54 -7.80 13.32 16.37
C ILE A 54 -6.42 12.79 16.73
N ALA A 55 -5.99 11.68 16.10
CA ALA A 55 -4.65 11.17 16.31
C ALA A 55 -3.61 12.11 15.73
N ILE A 56 -3.86 12.50 14.48
CA ILE A 56 -3.01 13.47 13.79
C ILE A 56 -2.94 14.81 14.52
N ILE A 57 -3.93 15.11 15.37
CA ILE A 57 -4.01 16.40 16.03
C ILE A 57 -3.15 16.36 17.30
N ARG A 58 -3.49 15.44 18.19
CA ARG A 58 -2.76 15.30 19.45
C ARG A 58 -1.27 15.07 19.22
N ALA A 59 -0.90 14.44 18.11
CA ALA A 59 0.50 14.26 17.77
C ALA A 59 1.21 15.59 17.50
N MET A 60 0.46 16.59 17.05
CA MET A 60 1.00 17.95 16.90
C MET A 60 1.55 18.50 18.22
N GLY A 61 1.04 18.00 19.35
CA GLY A 61 1.52 18.46 20.65
C GLY A 61 2.79 17.72 21.06
N ARG A 62 2.68 16.42 21.35
CA ARG A 62 3.83 15.63 21.79
C ARG A 62 5.02 15.73 20.83
N LEU A 63 4.73 15.88 19.56
CA LEU A 63 5.74 16.27 18.59
C LEU A 63 5.46 17.73 18.27
N LYS A 64 6.38 18.64 18.57
CA LYS A 64 6.06 20.06 18.34
C LYS A 64 5.72 20.28 16.87
N ILE A 65 4.49 20.73 16.62
CA ILE A 65 4.04 21.06 15.27
C ILE A 65 2.84 22.03 15.34
N ASP A 66 3.12 23.32 15.51
CA ASP A 66 2.09 24.34 15.28
C ASP A 66 1.48 24.30 13.89
N PHE A 67 0.19 24.67 13.85
CA PHE A 67 -0.58 24.74 12.62
C PHE A 67 0.08 25.68 11.62
N GLY A 68 -0.13 25.42 10.33
CA GLY A 68 0.49 26.25 9.30
C GLY A 68 -0.32 27.52 9.11
N ASP A 69 -1.58 27.34 8.71
CA ASP A 69 -2.49 28.48 8.57
C ASP A 69 -3.01 28.89 9.95
N SER A 70 -3.07 30.20 10.22
CA SER A 70 -3.65 30.67 11.47
C SER A 70 -5.13 30.26 11.60
N ALA A 71 -5.82 30.16 10.47
CA ALA A 71 -7.25 29.86 10.47
C ALA A 71 -7.58 28.51 11.13
N ARG A 72 -6.65 27.57 11.06
CA ARG A 72 -6.91 26.22 11.54
C ARG A 72 -7.36 26.19 13.00
N ALA A 73 -6.96 27.20 13.78
CA ALA A 73 -7.51 27.37 15.12
C ALA A 73 -9.02 27.53 15.04
N ASP A 74 -9.72 27.05 16.07
CA ASP A 74 -11.18 27.11 16.15
C ASP A 74 -11.84 25.99 15.35
N ASP A 75 -11.41 25.73 14.11
CA ASP A 75 -11.92 24.57 13.38
C ASP A 75 -11.61 23.28 14.16
N ALA A 76 -10.39 23.22 14.68
CA ALA A 76 -9.97 22.09 15.48
C ALA A 76 -10.83 21.94 16.73
N ARG A 77 -11.02 23.04 17.46
CA ARG A 77 -11.82 22.98 18.68
C ARG A 77 -13.26 22.53 18.39
N GLN A 78 -13.78 22.93 17.24
CA GLN A 78 -15.12 22.52 16.81
C GLN A 78 -15.23 21.02 16.59
N LEU A 79 -14.13 20.41 16.16
CA LEU A 79 -14.16 19.00 15.78
C LEU A 79 -14.64 18.11 16.92
N PHE A 80 -14.23 18.44 18.13
CA PHE A 80 -14.68 17.69 19.32
C PHE A 80 -16.19 17.79 19.54
N VAL A 81 -16.79 18.91 19.11
CA VAL A 81 -18.21 19.14 19.35
C VAL A 81 -19.07 18.37 18.36
N LEU A 82 -18.97 18.73 17.09
CA LEU A 82 -19.73 18.05 16.05
C LEU A 82 -19.43 16.54 15.98
N ALA A 83 -18.24 16.15 16.43
CA ALA A 83 -17.83 14.74 16.30
C ALA A 83 -18.82 13.79 16.95
N GLY A 84 -19.56 14.26 17.95
CA GLY A 84 -20.49 13.39 18.67
C GLY A 84 -21.53 12.79 17.73
N ALA A 85 -22.03 13.56 16.76
CA ALA A 85 -23.02 13.04 15.83
C ALA A 85 -22.45 11.93 14.97
N ALA A 86 -21.17 12.06 14.59
CA ALA A 86 -20.52 11.04 13.78
C ALA A 86 -20.56 9.68 14.45
N GLU A 87 -20.57 9.63 15.78
CA GLU A 87 -20.70 8.36 16.48
C GLU A 87 -22.04 7.68 16.15
N GLU A 88 -23.08 8.49 15.99
CA GLU A 88 -24.41 8.06 15.49
C GLU A 88 -24.39 7.59 14.03
N GLY A 89 -23.28 7.82 13.33
CA GLY A 89 -23.20 7.57 11.89
C GLY A 89 -23.76 8.72 11.05
N PHE A 90 -24.07 9.86 11.66
CA PHE A 90 -24.59 11.00 10.91
C PHE A 90 -23.46 11.98 10.64
N MET A 91 -23.52 12.73 9.53
CA MET A 91 -22.50 13.71 9.22
C MET A 91 -23.09 14.97 8.59
N THR A 92 -23.47 15.93 9.43
CA THR A 92 -23.85 17.26 8.93
C THR A 92 -22.66 17.86 8.21
N ALA A 93 -22.87 18.64 7.15
CA ALA A 93 -21.74 19.17 6.39
C ALA A 93 -20.80 19.98 7.27
N GLU A 94 -21.31 20.60 8.35
CA GLU A 94 -20.43 21.41 9.20
C GLU A 94 -19.31 20.54 9.77
N LEU A 95 -19.65 19.34 10.26
CA LEU A 95 -18.61 18.38 10.62
C LEU A 95 -17.72 18.01 9.45
N ALA A 96 -18.28 18.04 8.24
CA ALA A 96 -17.54 17.58 7.08
C ALA A 96 -16.39 18.51 6.77
N GLY A 97 -16.71 19.74 6.36
CA GLY A 97 -15.67 20.70 6.00
C GLY A 97 -14.66 20.95 7.11
N VAL A 98 -15.09 20.95 8.37
CA VAL A 98 -14.15 21.25 9.47
C VAL A 98 -12.99 20.26 9.45
N ILE A 99 -13.31 18.98 9.23
CA ILE A 99 -12.26 17.98 9.05
C ILE A 99 -11.43 18.24 7.79
N LYS A 100 -12.07 18.72 6.73
CA LYS A 100 -11.35 18.87 5.46
C LYS A 100 -10.20 19.85 5.56
N ARG A 101 -10.48 21.02 6.15
CA ARG A 101 -9.46 22.06 6.25
C ARG A 101 -8.25 21.61 7.07
N LEU A 102 -8.50 20.79 8.09
CA LEU A 102 -7.41 20.30 8.92
C LEU A 102 -6.46 19.42 8.11
N TRP A 103 -7.03 18.57 7.25
CA TRP A 103 -6.21 17.72 6.39
C TRP A 103 -5.32 18.54 5.45
N LYS A 104 -5.85 19.67 4.99
CA LYS A 104 -5.08 20.57 4.12
C LYS A 104 -3.83 21.13 4.75
N ASP A 105 -3.87 21.27 6.06
CA ASP A 105 -2.92 22.16 6.73
C ASP A 105 -1.48 21.77 6.43
N SER A 106 -0.63 22.78 6.21
CA SER A 106 0.80 22.52 6.07
C SER A 106 1.40 21.90 7.33
N GLY A 107 0.77 22.14 8.49
CA GLY A 107 1.30 21.65 9.76
C GLY A 107 0.83 20.23 10.01
N VAL A 108 -0.48 20.01 9.90
CA VAL A 108 -1.04 18.67 10.10
C VAL A 108 -0.42 17.67 9.13
N GLN A 109 -0.19 18.09 7.89
CA GLN A 109 0.57 17.26 6.95
C GLN A 109 1.98 16.99 7.42
N ALA A 110 2.55 17.94 8.17
CA ALA A 110 3.85 17.73 8.80
C ALA A 110 3.80 16.56 9.79
N CYS A 111 2.64 16.36 10.41
CA CYS A 111 2.47 15.28 11.38
C CYS A 111 2.30 13.94 10.69
N PHE A 112 1.29 13.83 9.84
CA PHE A 112 1.04 12.57 9.14
C PHE A 112 2.28 12.01 8.42
N ASN A 113 3.19 12.84 7.92
CA ASN A 113 4.46 12.30 7.41
C ASN A 113 5.26 11.63 8.54
N ARG A 114 5.25 12.28 9.70
CA ARG A 114 5.83 11.77 10.94
C ARG A 114 5.17 10.49 11.46
N SER A 115 4.03 10.12 10.91
CA SER A 115 3.17 9.10 11.54
C SER A 115 3.91 7.80 11.87
N ARG A 116 5.07 7.53 11.28
CA ARG A 116 5.80 6.30 11.61
C ARG A 116 6.08 6.19 13.12
N GLU A 117 6.18 7.34 13.79
CA GLU A 117 6.18 7.43 15.23
C GLU A 117 4.78 7.00 15.72
N TYR A 118 4.15 7.75 16.63
CA TYR A 118 2.72 7.61 16.94
C TYR A 118 1.84 6.81 15.96
N GLN A 119 0.70 6.42 16.52
CA GLN A 119 -0.18 5.45 15.89
C GLN A 119 -1.30 6.18 15.16
N LEU A 120 -1.35 6.00 13.85
CA LEU A 120 -2.44 6.55 13.05
C LEU A 120 -3.49 5.46 12.82
N ASN A 121 -4.76 5.85 12.65
CA ASN A 121 -5.79 4.86 12.31
C ASN A 121 -5.40 4.14 11.02
N ASP A 122 -5.72 2.86 10.94
CA ASP A 122 -5.26 2.05 9.82
C ASP A 122 -5.69 2.59 8.47
N SER A 123 -6.89 3.17 8.40
CA SER A 123 -7.40 3.71 7.15
C SER A 123 -7.34 5.25 7.07
N ALA A 124 -6.75 5.90 8.09
CA ALA A 124 -6.91 7.33 8.27
C ALA A 124 -6.61 8.12 7.00
N ALA A 125 -5.73 7.61 6.15
CA ALA A 125 -5.47 8.27 4.88
C ALA A 125 -6.64 8.05 3.92
N TYR A 126 -6.98 6.80 3.64
CA TYR A 126 -8.03 6.50 2.68
C TYR A 126 -9.36 7.21 2.98
N TYR A 127 -9.68 7.45 4.25
CA TYR A 127 -10.92 8.11 4.59
C TYR A 127 -10.86 9.61 4.30
N LEU A 128 -9.89 10.31 4.91
CA LEU A 128 -9.79 11.76 4.73
C LEU A 128 -9.61 12.16 3.27
N ASN A 129 -8.92 11.31 2.51
CA ASN A 129 -8.67 11.55 1.09
C ASN A 129 -9.96 11.60 0.26
N ASP A 130 -10.98 10.88 0.72
CA ASP A 130 -12.27 10.84 0.03
C ASP A 130 -13.40 11.30 0.96
N LEU A 131 -13.09 12.20 1.88
CA LEU A 131 -14.05 12.59 2.90
C LEU A 131 -15.34 13.13 2.30
N ASP A 132 -15.27 13.74 1.12
CA ASP A 132 -16.47 14.28 0.50
C ASP A 132 -17.49 13.20 0.20
N ARG A 133 -17.04 12.12 -0.44
CA ARG A 133 -17.98 11.08 -0.85
C ARG A 133 -18.71 10.44 0.34
N ILE A 134 -18.01 10.24 1.46
CA ILE A 134 -18.68 9.78 2.68
C ILE A 134 -19.65 10.81 3.24
N ALA A 135 -19.36 12.09 3.02
CA ALA A 135 -20.19 13.17 3.53
C ALA A 135 -21.58 13.22 2.89
N GLN A 136 -21.70 12.68 1.69
CA GLN A 136 -22.91 12.86 0.88
C GLN A 136 -24.16 12.42 1.66
N PRO A 137 -25.29 13.06 1.47
CA PRO A 137 -26.53 12.68 2.22
C PRO A 137 -26.87 11.21 2.03
N ASN A 138 -27.36 10.57 3.09
CA ASN A 138 -27.71 9.15 3.07
C ASN A 138 -26.66 8.31 2.32
N TYR A 139 -25.40 8.66 2.50
CA TYR A 139 -24.31 7.95 1.83
C TYR A 139 -24.36 6.46 2.21
N ILE A 140 -24.10 5.59 1.24
CA ILE A 140 -23.87 4.18 1.53
C ILE A 140 -22.37 3.88 1.42
N PRO A 141 -21.74 3.23 2.37
CA PRO A 141 -20.30 2.83 2.22
C PRO A 141 -20.08 1.90 1.02
N THR A 142 -19.01 2.16 0.27
CA THR A 142 -18.51 1.21 -0.71
C THR A 142 -18.09 -0.08 -0.03
N GLN A 143 -18.11 -1.21 -0.74
CA GLN A 143 -17.64 -2.47 -0.13
C GLN A 143 -16.21 -2.32 0.40
N GLN A 144 -15.39 -1.49 -0.25
CA GLN A 144 -14.08 -1.16 0.31
C GLN A 144 -14.23 -0.48 1.67
N ASP A 145 -15.20 0.42 1.80
CA ASP A 145 -15.33 1.18 3.05
C ASP A 145 -15.54 0.25 4.24
N VAL A 146 -16.28 -0.83 4.04
CA VAL A 146 -16.51 -1.77 5.13
C VAL A 146 -15.20 -2.42 5.59
N LEU A 147 -14.39 -2.86 4.63
CA LEU A 147 -13.12 -3.50 4.97
C LEU A 147 -12.16 -2.58 5.71
N ARG A 148 -12.21 -1.30 5.35
CA ARG A 148 -11.40 -0.27 6.00
C ARG A 148 -11.69 -0.10 7.49
N THR A 149 -12.87 -0.54 7.93
CA THR A 149 -13.29 -0.44 9.33
C THR A 149 -12.38 -1.23 10.27
N ARG A 150 -12.38 -0.78 11.54
CA ARG A 150 -11.85 -1.51 12.71
C ARG A 150 -10.56 -0.90 13.23
N VAL A 151 -10.40 -1.03 14.55
CA VAL A 151 -9.14 -0.80 15.26
C VAL A 151 -8.08 -1.82 14.85
N LYS A 152 -6.80 -1.47 15.00
CA LYS A 152 -5.73 -2.43 14.73
C LYS A 152 -5.93 -3.70 15.56
N THR A 153 -5.64 -4.83 14.93
CA THR A 153 -5.91 -6.16 15.48
C THR A 153 -5.76 -7.17 14.35
N THR A 154 -6.28 -6.84 13.16
CA THR A 154 -5.83 -7.46 11.94
C THR A 154 -4.77 -6.54 11.31
N GLY A 155 -3.55 -6.81 11.67
CA GLY A 155 -2.38 -6.20 11.05
C GLY A 155 -2.36 -6.28 9.52
N ILE A 156 -3.28 -7.01 8.87
CA ILE A 156 -3.28 -7.04 7.41
C ILE A 156 -4.22 -5.93 6.92
N VAL A 157 -3.88 -5.25 5.83
CA VAL A 157 -4.85 -4.34 5.20
C VAL A 157 -5.58 -5.05 4.07
N GLU A 158 -6.88 -4.82 3.93
CA GLU A 158 -7.64 -5.39 2.83
C GLU A 158 -7.93 -4.34 1.76
N THR A 159 -8.02 -4.77 0.50
CA THR A 159 -8.36 -3.87 -0.59
C THR A 159 -9.09 -4.61 -1.71
N HIS A 160 -10.40 -4.37 -1.85
CA HIS A 160 -11.16 -4.96 -2.94
C HIS A 160 -11.28 -4.03 -4.16
N PHE A 161 -11.39 -4.64 -5.33
CA PHE A 161 -11.68 -3.92 -6.57
C PHE A 161 -12.10 -4.90 -7.65
N THR A 162 -12.50 -4.42 -8.83
CA THR A 162 -12.91 -5.32 -9.92
C THR A 162 -12.32 -4.88 -11.26
N PHE A 163 -11.23 -5.53 -11.68
CA PHE A 163 -10.63 -5.26 -12.98
C PHE A 163 -11.01 -6.35 -13.97
N LYS A 164 -11.13 -6.03 -15.27
CA LYS A 164 -11.53 -7.01 -16.30
C LYS A 164 -12.62 -7.98 -15.81
N ASP A 165 -13.61 -7.43 -15.12
CA ASP A 165 -14.72 -8.22 -14.59
C ASP A 165 -14.26 -9.49 -13.87
N LEU A 166 -13.30 -9.36 -12.94
CA LEU A 166 -12.91 -10.46 -12.06
C LEU A 166 -12.72 -9.81 -10.69
N HIS A 167 -13.20 -10.40 -9.58
CA HIS A 167 -13.01 -9.75 -8.29
C HIS A 167 -11.57 -9.95 -7.83
N PHE A 168 -10.87 -8.86 -7.54
CA PHE A 168 -9.58 -8.94 -6.86
C PHE A 168 -9.71 -8.75 -5.37
N LYS A 169 -8.79 -9.37 -4.63
CA LYS A 169 -8.66 -9.08 -3.21
C LYS A 169 -7.19 -8.93 -2.85
N MET A 170 -6.63 -7.76 -3.14
CA MET A 170 -5.26 -7.46 -2.72
C MET A 170 -5.12 -7.47 -1.19
N PHE A 171 -4.01 -8.00 -0.68
CA PHE A 171 -3.75 -8.03 0.76
C PHE A 171 -2.38 -7.43 1.07
N ASP A 172 -2.33 -6.15 1.41
CA ASP A 172 -1.07 -5.54 1.83
C ASP A 172 -0.58 -6.08 3.19
N VAL A 173 0.73 -6.29 3.31
CA VAL A 173 1.33 -6.62 4.60
C VAL A 173 2.60 -5.77 4.81
N GLY A 174 2.84 -5.33 6.04
CA GLY A 174 3.99 -4.45 6.28
C GLY A 174 5.30 -5.13 5.90
N GLY A 175 6.13 -4.40 5.15
CA GLY A 175 7.44 -4.91 4.74
C GLY A 175 8.38 -5.16 5.91
N GLN A 176 8.28 -4.34 6.96
CA GLN A 176 9.21 -4.43 8.08
C GLN A 176 9.24 -5.84 8.66
N ARG A 177 10.42 -6.27 9.09
CA ARG A 177 10.60 -7.67 9.46
C ARG A 177 9.61 -8.11 10.54
N SER A 178 9.20 -7.19 11.42
CA SER A 178 8.27 -7.54 12.48
C SER A 178 6.93 -7.99 11.91
N GLU A 179 6.45 -7.26 10.91
CA GLU A 179 5.22 -7.62 10.22
C GLU A 179 5.32 -8.95 9.47
N ARG A 180 6.52 -9.34 9.05
CA ARG A 180 6.66 -10.49 8.15
C ARG A 180 6.08 -11.77 8.73
N LYS A 181 6.10 -11.95 10.05
CA LYS A 181 5.53 -13.16 10.63
C LYS A 181 4.04 -13.32 10.33
N LYS A 182 3.34 -12.19 10.21
CA LYS A 182 1.92 -12.17 9.85
C LYS A 182 1.60 -12.79 8.49
N TRP A 183 2.60 -12.79 7.59
CA TRP A 183 2.32 -13.01 6.17
C TRP A 183 1.59 -14.32 5.87
N ILE A 184 1.78 -15.37 6.69
CA ILE A 184 1.17 -16.66 6.38
C ILE A 184 -0.36 -16.59 6.30
N HIS A 185 -0.98 -15.67 7.03
CA HIS A 185 -2.43 -15.57 7.05
C HIS A 185 -3.00 -15.32 5.65
N CYS A 186 -2.26 -14.57 4.85
CA CYS A 186 -2.69 -14.23 3.49
C CYS A 186 -2.40 -15.32 2.47
N PHE A 187 -1.57 -16.30 2.80
CA PHE A 187 -1.15 -17.29 1.82
C PHE A 187 -2.31 -18.06 1.20
N GLU A 188 -3.42 -18.23 1.95
CA GLU A 188 -4.55 -18.99 1.44
C GLU A 188 -5.19 -18.35 0.21
N GLY A 189 -5.49 -19.16 -0.81
CA GLY A 189 -6.34 -18.73 -1.91
C GLY A 189 -5.70 -17.68 -2.83
N VAL A 190 -4.42 -17.35 -2.61
CA VAL A 190 -3.75 -16.36 -3.46
C VAL A 190 -3.73 -16.81 -4.91
N ALA A 191 -3.99 -15.87 -5.81
CA ALA A 191 -3.86 -16.14 -7.24
C ALA A 191 -2.42 -15.94 -7.69
N ALA A 192 -1.95 -14.71 -7.55
CA ALA A 192 -0.60 -14.36 -7.96
C ALA A 192 0.02 -13.40 -6.97
N ILE A 193 1.29 -13.60 -6.64
CA ILE A 193 2.01 -12.67 -5.79
C ILE A 193 2.55 -11.49 -6.59
N ILE A 194 2.51 -10.31 -6.00
CA ILE A 194 3.29 -9.18 -6.50
C ILE A 194 4.32 -8.80 -5.44
N PHE A 195 5.60 -8.98 -5.76
CA PHE A 195 6.65 -8.74 -4.77
C PHE A 195 7.35 -7.40 -4.98
N CYS A 196 6.77 -6.33 -4.42
CA CYS A 196 7.37 -5.01 -4.54
C CYS A 196 8.80 -4.95 -3.99
N VAL A 197 9.64 -4.19 -4.68
CA VAL A 197 11.02 -3.93 -4.22
C VAL A 197 11.49 -2.57 -4.73
N ALA A 198 11.99 -1.71 -3.84
CA ALA A 198 12.46 -0.38 -4.26
C ALA A 198 13.87 -0.45 -4.86
N LEU A 199 14.00 -0.14 -6.15
CA LEU A 199 15.31 -0.13 -6.80
C LEU A 199 16.28 0.87 -6.17
N SER A 200 15.75 2.01 -5.72
CA SER A 200 16.57 3.04 -5.08
C SER A 200 17.27 2.57 -3.79
N ASP A 201 16.73 1.54 -3.17
CA ASP A 201 17.21 1.04 -1.88
C ASP A 201 18.69 0.66 -1.86
N TYR A 202 19.34 0.54 -3.02
CA TYR A 202 20.65 -0.10 -3.08
C TYR A 202 21.65 0.53 -2.11
N ASP A 203 21.49 1.82 -1.80
CA ASP A 203 22.39 2.47 -0.85
C ASP A 203 21.74 2.59 0.54
N LEU A 204 20.42 2.75 0.59
CA LEU A 204 19.72 2.93 1.86
C LEU A 204 19.94 1.73 2.80
N VAL A 205 20.05 2.01 4.09
CA VAL A 205 20.09 0.94 5.10
C VAL A 205 18.73 0.73 5.75
N LEU A 206 18.42 -0.51 6.14
CA LEU A 206 17.16 -0.80 6.86
C LEU A 206 17.08 0.00 8.15
N ALA A 207 15.86 0.43 8.50
CA ALA A 207 15.62 0.94 9.85
C ALA A 207 15.88 -0.14 10.91
N GLU A 208 15.62 -1.40 10.56
CA GLU A 208 15.87 -2.52 11.48
C GLU A 208 17.35 -2.61 11.88
N ASP A 209 18.23 -2.14 11.01
CA ASP A 209 19.67 -2.25 11.25
C ASP A 209 20.40 -1.33 10.28
N GLU A 210 20.95 -0.23 10.81
CA GLU A 210 21.64 0.72 9.94
C GLU A 210 22.81 0.08 9.19
N GLU A 211 23.45 -0.92 9.77
CA GLU A 211 24.53 -1.63 9.08
C GLU A 211 24.05 -2.33 7.81
N MET A 212 22.82 -2.80 7.84
CA MET A 212 22.27 -3.62 6.76
C MET A 212 22.09 -2.86 5.45
N ASN A 213 22.29 -3.57 4.35
CA ASN A 213 21.90 -3.06 3.04
C ASN A 213 20.44 -3.44 2.78
N ARG A 214 19.57 -2.46 2.47
CA ARG A 214 18.17 -2.80 2.24
C ARG A 214 17.99 -3.75 1.05
N MET A 215 18.78 -3.56 -0.01
CA MET A 215 18.62 -4.41 -1.19
C MET A 215 19.04 -5.85 -0.94
N HIS A 216 20.15 -6.03 -0.22
CA HIS A 216 20.58 -7.39 0.12
C HIS A 216 19.50 -8.12 0.91
N GLU A 217 18.81 -7.38 1.77
CA GLU A 217 17.73 -7.95 2.55
C GLU A 217 16.61 -8.46 1.66
N SER A 218 16.31 -7.73 0.59
CA SER A 218 15.24 -8.12 -0.31
C SER A 218 15.53 -9.45 -0.99
N MET A 219 16.80 -9.64 -1.37
CA MET A 219 17.22 -10.87 -2.02
C MET A 219 17.01 -12.10 -1.15
N LYS A 220 17.06 -11.92 0.18
CA LYS A 220 17.02 -13.07 1.07
C LYS A 220 15.59 -13.57 1.27
N LEU A 221 14.75 -12.76 1.88
CA LEU A 221 13.36 -13.15 2.08
C LEU A 221 12.64 -13.41 0.75
N PHE A 222 13.02 -12.72 -0.33
CA PHE A 222 12.41 -13.00 -1.62
C PHE A 222 12.67 -14.44 -2.05
N ASP A 223 13.89 -14.92 -1.77
CA ASP A 223 14.26 -16.25 -2.24
C ASP A 223 13.37 -17.33 -1.65
N SER A 224 13.03 -17.16 -0.38
CA SER A 224 12.15 -18.11 0.27
C SER A 224 10.78 -18.11 -0.42
N ILE A 225 10.25 -16.91 -0.64
CA ILE A 225 8.93 -16.79 -1.29
C ILE A 225 8.90 -17.41 -2.68
N CYS A 226 10.01 -17.35 -3.39
CA CYS A 226 10.04 -17.84 -4.75
C CYS A 226 10.03 -19.36 -4.75
N ASN A 227 11.05 -19.89 -4.11
CA ASN A 227 11.24 -21.32 -3.91
C ASN A 227 10.10 -21.99 -3.13
N ASN A 228 9.27 -21.21 -2.43
CA ASN A 228 8.38 -21.81 -1.42
C ASN A 228 7.53 -22.90 -2.04
N LYS A 229 7.49 -24.08 -1.41
CA LYS A 229 6.72 -25.18 -1.97
C LYS A 229 5.24 -24.86 -2.09
N TRP A 230 4.69 -24.12 -1.13
CA TRP A 230 3.30 -23.70 -1.21
C TRP A 230 3.03 -22.87 -2.47
N PHE A 231 4.01 -22.04 -2.83
CA PHE A 231 3.85 -21.09 -3.93
C PHE A 231 4.08 -21.68 -5.31
N THR A 232 4.52 -22.93 -5.40
CA THR A 232 4.79 -23.53 -6.70
C THR A 232 3.56 -23.47 -7.61
N ASP A 233 2.39 -23.68 -7.02
CA ASP A 233 1.13 -23.53 -7.74
C ASP A 233 0.81 -22.09 -8.11
N THR A 234 1.27 -21.15 -7.28
CA THR A 234 0.94 -19.73 -7.46
C THR A 234 1.98 -19.07 -8.36
N SER A 235 1.52 -18.18 -9.24
CA SER A 235 2.45 -17.36 -10.02
C SER A 235 3.28 -16.45 -9.11
N ILE A 236 4.55 -16.26 -9.43
CA ILE A 236 5.35 -15.22 -8.78
C ILE A 236 5.56 -14.07 -9.75
N ILE A 237 5.26 -12.82 -9.33
CA ILE A 237 5.46 -11.68 -10.22
C ILE A 237 6.26 -10.59 -9.50
N LEU A 238 7.56 -10.47 -9.80
CA LEU A 238 8.37 -9.43 -9.20
C LEU A 238 7.86 -8.05 -9.63
N PHE A 239 7.92 -7.06 -8.74
CA PHE A 239 7.48 -5.71 -9.07
C PHE A 239 8.53 -4.69 -8.61
N LEU A 240 9.59 -4.52 -9.40
CA LEU A 240 10.61 -3.52 -9.07
C LEU A 240 10.01 -2.11 -8.97
N ASN A 241 9.51 -1.79 -7.78
CA ASN A 241 8.90 -0.49 -7.48
C ASN A 241 9.89 0.66 -7.52
N LYS A 242 9.36 1.86 -7.77
CA LYS A 242 10.13 3.10 -7.66
C LYS A 242 11.23 3.17 -8.73
N LYS A 243 10.93 2.64 -9.91
CA LYS A 243 11.76 2.89 -11.08
C LYS A 243 11.87 4.40 -11.38
N ASP A 244 10.89 5.19 -10.96
CA ASP A 244 10.87 6.61 -11.28
C ASP A 244 11.94 7.39 -10.53
N LEU A 245 11.93 7.38 -9.19
CA LEU A 245 13.01 8.06 -8.46
C LEU A 245 14.37 7.42 -8.71
N PHE A 246 14.41 6.12 -9.02
CA PHE A 246 15.67 5.44 -9.28
C PHE A 246 16.45 6.01 -10.46
N GLU A 247 15.76 6.43 -11.51
CA GLU A 247 16.44 7.05 -12.66
C GLU A 247 17.15 8.36 -12.28
N GLU A 248 16.66 9.03 -11.24
CA GLU A 248 17.29 10.27 -10.79
C GLU A 248 18.50 9.98 -9.91
N LYS A 249 18.26 9.29 -8.80
CA LYS A 249 19.34 9.01 -7.86
C LYS A 249 20.51 8.26 -8.50
N ILE A 250 20.24 7.42 -9.50
CA ILE A 250 21.32 6.71 -10.16
C ILE A 250 22.33 7.65 -10.82
N LYS A 251 21.85 8.80 -11.29
CA LYS A 251 22.74 9.76 -11.94
C LYS A 251 23.86 10.23 -11.02
N LYS A 252 23.55 10.29 -9.72
CA LYS A 252 24.43 10.89 -8.73
C LYS A 252 25.23 9.77 -8.06
N SER A 253 24.47 8.94 -7.34
CA SER A 253 25.00 7.81 -6.63
C SER A 253 25.26 6.64 -7.59
N PRO A 254 26.41 6.01 -7.60
CA PRO A 254 26.63 4.75 -8.36
C PRO A 254 25.72 3.61 -7.86
N LEU A 255 25.28 2.74 -8.76
CA LEU A 255 24.63 1.50 -8.34
C LEU A 255 25.57 0.66 -7.44
N THR A 256 26.88 0.86 -7.60
CA THR A 256 27.86 0.05 -6.91
C THR A 256 27.70 0.05 -5.39
N ILE A 257 27.02 1.05 -4.86
CA ILE A 257 26.81 1.11 -3.41
C ILE A 257 26.12 -0.17 -2.90
N CYS A 258 25.47 -0.95 -3.78
CA CYS A 258 25.10 -2.33 -3.37
C CYS A 258 25.87 -3.41 -4.09
N TYR A 259 26.05 -3.21 -5.39
CA TYR A 259 26.71 -4.21 -6.21
C TYR A 259 28.05 -3.67 -6.66
N GLN A 260 29.03 -3.74 -5.76
CA GLN A 260 30.34 -3.20 -6.05
C GLN A 260 30.97 -3.85 -7.29
N GLU A 261 30.64 -5.11 -7.56
CA GLU A 261 31.17 -5.80 -8.75
C GLU A 261 30.76 -5.11 -10.06
N TYR A 262 29.65 -4.39 -10.02
CA TYR A 262 29.04 -3.77 -11.18
C TYR A 262 30.01 -2.84 -11.92
N ALA A 263 29.99 -2.95 -13.24
CA ALA A 263 30.74 -2.05 -14.13
C ALA A 263 29.84 -1.04 -14.84
N GLY A 264 28.57 -1.40 -15.01
CA GLY A 264 27.64 -0.73 -15.90
C GLY A 264 27.52 0.78 -15.70
N SER A 265 27.05 1.41 -16.77
CA SER A 265 26.83 2.84 -16.86
C SER A 265 25.82 3.31 -15.81
N ASN A 266 25.89 4.60 -15.48
CA ASN A 266 24.92 5.22 -14.57
C ASN A 266 23.59 5.51 -15.27
N THR A 267 23.15 4.60 -16.14
CA THR A 267 21.95 4.81 -16.93
C THR A 267 20.77 4.14 -16.22
N TYR A 268 19.55 4.65 -16.40
CA TYR A 268 18.39 3.99 -15.81
C TYR A 268 18.28 2.53 -16.30
N GLU A 269 18.74 2.24 -17.51
CA GLU A 269 18.56 0.89 -18.04
C GLU A 269 19.52 -0.11 -17.39
N GLU A 270 20.82 0.08 -17.56
CA GLU A 270 21.78 -0.84 -16.97
C GLU A 270 21.66 -0.91 -15.45
N ALA A 271 21.33 0.22 -14.83
CA ALA A 271 21.26 0.29 -13.37
C ALA A 271 20.11 -0.54 -12.79
N ALA A 272 18.94 -0.42 -13.42
CA ALA A 272 17.75 -1.09 -12.92
C ALA A 272 17.78 -2.57 -13.31
N ALA A 273 17.91 -2.78 -14.61
CA ALA A 273 17.92 -4.12 -15.17
C ALA A 273 19.00 -5.00 -14.57
N TYR A 274 20.11 -4.41 -14.09
CA TYR A 274 21.14 -5.24 -13.47
C TYR A 274 20.61 -5.93 -12.21
N ILE A 275 19.72 -5.24 -11.48
CA ILE A 275 19.12 -5.82 -10.28
C ILE A 275 18.22 -6.99 -10.67
N GLN A 276 17.30 -6.73 -11.59
CA GLN A 276 16.49 -7.79 -12.19
C GLN A 276 17.32 -9.01 -12.63
N CYS A 277 18.63 -8.86 -12.84
CA CYS A 277 19.45 -10.03 -13.09
C CYS A 277 19.68 -10.79 -11.79
N GLN A 278 20.21 -10.08 -10.79
CA GLN A 278 20.53 -10.68 -9.49
C GLN A 278 19.32 -11.33 -8.82
N PHE A 279 18.13 -10.82 -9.10
CA PHE A 279 16.91 -11.29 -8.43
C PHE A 279 16.46 -12.62 -9.02
N GLU A 280 16.23 -12.62 -10.34
CA GLU A 280 15.79 -13.84 -11.02
C GLU A 280 16.79 -14.99 -10.81
N ASP A 281 18.07 -14.68 -10.62
CA ASP A 281 19.08 -15.71 -10.38
C ASP A 281 18.76 -16.56 -9.16
N LEU A 282 18.07 -15.98 -8.18
CA LEU A 282 17.73 -16.70 -6.96
C LEU A 282 16.94 -17.98 -7.22
N ASN A 283 16.23 -18.05 -8.35
CA ASN A 283 15.30 -19.15 -8.58
C ASN A 283 16.03 -20.50 -8.59
N LYS A 284 15.62 -21.39 -7.71
CA LYS A 284 16.02 -22.80 -7.77
C LYS A 284 15.53 -23.52 -9.02
N ARG A 285 14.44 -23.02 -9.61
CA ARG A 285 13.73 -23.76 -10.66
C ARG A 285 13.60 -22.92 -11.92
N LYS A 286 14.74 -22.47 -12.43
CA LYS A 286 14.76 -21.69 -13.66
C LYS A 286 14.11 -22.47 -14.82
N ASP A 287 14.24 -23.79 -14.78
CA ASP A 287 13.70 -24.67 -15.81
C ASP A 287 12.18 -24.62 -15.91
N THR A 288 11.50 -24.31 -14.81
CA THR A 288 10.06 -24.55 -14.71
C THR A 288 9.31 -23.46 -13.95
N LYS A 289 9.93 -22.31 -13.73
CA LYS A 289 9.26 -21.23 -13.00
C LYS A 289 9.63 -19.86 -13.59
N GLU A 290 8.60 -19.05 -13.88
CA GLU A 290 8.81 -17.75 -14.50
C GLU A 290 8.68 -16.63 -13.46
N ILE A 291 9.72 -15.81 -13.35
CA ILE A 291 9.70 -14.68 -12.40
C ILE A 291 8.61 -13.64 -12.70
N TYR A 292 8.20 -13.43 -13.96
CA TYR A 292 7.20 -12.41 -14.29
C TYR A 292 7.54 -11.04 -13.65
N THR A 293 8.78 -10.59 -13.87
CA THR A 293 9.21 -9.26 -13.44
C THR A 293 8.47 -8.14 -14.14
N HIS A 294 8.25 -7.03 -13.43
CA HIS A 294 7.70 -5.81 -14.04
C HIS A 294 8.15 -4.57 -13.28
N PHE A 295 8.93 -3.70 -13.94
CA PHE A 295 9.22 -2.37 -13.37
C PHE A 295 7.93 -1.59 -13.16
N THR A 296 7.84 -0.84 -12.06
CA THR A 296 6.63 -0.08 -11.77
C THR A 296 6.93 1.20 -10.97
N CYS A 297 5.91 2.06 -10.91
CA CYS A 297 6.00 3.30 -10.16
C CYS A 297 4.67 3.55 -9.47
N ALA A 298 4.58 3.19 -8.18
CA ALA A 298 3.33 3.32 -7.45
C ALA A 298 2.83 4.77 -7.41
N THR A 299 3.75 5.71 -7.26
CA THR A 299 3.39 7.13 -7.26
C THR A 299 2.68 7.56 -8.54
N ASP A 300 2.98 6.88 -9.64
CA ASP A 300 2.41 7.25 -10.94
C ASP A 300 1.25 6.32 -11.27
N THR A 301 0.02 6.82 -11.16
CA THR A 301 -1.14 6.00 -11.48
C THR A 301 -1.12 5.55 -12.94
N LYS A 302 -0.68 6.44 -13.82
CA LYS A 302 -0.57 6.10 -15.24
C LYS A 302 0.35 4.90 -15.50
N ASN A 303 1.29 4.65 -14.61
CA ASN A 303 2.28 3.59 -14.82
C ASN A 303 1.69 2.26 -14.37
N VAL A 304 1.35 2.20 -13.09
CA VAL A 304 0.81 0.97 -12.50
C VAL A 304 -0.44 0.50 -13.26
N GLN A 305 -1.14 1.42 -13.94
CA GLN A 305 -2.38 1.05 -14.61
C GLN A 305 -2.12 0.18 -15.83
N PHE A 306 -1.40 0.71 -16.81
CA PHE A 306 -1.13 -0.07 -18.02
C PHE A 306 -0.36 -1.35 -17.70
N VAL A 307 0.52 -1.30 -16.70
CA VAL A 307 1.26 -2.49 -16.31
C VAL A 307 0.32 -3.55 -15.75
N PHE A 308 -0.65 -3.12 -14.96
CA PHE A 308 -1.61 -4.04 -14.36
C PHE A 308 -2.40 -4.80 -15.44
N ASP A 309 -2.64 -4.14 -16.58
CA ASP A 309 -3.34 -4.79 -17.68
C ASP A 309 -2.59 -6.00 -18.20
N ALA A 310 -1.26 -5.91 -18.20
CA ALA A 310 -0.44 -7.03 -18.65
C ALA A 310 -0.47 -8.17 -17.66
N VAL A 311 -0.16 -7.86 -16.41
CA VAL A 311 -0.06 -8.89 -15.38
C VAL A 311 -1.38 -9.65 -15.24
N THR A 312 -2.51 -8.97 -15.43
CA THR A 312 -3.79 -9.63 -15.30
C THR A 312 -3.95 -10.76 -16.31
N ASP A 313 -3.43 -10.56 -17.51
CA ASP A 313 -3.55 -11.57 -18.55
C ASP A 313 -2.85 -12.86 -18.14
N VAL A 314 -1.70 -12.73 -17.51
CA VAL A 314 -0.97 -13.91 -17.05
C VAL A 314 -1.78 -14.69 -16.03
N ILE A 315 -2.48 -13.98 -15.15
CA ILE A 315 -3.34 -14.63 -14.15
C ILE A 315 -4.44 -15.45 -14.80
N ILE A 316 -4.92 -15.02 -15.96
CA ILE A 316 -6.03 -15.69 -16.62
C ILE A 316 -5.54 -16.96 -17.32
N LYS A 317 -4.64 -16.80 -18.28
CA LYS A 317 -4.16 -17.94 -19.04
C LYS A 317 -3.49 -18.98 -18.14
N ASN A 318 -2.89 -18.54 -17.02
CA ASN A 318 -2.18 -19.48 -16.15
C ASN A 318 -3.07 -19.99 -15.01
N ASN A 319 -3.37 -19.12 -14.05
CA ASN A 319 -4.26 -19.47 -12.95
C ASN A 319 -5.71 -19.60 -13.41
N LEU A 320 -6.42 -20.62 -12.88
CA LEU A 320 -7.87 -20.70 -13.02
C LEU A 320 -8.40 -21.94 -12.29
N LYS A 321 -9.72 -21.94 -12.04
CA LYS A 321 -10.40 -23.08 -11.45
C LYS A 321 -9.70 -23.56 -10.20
N ASP A 322 -10.18 -23.05 -9.05
CA ASP A 322 -9.74 -23.50 -7.73
C ASP A 322 -8.24 -23.77 -7.68
N CYS A 323 -7.51 -22.84 -7.09
CA CYS A 323 -6.05 -22.67 -7.27
C CYS A 323 -5.39 -23.62 -8.29
N GLY A 324 -5.84 -23.53 -9.54
CA GLY A 324 -5.30 -24.37 -10.60
C GLY A 324 -6.07 -25.67 -10.80
N LEU A 325 -5.74 -26.69 -9.99
CA LEU A 325 -6.36 -27.99 -10.21
C LEU A 325 -7.88 -27.88 -10.11
N PHE A 326 -8.55 -28.36 -11.15
CA PHE A 326 -10.02 -28.49 -11.20
C PHE A 326 -10.77 -27.41 -10.42
N ARG A 4 -13.67 -15.36 -11.16
CA ARG A 4 -13.31 -14.04 -10.67
C ARG A 4 -12.50 -13.86 -9.38
N GLU A 5 -12.59 -14.74 -8.38
CA GLU A 5 -11.85 -14.52 -7.13
C GLU A 5 -10.33 -14.57 -7.31
N VAL A 6 -9.69 -13.45 -7.68
CA VAL A 6 -8.23 -13.38 -7.85
C VAL A 6 -7.37 -13.32 -6.56
N LYS A 7 -7.78 -12.74 -5.43
CA LYS A 7 -6.78 -12.27 -4.41
C LYS A 7 -5.30 -12.19 -4.78
N LEU A 8 -4.84 -11.02 -5.17
CA LEU A 8 -3.40 -10.75 -5.19
C LEU A 8 -2.82 -10.65 -3.76
N LEU A 9 -1.60 -11.16 -3.53
CA LEU A 9 -0.88 -10.86 -2.28
C LEU A 9 0.19 -9.77 -2.52
N LEU A 10 0.41 -8.87 -1.55
CA LEU A 10 1.54 -7.92 -1.65
C LEU A 10 2.69 -8.26 -0.70
N LEU A 11 3.71 -8.95 -1.21
CA LEU A 11 4.91 -9.21 -0.43
C LEU A 11 6.00 -8.19 -0.75
N GLY A 12 6.92 -7.93 0.19
CA GLY A 12 8.09 -7.10 -0.14
C GLY A 12 8.83 -6.57 1.09
N ALA A 13 10.11 -6.29 0.88
CA ALA A 13 10.96 -5.65 1.89
C ALA A 13 10.40 -4.29 2.31
N GLY A 14 10.73 -3.88 3.53
CA GLY A 14 10.22 -2.61 4.08
C GLY A 14 10.51 -1.45 3.14
N GLU A 15 9.63 -0.45 3.16
CA GLU A 15 9.74 0.72 2.29
C GLU A 15 9.66 0.37 0.80
N SER A 16 9.32 -0.88 0.47
CA SER A 16 9.10 -1.26 -0.93
C SER A 16 7.98 -0.47 -1.60
N GLY A 17 7.15 0.23 -0.83
CA GLY A 17 6.05 1.02 -1.39
C GLY A 17 4.78 0.22 -1.62
N LYS A 18 4.66 -0.98 -1.03
CA LYS A 18 3.44 -1.77 -1.24
C LYS A 18 2.20 -1.01 -0.81
N SER A 19 2.33 -0.15 0.20
CA SER A 19 1.18 0.62 0.67
C SER A 19 0.66 1.55 -0.41
N THR A 20 1.58 2.19 -1.13
CA THR A 20 1.17 3.11 -2.18
C THR A 20 0.37 2.41 -3.28
N ILE A 21 0.79 1.18 -3.61
CA ILE A 21 0.08 0.41 -4.62
C ILE A 21 -1.38 0.16 -4.21
N VAL A 22 -1.61 0.03 -2.90
CA VAL A 22 -2.97 -0.22 -2.43
C VAL A 22 -3.88 0.94 -2.80
N LYS A 23 -3.37 2.16 -2.65
CA LYS A 23 -4.14 3.34 -3.04
C LYS A 23 -4.50 3.33 -4.52
N GLN A 24 -3.60 2.78 -5.34
CA GLN A 24 -3.78 2.88 -6.77
C GLN A 24 -5.06 2.20 -7.24
N MET A 25 -5.40 1.08 -6.62
CA MET A 25 -6.59 0.34 -7.03
C MET A 25 -7.87 1.15 -6.79
N LYS A 26 -7.89 1.96 -5.74
CA LYS A 26 -9.04 2.82 -5.47
C LYS A 26 -9.33 3.79 -6.62
N ILE A 27 -8.27 4.19 -7.31
CA ILE A 27 -8.40 5.16 -8.39
C ILE A 27 -8.80 4.48 -9.69
N ILE A 28 -7.92 3.59 -10.15
CA ILE A 28 -8.09 2.93 -11.45
C ILE A 28 -9.38 2.11 -11.49
N HIS A 29 -9.82 1.58 -10.34
CA HIS A 29 -10.99 0.70 -10.32
C HIS A 29 -11.92 1.09 -9.17
N GLU A 30 -13.21 0.80 -9.33
CA GLU A 30 -14.18 1.06 -8.27
C GLU A 30 -15.26 -0.01 -8.28
N ALA A 31 -15.39 -0.73 -7.18
CA ALA A 31 -16.38 -1.81 -7.09
C ALA A 31 -17.00 -1.87 -5.71
N GLY A 32 -18.24 -2.35 -5.66
CA GLY A 32 -18.94 -2.52 -4.40
C GLY A 32 -19.91 -3.71 -4.41
N TYR A 33 -21.19 -3.38 -4.53
CA TYR A 33 -22.27 -4.37 -4.65
C TYR A 33 -22.69 -5.03 -3.34
N SER A 34 -23.07 -4.22 -2.36
CA SER A 34 -23.63 -4.74 -1.13
C SER A 34 -24.31 -3.61 -0.35
N GLU A 35 -25.16 -2.86 -1.04
CA GLU A 35 -25.70 -1.63 -0.48
C GLU A 35 -26.42 -1.82 0.86
N GLU A 36 -27.18 -2.89 1.01
CA GLU A 36 -27.91 -3.09 2.26
C GLU A 36 -26.99 -3.33 3.45
N GLU A 37 -25.95 -4.13 3.22
CA GLU A 37 -24.98 -4.39 4.29
C GLU A 37 -24.20 -3.15 4.67
N CYS A 38 -23.88 -2.33 3.68
CA CYS A 38 -23.05 -1.17 3.91
C CYS A 38 -23.72 -0.17 4.85
N LYS A 39 -25.03 -0.03 4.72
CA LYS A 39 -25.75 0.92 5.57
C LYS A 39 -25.56 0.59 7.05
N GLN A 40 -25.42 -0.69 7.37
CA GLN A 40 -25.21 -1.08 8.76
C GLN A 40 -23.87 -0.55 9.26
N TYR A 41 -22.85 -0.64 8.40
CA TYR A 41 -21.51 -0.16 8.69
C TYR A 41 -21.40 1.36 8.83
N LYS A 42 -22.38 2.09 8.30
CA LYS A 42 -22.20 3.53 8.10
C LYS A 42 -21.80 4.23 9.39
N ALA A 43 -22.25 3.75 10.54
CA ALA A 43 -21.83 4.33 11.80
C ALA A 43 -20.33 4.14 11.99
N VAL A 44 -19.87 2.93 11.71
CA VAL A 44 -18.46 2.59 11.88
C VAL A 44 -17.54 3.43 11.00
N VAL A 45 -17.98 3.78 9.79
CA VAL A 45 -17.13 4.54 8.89
C VAL A 45 -16.89 5.94 9.45
N TYR A 46 -17.99 6.62 9.79
CA TYR A 46 -17.87 7.95 10.39
C TYR A 46 -17.11 7.93 11.71
N SER A 47 -17.18 6.81 12.42
CA SER A 47 -16.54 6.71 13.73
C SER A 47 -15.02 6.72 13.57
N ASN A 48 -14.50 5.76 12.84
CA ASN A 48 -13.05 5.63 12.68
C ASN A 48 -12.44 6.88 12.06
N THR A 49 -13.19 7.55 11.18
CA THR A 49 -12.64 8.73 10.52
C THR A 49 -12.28 9.81 11.52
N ILE A 50 -13.18 10.08 12.47
CA ILE A 50 -12.88 11.04 13.52
C ILE A 50 -11.69 10.56 14.35
N GLN A 51 -11.62 9.26 14.62
CA GLN A 51 -10.53 8.72 15.43
C GLN A 51 -9.16 8.92 14.77
N SER A 52 -9.14 8.98 13.44
CA SER A 52 -7.89 9.12 12.71
C SER A 52 -7.34 10.54 12.81
N ILE A 53 -8.13 11.52 12.35
CA ILE A 53 -7.68 12.90 12.40
C ILE A 53 -7.34 13.34 13.83
N ILE A 54 -8.06 12.83 14.83
CA ILE A 54 -7.74 13.13 16.22
C ILE A 54 -6.33 12.67 16.59
N ALA A 55 -5.85 11.59 15.96
CA ALA A 55 -4.49 11.13 16.20
C ALA A 55 -3.49 12.11 15.59
N ILE A 56 -3.74 12.44 14.33
CA ILE A 56 -2.92 13.40 13.59
C ILE A 56 -2.90 14.78 14.28
N ILE A 57 -3.91 15.06 15.10
CA ILE A 57 -4.02 16.37 15.76
C ILE A 57 -3.18 16.35 17.04
N ARG A 58 -3.52 15.44 17.94
CA ARG A 58 -2.82 15.32 19.21
C ARG A 58 -1.32 15.09 19.02
N ALA A 59 -0.93 14.46 17.91
CA ALA A 59 0.49 14.26 17.61
C ALA A 59 1.21 15.60 17.39
N MET A 60 0.47 16.60 16.90
CA MET A 60 1.02 17.94 16.74
C MET A 60 1.56 18.50 18.06
N GLY A 61 1.05 18.02 19.19
CA GLY A 61 1.53 18.48 20.49
C GLY A 61 2.80 17.75 20.89
N ARG A 62 2.71 16.45 21.15
CA ARG A 62 3.85 15.67 21.62
C ARG A 62 5.07 15.80 20.73
N LEU A 63 4.85 15.91 19.42
CA LEU A 63 5.91 16.36 18.53
C LEU A 63 5.64 17.82 18.24
N LYS A 64 6.63 18.71 18.42
CA LYS A 64 6.35 20.12 18.13
C LYS A 64 5.94 20.26 16.66
N ILE A 65 4.73 20.76 16.45
CA ILE A 65 4.21 21.01 15.10
C ILE A 65 3.08 22.03 15.16
N ASP A 66 3.33 23.24 14.66
CA ASP A 66 2.27 24.24 14.59
C ASP A 66 1.35 24.00 13.39
N PHE A 67 0.09 24.39 13.51
CA PHE A 67 -0.81 24.47 12.36
C PHE A 67 -0.20 25.43 11.33
N GLY A 68 -0.45 25.18 10.04
CA GLY A 68 0.17 26.02 9.01
C GLY A 68 -0.56 27.36 8.93
N ASP A 69 -1.85 27.30 8.65
CA ASP A 69 -2.67 28.50 8.62
C ASP A 69 -3.11 28.85 10.05
N SER A 70 -3.09 30.14 10.37
CA SER A 70 -3.62 30.57 11.66
C SER A 70 -5.10 30.20 11.83
N ALA A 71 -5.84 30.17 10.73
CA ALA A 71 -7.27 29.88 10.76
C ALA A 71 -7.60 28.53 11.37
N ARG A 72 -6.68 27.57 11.24
CA ARG A 72 -6.97 26.20 11.67
C ARG A 72 -7.38 26.12 13.14
N ALA A 73 -6.94 27.09 13.96
CA ALA A 73 -7.46 27.21 15.31
C ALA A 73 -8.98 27.39 15.27
N ASP A 74 -9.67 26.87 16.29
CA ASP A 74 -11.14 26.93 16.39
C ASP A 74 -11.80 25.84 15.55
N ASP A 75 -11.37 25.63 14.30
CA ASP A 75 -11.90 24.50 13.54
C ASP A 75 -11.58 23.19 14.25
N ALA A 76 -10.36 23.10 14.76
CA ALA A 76 -9.94 21.93 15.50
C ALA A 76 -10.77 21.73 16.76
N ARG A 77 -10.94 22.79 17.55
CA ARG A 77 -11.76 22.70 18.75
C ARG A 77 -13.20 22.28 18.44
N GLN A 78 -13.70 22.72 17.30
CA GLN A 78 -15.04 22.34 16.85
C GLN A 78 -15.16 20.85 16.58
N LEU A 79 -14.07 20.24 16.14
CA LEU A 79 -14.11 18.85 15.71
C LEU A 79 -14.58 17.94 16.84
N PHE A 80 -14.16 18.23 18.06
CA PHE A 80 -14.61 17.47 19.21
C PHE A 80 -16.11 17.58 19.46
N VAL A 81 -16.70 18.71 19.05
CA VAL A 81 -18.13 18.93 19.28
C VAL A 81 -18.97 18.20 18.26
N LEU A 82 -18.83 18.58 17.00
CA LEU A 82 -19.58 17.94 15.93
C LEU A 82 -19.31 16.43 15.84
N ALA A 83 -18.12 16.01 16.28
CA ALA A 83 -17.75 14.61 16.16
C ALA A 83 -18.76 13.67 16.83
N GLY A 84 -19.46 14.16 17.86
CA GLY A 84 -20.41 13.33 18.57
C GLY A 84 -21.48 12.78 17.65
N ALA A 85 -21.95 13.60 16.70
CA ALA A 85 -22.95 13.13 15.74
C ALA A 85 -22.39 12.02 14.86
N ALA A 86 -21.11 12.12 14.51
CA ALA A 86 -20.48 11.10 13.70
C ALA A 86 -20.56 9.72 14.35
N GLU A 87 -20.55 9.67 15.69
CA GLU A 87 -20.73 8.40 16.38
C GLU A 87 -22.09 7.77 16.05
N GLU A 88 -23.10 8.61 15.87
CA GLU A 88 -24.43 8.23 15.40
C GLU A 88 -24.48 7.76 13.94
N GLY A 89 -23.36 7.90 13.23
CA GLY A 89 -23.31 7.67 11.79
C GLY A 89 -23.87 8.83 10.96
N PHE A 90 -24.17 9.97 11.59
CA PHE A 90 -24.61 11.14 10.84
C PHE A 90 -23.44 12.08 10.58
N MET A 91 -23.50 12.82 9.47
CA MET A 91 -22.44 13.79 9.17
C MET A 91 -23.04 15.08 8.61
N THR A 92 -23.36 16.02 9.49
CA THR A 92 -23.79 17.35 9.07
C THR A 92 -22.65 17.98 8.27
N ALA A 93 -22.95 18.81 7.26
CA ALA A 93 -21.89 19.35 6.43
C ALA A 93 -20.87 20.12 7.26
N GLU A 94 -21.31 20.75 8.36
CA GLU A 94 -20.39 21.49 9.19
C GLU A 94 -19.27 20.60 9.72
N LEU A 95 -19.61 19.39 10.17
CA LEU A 95 -18.58 18.41 10.51
C LEU A 95 -17.69 18.08 9.32
N ALA A 96 -18.25 18.14 8.12
CA ALA A 96 -17.51 17.74 6.93
C ALA A 96 -16.38 18.71 6.64
N GLY A 97 -16.73 19.96 6.33
CA GLY A 97 -15.71 20.94 5.98
C GLY A 97 -14.69 21.17 7.08
N VAL A 98 -15.12 21.09 8.36
CA VAL A 98 -14.17 21.33 9.45
C VAL A 98 -13.01 20.33 9.37
N ILE A 99 -13.31 19.06 9.09
CA ILE A 99 -12.24 18.09 8.88
C ILE A 99 -11.41 18.43 7.64
N LYS A 100 -12.07 18.94 6.58
CA LYS A 100 -11.35 19.18 5.33
C LYS A 100 -10.23 20.21 5.50
N ARG A 101 -10.52 21.27 6.25
CA ARG A 101 -9.56 22.32 6.54
C ARG A 101 -8.33 21.83 7.30
N LEU A 102 -8.53 20.80 8.11
CA LEU A 102 -7.45 20.27 8.92
C LEU A 102 -6.51 19.42 8.10
N TRP A 103 -7.05 18.38 7.47
CA TRP A 103 -6.23 17.49 6.66
C TRP A 103 -5.50 18.22 5.52
N LYS A 104 -6.16 19.21 4.91
CA LYS A 104 -5.48 20.04 3.90
C LYS A 104 -4.33 20.88 4.45
N ASP A 105 -4.36 21.15 5.75
CA ASP A 105 -3.40 22.09 6.33
C ASP A 105 -1.96 21.70 6.03
N SER A 106 -1.14 22.71 5.77
CA SER A 106 0.28 22.51 5.54
C SER A 106 0.99 21.89 6.74
N GLY A 107 0.41 22.03 7.95
CA GLY A 107 1.08 21.61 9.16
C GLY A 107 0.59 20.25 9.62
N VAL A 108 -0.71 20.01 9.51
CA VAL A 108 -1.24 18.68 9.80
C VAL A 108 -0.62 17.64 8.86
N GLN A 109 -0.39 18.02 7.60
CA GLN A 109 0.38 17.18 6.68
C GLN A 109 1.81 16.95 7.16
N ALA A 110 2.35 17.91 7.91
CA ALA A 110 3.68 17.74 8.50
C ALA A 110 3.68 16.57 9.51
N CYS A 111 2.55 16.36 10.17
CA CYS A 111 2.41 15.29 11.14
C CYS A 111 2.28 13.94 10.44
N PHE A 112 1.27 13.82 9.58
CA PHE A 112 1.07 12.56 8.87
C PHE A 112 2.31 12.03 8.13
N ASN A 113 3.21 12.88 7.64
CA ASN A 113 4.49 12.37 7.15
C ASN A 113 5.29 11.71 8.28
N ARG A 114 5.27 12.36 9.44
CA ARG A 114 5.78 11.83 10.70
C ARG A 114 5.09 10.58 11.20
N SER A 115 3.95 10.20 10.62
CA SER A 115 3.02 9.26 11.25
C SER A 115 3.68 7.99 11.77
N ARG A 116 4.87 7.65 11.26
CA ARG A 116 5.53 6.42 11.68
C ARG A 116 5.71 6.35 13.21
N GLU A 117 5.77 7.50 13.87
CA GLU A 117 6.06 7.53 15.30
C GLU A 117 4.79 7.31 16.13
N TYR A 118 3.90 8.31 16.15
CA TYR A 118 2.57 8.15 16.74
C TYR A 118 1.75 7.08 16.01
N GLN A 119 0.87 6.41 16.75
CA GLN A 119 -0.01 5.43 16.13
C GLN A 119 -0.97 6.14 15.17
N LEU A 120 -1.25 5.53 14.01
CA LEU A 120 -2.20 6.10 13.06
C LEU A 120 -3.17 5.02 12.57
N ASN A 121 -4.42 5.40 12.33
CA ASN A 121 -5.46 4.44 11.96
C ASN A 121 -5.05 3.69 10.69
N ASP A 122 -5.39 2.40 10.66
CA ASP A 122 -5.12 1.59 9.47
C ASP A 122 -5.76 2.18 8.22
N SER A 123 -6.87 2.88 8.40
CA SER A 123 -7.59 3.48 7.31
C SER A 123 -7.66 4.97 7.59
N ALA A 124 -6.51 5.56 7.87
CA ALA A 124 -6.60 6.84 8.59
C ALA A 124 -6.78 7.89 7.49
N ALA A 125 -5.77 7.92 6.62
CA ALA A 125 -5.85 8.71 5.41
C ALA A 125 -7.03 8.30 4.55
N TYR A 126 -7.23 7.01 4.27
CA TYR A 126 -8.22 6.64 3.25
C TYR A 126 -9.60 7.25 3.48
N TYR A 127 -10.10 7.32 4.73
CA TYR A 127 -11.37 8.02 4.95
C TYR A 127 -11.25 9.52 4.67
N LEU A 128 -10.15 10.12 5.10
CA LEU A 128 -9.93 11.56 4.91
C LEU A 128 -9.83 12.00 3.45
N ASN A 129 -9.16 11.20 2.63
CA ASN A 129 -8.95 11.51 1.22
C ASN A 129 -10.26 11.52 0.43
N ASP A 130 -11.18 10.65 0.83
CA ASP A 130 -12.49 10.56 0.20
C ASP A 130 -13.56 11.27 1.04
N LEU A 131 -13.15 12.14 1.96
CA LEU A 131 -14.06 12.64 2.99
C LEU A 131 -15.30 13.27 2.38
N ASP A 132 -15.20 13.84 1.17
CA ASP A 132 -16.37 14.40 0.53
C ASP A 132 -17.39 13.32 0.21
N ARG A 133 -16.94 12.23 -0.41
CA ARG A 133 -17.88 11.19 -0.83
C ARG A 133 -18.67 10.58 0.33
N ILE A 134 -18.01 10.36 1.46
CA ILE A 134 -18.72 9.91 2.66
C ILE A 134 -19.69 10.97 3.20
N ALA A 135 -19.36 12.24 2.99
CA ALA A 135 -20.16 13.36 3.48
C ALA A 135 -21.55 13.43 2.83
N GLN A 136 -21.67 12.90 1.61
CA GLN A 136 -22.88 13.07 0.82
C GLN A 136 -24.12 12.61 1.60
N PRO A 137 -25.26 13.25 1.42
CA PRO A 137 -26.49 12.85 2.18
C PRO A 137 -26.82 11.38 1.96
N ASN A 138 -27.31 10.72 3.01
CA ASN A 138 -27.65 9.29 2.96
C ASN A 138 -26.59 8.47 2.22
N TYR A 139 -25.32 8.80 2.47
CA TYR A 139 -24.21 8.09 1.83
C TYR A 139 -24.30 6.60 2.14
N ILE A 140 -24.01 5.75 1.15
CA ILE A 140 -23.82 4.33 1.41
C ILE A 140 -22.32 4.03 1.37
N PRO A 141 -21.74 3.34 2.34
CA PRO A 141 -20.32 2.89 2.21
C PRO A 141 -20.12 1.98 0.99
N THR A 142 -19.04 2.22 0.24
CA THR A 142 -18.56 1.27 -0.76
C THR A 142 -18.14 -0.02 -0.06
N GLN A 143 -18.15 -1.14 -0.80
CA GLN A 143 -17.71 -2.39 -0.18
C GLN A 143 -16.30 -2.25 0.40
N GLN A 144 -15.45 -1.43 -0.22
CA GLN A 144 -14.15 -1.12 0.36
C GLN A 144 -14.30 -0.44 1.73
N ASP A 145 -15.27 0.46 1.85
CA ASP A 145 -15.42 1.22 3.09
C ASP A 145 -15.64 0.29 4.28
N VAL A 146 -16.39 -0.80 4.06
CA VAL A 146 -16.65 -1.74 5.13
C VAL A 146 -15.36 -2.41 5.61
N LEU A 147 -14.53 -2.85 4.66
CA LEU A 147 -13.28 -3.54 5.02
C LEU A 147 -12.32 -2.64 5.79
N ARG A 148 -12.32 -1.36 5.45
CA ARG A 148 -11.51 -0.35 6.14
C ARG A 148 -11.84 -0.20 7.63
N THR A 149 -13.05 -0.63 8.02
CA THR A 149 -13.49 -0.59 9.41
C THR A 149 -12.60 -1.40 10.34
N ARG A 150 -12.57 -0.97 11.61
CA ARG A 150 -12.00 -1.70 12.76
C ARG A 150 -10.70 -1.06 13.24
N VAL A 151 -10.51 -1.15 14.55
CA VAL A 151 -9.25 -0.84 15.22
C VAL A 151 -8.14 -1.81 14.83
N LYS A 152 -6.89 -1.39 14.94
CA LYS A 152 -5.76 -2.26 14.62
C LYS A 152 -5.86 -3.57 15.40
N THR A 153 -5.52 -4.68 14.76
CA THR A 153 -5.57 -5.99 15.40
C THR A 153 -5.27 -7.09 14.38
N THR A 154 -6.03 -7.11 13.29
CA THR A 154 -5.78 -8.07 12.20
C THR A 154 -4.38 -7.92 11.61
N GLY A 155 -3.83 -6.70 11.64
CA GLY A 155 -2.50 -6.43 11.10
C GLY A 155 -2.41 -6.60 9.58
N ILE A 156 -3.52 -6.92 8.91
CA ILE A 156 -3.49 -7.13 7.46
C ILE A 156 -4.53 -6.24 6.79
N VAL A 157 -4.09 -5.18 6.09
CA VAL A 157 -5.03 -4.31 5.40
C VAL A 157 -5.74 -5.05 4.26
N GLU A 158 -7.05 -4.86 4.11
CA GLU A 158 -7.78 -5.41 2.97
C GLU A 158 -8.04 -4.35 1.90
N THR A 159 -8.10 -4.79 0.64
CA THR A 159 -8.44 -3.88 -0.45
C THR A 159 -9.15 -4.65 -1.57
N HIS A 160 -10.45 -4.41 -1.73
CA HIS A 160 -11.20 -5.01 -2.83
C HIS A 160 -11.28 -4.09 -4.04
N PHE A 161 -11.31 -4.70 -5.24
CA PHE A 161 -11.57 -3.97 -6.47
C PHE A 161 -11.83 -4.96 -7.60
N THR A 162 -12.57 -4.54 -8.62
CA THR A 162 -12.90 -5.43 -9.74
C THR A 162 -12.29 -4.94 -11.04
N PHE A 163 -11.19 -5.57 -11.47
CA PHE A 163 -10.60 -5.28 -12.78
C PHE A 163 -11.03 -6.33 -13.80
N LYS A 164 -11.15 -5.94 -15.08
CA LYS A 164 -11.59 -6.86 -16.15
C LYS A 164 -12.67 -7.83 -15.69
N ASP A 165 -13.65 -7.29 -14.99
CA ASP A 165 -14.78 -8.07 -14.48
C ASP A 165 -14.31 -9.34 -13.75
N LEU A 166 -13.37 -9.22 -12.82
CA LEU A 166 -12.97 -10.30 -11.94
C LEU A 166 -12.77 -9.67 -10.55
N HIS A 167 -13.05 -10.38 -9.46
CA HIS A 167 -12.99 -9.76 -8.14
C HIS A 167 -11.67 -10.10 -7.46
N PHE A 168 -10.79 -9.12 -7.45
CA PHE A 168 -9.51 -9.29 -6.78
C PHE A 168 -9.70 -8.97 -5.31
N LYS A 169 -8.94 -9.63 -4.46
CA LYS A 169 -8.80 -9.19 -3.06
C LYS A 169 -7.34 -8.98 -2.71
N MET A 170 -6.80 -7.81 -3.01
CA MET A 170 -5.43 -7.48 -2.60
C MET A 170 -5.28 -7.46 -1.06
N PHE A 171 -4.16 -7.99 -0.57
CA PHE A 171 -3.87 -8.01 0.88
C PHE A 171 -2.51 -7.38 1.17
N ASP A 172 -2.48 -6.12 1.58
CA ASP A 172 -1.22 -5.49 1.99
C ASP A 172 -0.70 -6.07 3.31
N VAL A 173 0.63 -6.24 3.40
CA VAL A 173 1.27 -6.60 4.67
C VAL A 173 2.56 -5.79 4.83
N GLY A 174 2.85 -5.36 6.06
CA GLY A 174 4.00 -4.51 6.30
C GLY A 174 5.30 -5.18 5.88
N GLY A 175 6.11 -4.46 5.12
CA GLY A 175 7.41 -4.97 4.68
C GLY A 175 8.40 -5.19 5.82
N GLN A 176 8.30 -4.38 6.87
CA GLN A 176 9.27 -4.45 7.97
C GLN A 176 9.33 -5.87 8.54
N ARG A 177 10.52 -6.29 8.95
CA ARG A 177 10.72 -7.69 9.31
C ARG A 177 9.75 -8.14 10.40
N SER A 178 9.36 -7.23 11.29
CA SER A 178 8.45 -7.60 12.37
C SER A 178 7.10 -8.05 11.83
N GLU A 179 6.59 -7.32 10.85
CA GLU A 179 5.35 -7.70 10.19
C GLU A 179 5.43 -9.02 9.43
N ARG A 180 6.64 -9.38 8.98
CA ARG A 180 6.77 -10.54 8.07
C ARG A 180 6.23 -11.83 8.65
N LYS A 181 6.27 -12.01 9.98
CA LYS A 181 5.74 -13.23 10.58
C LYS A 181 4.24 -13.40 10.32
N LYS A 182 3.52 -12.29 10.20
CA LYS A 182 2.09 -12.28 9.88
C LYS A 182 1.77 -12.90 8.52
N TRP A 183 2.73 -12.91 7.61
CA TRP A 183 2.43 -13.15 6.20
C TRP A 183 1.71 -14.48 5.93
N ILE A 184 1.92 -15.50 6.76
CA ILE A 184 1.31 -16.80 6.48
C ILE A 184 -0.22 -16.73 6.40
N HIS A 185 -0.82 -15.78 7.11
CA HIS A 185 -2.28 -15.65 7.09
C HIS A 185 -2.81 -15.40 5.68
N CYS A 186 -2.03 -14.69 4.88
CA CYS A 186 -2.42 -14.35 3.51
C CYS A 186 -1.99 -15.40 2.48
N PHE A 187 -1.22 -16.42 2.87
CA PHE A 187 -0.82 -17.45 1.92
C PHE A 187 -2.02 -18.18 1.30
N GLU A 188 -3.12 -18.29 2.04
CA GLU A 188 -4.32 -18.97 1.53
C GLU A 188 -4.94 -18.23 0.35
N GLY A 189 -5.33 -18.96 -0.69
CA GLY A 189 -6.25 -18.42 -1.69
C GLY A 189 -5.58 -17.42 -2.65
N VAL A 190 -4.28 -17.19 -2.53
CA VAL A 190 -3.59 -16.30 -3.46
C VAL A 190 -3.65 -16.86 -4.89
N ALA A 191 -3.90 -15.98 -5.86
CA ALA A 191 -3.74 -16.36 -7.26
C ALA A 191 -2.31 -16.04 -7.72
N ALA A 192 -1.96 -14.76 -7.66
CA ALA A 192 -0.65 -14.31 -8.10
C ALA A 192 -0.04 -13.34 -7.09
N ILE A 193 1.24 -13.49 -6.81
CA ILE A 193 1.95 -12.56 -5.94
C ILE A 193 2.52 -11.39 -6.73
N ILE A 194 2.51 -10.22 -6.10
CA ILE A 194 3.28 -9.08 -6.57
C ILE A 194 4.31 -8.74 -5.50
N PHE A 195 5.60 -8.91 -5.81
CA PHE A 195 6.65 -8.69 -4.82
C PHE A 195 7.35 -7.35 -5.02
N CYS A 196 6.77 -6.28 -4.48
CA CYS A 196 7.38 -4.96 -4.60
C CYS A 196 8.81 -4.90 -4.06
N VAL A 197 9.66 -4.12 -4.73
CA VAL A 197 11.04 -3.90 -4.30
C VAL A 197 11.51 -2.51 -4.76
N ALA A 198 11.97 -1.67 -3.82
CA ALA A 198 12.41 -0.33 -4.19
C ALA A 198 13.83 -0.34 -4.78
N LEU A 199 13.95 -0.01 -6.06
CA LEU A 199 15.28 0.06 -6.69
C LEU A 199 16.21 1.08 -6.04
N SER A 200 15.65 2.20 -5.55
CA SER A 200 16.44 3.23 -4.89
C SER A 200 17.14 2.74 -3.61
N ASP A 201 16.61 1.68 -3.01
CA ASP A 201 17.14 1.14 -1.77
C ASP A 201 18.62 0.75 -1.85
N TYR A 202 19.19 0.67 -3.06
CA TYR A 202 20.50 0.08 -3.26
C TYR A 202 21.57 0.73 -2.36
N ASP A 203 21.39 1.98 -1.95
CA ASP A 203 22.29 2.59 -0.97
C ASP A 203 21.67 2.67 0.43
N LEU A 204 20.37 2.87 0.51
CA LEU A 204 19.69 3.03 1.80
C LEU A 204 19.91 1.83 2.72
N VAL A 205 20.06 2.11 4.02
CA VAL A 205 20.12 1.05 5.03
C VAL A 205 18.77 0.82 5.70
N LEU A 206 18.48 -0.42 6.09
CA LEU A 206 17.26 -0.73 6.83
C LEU A 206 17.18 0.05 8.15
N ALA A 207 15.97 0.45 8.53
CA ALA A 207 15.72 0.85 9.91
C ALA A 207 15.96 -0.31 10.89
N GLU A 208 15.71 -1.53 10.42
CA GLU A 208 15.96 -2.72 11.25
C GLU A 208 17.43 -2.84 11.67
N ASP A 209 18.32 -2.31 10.84
CA ASP A 209 19.76 -2.39 11.09
C ASP A 209 20.49 -1.48 10.12
N GLU A 210 21.01 -0.37 10.62
CA GLU A 210 21.70 0.58 9.75
C GLU A 210 22.87 -0.05 9.01
N GLU A 211 23.53 -1.05 9.61
CA GLU A 211 24.62 -1.74 8.93
C GLU A 211 24.17 -2.46 7.66
N MET A 212 22.93 -2.96 7.68
CA MET A 212 22.40 -3.75 6.58
C MET A 212 22.18 -2.94 5.31
N ASN A 213 22.40 -3.58 4.16
CA ASN A 213 21.96 -3.01 2.89
C ASN A 213 20.48 -3.36 2.69
N ARG A 214 19.63 -2.37 2.42
CA ARG A 214 18.21 -2.69 2.20
C ARG A 214 17.98 -3.64 1.02
N MET A 215 18.75 -3.46 -0.06
CA MET A 215 18.54 -4.30 -1.24
C MET A 215 18.91 -5.76 -1.00
N HIS A 216 20.04 -5.97 -0.32
CA HIS A 216 20.46 -7.33 -0.01
C HIS A 216 19.40 -8.06 0.82
N GLU A 217 18.75 -7.31 1.72
CA GLU A 217 17.67 -7.86 2.51
C GLU A 217 16.52 -8.34 1.64
N SER A 218 16.23 -7.60 0.57
CA SER A 218 15.17 -7.99 -0.35
C SER A 218 15.50 -9.30 -1.04
N MET A 219 16.77 -9.46 -1.41
CA MET A 219 17.23 -10.68 -2.08
C MET A 219 17.02 -11.92 -1.23
N LYS A 220 17.03 -11.77 0.10
CA LYS A 220 16.99 -12.93 0.96
C LYS A 220 15.57 -13.46 1.12
N LEU A 221 14.69 -12.65 1.72
CA LEU A 221 13.31 -13.10 1.88
C LEU A 221 12.64 -13.38 0.53
N PHE A 222 13.04 -12.67 -0.53
CA PHE A 222 12.49 -12.97 -1.86
C PHE A 222 12.82 -14.39 -2.30
N ASP A 223 14.01 -14.85 -1.96
CA ASP A 223 14.40 -16.21 -2.33
C ASP A 223 13.49 -17.22 -1.66
N SER A 224 13.13 -16.96 -0.40
CA SER A 224 12.29 -17.88 0.34
C SER A 224 10.90 -17.99 -0.26
N ILE A 225 10.27 -16.86 -0.63
CA ILE A 225 8.91 -16.91 -1.16
C ILE A 225 8.85 -17.62 -2.51
N CYS A 226 9.88 -17.45 -3.32
CA CYS A 226 9.86 -17.98 -4.69
C CYS A 226 9.97 -19.50 -4.65
N ASN A 227 11.04 -19.95 -4.04
CA ASN A 227 11.31 -21.37 -3.83
C ASN A 227 10.24 -22.08 -3.01
N ASN A 228 9.43 -21.33 -2.25
CA ASN A 228 8.56 -21.97 -1.26
C ASN A 228 7.65 -22.99 -1.95
N LYS A 229 7.59 -24.21 -1.41
CA LYS A 229 6.78 -25.24 -2.05
C LYS A 229 5.30 -24.87 -2.15
N TRP A 230 4.79 -24.15 -1.16
CA TRP A 230 3.39 -23.74 -1.19
C TRP A 230 3.09 -22.86 -2.40
N PHE A 231 4.05 -22.04 -2.78
CA PHE A 231 3.87 -21.07 -3.87
C PHE A 231 4.07 -21.65 -5.27
N THR A 232 4.50 -22.91 -5.38
CA THR A 232 4.74 -23.50 -6.69
C THR A 232 3.50 -23.39 -7.58
N ASP A 233 2.33 -23.59 -6.99
CA ASP A 233 1.07 -23.40 -7.70
C ASP A 233 0.79 -21.95 -8.07
N THR A 234 1.26 -21.02 -7.24
CA THR A 234 0.96 -19.61 -7.43
C THR A 234 1.99 -18.94 -8.34
N SER A 235 1.53 -18.07 -9.24
CA SER A 235 2.45 -17.27 -10.05
C SER A 235 3.29 -16.34 -9.17
N ILE A 236 4.54 -16.11 -9.53
CA ILE A 236 5.34 -15.06 -8.89
C ILE A 236 5.52 -13.90 -9.87
N ILE A 237 5.28 -12.66 -9.46
CA ILE A 237 5.45 -11.51 -10.36
C ILE A 237 6.28 -10.43 -9.68
N LEU A 238 7.55 -10.28 -10.07
CA LEU A 238 8.39 -9.25 -9.45
C LEU A 238 7.86 -7.86 -9.79
N PHE A 239 7.96 -6.93 -8.84
CA PHE A 239 7.54 -5.54 -9.10
C PHE A 239 8.64 -4.59 -8.63
N LEU A 240 9.64 -4.34 -9.49
CA LEU A 240 10.68 -3.37 -9.16
C LEU A 240 10.10 -1.97 -9.03
N ASN A 241 9.58 -1.67 -7.83
CA ASN A 241 8.95 -0.40 -7.51
C ASN A 241 9.93 0.77 -7.54
N LYS A 242 9.39 1.97 -7.77
CA LYS A 242 10.14 3.23 -7.65
C LYS A 242 11.24 3.32 -8.71
N LYS A 243 10.96 2.81 -9.90
CA LYS A 243 11.81 3.09 -11.04
C LYS A 243 11.90 4.60 -11.34
N ASP A 244 10.83 5.34 -11.02
CA ASP A 244 10.78 6.77 -11.36
C ASP A 244 11.85 7.61 -10.66
N LEU A 245 12.18 7.25 -9.41
CA LEU A 245 13.20 8.00 -8.65
C LEU A 245 14.57 7.32 -8.71
N PHE A 246 14.60 6.00 -8.90
CA PHE A 246 15.89 5.31 -9.07
C PHE A 246 16.67 5.86 -10.26
N GLU A 247 15.95 6.24 -11.33
CA GLU A 247 16.62 6.86 -12.48
C GLU A 247 17.32 8.17 -12.14
N GLU A 248 16.82 8.86 -11.12
CA GLU A 248 17.41 10.12 -10.69
C GLU A 248 18.65 9.87 -9.83
N LYS A 249 18.45 9.18 -8.72
CA LYS A 249 19.51 8.96 -7.76
C LYS A 249 20.73 8.25 -8.37
N ILE A 250 20.50 7.39 -9.37
CA ILE A 250 21.61 6.72 -10.03
C ILE A 250 22.58 7.70 -10.70
N LYS A 251 22.06 8.83 -11.15
CA LYS A 251 22.89 9.81 -11.85
C LYS A 251 24.06 10.28 -11.01
N LYS A 252 23.87 10.37 -9.70
CA LYS A 252 24.95 10.76 -8.79
C LYS A 252 25.60 9.54 -8.20
N SER A 253 24.80 8.85 -7.39
CA SER A 253 25.28 7.73 -6.59
C SER A 253 25.65 6.54 -7.49
N PRO A 254 26.83 5.96 -7.36
CA PRO A 254 27.15 4.67 -8.07
C PRO A 254 26.30 3.49 -7.60
N LEU A 255 25.94 2.60 -8.51
CA LEU A 255 25.36 1.31 -8.14
C LEU A 255 26.31 0.50 -7.25
N THR A 256 27.63 0.78 -7.32
CA THR A 256 28.62 0.03 -6.55
C THR A 256 28.33 0.02 -5.04
N ILE A 257 27.49 0.95 -4.59
CA ILE A 257 26.97 1.01 -3.22
C ILE A 257 26.16 -0.24 -2.83
N CYS A 258 25.87 -1.15 -3.77
CA CYS A 258 25.00 -2.29 -3.49
C CYS A 258 25.68 -3.55 -4.03
N TYR A 259 26.02 -3.51 -5.31
CA TYR A 259 26.81 -4.56 -5.93
C TYR A 259 28.14 -3.98 -6.39
N GLN A 260 29.17 -4.12 -5.57
CA GLN A 260 30.47 -3.56 -5.89
C GLN A 260 31.03 -4.09 -7.22
N GLU A 261 30.66 -5.31 -7.58
CA GLU A 261 31.15 -5.93 -8.82
C GLU A 261 30.74 -5.16 -10.08
N TYR A 262 29.67 -4.37 -9.98
CA TYR A 262 29.06 -3.74 -11.14
C TYR A 262 30.05 -2.88 -11.93
N ALA A 263 29.99 -3.01 -13.25
CA ALA A 263 30.78 -2.19 -14.17
C ALA A 263 29.93 -1.16 -14.92
N GLY A 264 28.65 -1.48 -15.11
CA GLY A 264 27.76 -0.78 -16.02
C GLY A 264 27.67 0.74 -15.79
N SER A 265 27.28 1.42 -16.86
CA SER A 265 27.07 2.86 -16.88
C SER A 265 26.04 3.29 -15.85
N ASN A 266 26.09 4.56 -15.46
CA ASN A 266 25.14 5.16 -14.52
C ASN A 266 23.78 5.46 -15.16
N THR A 267 23.36 4.62 -16.11
CA THR A 267 22.10 4.86 -16.82
C THR A 267 20.96 4.12 -16.13
N TYR A 268 19.74 4.64 -16.20
CA TYR A 268 18.59 3.93 -15.62
C TYR A 268 18.47 2.51 -16.21
N GLU A 269 18.90 2.30 -17.46
CA GLU A 269 18.72 0.99 -18.07
C GLU A 269 19.70 -0.03 -17.52
N GLU A 270 21.00 0.19 -17.72
CA GLU A 270 22.00 -0.77 -17.23
C GLU A 270 21.92 -0.94 -15.72
N ALA A 271 21.52 0.11 -15.00
CA ALA A 271 21.54 0.09 -13.55
C ALA A 271 20.35 -0.68 -12.98
N ALA A 272 19.14 -0.19 -13.25
CA ALA A 272 17.95 -0.84 -12.71
C ALA A 272 17.83 -2.27 -13.23
N ALA A 273 18.18 -2.46 -14.51
CA ALA A 273 18.13 -3.77 -15.13
C ALA A 273 19.11 -4.75 -14.47
N TYR A 274 20.23 -4.26 -13.93
CA TYR A 274 21.21 -5.17 -13.35
C TYR A 274 20.63 -5.92 -12.15
N ILE A 275 19.75 -5.25 -11.41
CA ILE A 275 19.13 -5.86 -10.24
C ILE A 275 18.21 -7.01 -10.67
N GLN A 276 17.29 -6.68 -11.57
CA GLN A 276 16.46 -7.72 -12.21
C GLN A 276 17.27 -8.93 -12.68
N CYS A 277 18.58 -8.81 -12.87
CA CYS A 277 19.39 -9.99 -13.15
C CYS A 277 19.63 -10.78 -11.86
N GLN A 278 20.21 -10.12 -10.86
CA GLN A 278 20.54 -10.76 -9.59
C GLN A 278 19.33 -11.39 -8.90
N PHE A 279 18.15 -10.84 -9.14
CA PHE A 279 16.94 -11.28 -8.45
C PHE A 279 16.45 -12.60 -9.05
N GLU A 280 16.21 -12.59 -10.35
CA GLU A 280 15.76 -13.79 -11.04
C GLU A 280 16.75 -14.95 -10.85
N ASP A 281 18.03 -14.64 -10.68
CA ASP A 281 19.05 -15.67 -10.46
C ASP A 281 18.78 -16.51 -9.23
N LEU A 282 18.12 -15.94 -8.23
CA LEU A 282 17.80 -16.67 -7.00
C LEU A 282 16.98 -17.92 -7.25
N ASN A 283 16.22 -17.95 -8.35
CA ASN A 283 15.28 -19.04 -8.56
C ASN A 283 16.00 -20.39 -8.62
N LYS A 284 15.61 -21.29 -7.73
CA LYS A 284 16.00 -22.70 -7.81
C LYS A 284 15.48 -23.39 -9.06
N ARG A 285 14.38 -22.90 -9.63
CA ARG A 285 13.67 -23.61 -10.69
C ARG A 285 13.49 -22.73 -11.93
N LYS A 286 14.62 -22.26 -12.45
CA LYS A 286 14.60 -21.52 -13.70
C LYS A 286 13.98 -22.35 -14.84
N ASP A 287 14.15 -23.68 -14.76
CA ASP A 287 13.62 -24.58 -15.77
C ASP A 287 12.09 -24.55 -15.86
N THR A 288 11.44 -24.26 -14.73
CA THR A 288 9.99 -24.47 -14.66
C THR A 288 9.26 -23.43 -13.81
N LYS A 289 9.91 -22.31 -13.49
CA LYS A 289 9.27 -21.28 -12.67
C LYS A 289 9.63 -19.89 -13.16
N GLU A 290 8.59 -19.08 -13.42
CA GLU A 290 8.78 -17.78 -14.05
C GLU A 290 8.58 -16.62 -13.04
N ILE A 291 9.59 -15.72 -12.98
CA ILE A 291 9.56 -14.45 -12.19
C ILE A 291 8.53 -13.38 -12.65
N TYR A 292 8.14 -13.46 -13.93
CA TYR A 292 7.30 -12.45 -14.61
C TYR A 292 7.60 -11.02 -14.11
N THR A 293 8.85 -10.58 -14.25
CA THR A 293 9.27 -9.27 -13.77
C THR A 293 8.57 -8.09 -14.45
N HIS A 294 8.31 -7.02 -13.68
CA HIS A 294 7.77 -5.78 -14.23
C HIS A 294 8.22 -4.56 -13.42
N PHE A 295 8.99 -3.65 -14.04
CA PHE A 295 9.27 -2.35 -13.43
C PHE A 295 7.97 -1.57 -13.20
N THR A 296 7.89 -0.85 -12.08
CA THR A 296 6.67 -0.09 -11.76
C THR A 296 6.96 1.17 -10.96
N CYS A 297 5.96 2.03 -10.85
CA CYS A 297 6.06 3.26 -10.07
C CYS A 297 4.75 3.51 -9.34
N ALA A 298 4.69 3.15 -8.06
CA ALA A 298 3.44 3.27 -7.31
C ALA A 298 2.93 4.71 -7.28
N THR A 299 3.83 5.67 -7.15
CA THR A 299 3.44 7.08 -7.13
C THR A 299 2.70 7.51 -8.40
N ASP A 300 3.02 6.86 -9.52
CA ASP A 300 2.41 7.23 -10.79
C ASP A 300 1.26 6.29 -11.13
N THR A 301 0.03 6.77 -11.01
CA THR A 301 -1.13 5.95 -11.35
C THR A 301 -1.11 5.54 -12.82
N LYS A 302 -0.67 6.45 -13.70
CA LYS A 302 -0.55 6.13 -15.12
C LYS A 302 0.37 4.96 -15.40
N ASN A 303 1.29 4.67 -14.48
CA ASN A 303 2.30 3.64 -14.72
C ASN A 303 1.74 2.30 -14.29
N VAL A 304 1.41 2.22 -13.01
CA VAL A 304 0.87 0.99 -12.42
C VAL A 304 -0.39 0.52 -13.17
N GLN A 305 -1.10 1.43 -13.83
CA GLN A 305 -2.34 1.08 -14.49
C GLN A 305 -2.08 0.21 -15.73
N PHE A 306 -1.35 0.77 -16.70
CA PHE A 306 -1.07 0.02 -17.91
C PHE A 306 -0.32 -1.28 -17.62
N VAL A 307 0.56 -1.25 -16.62
CA VAL A 307 1.29 -2.46 -16.24
C VAL A 307 0.33 -3.52 -15.70
N PHE A 308 -0.63 -3.08 -14.89
CA PHE A 308 -1.59 -4.00 -14.28
C PHE A 308 -2.39 -4.75 -15.35
N ASP A 309 -2.65 -4.09 -16.48
CA ASP A 309 -3.39 -4.72 -17.56
C ASP A 309 -2.66 -5.94 -18.11
N ALA A 310 -1.33 -5.84 -18.19
CA ALA A 310 -0.53 -6.95 -18.67
C ALA A 310 -0.54 -8.11 -17.67
N VAL A 311 -0.26 -7.78 -16.41
CA VAL A 311 -0.17 -8.79 -15.38
C VAL A 311 -1.48 -9.58 -15.25
N THR A 312 -2.62 -8.90 -15.46
CA THR A 312 -3.90 -9.58 -15.37
C THR A 312 -4.03 -10.70 -16.37
N ASP A 313 -3.46 -10.52 -17.57
CA ASP A 313 -3.54 -11.54 -18.59
C ASP A 313 -2.85 -12.82 -18.14
N VAL A 314 -1.71 -12.67 -17.46
CA VAL A 314 -0.99 -13.85 -16.98
C VAL A 314 -1.83 -14.63 -15.96
N ILE A 315 -2.52 -13.90 -15.08
CA ILE A 315 -3.39 -14.53 -14.08
C ILE A 315 -4.51 -15.33 -14.72
N ILE A 316 -4.99 -14.88 -15.87
CA ILE A 316 -6.15 -15.50 -16.49
C ILE A 316 -5.73 -16.80 -17.15
N LYS A 317 -4.87 -16.61 -18.13
CA LYS A 317 -4.41 -17.69 -18.97
C LYS A 317 -3.68 -18.78 -18.17
N ASN A 318 -3.04 -18.40 -17.06
CA ASN A 318 -2.34 -19.38 -16.23
C ASN A 318 -3.19 -19.88 -15.08
N ASN A 319 -3.44 -19.02 -14.09
CA ASN A 319 -4.27 -19.37 -12.94
C ASN A 319 -5.74 -19.47 -13.31
N LEU A 320 -6.41 -20.48 -12.77
CA LEU A 320 -7.88 -20.54 -12.76
C LEU A 320 -8.37 -21.79 -12.04
N LYS A 321 -9.61 -21.72 -11.58
CA LYS A 321 -10.33 -22.86 -11.04
C LYS A 321 -9.65 -23.42 -9.78
N ASP A 322 -10.27 -23.09 -8.64
CA ASP A 322 -9.92 -23.67 -7.34
C ASP A 322 -8.40 -23.76 -7.13
N CYS A 323 -7.74 -22.60 -7.20
CA CYS A 323 -6.30 -22.54 -7.01
C CYS A 323 -5.57 -23.50 -7.97
N GLY A 324 -5.86 -23.32 -9.26
CA GLY A 324 -5.19 -24.10 -10.30
C GLY A 324 -5.90 -25.41 -10.58
N LEU A 325 -5.54 -26.48 -9.86
CA LEU A 325 -6.11 -27.78 -10.20
C LEU A 325 -7.63 -27.72 -10.10
N PHE A 326 -8.30 -28.13 -11.18
CA PHE A 326 -9.75 -28.26 -11.27
C PHE A 326 -10.52 -27.26 -10.40
#